data_5D4Z
#
_entry.id   5D4Z
#
_cell.length_a   61.599
_cell.length_b   62.497
_cell.length_c   267.896
_cell.angle_alpha   89.99
_cell.angle_beta   89.97
_cell.angle_gamma   72.70
#
_symmetry.space_group_name_H-M   'P 1'
#
loop_
_entity.id
_entity.type
_entity.pdbx_description
1 polymer Repressor
2 water water
#
_entity_poly.entity_id   1
_entity_poly.type   'polypeptide(L)'
_entity_poly.pdbx_seq_one_letter_code
;VEKQAAATLNAWMRKDTEMTSEKKVAVAAGIGPATVNRIMKAEVSTTIGVLSSLARAFGHEAYEMIIPVGAPGIIDYDHR
MYAALPQEEKNKITSFINFVFEQNKSK
;
_entity_poly.pdbx_strand_id   A,B,C,D,E,F,G,H,I,J,K,L,M,N,O,P,Q,R,T,U,V,W,X,Y,Z,1,2,3,4,5,6,7
#
# COMPACT_ATOMS: atom_id res chain seq x y z
N VAL A 1 -44.07 -50.06 -55.72
CA VAL A 1 -42.94 -49.13 -56.15
C VAL A 1 -41.91 -49.82 -57.02
N GLU A 2 -41.35 -50.91 -56.50
CA GLU A 2 -40.51 -51.80 -57.28
C GLU A 2 -41.40 -52.58 -58.23
N LYS A 3 -42.62 -52.80 -57.75
CA LYS A 3 -43.64 -53.52 -58.49
C LYS A 3 -44.26 -52.59 -59.53
N GLN A 4 -44.30 -51.30 -59.22
CA GLN A 4 -44.61 -50.26 -60.22
C GLN A 4 -43.50 -50.07 -61.24
N ALA A 5 -42.25 -50.10 -60.78
CA ALA A 5 -41.11 -49.99 -61.68
C ALA A 5 -41.13 -51.12 -62.71
N ALA A 6 -41.37 -52.34 -62.25
CA ALA A 6 -41.45 -53.51 -63.13
C ALA A 6 -42.63 -53.42 -64.12
N ALA A 7 -43.80 -53.04 -63.61
CA ALA A 7 -44.99 -52.98 -64.44
C ALA A 7 -44.83 -52.00 -65.60
N THR A 8 -44.28 -50.81 -65.31
CA THR A 8 -44.08 -49.77 -66.32
C THR A 8 -42.93 -50.07 -67.27
N LEU A 9 -41.90 -50.78 -66.79
CA LEU A 9 -40.78 -51.17 -67.66
C LEU A 9 -41.30 -52.04 -68.78
N ASN A 10 -42.09 -53.07 -68.43
CA ASN A 10 -42.71 -53.93 -69.41
C ASN A 10 -43.77 -53.15 -70.20
N ALA A 11 -44.50 -52.27 -69.51
CA ALA A 11 -45.47 -51.40 -70.18
C ALA A 11 -44.76 -50.53 -71.22
N TRP A 12 -43.58 -50.03 -70.88
CA TRP A 12 -42.76 -49.26 -71.81
C TRP A 12 -42.14 -50.14 -72.88
N MET A 13 -41.98 -51.43 -72.61
CA MET A 13 -41.54 -52.38 -73.62
C MET A 13 -42.67 -52.82 -74.55
N ARG A 14 -43.90 -52.82 -74.04
CA ARG A 14 -45.08 -53.07 -74.86
C ARG A 14 -45.32 -51.96 -75.91
N LYS A 15 -44.59 -50.85 -75.77
CA LYS A 15 -44.82 -49.62 -76.53
C LYS A 15 -44.17 -49.66 -77.92
N ASP A 16 -42.87 -49.95 -77.94
CA ASP A 16 -42.07 -50.02 -79.18
C ASP A 16 -42.12 -48.77 -80.09
N THR A 17 -42.28 -47.58 -79.50
CA THR A 17 -42.38 -46.34 -80.30
C THR A 17 -41.02 -45.94 -80.88
N GLU A 18 -39.99 -45.97 -80.03
CA GLU A 18 -38.62 -45.72 -80.46
C GLU A 18 -37.78 -47.00 -80.55
N MET A 19 -38.25 -48.10 -79.94
CA MET A 19 -37.40 -49.29 -79.69
C MET A 19 -37.32 -50.30 -80.84
N THR A 20 -36.09 -50.49 -81.32
CA THR A 20 -35.78 -51.46 -82.36
C THR A 20 -36.04 -52.89 -81.87
N SER A 21 -35.55 -53.22 -80.69
CA SER A 21 -35.69 -54.57 -80.13
C SER A 21 -35.65 -54.62 -78.60
N GLU A 22 -36.02 -55.79 -78.07
CA GLU A 22 -36.02 -56.09 -76.64
C GLU A 22 -34.63 -55.97 -75.99
N LYS A 23 -33.60 -56.46 -76.69
CA LYS A 23 -32.31 -56.82 -76.07
C LYS A 23 -31.44 -55.66 -75.57
N LYS A 24 -31.34 -54.60 -76.38
CA LYS A 24 -30.28 -53.57 -76.22
C LYS A 24 -30.42 -52.70 -74.95
N VAL A 25 -31.38 -53.01 -74.09
CA VAL A 25 -31.75 -52.13 -72.98
C VAL A 25 -30.65 -51.93 -71.93
N ALA A 26 -29.73 -52.88 -71.81
CA ALA A 26 -28.75 -52.84 -70.73
C ALA A 26 -27.67 -51.76 -70.92
N VAL A 27 -27.13 -51.64 -72.13
CA VAL A 27 -26.06 -50.65 -72.41
C VAL A 27 -26.64 -49.26 -72.68
N ALA A 28 -27.89 -49.20 -73.14
CA ALA A 28 -28.62 -47.94 -73.18
C ALA A 28 -28.68 -47.38 -71.76
N ALA A 29 -28.97 -48.25 -70.80
CA ALA A 29 -28.96 -47.90 -69.38
C ALA A 29 -27.54 -47.91 -68.85
N GLY A 30 -26.68 -48.71 -69.48
CA GLY A 30 -25.27 -48.78 -69.14
C GLY A 30 -25.01 -49.45 -67.80
N ILE A 31 -25.77 -50.51 -67.53
CA ILE A 31 -25.63 -51.31 -66.32
C ILE A 31 -25.85 -52.77 -66.70
N GLY A 32 -25.31 -53.67 -65.86
CA GLY A 32 -25.35 -55.10 -66.10
C GLY A 32 -26.64 -55.68 -66.62
N PRO A 33 -26.54 -56.75 -67.43
CA PRO A 33 -27.75 -57.35 -67.97
C PRO A 33 -28.54 -58.16 -66.92
N ALA A 34 -27.91 -58.49 -65.79
CA ALA A 34 -28.61 -59.12 -64.68
C ALA A 34 -29.53 -58.09 -64.05
N THR A 35 -29.00 -56.86 -63.93
CA THR A 35 -29.72 -55.76 -63.31
C THR A 35 -31.10 -55.50 -63.91
N VAL A 36 -31.18 -55.31 -65.22
CA VAL A 36 -32.48 -55.08 -65.87
C VAL A 36 -33.50 -56.16 -65.47
N ASN A 37 -33.05 -57.41 -65.36
CA ASN A 37 -33.95 -58.47 -64.94
C ASN A 37 -34.33 -58.34 -63.47
N ARG A 38 -33.33 -58.09 -62.62
CA ARG A 38 -33.55 -57.93 -61.18
C ARG A 38 -34.56 -56.82 -60.90
N ILE A 39 -34.52 -55.78 -61.74
CA ILE A 39 -35.51 -54.70 -61.69
C ILE A 39 -36.85 -55.15 -62.26
N MET A 40 -36.82 -55.74 -63.44
CA MET A 40 -38.04 -56.24 -64.09
C MET A 40 -38.81 -57.26 -63.22
N LYS A 41 -38.12 -58.00 -62.36
CA LYS A 41 -38.79 -58.93 -61.43
C LYS A 41 -38.96 -58.39 -60.00
N ALA A 42 -38.52 -57.16 -59.75
CA ALA A 42 -38.65 -56.53 -58.44
C ALA A 42 -37.89 -57.28 -57.35
N GLU A 43 -36.76 -57.87 -57.72
CA GLU A 43 -35.86 -58.54 -56.79
C GLU A 43 -35.14 -57.55 -55.89
N VAL A 44 -34.77 -56.42 -56.46
CA VAL A 44 -33.95 -55.44 -55.78
C VAL A 44 -34.68 -54.09 -55.74
N SER A 45 -34.42 -53.29 -54.71
CA SER A 45 -34.87 -51.90 -54.72
C SER A 45 -33.79 -51.04 -55.35
N THR A 46 -34.08 -50.57 -56.56
CA THR A 46 -33.12 -49.85 -57.37
C THR A 46 -32.91 -48.45 -56.86
N THR A 47 -31.67 -47.97 -57.00
CA THR A 47 -31.36 -46.59 -56.65
C THR A 47 -31.94 -45.63 -57.69
N ILE A 48 -32.28 -44.41 -57.25
CA ILE A 48 -32.80 -43.37 -58.16
C ILE A 48 -31.79 -42.97 -59.25
N GLY A 49 -30.50 -43.22 -59.00
CA GLY A 49 -29.46 -42.95 -59.98
C GLY A 49 -29.62 -43.80 -61.24
N VAL A 50 -29.76 -45.10 -61.05
CA VAL A 50 -29.92 -46.07 -62.15
C VAL A 50 -31.28 -45.83 -62.78
N LEU A 51 -32.26 -45.50 -61.93
CA LEU A 51 -33.64 -45.25 -62.37
C LEU A 51 -33.69 -44.12 -63.37
N SER A 52 -32.83 -43.12 -63.18
CA SER A 52 -32.70 -42.02 -64.12
C SER A 52 -32.13 -42.55 -65.42
N SER A 53 -31.07 -43.35 -65.29
CA SER A 53 -30.35 -43.91 -66.46
C SER A 53 -31.16 -44.92 -67.27
N LEU A 54 -32.02 -45.70 -66.63
CA LEU A 54 -32.95 -46.54 -67.36
C LEU A 54 -33.95 -45.69 -68.11
N ALA A 55 -34.52 -44.71 -67.42
CA ALA A 55 -35.57 -43.88 -67.98
C ALA A 55 -35.03 -42.97 -69.09
N ARG A 56 -33.93 -42.29 -68.81
CA ARG A 56 -33.29 -41.39 -69.78
C ARG A 56 -32.88 -42.16 -71.04
N ALA A 57 -32.61 -43.46 -70.87
CA ALA A 57 -32.33 -44.37 -72.00
C ALA A 57 -33.49 -44.50 -72.98
N PHE A 58 -34.71 -44.28 -72.50
CA PHE A 58 -35.89 -44.31 -73.37
C PHE A 58 -36.37 -42.93 -73.85
N GLY A 59 -36.09 -41.88 -73.06
CA GLY A 59 -36.57 -40.54 -73.37
C GLY A 59 -37.64 -40.03 -72.42
N HIS A 60 -37.87 -40.76 -71.33
CA HIS A 60 -38.69 -40.29 -70.23
C HIS A 60 -37.80 -39.95 -69.04
N GLU A 61 -38.40 -39.31 -68.04
CA GLU A 61 -37.73 -39.05 -66.79
C GLU A 61 -37.98 -40.23 -65.83
N ALA A 62 -37.27 -40.26 -64.71
CA ALA A 62 -37.34 -41.39 -63.78
C ALA A 62 -38.72 -41.58 -63.14
N TYR A 63 -39.30 -40.46 -62.70
CA TYR A 63 -40.54 -40.46 -61.94
C TYR A 63 -41.68 -41.18 -62.63
N GLU A 64 -41.64 -41.19 -63.96
CA GLU A 64 -42.69 -41.84 -64.76
C GLU A 64 -42.67 -43.37 -64.63
N MET A 65 -41.54 -43.93 -64.24
CA MET A 65 -41.48 -45.39 -64.08
C MET A 65 -42.00 -45.91 -62.72
N ILE A 66 -42.04 -45.04 -61.71
CA ILE A 66 -42.59 -45.39 -60.39
C ILE A 66 -43.88 -44.61 -60.09
N ILE A 67 -44.44 -43.94 -61.11
CA ILE A 67 -45.73 -43.28 -60.92
C ILE A 67 -46.80 -44.33 -60.70
N PRO A 68 -47.63 -44.16 -59.67
CA PRO A 68 -48.72 -45.12 -59.47
C PRO A 68 -49.81 -44.94 -60.51
N VAL A 69 -49.56 -45.48 -61.70
CA VAL A 69 -50.44 -45.30 -62.86
C VAL A 69 -51.88 -45.53 -62.46
N GLY A 70 -52.14 -46.77 -62.03
CA GLY A 70 -53.49 -47.23 -61.75
C GLY A 70 -54.25 -46.40 -60.74
N ALA A 71 -53.55 -45.79 -59.79
CA ALA A 71 -54.21 -45.02 -58.75
C ALA A 71 -55.37 -44.23 -59.35
N PRO A 72 -56.59 -44.43 -58.84
CA PRO A 72 -57.76 -43.71 -59.37
C PRO A 72 -57.61 -42.18 -59.33
N GLY A 73 -56.83 -41.63 -58.40
CA GLY A 73 -56.59 -40.19 -58.37
C GLY A 73 -55.64 -39.67 -59.44
N ILE A 74 -55.15 -40.58 -60.29
CA ILE A 74 -54.08 -40.29 -61.24
C ILE A 74 -54.44 -40.71 -62.67
N ILE A 75 -54.45 -39.74 -63.58
CA ILE A 75 -54.82 -39.95 -64.98
C ILE A 75 -53.64 -40.64 -65.65
N ASP A 76 -53.87 -41.79 -66.26
CA ASP A 76 -52.81 -42.42 -67.02
C ASP A 76 -52.68 -41.63 -68.31
N TYR A 77 -51.53 -40.99 -68.50
CA TYR A 77 -51.19 -40.37 -69.76
C TYR A 77 -49.69 -40.22 -69.88
N ASP A 78 -49.23 -40.01 -71.11
CA ASP A 78 -47.82 -39.93 -71.42
C ASP A 78 -47.30 -38.53 -71.11
N HIS A 79 -46.41 -38.40 -70.11
CA HIS A 79 -45.99 -37.09 -69.62
C HIS A 79 -45.11 -36.31 -70.60
N ARG A 80 -44.30 -37.04 -71.38
CA ARG A 80 -43.42 -36.41 -72.39
C ARG A 80 -44.26 -35.79 -73.53
N MET A 81 -45.29 -36.53 -73.93
CA MET A 81 -46.14 -36.13 -75.05
C MET A 81 -47.12 -35.02 -74.65
N TYR A 82 -47.42 -34.90 -73.36
CA TYR A 82 -48.15 -33.74 -72.86
C TYR A 82 -47.22 -32.55 -72.69
N ALA A 83 -46.01 -32.80 -72.20
CA ALA A 83 -45.01 -31.76 -72.08
C ALA A 83 -44.81 -31.02 -73.41
N ALA A 84 -44.77 -31.77 -74.50
CA ALA A 84 -44.51 -31.22 -75.84
C ALA A 84 -45.63 -30.37 -76.44
N LEU A 85 -46.81 -30.36 -75.84
CA LEU A 85 -47.93 -29.60 -76.39
C LEU A 85 -47.73 -28.09 -76.24
N PRO A 86 -48.13 -27.31 -77.25
CA PRO A 86 -48.25 -25.85 -77.12
C PRO A 86 -49.19 -25.49 -75.98
N GLN A 87 -48.78 -24.57 -75.11
CA GLN A 87 -49.52 -24.33 -73.88
C GLN A 87 -50.98 -24.02 -74.15
N GLU A 88 -51.32 -23.63 -75.38
CA GLU A 88 -52.71 -23.41 -75.79
C GLU A 88 -53.48 -24.72 -75.71
N GLU A 89 -52.87 -25.78 -76.27
CA GLU A 89 -53.42 -27.12 -76.22
C GLU A 89 -53.49 -27.65 -74.79
N LYS A 90 -52.50 -27.31 -73.96
CA LYS A 90 -52.47 -27.68 -72.53
C LYS A 90 -53.58 -27.02 -71.74
N ASN A 91 -53.81 -25.73 -72.01
CA ASN A 91 -54.86 -24.98 -71.34
C ASN A 91 -56.20 -25.58 -71.68
N LYS A 92 -56.35 -26.04 -72.92
CA LYS A 92 -57.59 -26.66 -73.37
C LYS A 92 -57.87 -27.98 -72.66
N ILE A 93 -56.84 -28.79 -72.46
CA ILE A 93 -56.98 -30.04 -71.71
C ILE A 93 -57.43 -29.72 -70.29
N THR A 94 -56.73 -28.77 -69.67
CA THR A 94 -57.09 -28.28 -68.33
C THR A 94 -58.53 -27.77 -68.33
N SER A 95 -58.89 -27.03 -69.39
CA SER A 95 -60.25 -26.50 -69.56
C SER A 95 -61.31 -27.59 -69.53
N PHE A 96 -61.00 -28.74 -70.14
CA PHE A 96 -61.93 -29.88 -70.13
C PHE A 96 -62.02 -30.49 -68.73
N ILE A 97 -60.90 -30.74 -68.09
CA ILE A 97 -60.91 -31.39 -66.77
C ILE A 97 -61.91 -30.69 -65.84
N ASN A 98 -61.81 -29.36 -65.71
CA ASN A 98 -62.78 -28.60 -64.91
C ASN A 98 -64.20 -28.77 -65.42
N PHE A 99 -64.35 -28.82 -66.74
CA PHE A 99 -65.66 -29.01 -67.38
C PHE A 99 -66.35 -30.24 -66.79
N VAL A 100 -65.70 -31.40 -66.92
CA VAL A 100 -66.26 -32.63 -66.37
C VAL A 100 -66.55 -32.47 -64.89
N PHE A 101 -65.56 -31.98 -64.15
CA PHE A 101 -65.65 -31.88 -62.70
C PHE A 101 -66.89 -31.09 -62.32
N GLU A 102 -66.99 -29.85 -62.82
CA GLU A 102 -68.08 -28.97 -62.43
C GLU A 102 -69.42 -29.46 -62.96
N GLN A 103 -69.38 -30.24 -64.03
CA GLN A 103 -70.57 -30.96 -64.50
C GLN A 103 -71.01 -32.01 -63.47
N ASN A 104 -70.04 -32.68 -62.84
CA ASN A 104 -70.32 -33.78 -61.92
C ASN A 104 -70.46 -33.39 -60.45
N LYS A 105 -69.75 -32.35 -60.02
CA LYS A 105 -69.78 -31.90 -58.62
C LYS A 105 -71.14 -31.28 -58.28
N VAL B 1 -31.56 -35.59 -60.02
CA VAL B 1 -32.44 -36.70 -59.55
C VAL B 1 -32.27 -36.92 -58.06
N GLU B 2 -31.02 -37.15 -57.66
CA GLU B 2 -30.63 -37.18 -56.25
C GLU B 2 -30.79 -35.80 -55.66
N LYS B 3 -30.47 -34.82 -56.48
CA LYS B 3 -30.36 -33.43 -56.12
C LYS B 3 -31.78 -32.82 -56.08
N GLN B 4 -32.65 -33.31 -56.97
CA GLN B 4 -34.10 -33.07 -56.85
C GLN B 4 -34.58 -33.62 -55.52
N ALA B 5 -34.36 -34.91 -55.30
CA ALA B 5 -34.79 -35.57 -54.06
C ALA B 5 -34.30 -34.83 -52.83
N ALA B 6 -33.08 -34.30 -52.90
CA ALA B 6 -32.50 -33.52 -51.80
C ALA B 6 -33.34 -32.26 -51.51
N ALA B 7 -33.59 -31.47 -52.56
CA ALA B 7 -34.32 -30.21 -52.40
C ALA B 7 -35.72 -30.50 -51.94
N THR B 8 -36.39 -31.44 -52.61
CA THR B 8 -37.76 -31.79 -52.24
C THR B 8 -37.80 -32.14 -50.77
N LEU B 9 -36.93 -33.08 -50.40
CA LEU B 9 -36.84 -33.57 -49.06
C LEU B 9 -36.52 -32.42 -48.10
N ASN B 10 -35.65 -31.51 -48.50
CA ASN B 10 -35.33 -30.37 -47.63
C ASN B 10 -36.51 -29.39 -47.50
N ALA B 11 -37.13 -29.10 -48.64
CA ALA B 11 -38.25 -28.17 -48.70
C ALA B 11 -39.43 -28.61 -47.82
N TRP B 12 -39.75 -29.90 -47.89
CA TRP B 12 -40.74 -30.48 -46.99
C TRP B 12 -40.23 -30.37 -45.56
N MET B 13 -38.96 -30.66 -45.33
CA MET B 13 -38.35 -30.55 -44.01
C MET B 13 -38.43 -29.13 -43.41
N ARG B 14 -38.21 -28.10 -44.23
CA ARG B 14 -38.36 -26.70 -43.76
C ARG B 14 -39.83 -26.38 -43.46
N LYS B 15 -40.74 -27.14 -44.10
CA LYS B 15 -42.17 -27.10 -43.79
C LYS B 15 -42.60 -28.40 -43.08
N ASP B 16 -43.76 -28.42 -42.43
CA ASP B 16 -44.24 -29.62 -41.69
C ASP B 16 -44.11 -29.38 -40.19
N THR B 17 -45.09 -29.88 -39.43
CA THR B 17 -45.23 -29.58 -38.00
C THR B 17 -44.21 -30.29 -37.12
N GLU B 18 -43.80 -31.50 -37.51
CA GLU B 18 -42.63 -32.19 -36.93
C GLU B 18 -41.37 -31.31 -36.93
N MET B 19 -41.45 -30.15 -37.61
CA MET B 19 -40.34 -29.25 -37.83
C MET B 19 -39.33 -29.97 -38.73
N THR B 20 -38.05 -29.66 -38.60
CA THR B 20 -37.04 -30.32 -39.40
C THR B 20 -36.22 -31.20 -38.48
N SER B 21 -36.03 -32.43 -38.89
CA SER B 21 -35.15 -33.30 -38.15
C SER B 21 -34.81 -34.47 -39.05
N GLU B 22 -33.52 -34.66 -39.33
CA GLU B 22 -33.08 -35.87 -39.99
C GLU B 22 -33.44 -37.06 -39.11
N LYS B 23 -33.48 -36.83 -37.80
CA LYS B 23 -33.89 -37.86 -36.84
C LYS B 23 -35.35 -38.24 -37.04
N LYS B 24 -36.25 -37.26 -36.94
CA LYS B 24 -37.70 -37.47 -37.16
C LYS B 24 -38.09 -38.02 -38.53
N VAL B 25 -37.37 -37.62 -39.58
CA VAL B 25 -37.63 -38.16 -40.90
C VAL B 25 -37.16 -39.62 -40.94
N ALA B 26 -35.97 -39.87 -40.39
CA ALA B 26 -35.50 -41.25 -40.19
C ALA B 26 -36.46 -42.05 -39.31
N VAL B 27 -36.93 -41.44 -38.22
CA VAL B 27 -37.89 -42.11 -37.33
C VAL B 27 -39.21 -42.39 -38.03
N ALA B 28 -39.73 -41.41 -38.75
CA ALA B 28 -41.00 -41.56 -39.47
C ALA B 28 -40.87 -42.60 -40.58
N ALA B 29 -39.70 -42.61 -41.23
CA ALA B 29 -39.45 -43.48 -42.39
C ALA B 29 -38.97 -44.86 -41.96
N GLY B 30 -38.40 -44.95 -40.77
CA GLY B 30 -37.88 -46.20 -40.26
C GLY B 30 -36.58 -46.63 -40.91
N ILE B 31 -35.70 -45.65 -41.17
CA ILE B 31 -34.35 -45.92 -41.66
C ILE B 31 -33.39 -45.16 -40.72
N GLY B 32 -32.08 -45.40 -40.86
CA GLY B 32 -31.11 -44.83 -39.95
C GLY B 32 -30.93 -43.33 -40.03
N PRO B 33 -30.62 -42.69 -38.88
CA PRO B 33 -30.38 -41.25 -38.80
C PRO B 33 -29.25 -40.73 -39.70
N ALA B 34 -28.28 -41.58 -40.01
CA ALA B 34 -27.12 -41.18 -40.83
C ALA B 34 -27.36 -41.30 -42.34
N THR B 35 -28.41 -42.03 -42.75
CA THR B 35 -28.74 -42.21 -44.18
C THR B 35 -29.54 -41.04 -44.75
N VAL B 36 -30.46 -40.51 -43.95
CA VAL B 36 -31.21 -39.31 -44.32
C VAL B 36 -30.21 -38.24 -44.76
N ASN B 37 -29.28 -37.93 -43.86
CA ASN B 37 -28.21 -36.96 -44.09
C ASN B 37 -27.47 -37.15 -45.41
N ARG B 38 -27.04 -38.39 -45.66
CA ARG B 38 -26.34 -38.73 -46.90
C ARG B 38 -27.26 -38.50 -48.11
N ILE B 39 -28.55 -38.74 -47.95
CA ILE B 39 -29.50 -38.47 -49.02
C ILE B 39 -29.73 -36.96 -49.19
N MET B 40 -29.88 -36.25 -48.07
CA MET B 40 -30.16 -34.80 -48.10
C MET B 40 -28.99 -33.98 -48.62
N LYS B 41 -27.77 -34.49 -48.46
CA LYS B 41 -26.59 -33.88 -49.07
C LYS B 41 -26.38 -34.35 -50.50
N ALA B 42 -27.31 -35.12 -51.05
CA ALA B 42 -27.21 -35.63 -52.42
C ALA B 42 -25.89 -36.34 -52.67
N GLU B 43 -25.36 -37.03 -51.66
CA GLU B 43 -24.08 -37.73 -51.76
C GLU B 43 -24.30 -39.16 -52.23
N VAL B 44 -25.24 -39.85 -51.60
CA VAL B 44 -25.61 -41.21 -51.98
C VAL B 44 -26.90 -41.22 -52.82
N SER B 45 -26.89 -42.01 -53.89
CA SER B 45 -28.08 -42.18 -54.73
C SER B 45 -28.97 -43.25 -54.13
N THR B 46 -30.04 -42.84 -53.48
CA THR B 46 -30.89 -43.73 -52.68
C THR B 46 -31.77 -44.65 -53.49
N THR B 47 -32.28 -45.67 -52.83
CA THR B 47 -33.14 -46.64 -53.49
C THR B 47 -34.56 -46.09 -53.56
N ILE B 48 -35.31 -46.50 -54.59
CA ILE B 48 -36.73 -46.16 -54.71
C ILE B 48 -37.53 -46.60 -53.49
N GLY B 49 -37.18 -47.75 -52.91
CA GLY B 49 -37.85 -48.20 -51.71
C GLY B 49 -37.68 -47.15 -50.63
N VAL B 50 -36.42 -46.87 -50.30
CA VAL B 50 -36.09 -45.87 -49.31
C VAL B 50 -36.73 -44.52 -49.68
N LEU B 51 -36.77 -44.23 -50.98
CA LEU B 51 -37.44 -43.03 -51.45
C LEU B 51 -38.90 -43.09 -51.04
N SER B 52 -39.56 -44.20 -51.32
CA SER B 52 -40.97 -44.37 -50.93
C SER B 52 -41.13 -44.15 -49.44
N SER B 53 -40.43 -44.91 -48.61
CA SER B 53 -40.46 -44.69 -47.15
C SER B 53 -40.38 -43.20 -46.78
N LEU B 54 -39.61 -42.43 -47.54
CA LEU B 54 -39.40 -41.00 -47.25
C LEU B 54 -40.60 -40.16 -47.62
N ALA B 55 -41.12 -40.37 -48.82
CA ALA B 55 -42.24 -39.56 -49.28
C ALA B 55 -43.45 -39.79 -48.38
N ARG B 56 -43.67 -41.06 -48.00
CA ARG B 56 -44.81 -41.45 -47.19
C ARG B 56 -44.78 -40.75 -45.83
N ALA B 57 -43.61 -40.67 -45.22
CA ALA B 57 -43.49 -39.97 -43.93
C ALA B 57 -44.06 -38.55 -43.99
N PHE B 58 -44.06 -37.93 -45.17
CA PHE B 58 -44.58 -36.58 -45.35
C PHE B 58 -45.99 -36.57 -45.92
N GLY B 59 -46.50 -37.75 -46.25
CA GLY B 59 -47.83 -37.86 -46.82
C GLY B 59 -47.77 -37.84 -48.33
N HIS B 60 -46.65 -38.27 -48.90
CA HIS B 60 -46.51 -38.29 -50.36
C HIS B 60 -45.97 -39.62 -50.88
N GLU B 61 -45.91 -39.74 -52.21
CA GLU B 61 -45.36 -40.92 -52.88
C GLU B 61 -43.99 -40.60 -53.52
N ALA B 62 -43.22 -41.64 -53.84
CA ALA B 62 -41.82 -41.48 -54.22
C ALA B 62 -41.60 -40.58 -55.44
N TYR B 63 -42.35 -40.84 -56.51
CA TYR B 63 -42.17 -40.09 -57.78
C TYR B 63 -42.26 -38.59 -57.58
N GLU B 64 -43.09 -38.19 -56.64
CA GLU B 64 -43.31 -36.78 -56.37
C GLU B 64 -42.01 -36.07 -56.04
N MET B 65 -41.04 -36.78 -55.48
CA MET B 65 -39.81 -36.11 -55.05
C MET B 65 -38.79 -35.96 -56.19
N ILE B 66 -38.92 -36.77 -57.25
CA ILE B 66 -37.94 -36.80 -58.35
C ILE B 66 -38.48 -36.11 -59.60
N ILE B 67 -39.42 -35.19 -59.42
CA ILE B 67 -40.00 -34.44 -60.52
C ILE B 67 -39.17 -33.17 -60.81
N PRO B 68 -38.76 -32.98 -62.08
CA PRO B 68 -38.06 -31.78 -62.51
C PRO B 68 -38.85 -30.49 -62.33
N VAL B 69 -38.14 -29.45 -61.87
CA VAL B 69 -38.75 -28.14 -61.61
C VAL B 69 -39.43 -27.58 -62.86
N GLY B 70 -40.47 -26.80 -62.63
CA GLY B 70 -41.37 -26.37 -63.70
C GLY B 70 -42.47 -27.40 -63.85
N ALA B 71 -42.12 -28.66 -63.61
CA ALA B 71 -43.04 -29.76 -63.80
C ALA B 71 -43.65 -29.75 -65.19
N PRO B 72 -42.80 -29.76 -66.24
CA PRO B 72 -43.41 -30.07 -67.51
C PRO B 72 -43.99 -31.46 -67.39
N GLY B 73 -45.12 -31.73 -68.03
CA GLY B 73 -45.71 -33.06 -67.98
C GLY B 73 -46.79 -33.24 -66.92
N ILE B 74 -46.87 -32.35 -65.93
CA ILE B 74 -47.86 -32.48 -64.86
C ILE B 74 -49.00 -31.46 -64.94
N ILE B 75 -50.18 -31.87 -64.48
CA ILE B 75 -51.41 -31.10 -64.57
C ILE B 75 -51.96 -30.71 -63.18
N ASP B 76 -52.67 -29.59 -63.15
CA ASP B 76 -53.27 -29.03 -61.93
C ASP B 76 -54.63 -29.63 -61.65
N TYR B 77 -54.86 -30.17 -60.44
CA TYR B 77 -56.22 -30.55 -59.97
C TYR B 77 -56.37 -31.11 -58.53
N ASP B 78 -57.63 -31.29 -58.11
CA ASP B 78 -57.99 -32.01 -56.88
C ASP B 78 -58.20 -33.50 -57.17
N HIS B 79 -57.39 -34.35 -56.56
CA HIS B 79 -57.35 -35.76 -56.93
C HIS B 79 -58.57 -36.58 -56.48
N ARG B 80 -59.12 -36.29 -55.30
CA ARG B 80 -60.34 -37.00 -54.86
C ARG B 80 -61.43 -36.76 -55.89
N MET B 81 -61.55 -35.51 -56.34
CA MET B 81 -62.61 -35.11 -57.27
C MET B 81 -62.47 -35.88 -58.57
N TYR B 82 -61.23 -36.09 -58.99
CA TYR B 82 -60.98 -36.90 -60.17
C TYR B 82 -61.23 -38.38 -59.92
N ALA B 83 -60.80 -38.86 -58.76
CA ALA B 83 -60.97 -40.27 -58.40
C ALA B 83 -62.44 -40.61 -58.16
N ALA B 84 -63.21 -39.63 -57.72
CA ALA B 84 -64.61 -39.82 -57.35
C ALA B 84 -65.54 -39.92 -58.56
N LEU B 85 -65.00 -39.81 -59.77
CA LEU B 85 -65.82 -39.77 -60.97
C LEU B 85 -65.96 -41.15 -61.63
N PRO B 86 -67.11 -41.38 -62.30
CA PRO B 86 -67.34 -42.61 -63.04
C PRO B 86 -66.20 -42.98 -63.97
N GLN B 87 -66.08 -44.28 -64.26
CA GLN B 87 -65.05 -44.79 -65.16
C GLN B 87 -65.30 -44.32 -66.59
N GLU B 88 -66.56 -44.38 -67.03
CA GLU B 88 -66.94 -43.94 -68.38
C GLU B 88 -66.56 -42.48 -68.64
N GLU B 89 -66.56 -41.67 -67.59
CA GLU B 89 -66.13 -40.28 -67.67
C GLU B 89 -64.61 -40.16 -67.79
N LYS B 90 -63.89 -41.11 -67.21
CA LYS B 90 -62.44 -41.09 -67.27
C LYS B 90 -61.93 -41.30 -68.68
N ASN B 91 -62.44 -42.31 -69.36
CA ASN B 91 -62.04 -42.55 -70.75
C ASN B 91 -62.38 -41.39 -71.69
N LYS B 92 -63.26 -40.49 -71.27
CA LYS B 92 -63.44 -39.22 -71.98
C LYS B 92 -62.11 -38.45 -71.96
N ILE B 93 -61.51 -38.36 -70.78
CA ILE B 93 -60.25 -37.63 -70.63
C ILE B 93 -59.12 -38.34 -71.36
N THR B 94 -59.05 -39.68 -71.28
CA THR B 94 -58.00 -40.41 -71.98
C THR B 94 -58.17 -40.25 -73.50
N SER B 95 -59.41 -40.32 -73.96
CA SER B 95 -59.70 -40.14 -75.38
C SER B 95 -59.34 -38.74 -75.82
N PHE B 96 -59.62 -37.74 -74.99
CA PHE B 96 -59.32 -36.36 -75.34
C PHE B 96 -57.83 -36.13 -75.39
N ILE B 97 -57.13 -36.56 -74.34
CA ILE B 97 -55.69 -36.29 -74.22
C ILE B 97 -54.95 -36.71 -75.49
N ASN B 98 -55.13 -37.95 -75.90
CA ASN B 98 -54.38 -38.52 -77.02
C ASN B 98 -54.83 -38.00 -78.37
N PHE B 99 -56.12 -37.67 -78.49
CA PHE B 99 -56.62 -36.93 -79.66
C PHE B 99 -55.75 -35.70 -79.89
N VAL B 100 -55.61 -34.90 -78.83
CA VAL B 100 -54.76 -33.71 -78.86
C VAL B 100 -53.34 -34.11 -79.24
N PHE B 101 -52.82 -35.16 -78.58
CA PHE B 101 -51.45 -35.64 -78.80
C PHE B 101 -51.13 -35.97 -80.25
N GLU B 102 -51.94 -36.84 -80.84
CA GLU B 102 -51.66 -37.36 -82.18
C GLU B 102 -52.31 -36.48 -83.26
N GLN B 103 -53.09 -35.47 -82.86
CA GLN B 103 -53.42 -34.36 -83.76
C GLN B 103 -52.10 -33.70 -84.16
N ASN B 104 -51.19 -33.60 -83.19
CA ASN B 104 -49.83 -33.11 -83.41
C ASN B 104 -48.87 -34.17 -84.00
N LYS B 105 -49.43 -35.23 -84.59
CA LYS B 105 -48.61 -36.27 -85.23
C LYS B 105 -49.43 -37.05 -86.26
N VAL C 1 -58.29 28.79 -52.32
CA VAL C 1 -59.06 27.86 -51.43
C VAL C 1 -60.37 28.51 -51.00
N GLU C 2 -60.25 29.66 -50.32
CA GLU C 2 -61.39 30.51 -49.99
C GLU C 2 -62.09 30.98 -51.29
N LYS C 3 -61.29 31.10 -52.34
CA LYS C 3 -61.77 31.52 -53.66
C LYS C 3 -62.69 30.47 -54.29
N GLN C 4 -62.32 29.19 -54.18
CA GLN C 4 -63.13 28.10 -54.76
C GLN C 4 -64.49 28.00 -54.08
N ALA C 5 -64.46 27.98 -52.75
CA ALA C 5 -65.67 27.96 -51.95
C ALA C 5 -66.70 28.89 -52.54
N ALA C 6 -66.32 30.13 -52.83
CA ALA C 6 -67.25 31.08 -53.45
C ALA C 6 -67.70 30.61 -54.84
N ALA C 7 -66.75 30.20 -55.68
CA ALA C 7 -67.08 29.72 -57.05
C ALA C 7 -67.99 28.48 -57.05
N THR C 8 -67.82 27.62 -56.05
CA THR C 8 -68.74 26.52 -55.82
C THR C 8 -70.05 27.03 -55.23
N LEU C 9 -69.97 27.83 -54.17
CA LEU C 9 -71.17 28.24 -53.45
C LEU C 9 -72.14 28.97 -54.39
N ASN C 10 -71.60 29.92 -55.15
CA ASN C 10 -72.37 30.64 -56.16
C ASN C 10 -73.00 29.69 -57.16
N ALA C 11 -72.18 28.83 -57.77
CA ALA C 11 -72.63 27.84 -58.77
C ALA C 11 -73.75 26.95 -58.23
N TRP C 12 -73.61 26.58 -56.96
CA TRP C 12 -74.62 25.81 -56.28
C TRP C 12 -75.89 26.64 -56.08
N MET C 13 -75.76 27.88 -55.62
CA MET C 13 -76.94 28.71 -55.37
C MET C 13 -77.81 28.99 -56.60
N ARG C 14 -77.22 29.05 -57.79
CA ARG C 14 -78.04 29.02 -59.01
C ARG C 14 -78.39 27.58 -59.34
N LYS C 15 -79.30 27.06 -58.53
CA LYS C 15 -79.84 25.71 -58.60
C LYS C 15 -81.11 25.90 -57.77
N ASP C 16 -82.29 25.70 -58.34
CA ASP C 16 -83.50 26.06 -57.60
C ASP C 16 -84.60 25.02 -57.56
N THR C 17 -84.89 24.61 -56.33
CA THR C 17 -86.14 23.96 -55.97
C THR C 17 -86.44 24.40 -54.54
N GLU C 18 -87.44 25.25 -54.37
CA GLU C 18 -87.83 25.77 -53.05
C GLU C 18 -86.76 26.69 -52.44
N MET C 19 -85.86 27.23 -53.26
CA MET C 19 -84.69 27.94 -52.73
C MET C 19 -84.47 29.32 -53.37
N THR C 20 -84.25 30.33 -52.53
CA THR C 20 -84.19 31.74 -52.96
C THR C 20 -82.74 32.30 -53.03
N SER C 21 -82.25 32.86 -51.91
CA SER C 21 -81.05 33.70 -51.92
C SER C 21 -79.90 33.24 -50.99
N GLU C 22 -79.03 34.20 -50.65
CA GLU C 22 -77.91 33.97 -49.75
C GLU C 22 -78.39 33.61 -48.34
N LYS C 23 -79.44 34.28 -47.87
CA LYS C 23 -79.98 33.96 -46.56
C LYS C 23 -80.86 32.70 -46.62
N LYS C 24 -81.40 32.37 -47.79
CA LYS C 24 -81.98 31.02 -47.99
C LYS C 24 -81.00 29.97 -47.50
N VAL C 25 -79.84 29.93 -48.17
CA VAL C 25 -78.83 28.92 -47.87
C VAL C 25 -78.30 29.11 -46.44
N ALA C 26 -78.23 30.37 -46.00
CA ALA C 26 -77.89 30.68 -44.60
C ALA C 26 -78.90 30.13 -43.62
N VAL C 27 -80.18 30.13 -44.01
CA VAL C 27 -81.26 29.62 -43.17
C VAL C 27 -81.19 28.10 -43.12
N ALA C 28 -80.85 27.47 -44.24
CA ALA C 28 -80.58 26.03 -44.23
C ALA C 28 -79.42 25.69 -43.29
N ALA C 29 -78.37 26.52 -43.29
CA ALA C 29 -77.19 26.29 -42.46
C ALA C 29 -77.32 26.80 -41.03
N GLY C 30 -77.97 27.95 -40.86
CA GLY C 30 -78.10 28.58 -39.55
C GLY C 30 -76.86 29.35 -39.18
N ILE C 31 -76.51 30.31 -40.03
CA ILE C 31 -75.36 31.20 -39.80
C ILE C 31 -75.80 32.66 -39.96
N GLY C 32 -74.96 33.58 -39.52
CA GLY C 32 -75.20 35.00 -39.68
C GLY C 32 -75.50 35.40 -41.11
N PRO C 33 -76.23 36.51 -41.30
CA PRO C 33 -76.55 36.94 -42.65
C PRO C 33 -75.31 37.35 -43.44
N ALA C 34 -74.47 38.19 -42.85
CA ALA C 34 -73.24 38.65 -43.52
C ALA C 34 -72.26 37.51 -43.68
N THR C 35 -72.28 36.56 -42.75
CA THR C 35 -71.38 35.40 -42.76
C THR C 35 -71.44 34.66 -44.11
N VAL C 36 -72.59 34.06 -44.40
CA VAL C 36 -72.79 33.39 -45.69
C VAL C 36 -72.36 34.28 -46.86
N ASN C 37 -72.63 35.58 -46.74
CA ASN C 37 -72.21 36.56 -47.72
C ASN C 37 -70.68 36.72 -47.69
N ARG C 38 -70.14 36.83 -46.48
CA ARG C 38 -68.70 36.98 -46.27
C ARG C 38 -67.97 35.81 -46.93
N ILE C 39 -68.48 34.59 -46.73
CA ILE C 39 -67.93 33.42 -47.38
C ILE C 39 -68.01 33.62 -48.89
N MET C 40 -69.17 34.01 -49.36
CA MET C 40 -69.42 34.20 -50.80
C MET C 40 -68.54 35.30 -51.40
N LYS C 41 -68.25 36.32 -50.60
CA LYS C 41 -67.31 37.36 -50.99
C LYS C 41 -65.88 36.93 -50.72
N ALA C 42 -65.73 35.84 -49.95
CA ALA C 42 -64.44 35.18 -49.74
C ALA C 42 -63.47 36.08 -49.00
N GLU C 43 -63.99 36.80 -48.00
CA GLU C 43 -63.17 37.68 -47.17
C GLU C 43 -62.49 36.88 -46.08
N VAL C 44 -63.25 36.03 -45.39
CA VAL C 44 -62.69 35.25 -44.26
C VAL C 44 -62.56 33.76 -44.57
N SER C 45 -61.65 33.09 -43.85
CA SER C 45 -61.51 31.62 -43.95
C SER C 45 -62.39 30.94 -42.90
N THR C 46 -63.51 30.39 -43.34
CA THR C 46 -64.43 29.71 -42.45
C THR C 46 -63.88 28.40 -41.94
N THR C 47 -64.52 27.90 -40.87
CA THR C 47 -64.19 26.64 -40.26
C THR C 47 -64.77 25.52 -41.14
N ILE C 48 -64.11 24.37 -41.14
CA ILE C 48 -64.57 23.19 -41.88
C ILE C 48 -65.93 22.69 -41.38
N GLY C 49 -66.26 22.98 -40.12
CA GLY C 49 -67.59 22.67 -39.60
C GLY C 49 -68.69 23.44 -40.32
N VAL C 50 -68.55 24.76 -40.38
CA VAL C 50 -69.50 25.61 -41.11
C VAL C 50 -69.55 25.28 -42.60
N LEU C 51 -68.42 24.88 -43.19
CA LEU C 51 -68.36 24.48 -44.60
C LEU C 51 -69.13 23.19 -44.88
N SER C 52 -69.11 22.27 -43.90
CA SER C 52 -69.82 21.00 -43.98
C SER C 52 -71.33 21.22 -43.87
N SER C 53 -71.74 22.00 -42.88
CA SER C 53 -73.16 22.34 -42.67
C SER C 53 -73.82 22.99 -43.90
N LEU C 54 -73.10 23.86 -44.59
CA LEU C 54 -73.57 24.45 -45.84
C LEU C 54 -73.68 23.41 -46.97
N ALA C 55 -72.65 22.60 -47.14
CA ALA C 55 -72.62 21.62 -48.22
C ALA C 55 -73.75 20.61 -48.03
N ARG C 56 -73.98 20.18 -46.78
CA ARG C 56 -75.09 19.28 -46.44
C ARG C 56 -76.43 19.85 -46.91
N ALA C 57 -76.59 21.17 -46.77
CA ALA C 57 -77.81 21.84 -47.23
C ALA C 57 -78.12 21.56 -48.71
N PHE C 58 -77.09 21.23 -49.48
CA PHE C 58 -77.25 20.82 -50.88
C PHE C 58 -77.21 19.32 -51.09
N GLY C 59 -76.92 18.57 -50.02
CA GLY C 59 -76.75 17.12 -50.13
C GLY C 59 -75.32 16.74 -50.48
N HIS C 60 -74.39 17.63 -50.10
CA HIS C 60 -72.99 17.47 -50.43
C HIS C 60 -72.12 17.51 -49.17
N GLU C 61 -70.85 17.18 -49.37
CA GLU C 61 -69.84 17.20 -48.32
C GLU C 61 -68.94 18.43 -48.45
N ALA C 62 -68.50 18.96 -47.31
CA ALA C 62 -67.58 20.12 -47.27
C ALA C 62 -66.50 20.07 -48.35
N TYR C 63 -65.91 18.90 -48.55
CA TYR C 63 -64.75 18.80 -49.43
C TYR C 63 -65.09 19.16 -50.87
N GLU C 64 -66.33 18.93 -51.27
CA GLU C 64 -66.76 19.21 -52.63
C GLU C 64 -66.80 20.72 -52.94
N MET C 65 -66.92 21.53 -51.89
CA MET C 65 -66.96 22.99 -52.03
C MET C 65 -65.58 23.61 -52.24
N ILE C 66 -64.53 22.87 -51.89
CA ILE C 66 -63.14 23.32 -52.06
C ILE C 66 -62.36 22.42 -53.00
N ILE C 67 -63.06 21.73 -53.90
CA ILE C 67 -62.36 20.98 -54.93
C ILE C 67 -61.83 21.96 -55.96
N PRO C 68 -60.49 21.97 -56.15
CA PRO C 68 -59.91 22.85 -57.17
C PRO C 68 -60.09 22.30 -58.61
N VAL C 69 -61.20 22.69 -59.25
CA VAL C 69 -61.54 22.21 -60.61
C VAL C 69 -60.62 22.73 -61.73
N GLY C 70 -59.71 23.65 -61.41
CA GLY C 70 -58.69 24.08 -62.35
C GLY C 70 -57.41 23.26 -62.29
N ALA C 71 -57.17 22.62 -61.16
CA ALA C 71 -55.98 21.80 -60.94
C ALA C 71 -55.59 20.96 -62.17
N PRO C 72 -54.28 20.80 -62.43
CA PRO C 72 -53.81 20.06 -63.60
C PRO C 72 -54.32 18.61 -63.68
N GLY C 73 -54.73 18.03 -62.55
CA GLY C 73 -55.18 16.65 -62.52
C GLY C 73 -56.64 16.40 -62.17
N ILE C 74 -57.48 17.45 -62.18
CA ILE C 74 -58.86 17.32 -61.70
C ILE C 74 -59.90 17.44 -62.80
N ILE C 75 -60.83 16.48 -62.83
CA ILE C 75 -61.90 16.43 -63.82
C ILE C 75 -63.22 16.92 -63.19
N ASP C 76 -64.00 17.69 -63.93
CA ASP C 76 -65.30 18.15 -63.46
C ASP C 76 -66.31 17.02 -63.58
N TYR C 77 -66.96 16.70 -62.47
CA TYR C 77 -68.19 15.90 -62.48
C TYR C 77 -68.93 16.05 -61.16
N ASP C 78 -70.11 15.46 -61.05
CA ASP C 78 -70.89 15.55 -59.83
C ASP C 78 -70.69 14.30 -58.95
N HIS C 79 -70.14 14.52 -57.75
CA HIS C 79 -69.69 13.44 -56.87
C HIS C 79 -70.87 12.76 -56.19
N ARG C 80 -71.90 13.54 -55.87
CA ARG C 80 -73.14 13.02 -55.29
C ARG C 80 -73.82 12.09 -56.28
N MET C 81 -73.96 12.54 -57.52
CA MET C 81 -74.53 11.70 -58.56
C MET C 81 -73.59 10.51 -58.76
N TYR C 82 -72.28 10.76 -58.79
CA TYR C 82 -71.30 9.69 -58.94
C TYR C 82 -71.31 8.69 -57.77
N ALA C 83 -71.70 9.15 -56.59
CA ALA C 83 -71.81 8.28 -55.42
C ALA C 83 -73.13 7.51 -55.44
N ALA C 84 -74.17 8.12 -56.02
CA ALA C 84 -75.51 7.52 -56.12
C ALA C 84 -75.59 6.44 -57.22
N LEU C 85 -74.46 6.20 -57.88
CA LEU C 85 -74.38 5.28 -59.01
C LEU C 85 -73.91 3.88 -58.49
N PRO C 86 -74.45 2.78 -59.06
CA PRO C 86 -73.97 1.40 -58.78
C PRO C 86 -72.52 1.11 -59.18
N GLN C 87 -72.12 -0.16 -59.28
CA GLN C 87 -70.68 -0.46 -59.30
C GLN C 87 -70.04 -0.67 -60.67
N GLU C 88 -70.52 -1.61 -61.47
CA GLU C 88 -69.91 -1.90 -62.78
C GLU C 88 -69.74 -0.62 -63.60
N GLU C 89 -70.74 0.23 -63.54
CA GLU C 89 -70.64 1.60 -64.05
C GLU C 89 -69.39 2.37 -63.58
N LYS C 90 -69.16 2.49 -62.26
CA LYS C 90 -67.99 3.20 -61.76
C LYS C 90 -66.77 2.60 -62.42
N ASN C 91 -66.79 1.28 -62.56
CA ASN C 91 -65.72 0.57 -63.23
C ASN C 91 -65.67 0.96 -64.72
N LYS C 92 -66.84 1.05 -65.37
CA LYS C 92 -66.92 1.50 -66.76
C LYS C 92 -66.26 2.86 -66.94
N ILE C 93 -66.74 3.88 -66.21
CA ILE C 93 -66.14 5.23 -66.28
C ILE C 93 -64.65 5.16 -65.95
N THR C 94 -64.32 4.40 -64.90
CA THR C 94 -62.93 4.25 -64.47
C THR C 94 -62.11 3.43 -65.47
N SER C 95 -62.74 2.46 -66.13
CA SER C 95 -62.04 1.62 -67.12
C SER C 95 -61.76 2.41 -68.41
N PHE C 96 -62.66 3.34 -68.74
CA PHE C 96 -62.49 4.15 -69.94
C PHE C 96 -61.33 5.13 -69.81
N ILE C 97 -61.14 5.70 -68.63
CA ILE C 97 -60.10 6.70 -68.42
C ILE C 97 -58.71 6.12 -68.69
N ASN C 98 -58.52 4.86 -68.32
CA ASN C 98 -57.25 4.18 -68.55
C ASN C 98 -57.08 3.77 -70.01
N PHE C 99 -58.20 3.47 -70.66
CA PHE C 99 -58.19 3.14 -72.08
C PHE C 99 -57.62 4.31 -72.89
N VAL C 100 -57.99 5.53 -72.51
CA VAL C 100 -57.45 6.72 -73.14
C VAL C 100 -55.94 6.78 -72.88
N PHE C 101 -55.56 6.65 -71.61
CA PHE C 101 -54.16 6.76 -71.21
C PHE C 101 -53.24 5.81 -71.97
N GLU C 102 -53.59 4.53 -72.01
CA GLU C 102 -52.79 3.52 -72.71
C GLU C 102 -52.70 3.82 -74.21
N GLN C 103 -53.82 4.22 -74.80
CA GLN C 103 -53.86 4.58 -76.22
C GLN C 103 -53.01 5.82 -76.51
N ASN C 104 -53.24 6.87 -75.72
CA ASN C 104 -52.64 8.18 -75.94
C ASN C 104 -51.19 8.28 -75.51
N LYS C 105 -50.64 7.21 -74.92
CA LYS C 105 -49.24 7.15 -74.56
C LYS C 105 -48.43 6.81 -75.80
N VAL D 1 -66.10 15.40 -40.67
CA VAL D 1 -65.19 16.43 -41.26
C VAL D 1 -64.06 16.82 -40.32
N GLU D 2 -64.39 17.17 -39.08
CA GLU D 2 -63.36 17.53 -38.09
C GLU D 2 -62.63 16.32 -37.55
N LYS D 3 -63.35 15.23 -37.29
CA LYS D 3 -62.73 13.96 -36.88
C LYS D 3 -62.02 13.38 -38.10
N GLN D 4 -62.61 13.55 -39.28
CA GLN D 4 -61.96 13.11 -40.51
C GLN D 4 -60.57 13.73 -40.65
N ALA D 5 -60.50 15.03 -40.39
CA ALA D 5 -59.25 15.75 -40.48
C ALA D 5 -58.27 15.21 -39.47
N ALA D 6 -58.75 15.03 -38.24
CA ALA D 6 -57.92 14.47 -37.18
C ALA D 6 -57.39 13.11 -37.57
N ALA D 7 -58.23 12.34 -38.26
CA ALA D 7 -57.91 10.99 -38.68
C ALA D 7 -56.81 10.94 -39.73
N THR D 8 -57.00 11.74 -40.80
CA THR D 8 -56.04 11.81 -41.91
C THR D 8 -54.68 12.35 -41.49
N LEU D 9 -54.70 13.50 -40.81
CA LEU D 9 -53.50 14.17 -40.33
C LEU D 9 -52.53 13.21 -39.70
N ASN D 10 -53.01 12.52 -38.67
CA ASN D 10 -52.17 11.71 -37.80
C ASN D 10 -51.66 10.48 -38.54
N ALA D 11 -52.50 9.90 -39.38
CA ALA D 11 -52.10 8.78 -40.19
C ALA D 11 -51.13 9.19 -41.31
N TRP D 12 -51.32 10.38 -41.88
CA TRP D 12 -50.41 10.90 -42.89
C TRP D 12 -49.08 11.25 -42.25
N MET D 13 -49.16 11.82 -41.06
CA MET D 13 -47.99 12.10 -40.26
C MET D 13 -47.39 10.79 -39.74
N ARG D 14 -48.21 9.74 -39.63
CA ARG D 14 -47.74 8.39 -39.28
C ARG D 14 -46.88 7.79 -40.39
N LYS D 15 -47.13 8.20 -41.63
CA LYS D 15 -46.41 7.65 -42.78
C LYS D 15 -45.79 8.78 -43.59
N ASP D 16 -44.54 9.10 -43.27
CA ASP D 16 -43.78 10.03 -44.08
C ASP D 16 -42.32 9.84 -43.75
N THR D 17 -41.48 9.92 -44.77
CA THR D 17 -40.05 9.86 -44.55
C THR D 17 -39.57 11.15 -43.91
N GLU D 18 -40.04 12.29 -44.42
CA GLU D 18 -39.55 13.62 -44.00
C GLU D 18 -40.16 14.19 -42.71
N MET D 19 -41.49 14.35 -42.64
CA MET D 19 -42.11 15.05 -41.49
C MET D 19 -42.83 14.13 -40.51
N THR D 20 -42.09 13.75 -39.48
CA THR D 20 -42.40 12.63 -38.60
C THR D 20 -42.80 13.07 -37.18
N SER D 21 -42.99 14.37 -37.01
CA SER D 21 -43.33 14.95 -35.73
C SER D 21 -44.53 15.86 -35.96
N GLU D 22 -45.18 16.31 -34.89
CA GLU D 22 -46.26 17.27 -35.02
C GLU D 22 -45.64 18.63 -35.33
N LYS D 23 -44.52 18.91 -34.67
CA LYS D 23 -43.84 20.19 -34.81
C LYS D 23 -43.04 20.29 -36.11
N LYS D 24 -42.68 19.15 -36.70
CA LYS D 24 -42.05 19.14 -38.01
C LYS D 24 -43.10 19.49 -39.07
N VAL D 25 -44.32 19.00 -38.86
CA VAL D 25 -45.45 19.37 -39.71
C VAL D 25 -45.83 20.83 -39.42
N ALA D 26 -45.80 21.21 -38.15
CA ALA D 26 -46.02 22.60 -37.78
C ALA D 26 -45.07 23.54 -38.50
N VAL D 27 -43.83 23.11 -38.76
CA VAL D 27 -42.88 23.93 -39.51
C VAL D 27 -43.30 24.22 -40.95
N ALA D 28 -43.68 23.17 -41.70
CA ALA D 28 -44.16 23.32 -43.08
C ALA D 28 -45.53 24.01 -43.20
N ALA D 29 -45.97 24.66 -42.13
CA ALA D 29 -47.10 25.58 -42.18
C ALA D 29 -47.03 26.47 -40.94
N GLY D 30 -47.00 27.78 -41.14
CA GLY D 30 -46.90 28.73 -40.03
C GLY D 30 -48.18 28.87 -39.23
N ILE D 31 -48.23 28.19 -38.08
CA ILE D 31 -49.36 28.28 -37.15
C ILE D 31 -48.91 27.90 -35.74
N GLY D 32 -49.68 28.29 -34.72
CA GLY D 32 -49.36 27.98 -33.34
C GLY D 32 -48.95 26.52 -33.16
N PRO D 33 -48.13 26.23 -32.13
CA PRO D 33 -47.80 24.82 -31.90
C PRO D 33 -48.98 24.04 -31.28
N ALA D 34 -49.77 24.73 -30.45
CA ALA D 34 -50.98 24.14 -29.85
C ALA D 34 -52.10 23.87 -30.87
N THR D 35 -52.04 24.53 -32.03
CA THR D 35 -52.98 24.29 -33.12
C THR D 35 -52.83 22.89 -33.73
N VAL D 36 -51.60 22.44 -33.96
CA VAL D 36 -51.35 21.13 -34.58
C VAL D 36 -51.93 20.05 -33.70
N ASN D 37 -51.69 20.18 -32.41
CA ASN D 37 -52.30 19.36 -31.39
C ASN D 37 -53.84 19.46 -31.41
N ARG D 38 -54.36 20.68 -31.38
CA ARG D 38 -55.81 20.88 -31.33
C ARG D 38 -56.52 20.31 -32.56
N ILE D 39 -55.91 20.48 -33.74
CA ILE D 39 -56.47 19.89 -34.96
C ILE D 39 -56.46 18.36 -34.86
N MET D 40 -55.43 17.82 -34.23
CA MET D 40 -55.22 16.37 -34.12
C MET D 40 -56.14 15.68 -33.13
N LYS D 41 -56.51 16.40 -32.07
CA LYS D 41 -57.50 15.91 -31.12
C LYS D 41 -58.91 16.24 -31.59
N ALA D 42 -59.01 17.17 -32.56
CA ALA D 42 -60.29 17.66 -33.09
C ALA D 42 -61.03 18.52 -32.06
N GLU D 43 -60.28 19.42 -31.42
CA GLU D 43 -60.81 20.32 -30.38
C GLU D 43 -61.64 21.45 -31.00
N VAL D 44 -61.07 22.10 -32.01
CA VAL D 44 -61.75 23.14 -32.75
C VAL D 44 -61.91 22.75 -34.21
N SER D 45 -62.89 23.37 -34.87
CA SER D 45 -63.04 23.25 -36.31
C SER D 45 -62.07 24.20 -37.03
N THR D 46 -61.13 23.61 -37.76
CA THR D 46 -60.04 24.36 -38.38
C THR D 46 -60.51 25.15 -39.58
N THR D 47 -59.86 26.30 -39.79
CA THR D 47 -60.11 27.14 -40.96
C THR D 47 -59.52 26.47 -42.18
N ILE D 48 -60.19 26.60 -43.32
CA ILE D 48 -59.69 25.96 -44.55
C ILE D 48 -58.35 26.49 -45.04
N GLY D 49 -57.91 27.61 -44.51
CA GLY D 49 -56.56 28.09 -44.78
C GLY D 49 -55.53 27.16 -44.17
N VAL D 50 -55.59 27.09 -42.85
CA VAL D 50 -54.75 26.20 -42.04
C VAL D 50 -54.81 24.77 -42.55
N LEU D 51 -56.00 24.31 -42.97
CA LEU D 51 -56.13 22.98 -43.57
C LEU D 51 -55.38 22.86 -44.90
N SER D 52 -55.53 23.84 -45.77
CA SER D 52 -54.79 23.84 -47.02
C SER D 52 -53.30 23.91 -46.74
N SER D 53 -52.92 24.71 -45.73
CA SER D 53 -51.54 24.88 -45.32
C SER D 53 -50.89 23.56 -44.92
N LEU D 54 -51.56 22.85 -44.01
CA LEU D 54 -51.14 21.51 -43.58
C LEU D 54 -51.05 20.59 -44.78
N ALA D 55 -52.15 20.45 -45.51
CA ALA D 55 -52.24 19.47 -46.58
C ALA D 55 -51.06 19.64 -47.51
N ARG D 56 -50.94 20.83 -48.08
CA ARG D 56 -49.85 21.12 -49.02
C ARG D 56 -48.48 20.69 -48.45
N ALA D 57 -48.29 20.81 -47.13
CA ALA D 57 -47.06 20.33 -46.50
C ALA D 57 -46.72 18.88 -46.81
N PHE D 58 -47.72 18.05 -47.10
CA PHE D 58 -47.50 16.66 -47.52
C PHE D 58 -47.47 16.51 -49.02
N GLY D 59 -47.94 17.52 -49.75
CA GLY D 59 -48.05 17.43 -51.21
C GLY D 59 -49.42 16.95 -51.65
N HIS D 60 -50.44 17.36 -50.91
CA HIS D 60 -51.83 17.03 -51.20
C HIS D 60 -52.70 18.22 -50.84
N GLU D 61 -53.90 18.27 -51.38
CA GLU D 61 -54.78 19.42 -51.18
C GLU D 61 -55.67 19.22 -49.95
N ALA D 62 -56.37 20.29 -49.56
CA ALA D 62 -57.16 20.32 -48.32
C ALA D 62 -58.43 19.46 -48.37
N TYR D 63 -59.09 19.45 -49.52
CA TYR D 63 -60.27 18.63 -49.71
C TYR D 63 -59.96 17.14 -49.58
N GLU D 64 -58.76 16.77 -50.03
CA GLU D 64 -58.29 15.38 -49.99
C GLU D 64 -58.25 14.84 -48.55
N MET D 65 -57.98 15.71 -47.59
CA MET D 65 -57.90 15.27 -46.19
C MET D 65 -59.26 15.07 -45.52
N ILE D 66 -60.31 15.68 -46.05
CA ILE D 66 -61.63 15.63 -45.43
C ILE D 66 -62.65 14.89 -46.29
N ILE D 67 -62.16 14.03 -47.19
CA ILE D 67 -63.06 13.15 -47.97
C ILE D 67 -63.65 12.11 -47.01
N PRO D 68 -64.95 11.82 -47.13
CA PRO D 68 -65.52 10.82 -46.21
C PRO D 68 -64.99 9.40 -46.45
N VAL D 69 -65.11 8.54 -45.44
CA VAL D 69 -64.70 7.15 -45.56
C VAL D 69 -65.27 6.56 -46.85
N GLY D 70 -64.46 5.85 -47.60
CA GLY D 70 -64.95 5.05 -48.72
C GLY D 70 -64.76 5.75 -50.05
N ALA D 71 -64.54 7.07 -50.00
CA ALA D 71 -64.38 7.86 -51.20
C ALA D 71 -65.52 7.51 -52.15
N PRO D 72 -66.74 7.54 -51.62
CA PRO D 72 -67.83 7.07 -52.45
C PRO D 72 -67.88 7.82 -53.77
N GLY D 73 -67.59 9.12 -53.70
CA GLY D 73 -67.73 9.99 -54.85
C GLY D 73 -66.43 10.34 -55.56
N ILE D 74 -65.42 9.48 -55.45
CA ILE D 74 -64.11 9.77 -56.07
C ILE D 74 -63.74 8.70 -57.10
N ILE D 75 -63.43 9.12 -58.32
CA ILE D 75 -62.85 8.19 -59.31
C ILE D 75 -61.33 8.12 -59.16
N ASP D 76 -60.79 6.93 -59.36
CA ASP D 76 -59.40 6.64 -59.05
C ASP D 76 -58.56 6.58 -60.32
N TYR D 77 -57.83 7.66 -60.60
CA TYR D 77 -56.96 7.73 -61.77
C TYR D 77 -55.69 8.50 -61.42
N ASP D 78 -54.70 8.45 -62.31
CA ASP D 78 -53.46 9.18 -62.13
C ASP D 78 -53.59 10.56 -62.79
N HIS D 79 -53.28 11.60 -62.00
CA HIS D 79 -53.48 13.00 -62.37
C HIS D 79 -52.44 13.57 -63.34
N ARG D 80 -51.23 13.04 -63.29
CA ARG D 80 -50.15 13.49 -64.16
C ARG D 80 -50.40 12.98 -65.59
N MET D 81 -50.95 11.77 -65.69
CA MET D 81 -51.28 11.17 -66.99
C MET D 81 -52.50 11.89 -67.53
N TYR D 82 -53.42 12.21 -66.63
CA TYR D 82 -54.57 13.02 -66.96
C TYR D 82 -54.16 14.43 -67.39
N ALA D 83 -53.26 15.04 -66.62
CA ALA D 83 -52.66 16.33 -66.99
C ALA D 83 -51.93 16.24 -68.33
N ALA D 84 -51.36 15.07 -68.61
CA ALA D 84 -50.64 14.82 -69.87
C ALA D 84 -51.53 14.82 -71.11
N LEU D 85 -52.84 14.76 -70.95
CA LEU D 85 -53.72 14.62 -72.11
C LEU D 85 -53.99 15.93 -72.84
N PRO D 86 -53.99 15.88 -74.18
CA PRO D 86 -54.61 16.93 -75.00
C PRO D 86 -56.10 17.14 -74.69
N GLN D 87 -56.58 18.37 -74.89
CA GLN D 87 -57.96 18.74 -74.57
C GLN D 87 -59.00 17.89 -75.32
N GLU D 88 -58.64 17.43 -76.52
CA GLU D 88 -59.54 16.66 -77.39
C GLU D 88 -59.87 15.34 -76.71
N GLU D 89 -58.87 14.82 -76.02
CA GLU D 89 -58.90 13.49 -75.44
C GLU D 89 -59.74 13.49 -74.16
N LYS D 90 -59.53 14.49 -73.32
CA LYS D 90 -60.33 14.70 -72.11
C LYS D 90 -61.84 14.72 -72.36
N ASN D 91 -62.25 15.40 -73.43
CA ASN D 91 -63.67 15.53 -73.76
C ASN D 91 -64.34 14.18 -74.06
N LYS D 92 -63.56 13.19 -74.47
CA LYS D 92 -64.09 11.83 -74.62
C LYS D 92 -64.58 11.39 -73.25
N ILE D 93 -63.69 11.55 -72.27
CA ILE D 93 -63.82 11.04 -70.91
C ILE D 93 -64.91 11.77 -70.16
N THR D 94 -64.85 13.09 -70.15
CA THR D 94 -65.88 13.89 -69.49
C THR D 94 -67.27 13.70 -70.11
N SER D 95 -67.32 13.52 -71.43
CA SER D 95 -68.57 13.23 -72.14
C SER D 95 -68.98 11.78 -71.90
N PHE D 96 -68.00 10.88 -71.96
CA PHE D 96 -68.18 9.50 -71.57
C PHE D 96 -68.83 9.45 -70.19
N ILE D 97 -68.30 10.26 -69.27
CA ILE D 97 -68.83 10.35 -67.90
C ILE D 97 -70.32 10.66 -67.90
N ASN D 98 -70.72 11.79 -68.47
CA ASN D 98 -72.14 12.18 -68.51
C ASN D 98 -73.04 11.21 -69.29
N PHE D 99 -72.45 10.47 -70.22
CA PHE D 99 -73.16 9.43 -70.96
C PHE D 99 -73.54 8.23 -70.10
N VAL D 100 -72.67 7.86 -69.17
CA VAL D 100 -72.84 6.64 -68.36
C VAL D 100 -73.99 6.73 -67.34
N PHE D 101 -74.68 7.86 -67.28
CA PHE D 101 -75.74 8.04 -66.28
C PHE D 101 -77.05 7.26 -66.55
N VAL E 1 -45.62 -12.79 -36.86
CA VAL E 1 -46.55 -11.74 -36.33
C VAL E 1 -47.37 -12.30 -35.16
N GLU E 2 -48.01 -13.44 -35.40
CA GLU E 2 -48.61 -14.24 -34.32
C GLU E 2 -47.51 -14.80 -33.39
N LYS E 3 -46.29 -14.92 -33.92
CA LYS E 3 -45.10 -15.27 -33.14
C LYS E 3 -44.69 -14.13 -32.18
N GLN E 4 -44.70 -12.90 -32.70
CA GLN E 4 -44.33 -11.73 -31.91
C GLN E 4 -45.18 -11.57 -30.67
N ALA E 5 -46.49 -11.79 -30.82
CA ALA E 5 -47.44 -11.63 -29.71
C ALA E 5 -47.29 -12.74 -28.69
N ALA E 6 -46.94 -13.94 -29.16
CA ALA E 6 -46.69 -15.06 -28.26
C ALA E 6 -45.44 -14.78 -27.44
N ALA E 7 -44.34 -14.53 -28.14
CA ALA E 7 -43.07 -14.19 -27.51
C ALA E 7 -43.27 -13.11 -26.47
N THR E 8 -43.87 -12.00 -26.88
CA THR E 8 -44.03 -10.83 -26.00
C THR E 8 -44.89 -11.15 -24.79
N LEU E 9 -45.96 -11.91 -25.01
CA LEU E 9 -46.86 -12.36 -23.94
C LEU E 9 -46.11 -13.23 -22.93
N ASN E 10 -45.33 -14.19 -23.44
CA ASN E 10 -44.47 -15.00 -22.58
C ASN E 10 -43.63 -14.06 -21.72
N ALA E 11 -42.94 -13.14 -22.39
CA ALA E 11 -42.05 -12.22 -21.69
C ALA E 11 -42.83 -11.38 -20.71
N TRP E 12 -44.03 -10.96 -21.11
CA TRP E 12 -44.87 -10.12 -20.29
C TRP E 12 -45.39 -10.82 -19.05
N MET E 13 -45.65 -12.13 -19.17
CA MET E 13 -46.02 -12.93 -18.01
C MET E 13 -44.89 -13.01 -16.99
N ARG E 14 -43.68 -13.23 -17.51
CA ARG E 14 -42.47 -13.29 -16.71
C ARG E 14 -42.00 -11.91 -16.25
N LYS E 15 -42.65 -10.86 -16.74
CA LYS E 15 -42.21 -9.46 -16.57
C LYS E 15 -42.69 -8.86 -15.25
N ASP E 16 -42.37 -7.59 -15.04
CA ASP E 16 -42.71 -6.82 -13.84
C ASP E 16 -44.16 -7.03 -13.36
N THR E 17 -45.13 -7.04 -14.27
CA THR E 17 -46.51 -7.32 -13.87
C THR E 17 -46.60 -8.79 -13.46
N GLU E 18 -47.37 -9.03 -12.39
CA GLU E 18 -47.31 -10.30 -11.67
C GLU E 18 -48.29 -11.35 -12.21
N MET E 19 -48.60 -11.28 -13.49
CA MET E 19 -49.36 -12.34 -14.16
C MET E 19 -48.40 -13.33 -14.81
N THR E 20 -48.00 -14.35 -14.06
CA THR E 20 -46.96 -15.30 -14.49
C THR E 20 -47.52 -16.67 -14.92
N SER E 21 -48.79 -16.92 -14.66
CA SER E 21 -49.44 -18.14 -15.14
C SER E 21 -50.41 -17.77 -16.26
N GLU E 22 -50.50 -18.64 -17.28
CA GLU E 22 -51.39 -18.39 -18.44
C GLU E 22 -52.84 -18.17 -17.99
N LYS E 23 -53.21 -18.79 -16.88
CA LYS E 23 -54.59 -18.81 -16.42
C LYS E 23 -54.98 -17.46 -15.82
N LYS E 24 -54.12 -16.86 -15.00
CA LYS E 24 -54.39 -15.54 -14.41
C LYS E 24 -54.27 -14.41 -15.44
N VAL E 25 -53.52 -14.64 -16.51
CA VAL E 25 -53.47 -13.73 -17.65
C VAL E 25 -54.82 -13.77 -18.37
N ALA E 26 -55.29 -14.98 -18.60
CA ALA E 26 -56.57 -15.20 -19.27
C ALA E 26 -57.75 -14.61 -18.48
N VAL E 27 -57.74 -14.80 -17.17
CA VAL E 27 -58.79 -14.23 -16.32
C VAL E 27 -58.69 -12.71 -16.35
N ALA E 28 -57.47 -12.19 -16.37
CA ALA E 28 -57.25 -10.74 -16.39
C ALA E 28 -57.74 -10.08 -17.68
N ALA E 29 -57.58 -10.77 -18.81
CA ALA E 29 -58.01 -10.23 -20.10
C ALA E 29 -59.53 -10.25 -20.28
N GLY E 30 -60.21 -11.16 -19.59
CA GLY E 30 -61.60 -11.48 -19.89
C GLY E 30 -61.67 -12.20 -21.22
N ILE E 31 -60.64 -13.01 -21.47
CA ILE E 31 -60.48 -13.72 -22.74
C ILE E 31 -60.90 -15.18 -22.57
N GLY E 32 -61.32 -15.80 -23.65
CA GLY E 32 -61.64 -17.23 -23.64
C GLY E 32 -60.43 -18.08 -23.23
N PRO E 33 -60.67 -19.16 -22.49
CA PRO E 33 -59.55 -20.03 -22.09
C PRO E 33 -58.98 -20.83 -23.26
N ALA E 34 -59.85 -21.22 -24.21
CA ALA E 34 -59.47 -21.97 -25.41
C ALA E 34 -58.69 -21.12 -26.44
N THR E 35 -58.61 -19.82 -26.20
CA THR E 35 -57.87 -18.89 -27.08
C THR E 35 -56.42 -18.71 -26.65
N VAL E 36 -56.22 -18.35 -25.38
CA VAL E 36 -54.92 -17.87 -24.90
C VAL E 36 -53.77 -18.84 -25.18
N ASN E 37 -54.03 -20.13 -24.99
CA ASN E 37 -53.05 -21.18 -25.30
C ASN E 37 -52.65 -21.11 -26.77
N ARG E 38 -53.65 -21.07 -27.65
CA ARG E 38 -53.40 -21.04 -29.09
C ARG E 38 -52.67 -19.75 -29.51
N ILE E 39 -53.00 -18.65 -28.84
CA ILE E 39 -52.26 -17.41 -28.99
C ILE E 39 -50.84 -17.64 -28.51
N MET E 40 -50.71 -18.30 -27.36
CA MET E 40 -49.42 -18.59 -26.75
C MET E 40 -48.62 -19.60 -27.56
N LYS E 41 -49.27 -20.59 -28.16
CA LYS E 41 -48.62 -21.50 -29.11
C LYS E 41 -48.56 -20.90 -30.51
N ALA E 42 -49.05 -19.68 -30.66
CA ALA E 42 -49.05 -18.97 -31.94
C ALA E 42 -49.73 -19.78 -33.03
N GLU E 43 -50.72 -20.58 -32.65
CA GLU E 43 -51.44 -21.43 -33.58
C GLU E 43 -52.53 -20.65 -34.31
N VAL E 44 -53.25 -19.81 -33.57
CA VAL E 44 -54.38 -19.05 -34.12
C VAL E 44 -54.04 -17.57 -34.24
N SER E 45 -54.48 -16.95 -35.34
CA SER E 45 -54.28 -15.52 -35.53
C SER E 45 -55.28 -14.73 -34.70
N THR E 46 -54.80 -14.01 -33.68
CA THR E 46 -55.70 -13.29 -32.78
C THR E 46 -56.29 -12.03 -33.40
N THR E 47 -57.48 -11.69 -32.93
CA THR E 47 -58.15 -10.47 -33.36
C THR E 47 -57.41 -9.29 -32.70
N ILE E 48 -57.42 -8.12 -33.33
CA ILE E 48 -56.78 -6.96 -32.71
C ILE E 48 -57.48 -6.60 -31.39
N GLY E 49 -58.82 -6.53 -31.40
CA GLY E 49 -59.57 -6.21 -30.19
C GLY E 49 -59.13 -6.99 -28.96
N VAL E 50 -59.16 -8.31 -29.09
CA VAL E 50 -58.65 -9.20 -28.07
C VAL E 50 -57.24 -8.80 -27.64
N LEU E 51 -56.38 -8.56 -28.64
CA LEU E 51 -54.98 -8.16 -28.42
C LEU E 51 -54.89 -6.90 -27.56
N SER E 52 -55.88 -6.02 -27.67
CA SER E 52 -55.96 -4.85 -26.81
C SER E 52 -56.37 -5.27 -25.40
N SER E 53 -57.46 -6.02 -25.30
CA SER E 53 -57.94 -6.55 -24.00
C SER E 53 -56.83 -7.30 -23.25
N LEU E 54 -55.99 -8.00 -24.00
CA LEU E 54 -54.84 -8.66 -23.43
C LEU E 54 -53.71 -7.66 -23.15
N ALA E 55 -53.51 -6.70 -24.05
CA ALA E 55 -52.45 -5.71 -23.89
C ALA E 55 -52.64 -4.82 -22.67
N ARG E 56 -53.88 -4.39 -22.42
CA ARG E 56 -54.17 -3.44 -21.31
C ARG E 56 -53.94 -4.04 -19.90
N ALA E 57 -54.00 -5.36 -19.79
CA ALA E 57 -53.74 -6.07 -18.53
C ALA E 57 -52.33 -5.80 -17.97
N PHE E 58 -51.34 -5.74 -18.85
CA PHE E 58 -49.96 -5.43 -18.43
C PHE E 58 -49.71 -3.92 -18.34
N GLY E 59 -50.67 -3.13 -18.81
CA GLY E 59 -50.54 -1.67 -18.85
C GLY E 59 -50.05 -1.14 -20.19
N HIS E 60 -49.70 -2.05 -21.10
CA HIS E 60 -49.11 -1.69 -22.38
C HIS E 60 -50.17 -1.64 -23.49
N GLU E 61 -49.83 -0.98 -24.60
CA GLU E 61 -50.74 -0.83 -25.74
C GLU E 61 -50.62 -2.05 -26.65
N ALA E 62 -51.70 -2.37 -27.35
CA ALA E 62 -51.75 -3.56 -28.21
C ALA E 62 -50.65 -3.64 -29.27
N TYR E 63 -50.34 -2.50 -29.90
CA TYR E 63 -49.33 -2.50 -30.96
C TYR E 63 -47.95 -2.94 -30.43
N GLU E 64 -47.73 -2.71 -29.13
CA GLU E 64 -46.49 -3.12 -28.46
C GLU E 64 -46.30 -4.63 -28.40
N MET E 65 -47.35 -5.39 -28.66
CA MET E 65 -47.26 -6.85 -28.58
C MET E 65 -46.94 -7.51 -29.92
N ILE E 66 -47.16 -6.80 -31.03
CA ILE E 66 -46.92 -7.36 -32.37
C ILE E 66 -45.74 -6.73 -33.08
N ILE E 67 -45.05 -5.82 -32.38
CA ILE E 67 -43.89 -5.14 -32.96
C ILE E 67 -42.69 -6.09 -33.06
N PRO E 68 -42.05 -6.15 -34.25
CA PRO E 68 -40.90 -7.02 -34.49
C PRO E 68 -39.57 -6.39 -34.08
N VAL E 69 -39.06 -6.83 -32.93
CA VAL E 69 -37.82 -6.27 -32.34
C VAL E 69 -36.54 -6.43 -33.16
N GLY E 70 -36.51 -7.45 -34.00
CA GLY E 70 -35.33 -7.72 -34.79
C GLY E 70 -35.05 -6.70 -35.88
N ALA E 71 -36.11 -6.18 -36.48
CA ALA E 71 -36.00 -5.26 -37.61
C ALA E 71 -34.77 -4.35 -37.51
N PRO E 72 -34.03 -4.20 -38.63
CA PRO E 72 -32.83 -3.35 -38.66
C PRO E 72 -33.03 -1.97 -38.01
N GLY E 73 -34.01 -1.21 -38.51
CA GLY E 73 -34.25 0.15 -38.06
C GLY E 73 -34.95 0.32 -36.72
N ILE E 74 -35.23 -0.77 -36.01
CA ILE E 74 -36.02 -0.67 -34.77
C ILE E 74 -35.17 -0.68 -33.50
N ILE E 75 -35.50 0.20 -32.56
CA ILE E 75 -34.91 0.18 -31.23
C ILE E 75 -35.89 -0.47 -30.29
N ASP E 76 -35.41 -1.39 -29.46
CA ASP E 76 -36.24 -2.00 -28.45
C ASP E 76 -36.19 -1.10 -27.22
N TYR E 77 -37.35 -0.61 -26.81
CA TYR E 77 -37.45 0.15 -25.58
C TYR E 77 -38.87 0.04 -25.02
N ASP E 78 -39.04 0.41 -23.76
CA ASP E 78 -40.37 0.40 -23.15
C ASP E 78 -41.10 1.69 -23.49
N HIS E 79 -42.04 1.56 -24.42
CA HIS E 79 -42.86 2.69 -24.86
C HIS E 79 -43.66 3.27 -23.70
N ARG E 80 -44.15 2.41 -22.81
CA ARG E 80 -45.00 2.86 -21.70
C ARG E 80 -44.20 3.72 -20.74
N MET E 81 -43.00 3.26 -20.40
CA MET E 81 -42.10 4.01 -19.53
C MET E 81 -41.63 5.26 -20.26
N TYR E 82 -41.48 5.17 -21.58
CA TYR E 82 -41.14 6.34 -22.39
C TYR E 82 -42.31 7.31 -22.54
N ALA E 83 -43.52 6.78 -22.68
CA ALA E 83 -44.70 7.63 -22.83
C ALA E 83 -44.89 8.55 -21.63
N ALA E 84 -44.53 8.06 -20.44
CA ALA E 84 -44.66 8.80 -19.18
C ALA E 84 -43.52 9.76 -18.89
N LEU E 85 -42.46 9.72 -19.69
CA LEU E 85 -41.29 10.58 -19.45
C LEU E 85 -41.62 12.03 -19.74
N PRO E 86 -40.97 12.97 -19.03
CA PRO E 86 -41.19 14.39 -19.28
C PRO E 86 -40.48 14.80 -20.54
N GLN E 87 -41.11 15.67 -21.32
CA GLN E 87 -40.51 16.18 -22.55
C GLN E 87 -39.04 16.56 -22.34
N GLU E 88 -38.74 17.06 -21.15
CA GLU E 88 -37.38 17.41 -20.76
C GLU E 88 -36.45 16.27 -21.20
N GLU E 89 -36.56 15.12 -20.54
CA GLU E 89 -35.68 13.99 -20.81
C GLU E 89 -35.97 13.32 -22.14
N LYS E 90 -37.25 13.28 -22.53
CA LYS E 90 -37.62 12.75 -23.83
C LYS E 90 -36.88 13.47 -24.96
N ASN E 91 -36.59 14.76 -24.75
CA ASN E 91 -35.79 15.53 -25.72
C ASN E 91 -34.32 15.13 -25.71
N LYS E 92 -33.75 15.05 -24.51
CA LYS E 92 -32.34 14.70 -24.33
C LYS E 92 -32.12 13.35 -25.01
N ILE E 93 -32.95 12.37 -24.65
CA ILE E 93 -32.90 11.06 -25.29
C ILE E 93 -32.80 11.18 -26.81
N THR E 94 -33.78 11.81 -27.43
CA THR E 94 -33.80 11.95 -28.88
C THR E 94 -32.56 12.70 -29.36
N SER E 95 -32.18 13.73 -28.62
CA SER E 95 -30.99 14.55 -28.92
C SER E 95 -29.73 13.69 -28.94
N PHE E 96 -29.64 12.79 -27.97
CA PHE E 96 -28.57 11.81 -27.92
C PHE E 96 -28.59 10.87 -29.13
N ILE E 97 -29.77 10.38 -29.51
CA ILE E 97 -29.86 9.47 -30.66
C ILE E 97 -29.16 10.10 -31.85
N ASN E 98 -29.63 11.29 -32.23
CA ASN E 98 -29.06 12.03 -33.35
C ASN E 98 -27.57 12.30 -33.15
N PHE E 99 -27.19 12.61 -31.91
CA PHE E 99 -25.79 12.77 -31.55
C PHE E 99 -25.03 11.51 -31.92
N VAL E 100 -25.53 10.35 -31.51
CA VAL E 100 -24.90 9.07 -31.83
C VAL E 100 -24.81 8.87 -33.35
N PHE E 101 -25.88 9.20 -34.07
CA PHE E 101 -25.88 9.06 -35.52
C PHE E 101 -24.65 9.74 -36.11
N GLU E 102 -24.37 10.95 -35.62
CA GLU E 102 -23.29 11.80 -36.15
C GLU E 102 -21.89 11.22 -35.94
N GLN E 103 -21.69 10.55 -34.79
CA GLN E 103 -20.41 9.88 -34.48
C GLN E 103 -20.09 8.79 -35.52
N ASN E 104 -21.14 8.20 -36.09
CA ASN E 104 -21.02 7.12 -37.09
C ASN E 104 -21.21 7.60 -38.53
N LYS E 105 -21.22 8.91 -38.77
CA LYS E 105 -21.43 9.45 -40.10
C LYS E 105 -20.08 9.80 -40.73
N VAL F 1 -59.28 1.15 -31.35
CA VAL F 1 -58.22 0.22 -31.90
C VAL F 1 -58.55 -0.34 -33.29
N GLU F 2 -59.81 -0.74 -33.49
CA GLU F 2 -60.32 -1.04 -34.83
C GLU F 2 -60.57 0.25 -35.62
N LYS F 3 -60.99 1.30 -34.92
CA LYS F 3 -61.23 2.62 -35.50
C LYS F 3 -59.98 3.15 -36.12
N GLN F 4 -58.91 3.10 -35.33
CA GLN F 4 -57.61 3.57 -35.77
C GLN F 4 -57.18 2.81 -36.99
N ALA F 5 -57.18 1.49 -36.88
CA ALA F 5 -56.82 0.61 -38.01
C ALA F 5 -57.60 0.96 -39.27
N ALA F 6 -58.89 1.25 -39.10
CA ALA F 6 -59.75 1.66 -40.20
C ALA F 6 -59.47 3.10 -40.63
N ALA F 7 -58.96 3.90 -39.71
CA ALA F 7 -58.58 5.27 -40.01
C ALA F 7 -57.31 5.31 -40.85
N THR F 8 -56.29 4.63 -40.37
CA THR F 8 -55.00 4.56 -41.04
C THR F 8 -55.15 3.98 -42.45
N LEU F 9 -55.84 2.84 -42.55
CA LEU F 9 -56.09 2.19 -43.84
C LEU F 9 -56.70 3.15 -44.83
N ASN F 10 -57.71 3.87 -44.38
CA ASN F 10 -58.42 4.82 -45.24
C ASN F 10 -57.49 5.95 -45.66
N ALA F 11 -56.94 6.65 -44.65
CA ALA F 11 -56.02 7.75 -44.85
C ALA F 11 -54.81 7.37 -45.68
N TRP F 12 -54.22 6.20 -45.43
CA TRP F 12 -53.06 5.72 -46.23
C TRP F 12 -53.41 5.46 -47.70
N MET F 13 -54.66 5.14 -47.99
CA MET F 13 -55.09 4.89 -49.37
C MET F 13 -55.16 6.20 -50.16
N ARG F 14 -55.56 7.28 -49.49
CA ARG F 14 -55.65 8.58 -50.15
C ARG F 14 -54.28 9.16 -50.43
N LYS F 15 -53.26 8.73 -49.69
CA LYS F 15 -51.90 9.24 -49.82
C LYS F 15 -50.99 8.31 -50.60
N ASP F 16 -51.41 7.09 -50.87
CA ASP F 16 -50.53 6.17 -51.59
C ASP F 16 -50.69 6.42 -53.08
N THR F 17 -49.63 6.17 -53.83
CA THR F 17 -49.63 6.29 -55.28
C THR F 17 -50.05 4.99 -55.95
N GLU F 18 -49.82 3.88 -55.26
CA GLU F 18 -50.08 2.52 -55.80
C GLU F 18 -51.41 2.00 -55.32
N MET F 19 -51.58 1.94 -54.00
CA MET F 19 -52.79 1.41 -53.38
C MET F 19 -53.89 2.46 -53.34
N THR F 20 -54.68 2.53 -54.39
CA THR F 20 -55.65 3.61 -54.50
C THR F 20 -57.12 3.17 -54.27
N SER F 21 -57.41 1.89 -54.48
CA SER F 21 -58.74 1.35 -54.28
C SER F 21 -58.69 0.16 -53.33
N GLU F 22 -59.81 -0.17 -52.70
CA GLU F 22 -59.90 -1.35 -51.85
C GLU F 22 -59.44 -2.59 -52.61
N LYS F 23 -59.86 -2.71 -53.86
CA LYS F 23 -59.58 -3.91 -54.65
C LYS F 23 -58.08 -4.02 -54.88
N LYS F 24 -57.45 -2.90 -55.25
CA LYS F 24 -56.06 -2.88 -55.62
C LYS F 24 -55.21 -3.22 -54.41
N VAL F 25 -55.63 -2.78 -53.23
CA VAL F 25 -55.02 -3.19 -51.95
C VAL F 25 -55.28 -4.66 -51.68
N ALA F 26 -56.53 -5.08 -51.87
CA ALA F 26 -56.94 -6.44 -51.61
C ALA F 26 -56.07 -7.41 -52.41
N VAL F 27 -55.72 -7.01 -53.64
CA VAL F 27 -54.84 -7.81 -54.49
C VAL F 27 -53.43 -7.84 -53.89
N ALA F 28 -52.90 -6.68 -53.54
CA ALA F 28 -51.61 -6.61 -52.86
C ALA F 28 -51.64 -7.31 -51.50
N ALA F 29 -52.77 -7.23 -50.80
CA ALA F 29 -52.91 -7.88 -49.49
C ALA F 29 -53.12 -9.36 -49.71
N GLY F 30 -53.59 -9.70 -50.90
CA GLY F 30 -53.95 -11.07 -51.23
C GLY F 30 -55.15 -11.47 -50.41
N ILE F 31 -56.08 -10.55 -50.20
CA ILE F 31 -57.28 -10.86 -49.47
C ILE F 31 -58.47 -10.37 -50.29
N GLY F 32 -59.67 -10.83 -49.95
CA GLY F 32 -60.86 -10.50 -50.73
C GLY F 32 -61.28 -9.04 -50.59
N PRO F 33 -61.68 -8.42 -51.69
CA PRO F 33 -62.06 -7.01 -51.55
C PRO F 33 -63.23 -6.82 -50.57
N ALA F 34 -64.08 -7.84 -50.46
CA ALA F 34 -65.19 -7.81 -49.51
C ALA F 34 -64.70 -7.74 -48.05
N THR F 35 -63.55 -8.35 -47.74
CA THR F 35 -63.00 -8.28 -46.37
C THR F 35 -62.29 -6.93 -46.12
N VAL F 36 -61.78 -6.31 -47.19
CA VAL F 36 -61.13 -4.99 -47.12
C VAL F 36 -62.13 -3.89 -46.75
N ASN F 37 -63.26 -3.87 -47.45
CA ASN F 37 -64.30 -2.89 -47.16
C ASN F 37 -64.78 -2.93 -45.70
N ARG F 38 -64.96 -4.13 -45.14
CA ARG F 38 -65.37 -4.26 -43.73
C ARG F 38 -64.34 -3.64 -42.78
N ILE F 39 -63.07 -3.75 -43.14
CA ILE F 39 -61.99 -3.19 -42.34
C ILE F 39 -62.03 -1.67 -42.44
N MET F 40 -62.23 -1.17 -43.64
CA MET F 40 -62.29 0.26 -43.85
C MET F 40 -63.33 0.95 -42.96
N LYS F 41 -64.47 0.31 -42.76
CA LYS F 41 -65.53 0.88 -41.94
C LYS F 41 -65.51 0.31 -40.51
N ALA F 42 -64.58 -0.60 -40.22
CA ALA F 42 -64.38 -1.18 -38.89
C ALA F 42 -65.60 -1.91 -38.37
N GLU F 43 -66.21 -2.72 -39.23
CA GLU F 43 -67.37 -3.51 -38.85
C GLU F 43 -66.94 -4.78 -38.09
N VAL F 44 -65.89 -5.42 -38.60
CA VAL F 44 -65.30 -6.60 -37.97
C VAL F 44 -63.96 -6.25 -37.34
N SER F 45 -63.58 -6.99 -36.30
CA SER F 45 -62.25 -6.81 -35.71
C SER F 45 -61.24 -7.72 -36.37
N THR F 46 -60.27 -7.11 -37.04
CA THR F 46 -59.35 -7.86 -37.88
C THR F 46 -58.30 -8.68 -37.11
N THR F 47 -57.95 -9.78 -37.76
CA THR F 47 -56.78 -10.58 -37.51
C THR F 47 -55.49 -9.80 -37.78
N ILE F 48 -54.45 -10.06 -37.00
CA ILE F 48 -53.13 -9.46 -37.24
C ILE F 48 -52.46 -9.94 -38.53
N GLY F 49 -52.78 -11.16 -38.94
CA GLY F 49 -52.42 -11.64 -40.27
C GLY F 49 -52.97 -10.75 -41.36
N VAL F 50 -54.25 -10.41 -41.25
CA VAL F 50 -54.92 -9.54 -42.22
C VAL F 50 -54.29 -8.18 -42.12
N LEU F 51 -54.14 -7.69 -40.88
CA LEU F 51 -53.49 -6.42 -40.61
C LEU F 51 -52.05 -6.40 -41.20
N SER F 52 -51.32 -7.49 -41.04
CA SER F 52 -49.97 -7.55 -41.58
C SER F 52 -49.97 -7.44 -43.09
N SER F 53 -50.84 -8.20 -43.75
CA SER F 53 -50.94 -8.15 -45.21
C SER F 53 -51.37 -6.79 -45.73
N LEU F 54 -52.25 -6.10 -45.01
CA LEU F 54 -52.67 -4.77 -45.47
C LEU F 54 -51.49 -3.80 -45.44
N ALA F 55 -50.86 -3.67 -44.29
CA ALA F 55 -49.79 -2.68 -44.09
C ALA F 55 -48.57 -2.92 -44.99
N ARG F 56 -48.18 -4.19 -45.15
CA ARG F 56 -47.13 -4.57 -46.10
C ARG F 56 -47.45 -4.04 -47.51
N ALA F 57 -48.72 -4.10 -47.91
CA ALA F 57 -49.15 -3.60 -49.23
C ALA F 57 -48.87 -2.11 -49.42
N PHE F 58 -48.85 -1.36 -48.32
CA PHE F 58 -48.44 0.05 -48.31
C PHE F 58 -46.95 0.20 -47.92
N GLY F 59 -46.24 -0.91 -47.78
CA GLY F 59 -44.82 -0.88 -47.39
C GLY F 59 -44.61 -0.58 -45.92
N HIS F 60 -45.38 -1.25 -45.06
CA HIS F 60 -45.36 -0.98 -43.63
C HIS F 60 -45.60 -2.20 -42.76
N GLU F 61 -45.28 -2.04 -41.48
CA GLU F 61 -45.53 -3.05 -40.46
C GLU F 61 -46.90 -2.82 -39.83
N ALA F 62 -47.46 -3.89 -39.28
CA ALA F 62 -48.83 -3.86 -38.74
C ALA F 62 -48.98 -2.97 -37.50
N TYR F 63 -47.91 -2.81 -36.70
CA TYR F 63 -48.01 -2.02 -35.48
C TYR F 63 -48.28 -0.56 -35.78
N GLU F 64 -47.93 -0.14 -36.98
CA GLU F 64 -47.99 1.26 -37.38
C GLU F 64 -49.43 1.72 -37.65
N MET F 65 -50.28 0.79 -38.07
CA MET F 65 -51.69 1.07 -38.34
C MET F 65 -52.54 1.23 -37.09
N ILE F 66 -52.01 0.80 -35.95
CA ILE F 66 -52.77 0.79 -34.71
C ILE F 66 -52.09 1.58 -33.59
N ILE F 67 -51.07 2.39 -33.94
CA ILE F 67 -50.40 3.25 -32.95
C ILE F 67 -51.34 4.37 -32.52
N PRO F 68 -51.53 4.56 -31.20
CA PRO F 68 -52.46 5.58 -30.72
C PRO F 68 -52.10 6.98 -31.17
N VAL F 69 -53.09 7.87 -31.13
CA VAL F 69 -52.95 9.22 -31.65
C VAL F 69 -51.91 10.00 -30.83
N GLY F 70 -51.05 10.75 -31.53
CA GLY F 70 -49.98 11.52 -30.90
C GLY F 70 -48.70 10.70 -30.79
N ALA F 71 -48.84 9.39 -30.75
CA ALA F 71 -47.73 8.46 -30.65
C ALA F 71 -46.86 8.73 -29.42
N PRO F 72 -47.48 8.99 -28.25
CA PRO F 72 -46.65 9.00 -27.05
C PRO F 72 -46.17 7.59 -26.81
N GLY F 73 -44.90 7.44 -26.49
CA GLY F 73 -44.31 6.11 -26.41
C GLY F 73 -43.48 5.82 -27.63
N ILE F 74 -43.72 6.52 -28.72
CA ILE F 74 -43.00 6.29 -29.97
C ILE F 74 -41.99 7.41 -30.20
N ILE F 75 -40.73 7.03 -30.46
CA ILE F 75 -39.67 8.01 -30.66
C ILE F 75 -39.36 8.17 -32.15
N ASP F 76 -39.22 9.43 -32.55
CA ASP F 76 -38.99 9.78 -33.92
C ASP F 76 -37.51 9.69 -34.22
N TYR F 77 -37.13 8.78 -35.11
CA TYR F 77 -35.76 8.72 -35.59
C TYR F 77 -35.65 8.04 -36.96
N ASP F 78 -34.71 8.51 -37.76
CA ASP F 78 -34.53 7.96 -39.09
C ASP F 78 -34.06 6.52 -38.95
N HIS F 79 -34.83 5.60 -39.53
CA HIS F 79 -34.53 4.18 -39.48
C HIS F 79 -33.47 3.85 -40.51
N ARG F 80 -33.34 4.74 -41.49
CA ARG F 80 -32.23 4.68 -42.43
C ARG F 80 -30.92 5.03 -41.72
N MET F 81 -30.94 6.08 -40.89
CA MET F 81 -29.77 6.46 -40.13
C MET F 81 -29.41 5.42 -39.08
N TYR F 82 -30.41 4.77 -38.48
CA TYR F 82 -30.16 3.82 -37.38
C TYR F 82 -29.76 2.42 -37.81
N ALA F 83 -30.32 1.94 -38.93
CA ALA F 83 -30.04 0.57 -39.39
C ALA F 83 -28.59 0.36 -39.85
N ALA F 84 -27.90 1.47 -40.14
CA ALA F 84 -26.49 1.42 -40.49
C ALA F 84 -25.54 1.24 -39.31
N LEU F 85 -26.03 1.47 -38.08
CA LEU F 85 -25.14 1.48 -36.91
C LEU F 85 -24.61 0.10 -36.51
N PRO F 86 -23.36 0.04 -36.04
CA PRO F 86 -22.88 -1.14 -35.32
C PRO F 86 -23.70 -1.41 -34.05
N GLN F 87 -23.65 -2.64 -33.55
CA GLN F 87 -24.55 -3.06 -32.48
C GLN F 87 -24.15 -2.45 -31.13
N GLU F 88 -22.85 -2.24 -30.95
CA GLU F 88 -22.35 -1.58 -29.75
C GLU F 88 -22.78 -0.11 -29.78
N GLU F 89 -22.74 0.49 -30.98
CA GLU F 89 -23.18 1.89 -31.14
C GLU F 89 -24.67 1.99 -30.83
N LYS F 90 -25.44 1.02 -31.31
CA LYS F 90 -26.84 0.88 -30.97
C LYS F 90 -27.04 0.68 -29.46
N ASN F 91 -26.09 0.02 -28.81
CA ASN F 91 -26.17 -0.30 -27.38
C ASN F 91 -25.98 0.93 -26.46
N LYS F 92 -25.23 1.91 -26.94
CA LYS F 92 -25.06 3.20 -26.24
C LYS F 92 -26.40 3.94 -26.08
N ILE F 93 -27.20 3.90 -27.16
CA ILE F 93 -28.51 4.54 -27.22
C ILE F 93 -29.51 3.84 -26.30
N THR F 94 -29.46 2.51 -26.28
CA THR F 94 -30.34 1.73 -25.41
C THR F 94 -29.94 1.91 -23.95
N SER F 95 -28.64 1.88 -23.68
CA SER F 95 -28.13 2.08 -22.32
C SER F 95 -28.51 3.46 -21.78
N PHE F 96 -28.43 4.45 -22.68
CA PHE F 96 -28.89 5.79 -22.39
C PHE F 96 -30.34 5.73 -21.88
N ILE F 97 -31.20 5.04 -22.63
CA ILE F 97 -32.61 4.91 -22.28
C ILE F 97 -32.79 4.22 -20.92
N ASN F 98 -32.12 3.09 -20.77
CA ASN F 98 -32.06 2.37 -19.48
C ASN F 98 -31.86 3.40 -18.37
N PHE F 99 -30.73 4.10 -18.47
CA PHE F 99 -30.31 5.07 -17.46
C PHE F 99 -31.35 6.14 -17.21
N VAL F 100 -31.78 6.80 -18.28
CA VAL F 100 -32.64 7.97 -18.11
C VAL F 100 -34.03 7.62 -17.59
N PHE F 101 -34.48 6.38 -17.78
CA PHE F 101 -35.70 5.95 -17.06
C PHE F 101 -35.36 5.42 -15.68
N GLU F 102 -34.19 4.82 -15.51
CA GLU F 102 -33.70 4.54 -14.15
C GLU F 102 -33.72 5.86 -13.34
N GLN F 103 -33.37 6.97 -13.97
CA GLN F 103 -33.49 8.29 -13.35
C GLN F 103 -34.92 8.69 -12.94
N ASN F 104 -35.93 8.11 -13.58
CA ASN F 104 -37.34 8.51 -13.32
C ASN F 104 -38.31 7.35 -13.04
N LYS F 105 -38.73 7.25 -11.78
CA LYS F 105 -39.72 6.27 -11.35
C LYS F 105 -40.72 6.95 -10.41
N VAL G 1 -37.01 -6.89 -45.86
CA VAL G 1 -36.15 -7.80 -46.71
C VAL G 1 -35.02 -7.00 -47.36
N GLU G 2 -35.38 -5.93 -48.08
CA GLU G 2 -34.39 -5.02 -48.65
C GLU G 2 -33.83 -4.19 -47.49
N LYS G 3 -34.67 -3.91 -46.50
CA LYS G 3 -34.21 -3.27 -45.28
C LYS G 3 -33.19 -4.17 -44.57
N GLN G 4 -33.47 -5.47 -44.51
CA GLN G 4 -32.55 -6.45 -43.91
C GLN G 4 -31.33 -6.66 -44.78
N ALA G 5 -31.54 -6.78 -46.09
CA ALA G 5 -30.44 -6.85 -47.04
C ALA G 5 -29.49 -5.65 -46.83
N ALA G 6 -30.07 -4.48 -46.58
CA ALA G 6 -29.30 -3.25 -46.37
C ALA G 6 -28.50 -3.25 -45.05
N ALA G 7 -29.07 -3.83 -44.01
CA ALA G 7 -28.45 -3.79 -42.68
C ALA G 7 -27.27 -4.75 -42.60
N THR G 8 -27.45 -5.97 -43.10
CA THR G 8 -26.43 -7.04 -43.04
C THR G 8 -25.18 -6.64 -43.82
N LEU G 9 -25.38 -6.17 -45.06
CA LEU G 9 -24.30 -5.63 -45.87
C LEU G 9 -23.51 -4.56 -45.12
N ASN G 10 -24.19 -3.48 -44.76
CA ASN G 10 -23.57 -2.40 -43.98
C ASN G 10 -22.76 -2.97 -42.84
N ALA G 11 -23.43 -3.71 -41.96
CA ALA G 11 -22.78 -4.31 -40.80
C ALA G 11 -21.64 -5.22 -41.20
N TRP G 12 -21.83 -5.98 -42.28
CA TRP G 12 -20.85 -6.98 -42.70
C TRP G 12 -19.52 -6.39 -43.17
N MET G 13 -19.53 -5.28 -43.89
CA MET G 13 -18.26 -4.64 -44.27
C MET G 13 -17.76 -3.59 -43.25
N ARG G 14 -18.52 -3.37 -42.18
CA ARG G 14 -18.01 -2.62 -41.02
C ARG G 14 -16.93 -3.47 -40.34
N LYS G 15 -17.01 -4.79 -40.52
CA LYS G 15 -16.02 -5.73 -39.99
C LYS G 15 -15.05 -6.27 -41.04
N ASP G 16 -15.22 -5.88 -42.30
CA ASP G 16 -14.37 -6.38 -43.39
C ASP G 16 -12.92 -5.90 -43.20
N THR G 17 -11.99 -6.60 -43.85
CA THR G 17 -10.57 -6.38 -43.65
C THR G 17 -9.99 -5.00 -44.07
N GLU G 18 -10.23 -4.50 -45.27
CA GLU G 18 -11.30 -4.95 -46.17
C GLU G 18 -10.80 -5.04 -47.61
N MET G 19 -11.62 -5.66 -48.45
CA MET G 19 -11.44 -5.55 -49.91
C MET G 19 -11.65 -4.09 -50.30
N THR G 20 -12.67 -3.48 -49.71
CA THR G 20 -12.90 -2.04 -49.83
C THR G 20 -14.12 -1.62 -49.03
N SER G 21 -14.24 -0.31 -48.84
CA SER G 21 -15.37 0.29 -48.16
C SER G 21 -16.51 0.50 -49.13
N GLU G 22 -16.18 0.83 -50.38
CA GLU G 22 -17.19 1.13 -51.38
C GLU G 22 -17.21 0.17 -52.57
N LYS G 23 -16.13 0.05 -53.33
CA LYS G 23 -16.25 -0.69 -54.62
C LYS G 23 -15.09 -1.48 -55.26
N LYS G 24 -13.87 -1.44 -54.72
CA LYS G 24 -12.86 -2.47 -55.13
C LYS G 24 -13.42 -3.89 -54.84
N VAL G 25 -14.60 -3.91 -54.22
CA VAL G 25 -15.32 -5.11 -53.80
C VAL G 25 -16.38 -5.42 -54.84
N ALA G 26 -17.08 -4.38 -55.28
CA ALA G 26 -18.17 -4.50 -56.23
C ALA G 26 -17.69 -4.99 -57.58
N VAL G 27 -16.48 -4.57 -57.96
CA VAL G 27 -15.84 -5.13 -59.15
C VAL G 27 -15.37 -6.56 -58.87
N ALA G 28 -14.92 -6.82 -57.64
CA ALA G 28 -14.59 -8.19 -57.21
C ALA G 28 -15.86 -9.06 -57.08
N ALA G 29 -16.98 -8.44 -56.72
CA ALA G 29 -18.29 -9.09 -56.78
C ALA G 29 -18.73 -9.18 -58.24
N GLY G 30 -18.20 -8.28 -59.05
CA GLY G 30 -18.46 -8.26 -60.48
C GLY G 30 -19.82 -7.66 -60.77
N ILE G 31 -20.18 -6.63 -60.01
CA ILE G 31 -21.42 -5.90 -60.23
C ILE G 31 -21.16 -4.40 -60.43
N GLY G 32 -22.12 -3.76 -61.09
CA GLY G 32 -21.99 -2.37 -61.54
C GLY G 32 -21.61 -1.34 -60.49
N PRO G 33 -21.08 -0.19 -60.95
CA PRO G 33 -20.94 1.02 -60.13
C PRO G 33 -22.30 1.57 -59.67
N ALA G 34 -22.38 2.01 -58.41
CA ALA G 34 -23.58 2.68 -57.87
C ALA G 34 -24.81 1.78 -57.81
N THR G 35 -24.70 0.59 -58.38
CA THR G 35 -25.73 -0.44 -58.27
C THR G 35 -25.77 -0.93 -56.83
N VAL G 36 -24.61 -0.95 -56.19
CA VAL G 36 -24.49 -1.42 -54.80
C VAL G 36 -25.09 -0.40 -53.82
N ASN G 37 -25.04 0.87 -54.20
CA ASN G 37 -25.51 1.96 -53.34
C ASN G 37 -27.03 1.97 -53.14
N ARG G 38 -27.76 1.45 -54.11
CA ARG G 38 -29.23 1.42 -54.04
C ARG G 38 -29.65 0.50 -52.91
N ILE G 39 -28.95 -0.62 -52.81
CA ILE G 39 -29.14 -1.61 -51.75
C ILE G 39 -28.90 -0.99 -50.38
N MET G 40 -27.90 -0.11 -50.28
CA MET G 40 -27.61 0.60 -49.03
C MET G 40 -28.83 1.33 -48.47
N LYS G 41 -29.42 2.20 -49.27
CA LYS G 41 -30.60 2.97 -48.83
C LYS G 41 -31.93 2.25 -49.15
N ALA G 42 -31.84 1.07 -49.75
CA ALA G 42 -33.01 0.25 -50.09
C ALA G 42 -33.82 0.85 -51.23
N GLU G 43 -33.16 1.61 -52.09
CA GLU G 43 -33.81 2.26 -53.22
C GLU G 43 -34.37 1.27 -54.22
N VAL G 44 -33.81 0.06 -54.22
CA VAL G 44 -34.25 -0.96 -55.15
C VAL G 44 -34.47 -2.26 -54.42
N SER G 45 -35.27 -3.10 -55.05
CA SER G 45 -35.46 -4.45 -54.60
C SER G 45 -34.45 -5.34 -55.34
N THR G 46 -33.49 -5.86 -54.60
CA THR G 46 -32.42 -6.70 -55.16
C THR G 46 -32.98 -8.01 -55.72
N THR G 47 -32.45 -8.47 -56.86
CA THR G 47 -32.81 -9.81 -57.34
C THR G 47 -31.94 -10.85 -56.64
N ILE G 48 -32.45 -12.08 -56.56
CA ILE G 48 -31.70 -13.20 -55.93
C ILE G 48 -30.47 -13.63 -56.74
N GLY G 49 -30.50 -13.39 -58.04
CA GLY G 49 -29.35 -13.63 -58.89
C GLY G 49 -28.24 -12.63 -58.62
N VAL G 50 -28.58 -11.36 -58.59
CA VAL G 50 -27.58 -10.33 -58.25
C VAL G 50 -27.21 -10.46 -56.77
N LEU G 51 -28.14 -10.93 -55.93
CA LEU G 51 -27.84 -11.12 -54.50
C LEU G 51 -26.91 -12.32 -54.33
N SER G 52 -27.11 -13.33 -55.18
CA SER G 52 -26.18 -14.45 -55.31
C SER G 52 -24.87 -13.96 -55.89
N SER G 53 -24.94 -12.95 -56.77
CA SER G 53 -23.74 -12.32 -57.35
C SER G 53 -22.91 -11.49 -56.37
N LEU G 54 -23.53 -11.03 -55.30
CA LEU G 54 -22.86 -10.21 -54.27
C LEU G 54 -22.42 -11.02 -53.06
N ALA G 55 -23.16 -12.08 -52.74
CA ALA G 55 -22.97 -12.79 -51.48
C ALA G 55 -21.69 -13.62 -51.38
N ARG G 56 -21.14 -14.05 -52.53
CA ARG G 56 -19.99 -14.96 -52.52
C ARG G 56 -18.72 -14.21 -52.10
N ALA G 57 -18.71 -12.89 -52.27
CA ALA G 57 -17.54 -12.05 -51.98
C ALA G 57 -16.97 -12.22 -50.58
N PHE G 58 -17.82 -12.62 -49.64
CA PHE G 58 -17.37 -12.90 -48.28
C PHE G 58 -17.46 -14.39 -47.97
N GLY G 59 -17.70 -15.21 -49.00
CA GLY G 59 -17.81 -16.67 -48.85
C GLY G 59 -19.14 -17.09 -48.29
N HIS G 60 -20.10 -16.15 -48.30
CA HIS G 60 -21.43 -16.36 -47.73
C HIS G 60 -22.43 -16.73 -48.81
N GLU G 61 -23.50 -17.36 -48.36
CA GLU G 61 -24.60 -17.72 -49.23
C GLU G 61 -25.65 -16.62 -49.19
N ALA G 62 -26.30 -16.43 -50.34
CA ALA G 62 -27.29 -15.37 -50.55
C ALA G 62 -28.33 -15.23 -49.43
N TYR G 63 -28.77 -16.35 -48.88
CA TYR G 63 -29.85 -16.35 -47.90
C TYR G 63 -29.50 -15.67 -46.59
N GLU G 64 -28.23 -15.69 -46.20
CA GLU G 64 -27.81 -15.14 -44.89
C GLU G 64 -27.97 -13.62 -44.76
N MET G 65 -28.14 -12.91 -45.88
CA MET G 65 -28.44 -11.49 -45.84
C MET G 65 -29.92 -11.27 -45.60
N ILE G 66 -30.73 -12.14 -46.20
CA ILE G 66 -32.18 -12.01 -46.18
C ILE G 66 -32.76 -12.52 -44.86
N ILE G 67 -32.00 -13.30 -44.09
CA ILE G 67 -32.54 -13.83 -42.86
C ILE G 67 -32.81 -12.68 -41.90
N PRO G 68 -34.01 -12.64 -41.29
CA PRO G 68 -34.25 -11.62 -40.25
C PRO G 68 -33.51 -11.96 -38.95
N VAL G 69 -32.20 -11.66 -38.96
CA VAL G 69 -31.29 -11.98 -37.86
C VAL G 69 -31.83 -11.57 -36.49
N GLY G 70 -32.17 -10.31 -36.35
CA GLY G 70 -32.63 -9.81 -35.07
C GLY G 70 -33.83 -10.54 -34.46
N ALA G 71 -34.68 -11.11 -35.30
CA ALA G 71 -35.94 -11.71 -34.84
C ALA G 71 -35.76 -12.70 -33.68
N PRO G 72 -36.74 -12.77 -32.76
CA PRO G 72 -36.55 -13.50 -31.49
C PRO G 72 -36.27 -14.99 -31.64
N GLY G 73 -37.02 -15.66 -32.52
CA GLY G 73 -36.81 -17.09 -32.76
C GLY G 73 -35.60 -17.44 -33.63
N ILE G 74 -34.75 -16.44 -33.92
CA ILE G 74 -33.58 -16.62 -34.78
C ILE G 74 -32.31 -16.60 -33.95
N ILE G 75 -31.51 -17.66 -34.05
CA ILE G 75 -30.17 -17.66 -33.48
C ILE G 75 -29.25 -16.97 -34.47
N ASP G 76 -28.72 -15.81 -34.06
CA ASP G 76 -27.73 -15.11 -34.85
C ASP G 76 -26.39 -15.74 -34.55
N TYR G 77 -25.90 -16.55 -35.48
CA TYR G 77 -24.60 -17.19 -35.33
C TYR G 77 -23.93 -17.17 -36.70
N ASP G 78 -22.72 -17.71 -36.80
CA ASP G 78 -21.99 -17.65 -38.07
C ASP G 78 -22.13 -18.96 -38.87
N HIS G 79 -22.95 -18.88 -39.91
CA HIS G 79 -23.29 -20.03 -40.75
C HIS G 79 -22.11 -20.63 -41.50
N ARG G 80 -21.10 -19.81 -41.81
CA ARG G 80 -19.87 -20.30 -42.40
C ARG G 80 -19.20 -21.28 -41.44
N MET G 81 -18.92 -20.82 -40.23
CA MET G 81 -18.22 -21.64 -39.24
C MET G 81 -19.01 -22.90 -38.89
N TYR G 82 -20.32 -22.77 -38.77
CA TYR G 82 -21.18 -23.90 -38.46
C TYR G 82 -21.08 -24.94 -39.57
N ALA G 83 -21.15 -24.50 -40.82
CA ALA G 83 -21.03 -25.42 -41.95
C ALA G 83 -19.73 -26.23 -41.89
N ALA G 84 -18.65 -25.57 -41.46
CA ALA G 84 -17.34 -26.20 -41.39
C ALA G 84 -17.22 -27.18 -40.21
N LEU G 85 -18.14 -27.12 -39.25
CA LEU G 85 -18.11 -28.05 -38.13
C LEU G 85 -18.35 -29.48 -38.64
N PRO G 86 -17.64 -30.46 -38.05
CA PRO G 86 -17.98 -31.84 -38.30
C PRO G 86 -19.41 -32.17 -37.87
N GLN G 87 -20.08 -32.99 -38.68
CA GLN G 87 -21.49 -33.34 -38.47
C GLN G 87 -21.82 -33.73 -37.03
N GLU G 88 -20.87 -34.36 -36.37
CA GLU G 88 -21.00 -34.80 -34.98
C GLU G 88 -21.12 -33.61 -34.03
N GLU G 89 -20.26 -32.63 -34.26
CA GLU G 89 -20.17 -31.48 -33.37
C GLU G 89 -21.43 -30.61 -33.44
N LYS G 90 -22.03 -30.52 -34.62
CA LYS G 90 -23.32 -29.86 -34.80
C LYS G 90 -24.45 -30.56 -34.04
N ASN G 91 -24.35 -31.88 -33.90
CA ASN G 91 -25.39 -32.67 -33.26
C ASN G 91 -25.46 -32.38 -31.77
N LYS G 92 -24.33 -32.13 -31.14
CA LYS G 92 -24.36 -31.72 -29.74
C LYS G 92 -25.23 -30.48 -29.63
N ILE G 93 -24.90 -29.47 -30.44
CA ILE G 93 -25.66 -28.22 -30.43
C ILE G 93 -27.15 -28.50 -30.57
N THR G 94 -27.53 -29.23 -31.62
CA THR G 94 -28.91 -29.67 -31.84
C THR G 94 -29.54 -30.23 -30.57
N SER G 95 -28.84 -31.17 -29.96
CA SER G 95 -29.32 -31.88 -28.79
C SER G 95 -29.24 -31.01 -27.54
N PHE G 96 -28.32 -30.07 -27.49
CA PHE G 96 -28.20 -29.19 -26.34
C PHE G 96 -29.38 -28.27 -26.17
N ILE G 97 -29.81 -27.64 -27.28
CA ILE G 97 -30.91 -26.69 -27.26
C ILE G 97 -32.19 -27.42 -26.85
N ASN G 98 -32.33 -28.66 -27.34
CA ASN G 98 -33.46 -29.54 -27.00
C ASN G 98 -33.57 -29.85 -25.52
N PHE G 99 -32.45 -29.71 -24.80
CA PHE G 99 -32.45 -29.85 -23.34
C PHE G 99 -32.67 -28.50 -22.64
N VAL G 100 -32.25 -27.41 -23.28
CA VAL G 100 -32.45 -26.06 -22.75
C VAL G 100 -33.94 -25.71 -22.68
N PHE G 101 -34.76 -26.40 -23.47
CA PHE G 101 -36.21 -26.16 -23.47
C PHE G 101 -36.93 -26.56 -22.17
N GLU G 102 -36.66 -27.74 -21.63
CA GLU G 102 -37.52 -28.31 -20.56
C GLU G 102 -37.32 -27.74 -19.14
N GLN G 103 -36.70 -26.58 -19.03
CA GLN G 103 -36.88 -25.74 -17.84
C GLN G 103 -38.36 -25.29 -17.80
N ASN G 104 -38.93 -25.10 -19.00
CA ASN G 104 -40.35 -24.77 -19.17
C ASN G 104 -41.30 -25.73 -18.45
N LYS G 105 -41.02 -27.03 -18.54
CA LYS G 105 -41.87 -28.07 -17.95
C LYS G 105 -41.00 -29.09 -17.20
N VAL H 1 -29.53 -23.46 -57.44
CA VAL H 1 -29.09 -22.04 -57.31
C VAL H 1 -30.31 -21.11 -57.41
N GLU H 2 -30.61 -20.52 -58.57
CA GLU H 2 -31.89 -19.81 -58.79
C GLU H 2 -33.01 -20.81 -59.10
N LYS H 3 -32.64 -22.02 -59.52
CA LYS H 3 -33.56 -23.16 -59.62
C LYS H 3 -34.03 -23.65 -58.25
N GLN H 4 -33.30 -23.26 -57.19
CA GLN H 4 -33.63 -23.63 -55.82
C GLN H 4 -34.94 -22.99 -55.38
N ALA H 5 -35.17 -21.75 -55.80
CA ALA H 5 -36.45 -21.06 -55.54
C ALA H 5 -37.60 -21.77 -56.25
N ALA H 6 -37.31 -22.28 -57.44
CA ALA H 6 -38.29 -23.07 -58.18
C ALA H 6 -38.59 -24.36 -57.43
N ALA H 7 -37.54 -25.10 -57.08
CA ALA H 7 -37.70 -26.41 -56.48
C ALA H 7 -38.36 -26.35 -55.11
N THR H 8 -37.98 -25.36 -54.31
CA THR H 8 -38.65 -25.12 -53.03
C THR H 8 -40.11 -24.83 -53.31
N LEU H 9 -40.37 -23.83 -54.15
CA LEU H 9 -41.76 -23.44 -54.42
C LEU H 9 -42.57 -24.63 -54.94
N ASN H 10 -42.03 -25.39 -55.88
CA ASN H 10 -42.72 -26.57 -56.44
C ASN H 10 -43.05 -27.59 -55.39
N ALA H 11 -42.07 -27.91 -54.54
CA ALA H 11 -42.26 -28.84 -53.45
C ALA H 11 -43.37 -28.33 -52.56
N TRP H 12 -43.31 -27.04 -52.23
CA TRP H 12 -44.35 -26.38 -51.43
C TRP H 12 -45.68 -26.36 -52.17
N MET H 13 -45.64 -26.40 -53.49
CA MET H 13 -46.87 -26.55 -54.23
C MET H 13 -47.35 -28.01 -54.31
N ARG H 14 -46.45 -28.98 -54.38
CA ARG H 14 -46.87 -30.38 -54.29
C ARG H 14 -47.37 -30.71 -52.87
N LYS H 15 -46.73 -30.12 -51.86
CA LYS H 15 -47.26 -30.11 -50.50
C LYS H 15 -48.28 -28.97 -50.44
N ASP H 16 -48.85 -28.71 -49.27
CA ASP H 16 -49.88 -27.67 -49.10
C ASP H 16 -51.26 -28.23 -49.47
N THR H 17 -52.30 -27.70 -48.81
CA THR H 17 -53.67 -28.16 -49.03
C THR H 17 -54.44 -27.39 -50.12
N GLU H 18 -54.01 -26.14 -50.42
CA GLU H 18 -54.47 -25.41 -51.63
C GLU H 18 -54.28 -26.28 -52.89
N MET H 19 -54.71 -25.78 -54.04
CA MET H 19 -54.59 -26.53 -55.28
C MET H 19 -53.17 -26.40 -55.84
N THR H 20 -52.80 -27.38 -56.66
CA THR H 20 -51.53 -27.39 -57.42
C THR H 20 -51.31 -26.17 -58.34
N SER H 21 -52.36 -25.36 -58.57
CA SER H 21 -52.28 -24.24 -59.52
C SER H 21 -51.35 -23.08 -59.14
N GLU H 22 -50.78 -22.46 -60.17
CA GLU H 22 -50.05 -21.20 -60.05
C GLU H 22 -51.03 -20.04 -59.81
N LYS H 23 -52.29 -20.27 -60.16
CA LYS H 23 -53.39 -19.35 -59.92
C LYS H 23 -53.64 -19.14 -58.43
N LYS H 24 -53.74 -20.21 -57.66
CA LYS H 24 -54.09 -20.08 -56.22
C LYS H 24 -52.96 -19.38 -55.47
N VAL H 25 -51.73 -19.66 -55.88
CA VAL H 25 -50.54 -19.06 -55.28
C VAL H 25 -50.50 -17.57 -55.59
N ALA H 26 -50.56 -17.25 -56.88
CA ALA H 26 -50.52 -15.85 -57.32
C ALA H 26 -51.53 -14.98 -56.57
N VAL H 27 -52.76 -15.47 -56.47
CA VAL H 27 -53.83 -14.74 -55.83
C VAL H 27 -53.51 -14.45 -54.36
N ALA H 28 -53.09 -15.50 -53.64
CA ALA H 28 -52.80 -15.38 -52.22
C ALA H 28 -51.52 -14.59 -52.02
N ALA H 29 -50.56 -14.77 -52.93
CA ALA H 29 -49.29 -14.03 -52.93
C ALA H 29 -49.51 -12.58 -53.33
N GLY H 30 -50.51 -12.33 -54.17
CA GLY H 30 -50.77 -10.99 -54.68
C GLY H 30 -49.82 -10.58 -55.78
N ILE H 31 -49.22 -11.56 -56.46
CA ILE H 31 -48.40 -11.33 -57.64
C ILE H 31 -49.00 -12.10 -58.81
N GLY H 32 -48.59 -11.81 -60.04
CA GLY H 32 -49.27 -12.34 -61.22
C GLY H 32 -49.01 -13.82 -61.48
N PRO H 33 -50.02 -14.54 -61.99
CA PRO H 33 -49.87 -15.96 -62.34
C PRO H 33 -48.85 -16.24 -63.46
N ALA H 34 -48.58 -15.23 -64.29
CA ALA H 34 -47.55 -15.35 -65.33
C ALA H 34 -46.14 -15.28 -64.73
N THR H 35 -45.93 -14.38 -63.76
CA THR H 35 -44.62 -14.22 -63.10
C THR H 35 -44.21 -15.47 -62.31
N VAL H 36 -45.12 -15.97 -61.48
CA VAL H 36 -44.90 -17.21 -60.75
C VAL H 36 -44.37 -18.26 -61.74
N ASN H 37 -45.05 -18.39 -62.88
CA ASN H 37 -44.62 -19.33 -63.93
C ASN H 37 -43.17 -19.10 -64.38
N ARG H 38 -42.79 -17.84 -64.53
CA ARG H 38 -41.42 -17.48 -64.93
C ARG H 38 -40.39 -17.86 -63.86
N ILE H 39 -40.86 -18.07 -62.62
CA ILE H 39 -40.02 -18.44 -61.48
C ILE H 39 -39.84 -19.97 -61.32
N MET H 40 -40.90 -20.73 -61.60
CA MET H 40 -40.86 -22.20 -61.43
C MET H 40 -40.04 -22.90 -62.51
N LYS H 41 -39.93 -22.29 -63.69
CA LYS H 41 -39.05 -22.80 -64.73
C LYS H 41 -37.66 -22.20 -64.63
N ALA H 42 -37.40 -21.48 -63.53
CA ALA H 42 -36.10 -20.86 -63.26
C ALA H 42 -35.59 -19.96 -64.39
N GLU H 43 -36.52 -19.36 -65.13
CA GLU H 43 -36.16 -18.58 -66.31
C GLU H 43 -35.63 -17.20 -65.93
N VAL H 44 -36.33 -16.52 -65.02
CA VAL H 44 -35.88 -15.21 -64.52
C VAL H 44 -35.34 -15.29 -63.09
N SER H 45 -34.37 -14.42 -62.80
CA SER H 45 -33.82 -14.26 -61.46
C SER H 45 -34.67 -13.24 -60.71
N THR H 46 -35.48 -13.72 -59.77
CA THR H 46 -36.53 -12.90 -59.17
C THR H 46 -36.02 -11.95 -58.10
N THR H 47 -36.75 -10.86 -57.94
CA THR H 47 -36.53 -9.87 -56.89
C THR H 47 -36.72 -10.49 -55.50
N ILE H 48 -35.97 -10.01 -54.51
CA ILE H 48 -36.15 -10.48 -53.12
C ILE H 48 -37.52 -10.04 -52.56
N GLY H 49 -37.87 -8.78 -52.75
CA GLY H 49 -39.21 -8.32 -52.41
C GLY H 49 -40.25 -9.31 -52.86
N VAL H 50 -40.26 -9.62 -54.16
CA VAL H 50 -41.23 -10.57 -54.73
C VAL H 50 -41.02 -11.90 -54.05
N LEU H 51 -39.76 -12.29 -53.89
CA LEU H 51 -39.44 -13.52 -53.16
C LEU H 51 -40.14 -13.53 -51.81
N SER H 52 -40.02 -12.43 -51.06
CA SER H 52 -40.65 -12.38 -49.74
C SER H 52 -42.13 -12.67 -49.88
N SER H 53 -42.80 -11.93 -50.75
CA SER H 53 -44.22 -12.13 -50.97
C SER H 53 -44.54 -13.61 -51.25
N LEU H 54 -43.74 -14.25 -52.10
CA LEU H 54 -43.93 -15.68 -52.40
C LEU H 54 -43.84 -16.56 -51.16
N ALA H 55 -42.80 -16.36 -50.37
CA ALA H 55 -42.59 -17.18 -49.17
C ALA H 55 -43.73 -17.02 -48.15
N ARG H 56 -44.18 -15.78 -47.96
CA ARG H 56 -45.23 -15.48 -46.98
C ARG H 56 -46.63 -16.04 -47.34
N ALA H 57 -46.87 -16.35 -48.61
CA ALA H 57 -48.12 -17.04 -48.99
C ALA H 57 -48.28 -18.38 -48.25
N PHE H 58 -47.17 -19.07 -48.00
CA PHE H 58 -47.17 -20.39 -47.36
C PHE H 58 -46.90 -20.31 -45.88
N GLY H 59 -46.56 -19.12 -45.37
CA GLY H 59 -46.27 -18.92 -43.96
C GLY H 59 -44.78 -18.83 -43.66
N HIS H 60 -43.96 -18.81 -44.71
CA HIS H 60 -42.51 -18.76 -44.58
C HIS H 60 -41.94 -17.40 -45.01
N GLU H 61 -40.67 -17.17 -44.68
CA GLU H 61 -39.92 -15.97 -45.11
C GLU H 61 -39.04 -16.25 -46.32
N ALA H 62 -38.53 -15.20 -46.95
CA ALA H 62 -37.80 -15.31 -48.25
C ALA H 62 -36.53 -16.19 -48.26
N TYR H 63 -35.66 -16.01 -47.25
CA TYR H 63 -34.37 -16.72 -47.19
C TYR H 63 -34.51 -18.22 -47.30
N GLU H 64 -35.64 -18.73 -46.83
CA GLU H 64 -35.92 -20.15 -46.83
C GLU H 64 -36.08 -20.75 -48.23
N MET H 65 -36.37 -19.89 -49.21
CA MET H 65 -36.63 -20.38 -50.56
C MET H 65 -35.37 -20.43 -51.42
N ILE H 66 -34.26 -19.92 -50.87
CA ILE H 66 -32.99 -19.92 -51.60
C ILE H 66 -31.85 -20.63 -50.83
N ILE H 67 -32.21 -21.40 -49.81
CA ILE H 67 -31.20 -22.13 -49.02
C ILE H 67 -30.48 -23.18 -49.88
N PRO H 68 -29.14 -23.23 -49.82
CA PRO H 68 -28.43 -24.23 -50.62
C PRO H 68 -28.66 -25.64 -50.15
N VAL H 69 -28.47 -26.59 -51.07
CA VAL H 69 -28.79 -28.00 -50.83
C VAL H 69 -28.01 -28.53 -49.63
N GLY H 70 -28.71 -29.29 -48.77
CA GLY H 70 -28.07 -29.87 -47.60
C GLY H 70 -28.15 -28.98 -46.38
N ALA H 71 -28.31 -27.68 -46.58
CA ALA H 71 -28.46 -26.74 -45.47
C ALA H 71 -27.28 -26.80 -44.50
N PRO H 72 -26.05 -26.84 -45.05
CA PRO H 72 -24.84 -27.06 -44.25
C PRO H 72 -24.63 -26.03 -43.15
N GLY H 73 -25.10 -24.79 -43.36
CA GLY H 73 -24.97 -23.72 -42.36
C GLY H 73 -26.16 -23.51 -41.43
N ILE H 74 -27.15 -24.41 -41.45
CA ILE H 74 -28.43 -24.21 -40.75
C ILE H 74 -28.60 -25.15 -39.57
N ILE H 75 -28.77 -24.60 -38.38
CA ILE H 75 -29.18 -25.37 -37.20
C ILE H 75 -30.69 -25.55 -37.24
N ASP H 76 -31.14 -26.80 -37.29
CA ASP H 76 -32.57 -27.10 -37.22
C ASP H 76 -33.02 -27.02 -35.74
N TYR H 77 -34.09 -26.26 -35.48
CA TYR H 77 -34.72 -26.19 -34.15
C TYR H 77 -36.08 -25.47 -34.27
N ASP H 78 -37.00 -25.72 -33.33
CA ASP H 78 -38.29 -25.01 -33.32
C ASP H 78 -38.08 -23.56 -32.89
N HIS H 79 -38.34 -22.63 -33.81
CA HIS H 79 -38.01 -21.22 -33.59
C HIS H 79 -38.93 -20.60 -32.55
N ARG H 80 -40.16 -21.11 -32.49
CA ARG H 80 -41.19 -20.56 -31.61
C ARG H 80 -40.86 -20.76 -30.13
N MET H 81 -40.41 -21.97 -29.80
CA MET H 81 -39.97 -22.28 -28.44
C MET H 81 -38.70 -21.51 -28.11
N TYR H 82 -37.91 -21.17 -29.13
CA TYR H 82 -36.75 -20.29 -28.92
C TYR H 82 -37.21 -18.86 -28.61
N ALA H 83 -38.24 -18.39 -29.30
CA ALA H 83 -38.81 -17.09 -28.99
C ALA H 83 -39.36 -17.06 -27.56
N ALA H 84 -39.84 -18.20 -27.07
CA ALA H 84 -40.35 -18.32 -25.69
C ALA H 84 -39.28 -18.17 -24.58
N LEU H 85 -38.02 -18.45 -24.91
CA LEU H 85 -36.96 -18.49 -23.89
C LEU H 85 -36.65 -17.12 -23.25
N PRO H 86 -36.21 -17.13 -21.97
CA PRO H 86 -35.81 -15.90 -21.28
C PRO H 86 -34.69 -15.09 -21.95
N GLN H 87 -34.87 -13.78 -21.95
CA GLN H 87 -34.01 -12.82 -22.66
C GLN H 87 -32.57 -12.94 -22.17
N GLU H 88 -32.47 -13.19 -20.87
CA GLU H 88 -31.21 -13.30 -20.17
C GLU H 88 -30.56 -14.67 -20.44
N GLU H 89 -31.32 -15.74 -20.26
CA GLU H 89 -30.79 -17.10 -20.38
C GLU H 89 -30.70 -17.63 -21.80
N LYS H 90 -31.01 -16.80 -22.78
CA LYS H 90 -30.76 -17.14 -24.18
C LYS H 90 -29.25 -17.27 -24.45
N ASN H 91 -28.45 -16.58 -23.64
CA ASN H 91 -26.99 -16.65 -23.78
C ASN H 91 -26.40 -18.05 -23.54
N LYS H 92 -27.16 -18.93 -22.89
CA LYS H 92 -26.73 -20.32 -22.65
C LYS H 92 -26.50 -21.08 -23.96
N ILE H 93 -27.57 -21.24 -24.73
CA ILE H 93 -27.46 -21.81 -26.07
C ILE H 93 -26.43 -21.04 -26.93
N THR H 94 -26.37 -19.72 -26.80
CA THR H 94 -25.47 -18.91 -27.65
C THR H 94 -24.00 -19.08 -27.26
N SER H 95 -23.73 -19.44 -26.01
CA SER H 95 -22.37 -19.73 -25.57
C SER H 95 -21.96 -21.17 -25.94
N PHE H 96 -22.90 -22.11 -25.78
CA PHE H 96 -22.68 -23.49 -26.20
C PHE H 96 -22.18 -23.49 -27.63
N ILE H 97 -22.95 -22.94 -28.56
CA ILE H 97 -22.48 -22.82 -29.95
C ILE H 97 -21.10 -22.17 -29.92
N ASN H 98 -20.94 -21.07 -29.18
CA ASN H 98 -19.68 -20.31 -29.14
C ASN H 98 -18.39 -21.09 -28.84
N PHE H 99 -18.49 -22.32 -28.33
CA PHE H 99 -17.35 -23.23 -28.43
C PHE H 99 -16.97 -23.29 -29.90
N VAL H 100 -17.99 -23.50 -30.74
CA VAL H 100 -17.84 -23.57 -32.19
C VAL H 100 -16.56 -24.30 -32.60
N PHE H 101 -15.57 -23.53 -33.05
CA PHE H 101 -14.34 -24.07 -33.61
C PHE H 101 -13.39 -24.54 -32.51
N GLU H 102 -13.33 -23.74 -31.45
CA GLU H 102 -12.52 -24.07 -30.28
C GLU H 102 -13.15 -25.24 -29.50
N VAL I 1 -91.40 -38.89 -82.31
CA VAL I 1 -90.56 -39.24 -83.50
C VAL I 1 -90.89 -38.33 -84.67
N GLU I 2 -92.15 -38.35 -85.07
CA GLU I 2 -92.67 -37.60 -86.22
C GLU I 2 -93.33 -36.31 -85.76
N LYS I 3 -94.03 -36.38 -84.63
CA LYS I 3 -94.65 -35.22 -83.99
C LYS I 3 -93.65 -34.48 -83.10
N GLN I 4 -92.38 -34.88 -83.18
CA GLN I 4 -91.30 -34.31 -82.36
C GLN I 4 -91.21 -32.79 -82.52
N ALA I 5 -91.47 -32.30 -83.73
CA ALA I 5 -91.50 -30.87 -84.01
C ALA I 5 -92.59 -30.12 -83.25
N ALA I 6 -93.71 -30.80 -82.96
CA ALA I 6 -94.81 -30.20 -82.17
C ALA I 6 -94.41 -29.95 -80.71
N ALA I 7 -93.73 -30.92 -80.11
CA ALA I 7 -93.20 -30.79 -78.75
C ALA I 7 -92.01 -29.83 -78.70
N THR I 8 -91.11 -29.97 -79.68
CA THR I 8 -89.93 -29.11 -79.80
C THR I 8 -90.28 -27.63 -79.79
N LEU I 9 -91.40 -27.27 -80.42
CA LEU I 9 -91.93 -25.90 -80.36
C LEU I 9 -92.43 -25.59 -78.96
N ASN I 10 -93.15 -26.54 -78.36
CA ASN I 10 -93.58 -26.40 -76.96
C ASN I 10 -92.41 -26.37 -76.00
N ALA I 11 -91.28 -26.97 -76.39
CA ALA I 11 -90.06 -26.95 -75.59
C ALA I 11 -89.32 -25.60 -75.62
N TRP I 12 -89.68 -24.74 -76.58
CA TRP I 12 -89.02 -23.44 -76.73
C TRP I 12 -89.48 -22.35 -75.77
N MET I 13 -90.45 -22.63 -74.91
CA MET I 13 -90.99 -21.60 -74.01
C MET I 13 -90.04 -21.19 -72.87
N ARG I 14 -88.93 -21.92 -72.68
CA ARG I 14 -87.89 -21.54 -71.71
C ARG I 14 -86.87 -20.53 -72.27
N LYS I 15 -86.92 -20.22 -73.57
CA LYS I 15 -85.94 -19.34 -74.23
C LYS I 15 -85.95 -17.89 -73.74
N ASP I 16 -87.13 -17.27 -73.77
CA ASP I 16 -87.37 -15.92 -73.20
C ASP I 16 -86.39 -14.79 -73.60
N THR I 17 -85.66 -14.97 -74.71
CA THR I 17 -84.57 -14.06 -75.06
C THR I 17 -85.02 -12.69 -75.58
N GLU I 18 -86.01 -12.69 -76.46
CA GLU I 18 -86.52 -11.45 -77.06
C GLU I 18 -87.26 -10.57 -76.05
N MET I 19 -88.21 -11.17 -75.33
CA MET I 19 -89.15 -10.40 -74.51
C MET I 19 -89.25 -10.99 -73.10
N THR I 20 -88.83 -10.20 -72.11
CA THR I 20 -88.55 -10.68 -70.76
C THR I 20 -89.76 -10.79 -69.82
N SER I 21 -90.86 -10.13 -70.16
CA SER I 21 -92.07 -10.13 -69.34
C SER I 21 -93.27 -10.67 -70.10
N GLU I 22 -94.41 -10.81 -69.42
CA GLU I 22 -95.63 -11.33 -70.06
C GLU I 22 -96.09 -10.39 -71.17
N LYS I 23 -96.35 -10.99 -72.32
CA LYS I 23 -96.65 -10.28 -73.55
C LYS I 23 -97.45 -11.20 -74.45
N LYS I 24 -97.89 -10.69 -75.60
CA LYS I 24 -98.71 -11.44 -76.57
C LYS I 24 -98.30 -12.92 -76.61
N VAL I 25 -97.70 -13.37 -77.72
CA VAL I 25 -97.02 -14.66 -77.77
C VAL I 25 -95.89 -14.58 -78.81
N ALA I 26 -96.26 -14.64 -80.08
CA ALA I 26 -95.31 -14.63 -81.19
C ALA I 26 -96.08 -14.39 -82.48
N VAL I 27 -95.88 -13.21 -83.07
CA VAL I 27 -96.57 -12.79 -84.30
C VAL I 27 -95.61 -12.85 -85.50
N ALA I 28 -94.52 -13.61 -85.35
CA ALA I 28 -93.40 -13.57 -86.28
C ALA I 28 -93.70 -14.29 -87.59
N ALA I 29 -94.21 -15.50 -87.50
CA ALA I 29 -94.48 -16.31 -88.68
C ALA I 29 -95.70 -15.82 -89.46
N GLY I 30 -96.63 -15.17 -88.76
CA GLY I 30 -97.92 -14.84 -89.34
C GLY I 30 -98.73 -16.11 -89.48
N ILE I 31 -98.65 -16.94 -88.46
CA ILE I 31 -99.41 -18.18 -88.38
C ILE I 31 -100.65 -17.94 -87.54
N GLY I 32 -101.49 -18.96 -87.39
CA GLY I 32 -102.77 -18.83 -86.70
C GLY I 32 -102.67 -18.28 -85.28
N PRO I 33 -103.73 -17.60 -84.81
CA PRO I 33 -103.77 -17.17 -83.42
C PRO I 33 -104.11 -18.34 -82.49
N ALA I 34 -104.88 -19.29 -83.00
CA ALA I 34 -105.22 -20.50 -82.26
C ALA I 34 -103.98 -21.36 -82.04
N THR I 35 -102.95 -21.16 -82.88
CA THR I 35 -101.67 -21.85 -82.72
C THR I 35 -101.23 -21.94 -81.26
N VAL I 36 -101.52 -20.92 -80.46
CA VAL I 36 -101.28 -20.97 -79.00
C VAL I 36 -101.95 -22.17 -78.33
N ASN I 37 -103.22 -22.39 -78.66
CA ASN I 37 -103.94 -23.58 -78.21
C ASN I 37 -103.27 -24.80 -78.82
N ARG I 38 -102.87 -24.64 -80.08
CA ARG I 38 -102.29 -25.71 -80.87
C ARG I 38 -100.85 -26.04 -80.46
N ILE I 39 -99.98 -25.02 -80.37
CA ILE I 39 -98.51 -25.20 -80.30
C ILE I 39 -98.05 -26.39 -79.48
N MET I 40 -98.70 -26.63 -78.34
CA MET I 40 -98.24 -27.63 -77.39
C MET I 40 -98.20 -28.98 -78.10
N LYS I 41 -99.34 -29.35 -78.67
CA LYS I 41 -99.56 -30.65 -79.32
C LYS I 41 -101.03 -30.75 -79.73
N ALA I 42 -101.44 -31.91 -80.24
CA ALA I 42 -102.83 -32.14 -80.63
C ALA I 42 -103.26 -31.01 -81.55
N GLU I 43 -102.46 -30.81 -82.59
CA GLU I 43 -102.33 -29.52 -83.26
C GLU I 43 -103.03 -29.50 -84.62
N VAL I 44 -102.36 -30.14 -85.56
CA VAL I 44 -102.55 -30.02 -87.00
C VAL I 44 -101.37 -30.85 -87.49
N SER I 45 -101.48 -31.45 -88.67
CA SER I 45 -100.29 -31.99 -89.33
C SER I 45 -99.73 -30.82 -90.16
N THR I 46 -98.75 -30.13 -89.58
CA THR I 46 -98.26 -28.85 -90.10
C THR I 46 -97.65 -28.99 -91.49
N THR I 47 -97.62 -27.87 -92.20
CA THR I 47 -96.98 -27.84 -93.50
C THR I 47 -95.48 -27.61 -93.33
N ILE I 48 -94.75 -27.74 -94.43
CA ILE I 48 -93.34 -27.39 -94.47
C ILE I 48 -93.26 -25.87 -94.43
N GLY I 49 -94.17 -25.23 -95.14
CA GLY I 49 -94.28 -23.78 -95.13
C GLY I 49 -94.40 -23.21 -93.72
N VAL I 50 -95.27 -23.81 -92.91
CA VAL I 50 -95.47 -23.34 -91.53
C VAL I 50 -94.15 -23.33 -90.75
N LEU I 51 -93.57 -24.51 -90.50
CA LEU I 51 -92.40 -24.61 -89.64
C LEU I 51 -91.22 -23.80 -90.17
N SER I 52 -91.08 -23.73 -91.50
CA SER I 52 -89.97 -23.02 -92.13
C SER I 52 -89.97 -21.53 -91.84
N SER I 53 -91.14 -20.91 -91.77
CA SER I 53 -91.25 -19.47 -91.49
C SER I 53 -91.21 -19.13 -89.99
N LEU I 54 -91.63 -20.07 -89.14
CA LEU I 54 -91.43 -19.96 -87.68
C LEU I 54 -89.95 -20.14 -87.32
N ALA I 55 -89.34 -21.17 -87.92
CA ALA I 55 -87.93 -21.42 -87.76
C ALA I 55 -87.10 -20.26 -88.31
N ARG I 56 -87.48 -19.72 -89.47
CA ARG I 56 -86.78 -18.56 -90.05
C ARG I 56 -86.70 -17.38 -89.09
N ALA I 57 -87.78 -17.14 -88.36
CA ALA I 57 -87.88 -16.01 -87.43
C ALA I 57 -86.85 -16.10 -86.31
N PHE I 58 -86.74 -17.27 -85.70
CA PHE I 58 -85.85 -17.49 -84.56
C PHE I 58 -84.38 -17.72 -84.95
N GLY I 59 -84.14 -18.04 -86.23
CA GLY I 59 -82.79 -18.36 -86.72
C GLY I 59 -82.52 -19.84 -86.90
N HIS I 60 -83.59 -20.64 -86.88
CA HIS I 60 -83.52 -22.08 -87.10
C HIS I 60 -83.92 -22.39 -88.54
N GLU I 61 -83.85 -23.67 -88.95
CA GLU I 61 -84.35 -24.06 -90.28
C GLU I 61 -85.28 -25.28 -90.19
N ALA I 62 -85.73 -25.76 -91.35
CA ALA I 62 -86.80 -26.77 -91.43
C ALA I 62 -86.46 -28.15 -90.84
N TYR I 63 -85.43 -28.79 -91.38
CA TYR I 63 -85.01 -30.16 -90.98
C TYR I 63 -84.76 -30.42 -89.48
N GLU I 64 -84.33 -29.40 -88.75
CA GLU I 64 -83.91 -29.53 -87.36
C GLU I 64 -85.07 -29.75 -86.37
N MET I 65 -86.28 -29.44 -86.82
CA MET I 65 -87.47 -29.51 -85.96
C MET I 65 -87.91 -30.96 -85.80
N ILE I 66 -87.78 -31.71 -86.88
CA ILE I 66 -88.39 -33.02 -86.99
C ILE I 66 -87.38 -34.16 -86.86
N ILE I 67 -86.12 -33.83 -86.53
CA ILE I 67 -85.14 -34.85 -86.15
C ILE I 67 -85.56 -35.42 -84.78
N PRO I 68 -85.35 -36.73 -84.57
CA PRO I 68 -85.80 -37.33 -83.32
C PRO I 68 -84.95 -36.90 -82.12
N VAL I 69 -85.58 -36.70 -80.97
CA VAL I 69 -84.83 -36.48 -79.74
C VAL I 69 -84.50 -37.82 -79.09
N GLY I 70 -85.43 -38.77 -79.20
CA GLY I 70 -85.31 -40.07 -78.52
C GLY I 70 -84.65 -41.17 -79.33
N ALA I 71 -84.66 -41.06 -80.66
CA ALA I 71 -84.17 -42.13 -81.52
C ALA I 71 -82.75 -42.54 -81.16
N PRO I 72 -82.44 -43.85 -81.24
CA PRO I 72 -81.08 -44.29 -80.95
C PRO I 72 -80.07 -43.64 -81.91
N GLY I 73 -80.29 -43.83 -83.20
CA GLY I 73 -79.36 -43.36 -84.22
C GLY I 73 -79.60 -41.93 -84.64
N ILE I 74 -79.38 -41.00 -83.72
CA ILE I 74 -79.31 -39.58 -84.07
C ILE I 74 -78.36 -38.85 -83.11
N ILE I 75 -77.37 -38.16 -83.67
CA ILE I 75 -76.41 -37.39 -82.89
C ILE I 75 -77.10 -36.10 -82.45
N ASP I 76 -77.29 -35.93 -81.14
CA ASP I 76 -78.00 -34.74 -80.62
C ASP I 76 -77.06 -33.55 -80.53
N TYR I 77 -77.36 -32.51 -81.30
CA TYR I 77 -76.63 -31.25 -81.22
C TYR I 77 -77.48 -30.11 -81.79
N ASP I 78 -77.24 -28.89 -81.31
CA ASP I 78 -77.98 -27.72 -81.77
C ASP I 78 -77.34 -27.18 -83.04
N HIS I 79 -77.97 -27.46 -84.18
CA HIS I 79 -77.45 -27.09 -85.52
C HIS I 79 -77.15 -25.61 -85.66
N ARG I 80 -77.98 -24.77 -85.04
CA ARG I 80 -77.80 -23.32 -85.09
C ARG I 80 -76.63 -22.88 -84.25
N MET I 81 -76.40 -23.56 -83.12
CA MET I 81 -75.18 -23.34 -82.32
C MET I 81 -73.99 -24.02 -83.00
N TYR I 82 -74.24 -25.05 -83.81
CA TYR I 82 -73.21 -25.61 -84.69
C TYR I 82 -73.00 -24.69 -85.89
N ALA I 83 -74.04 -23.96 -86.29
CA ALA I 83 -73.90 -22.90 -87.27
C ALA I 83 -73.29 -21.66 -86.62
N ALA I 84 -74.00 -21.09 -85.64
CA ALA I 84 -73.76 -19.73 -85.15
C ALA I 84 -72.39 -19.51 -84.52
N LEU I 85 -72.08 -20.26 -83.47
CA LEU I 85 -70.81 -20.12 -82.77
C LEU I 85 -69.64 -20.35 -83.76
N PRO I 86 -68.45 -19.81 -83.47
CA PRO I 86 -67.33 -19.90 -84.43
C PRO I 86 -67.19 -21.29 -85.03
N GLN I 87 -67.36 -21.40 -86.34
CA GLN I 87 -67.14 -22.66 -87.01
C GLN I 87 -65.68 -22.83 -87.41
N GLU I 88 -64.82 -21.94 -86.92
CA GLU I 88 -63.38 -22.12 -87.06
C GLU I 88 -62.86 -23.09 -86.00
N GLU I 89 -63.60 -23.23 -84.89
CA GLU I 89 -63.30 -24.22 -83.84
C GLU I 89 -64.05 -25.55 -84.07
N LYS I 90 -65.19 -25.48 -84.74
CA LYS I 90 -65.99 -26.67 -85.00
C LYS I 90 -65.53 -27.47 -86.20
N ASN I 91 -64.56 -26.93 -86.94
CA ASN I 91 -63.87 -27.71 -87.96
C ASN I 91 -63.07 -28.84 -87.32
N LYS I 92 -62.72 -28.68 -86.04
CA LYS I 92 -62.09 -29.74 -85.26
C LYS I 92 -63.03 -30.94 -85.14
N ILE I 93 -64.29 -30.68 -84.79
CA ILE I 93 -65.30 -31.74 -84.68
C ILE I 93 -65.44 -32.50 -86.02
N THR I 94 -65.34 -31.75 -87.11
CA THR I 94 -65.32 -32.33 -88.46
C THR I 94 -64.00 -33.04 -88.79
N SER I 95 -62.87 -32.56 -88.27
CA SER I 95 -61.59 -33.28 -88.42
C SER I 95 -61.55 -34.49 -87.50
N PHE I 96 -62.16 -34.30 -86.32
CA PHE I 96 -62.45 -35.35 -85.34
C PHE I 96 -63.29 -36.45 -85.98
N ILE I 97 -64.19 -36.09 -86.91
CA ILE I 97 -65.07 -37.03 -87.64
C ILE I 97 -65.40 -38.31 -86.87
N ASN I 98 -65.02 -39.46 -87.44
CA ASN I 98 -65.23 -40.75 -86.85
C ASN I 98 -64.41 -40.88 -85.58
N PHE I 99 -63.22 -40.28 -85.53
CA PHE I 99 -62.32 -40.30 -84.35
C PHE I 99 -62.15 -41.66 -83.69
N VAL I 100 -63.21 -42.46 -83.73
CA VAL I 100 -63.33 -43.70 -83.01
C VAL I 100 -62.17 -44.63 -83.32
N PHE I 101 -61.46 -45.02 -82.27
CA PHE I 101 -60.50 -46.10 -82.35
C PHE I 101 -61.31 -47.37 -82.24
N GLU I 102 -60.73 -48.51 -82.63
CA GLU I 102 -61.47 -49.78 -82.71
C GLU I 102 -62.18 -50.22 -81.42
N GLN I 103 -61.84 -49.59 -80.29
CA GLN I 103 -62.61 -49.71 -79.06
C GLN I 103 -64.04 -49.20 -79.28
N ASN I 104 -64.14 -47.97 -79.79
CA ASN I 104 -65.41 -47.40 -80.20
C ASN I 104 -65.80 -47.96 -81.57
N LYS I 105 -64.85 -47.85 -82.50
CA LYS I 105 -64.95 -48.28 -83.89
C LYS I 105 -65.21 -49.77 -84.05
N VAL J 1 -87.56 -22.92 -101.22
CA VAL J 1 -87.65 -23.42 -99.81
C VAL J 1 -88.38 -24.77 -99.71
N GLU J 2 -89.66 -24.81 -100.08
CA GLU J 2 -90.45 -26.04 -100.08
C GLU J 2 -90.13 -26.85 -101.35
N LYS J 3 -89.57 -26.17 -102.35
CA LYS J 3 -89.30 -26.77 -103.66
C LYS J 3 -88.21 -27.83 -103.69
N GLN J 4 -87.02 -27.51 -103.18
CA GLN J 4 -85.88 -28.43 -103.31
C GLN J 4 -86.17 -29.76 -102.58
N ALA J 5 -87.07 -29.70 -101.60
CA ALA J 5 -87.59 -30.90 -100.94
C ALA J 5 -88.34 -31.83 -101.91
N ALA J 6 -88.99 -31.25 -102.93
CA ALA J 6 -89.54 -32.05 -104.03
C ALA J 6 -88.42 -32.73 -104.84
N ALA J 7 -87.35 -31.99 -105.14
CA ALA J 7 -86.21 -32.55 -105.88
C ALA J 7 -85.56 -33.75 -105.18
N THR J 8 -85.63 -33.77 -103.85
CA THR J 8 -85.19 -34.93 -103.04
C THR J 8 -86.13 -36.13 -103.21
N LEU J 9 -87.43 -35.87 -103.26
CA LEU J 9 -88.42 -36.91 -103.56
C LEU J 9 -88.11 -37.53 -104.92
N ASN J 10 -87.99 -36.67 -105.93
CA ASN J 10 -87.69 -37.09 -107.30
C ASN J 10 -86.32 -37.74 -107.41
N ALA J 11 -85.38 -37.33 -106.56
CA ALA J 11 -84.07 -37.95 -106.47
C ALA J 11 -84.13 -39.38 -105.92
N TRP J 12 -84.89 -39.56 -104.84
CA TRP J 12 -85.01 -40.87 -104.19
C TRP J 12 -85.86 -41.84 -105.00
N MET J 13 -86.97 -41.38 -105.54
CA MET J 13 -87.90 -42.25 -106.29
C MET J 13 -87.21 -43.04 -107.39
N ARG J 14 -86.03 -42.60 -107.82
CA ARG J 14 -85.29 -43.30 -108.87
C ARG J 14 -84.64 -44.61 -108.41
N LYS J 15 -84.40 -44.78 -107.11
CA LYS J 15 -83.96 -46.08 -106.58
C LYS J 15 -84.61 -46.45 -105.24
N ASP J 16 -85.46 -47.46 -105.30
CA ASP J 16 -85.95 -48.18 -104.13
C ASP J 16 -86.51 -49.50 -104.70
N THR J 17 -87.49 -50.13 -104.04
CA THR J 17 -88.18 -51.26 -104.67
C THR J 17 -89.16 -50.81 -105.74
N GLU J 18 -89.54 -49.54 -105.68
CA GLU J 18 -90.67 -48.97 -106.41
C GLU J 18 -90.24 -47.67 -107.06
N MET J 19 -89.40 -47.79 -108.08
CA MET J 19 -88.60 -46.67 -108.55
C MET J 19 -89.17 -46.04 -109.81
N THR J 20 -90.43 -46.32 -110.09
CA THR J 20 -90.99 -46.07 -111.42
C THR J 20 -92.42 -45.50 -111.33
N SER J 21 -93.37 -46.35 -110.98
CA SER J 21 -94.77 -45.92 -110.91
C SER J 21 -95.05 -45.01 -109.71
N GLU J 22 -95.74 -43.91 -109.97
CA GLU J 22 -96.20 -42.97 -108.94
C GLU J 22 -97.15 -43.63 -107.92
N LYS J 23 -97.96 -44.58 -108.36
CA LYS J 23 -99.00 -45.19 -107.51
C LYS J 23 -98.42 -46.05 -106.39
N LYS J 24 -97.38 -46.82 -106.69
CA LYS J 24 -96.76 -47.68 -105.66
C LYS J 24 -96.20 -46.81 -104.54
N VAL J 25 -95.75 -45.60 -104.89
CA VAL J 25 -95.30 -44.61 -103.92
C VAL J 25 -96.51 -43.95 -103.23
N ALA J 26 -97.62 -43.82 -103.95
CA ALA J 26 -98.86 -43.33 -103.35
C ALA J 26 -99.36 -44.29 -102.25
N VAL J 27 -99.31 -45.59 -102.51
CA VAL J 27 -99.66 -46.59 -101.49
C VAL J 27 -98.57 -46.73 -100.43
N ALA J 28 -97.34 -46.39 -100.80
CA ALA J 28 -96.26 -46.21 -99.82
C ALA J 28 -96.59 -45.04 -98.89
N ALA J 29 -97.10 -43.95 -99.47
CA ALA J 29 -97.66 -42.85 -98.70
C ALA J 29 -98.92 -43.31 -97.96
N GLY J 30 -99.67 -44.22 -98.58
CA GLY J 30 -100.85 -44.80 -97.97
C GLY J 30 -102.11 -44.03 -98.32
N ILE J 31 -101.95 -42.74 -98.59
CA ILE J 31 -103.06 -41.84 -98.87
C ILE J 31 -102.85 -41.14 -100.22
N GLY J 32 -103.78 -40.24 -100.54
CA GLY J 32 -103.62 -39.33 -101.68
C GLY J 32 -104.34 -39.82 -102.93
N PRO J 33 -105.11 -38.94 -103.59
CA PRO J 33 -105.61 -39.27 -104.93
C PRO J 33 -104.46 -39.34 -105.94
N ALA J 34 -104.79 -39.28 -107.23
CA ALA J 34 -103.78 -39.14 -108.29
C ALA J 34 -102.87 -37.94 -108.03
N THR J 35 -103.26 -37.12 -107.05
CA THR J 35 -102.53 -35.92 -106.64
C THR J 35 -101.05 -36.12 -106.34
N VAL J 36 -100.68 -37.21 -105.67
CA VAL J 36 -99.30 -37.35 -105.15
C VAL J 36 -98.18 -37.09 -106.19
N ASN J 37 -98.50 -37.05 -107.49
CA ASN J 37 -97.59 -36.42 -108.46
C ASN J 37 -97.24 -34.99 -108.05
N ARG J 38 -98.21 -34.29 -107.48
CA ARG J 38 -98.09 -32.87 -107.14
C ARG J 38 -96.95 -32.56 -106.17
N ILE J 39 -96.60 -33.53 -105.31
CA ILE J 39 -95.49 -33.36 -104.36
C ILE J 39 -94.14 -33.34 -105.09
N MET J 40 -94.09 -33.96 -106.27
CA MET J 40 -92.87 -34.02 -107.08
C MET J 40 -92.57 -32.70 -107.76
N LYS J 41 -93.62 -31.90 -108.00
CA LYS J 41 -93.50 -30.61 -108.69
C LYS J 41 -93.44 -29.41 -107.74
N ALA J 42 -93.50 -29.67 -106.43
CA ALA J 42 -93.56 -28.58 -105.43
C ALA J 42 -94.78 -27.68 -105.63
N GLU J 43 -95.84 -28.24 -106.21
CA GLU J 43 -97.09 -27.50 -106.40
C GLU J 43 -97.78 -27.37 -105.06
N VAL J 44 -97.84 -28.49 -104.34
CA VAL J 44 -98.45 -28.55 -103.02
C VAL J 44 -97.39 -28.60 -101.91
N SER J 45 -97.72 -27.98 -100.78
CA SER J 45 -96.89 -27.99 -99.57
C SER J 45 -97.23 -29.20 -98.69
N THR J 46 -96.63 -30.34 -99.04
CA THR J 46 -97.02 -31.65 -98.48
C THR J 46 -96.97 -31.69 -96.96
N THR J 47 -97.96 -32.35 -96.37
CA THR J 47 -98.13 -32.42 -94.92
C THR J 47 -97.07 -33.30 -94.27
N ILE J 48 -96.77 -33.03 -93.00
CA ILE J 48 -95.82 -33.84 -92.23
C ILE J 48 -96.31 -35.27 -91.92
N GLY J 49 -97.61 -35.52 -92.11
CA GLY J 49 -98.16 -36.87 -92.03
C GLY J 49 -97.67 -37.78 -93.17
N VAL J 50 -97.50 -37.20 -94.35
CA VAL J 50 -97.14 -37.94 -95.56
C VAL J 50 -95.73 -38.54 -95.45
N LEU J 51 -94.81 -37.74 -94.91
CA LEU J 51 -93.42 -38.16 -94.72
C LEU J 51 -93.30 -39.54 -94.07
N SER J 52 -94.11 -39.78 -93.04
CA SER J 52 -94.00 -40.99 -92.20
C SER J 52 -94.14 -42.32 -92.97
N SER J 53 -95.34 -42.62 -93.48
CA SER J 53 -95.58 -43.86 -94.23
C SER J 53 -94.64 -43.97 -95.43
N LEU J 54 -94.45 -42.84 -96.11
CA LEU J 54 -93.43 -42.67 -97.14
C LEU J 54 -92.05 -43.12 -96.65
N ALA J 55 -91.71 -42.69 -95.44
CA ALA J 55 -90.40 -42.93 -94.83
C ALA J 55 -90.14 -44.37 -94.39
N ARG J 56 -91.11 -45.00 -93.73
CA ARG J 56 -90.87 -46.30 -93.09
C ARG J 56 -90.45 -47.38 -94.11
N ALA J 57 -91.01 -47.30 -95.32
CA ALA J 57 -90.62 -48.18 -96.43
C ALA J 57 -89.24 -47.84 -96.97
N PHE J 58 -88.92 -46.54 -97.03
CA PHE J 58 -87.64 -46.04 -97.57
C PHE J 58 -86.42 -46.46 -96.75
N GLY J 59 -86.52 -46.33 -95.43
CA GLY J 59 -85.36 -46.43 -94.54
C GLY J 59 -84.75 -45.06 -94.26
N HIS J 60 -85.46 -44.01 -94.67
CA HIS J 60 -85.07 -42.63 -94.44
C HIS J 60 -86.11 -41.96 -93.57
N GLU J 61 -85.68 -41.25 -92.54
CA GLU J 61 -86.59 -40.46 -91.71
C GLU J 61 -86.90 -39.17 -92.47
N ALA J 62 -87.71 -38.29 -91.91
CA ALA J 62 -88.32 -37.19 -92.69
C ALA J 62 -87.48 -35.91 -92.88
N TYR J 63 -86.44 -35.72 -92.08
CA TYR J 63 -85.67 -34.45 -92.05
C TYR J 63 -84.81 -34.26 -93.28
N GLU J 64 -84.59 -35.37 -93.98
CA GLU J 64 -83.63 -35.48 -95.05
C GLU J 64 -84.25 -34.89 -96.32
N MET J 65 -85.58 -34.80 -96.32
CA MET J 65 -86.32 -34.14 -97.40
C MET J 65 -86.33 -32.62 -97.24
N ILE J 66 -86.51 -32.14 -96.00
CA ILE J 66 -86.63 -30.70 -95.72
C ILE J 66 -85.34 -30.01 -95.23
N ILE J 67 -84.19 -30.64 -95.50
CA ILE J 67 -82.90 -30.04 -95.15
C ILE J 67 -82.43 -29.05 -96.22
N PRO J 68 -82.24 -27.77 -95.85
CA PRO J 68 -81.67 -26.80 -96.77
C PRO J 68 -80.38 -27.30 -97.41
N VAL J 69 -80.19 -26.99 -98.69
CA VAL J 69 -79.09 -27.59 -99.44
C VAL J 69 -77.71 -27.25 -98.87
N GLY J 70 -77.51 -26.01 -98.44
CA GLY J 70 -76.20 -25.56 -97.95
C GLY J 70 -76.06 -25.48 -96.43
N ALA J 71 -76.87 -26.25 -95.72
CA ALA J 71 -77.04 -26.11 -94.26
C ALA J 71 -75.70 -26.10 -93.52
N PRO J 72 -75.35 -24.96 -92.89
CA PRO J 72 -74.08 -24.87 -92.18
C PRO J 72 -74.08 -25.70 -90.90
N GLY J 73 -75.27 -25.92 -90.34
CA GLY J 73 -75.40 -26.63 -89.09
C GLY J 73 -75.35 -28.15 -89.18
N ILE J 74 -74.86 -28.71 -90.29
CA ILE J 74 -74.86 -30.17 -90.46
C ILE J 74 -73.46 -30.77 -90.36
N ILE J 75 -73.34 -31.85 -89.60
CA ILE J 75 -72.05 -32.52 -89.42
C ILE J 75 -71.82 -33.55 -90.52
N ASP J 76 -70.58 -33.66 -90.98
CA ASP J 76 -70.17 -34.74 -91.89
C ASP J 76 -69.70 -35.94 -91.08
N TYR J 77 -70.27 -37.11 -91.34
CA TYR J 77 -69.92 -38.36 -90.63
C TYR J 77 -70.51 -39.61 -91.30
N ASP J 78 -69.82 -40.74 -91.16
CA ASP J 78 -70.41 -42.03 -91.53
C ASP J 78 -71.32 -42.47 -90.40
N HIS J 79 -72.63 -42.36 -90.57
CA HIS J 79 -73.56 -43.11 -89.72
C HIS J 79 -73.65 -44.59 -90.14
N ARG J 80 -72.54 -45.12 -90.65
CA ARG J 80 -72.25 -46.53 -90.61
C ARG J 80 -72.38 -47.01 -89.16
N MET J 81 -71.64 -46.36 -88.27
CA MET J 81 -71.68 -46.65 -86.83
C MET J 81 -71.65 -45.34 -86.04
N TYR J 82 -72.72 -45.04 -85.31
CA TYR J 82 -72.68 -43.99 -84.29
C TYR J 82 -73.32 -44.43 -82.97
N ALA J 83 -74.62 -44.70 -82.97
CA ALA J 83 -75.31 -45.29 -81.80
C ALA J 83 -74.92 -46.76 -81.72
N ALA J 84 -74.49 -47.27 -82.87
CA ALA J 84 -73.94 -48.60 -83.03
C ALA J 84 -72.64 -48.83 -82.23
N LEU J 85 -71.86 -47.76 -82.03
CA LEU J 85 -70.74 -47.78 -81.08
C LEU J 85 -71.31 -47.69 -79.66
N PRO J 86 -70.61 -48.27 -78.68
CA PRO J 86 -71.21 -48.39 -77.34
C PRO J 86 -71.66 -47.05 -76.76
N GLN J 87 -72.76 -47.06 -76.01
CA GLN J 87 -73.31 -45.85 -75.42
C GLN J 87 -72.41 -45.29 -74.32
N GLU J 88 -71.70 -46.15 -73.59
CA GLU J 88 -70.68 -45.72 -72.63
C GLU J 88 -69.68 -44.74 -73.27
N GLU J 89 -69.35 -45.01 -74.54
CA GLU J 89 -68.31 -44.30 -75.27
C GLU J 89 -68.87 -43.38 -76.38
N LYS J 90 -70.17 -43.45 -76.64
CA LYS J 90 -70.82 -42.44 -77.48
C LYS J 90 -71.07 -41.19 -76.65
N ASN J 91 -71.17 -41.37 -75.33
CA ASN J 91 -71.29 -40.26 -74.39
C ASN J 91 -70.18 -39.21 -74.53
N LYS J 92 -69.00 -39.63 -74.99
CA LYS J 92 -67.89 -38.71 -75.20
C LYS J 92 -68.26 -37.60 -76.18
N ILE J 93 -68.86 -37.99 -77.31
CA ILE J 93 -69.25 -37.05 -78.37
C ILE J 93 -70.06 -35.88 -77.81
N THR J 94 -71.20 -36.21 -77.20
CA THR J 94 -72.14 -35.22 -76.63
C THR J 94 -71.44 -34.27 -75.66
N SER J 95 -70.54 -34.82 -74.86
CA SER J 95 -69.79 -34.05 -73.89
C SER J 95 -68.78 -33.11 -74.55
N PHE J 96 -68.09 -33.59 -75.59
CA PHE J 96 -67.15 -32.74 -76.32
C PHE J 96 -67.89 -31.56 -76.95
N ILE J 97 -68.98 -31.87 -77.65
CA ILE J 97 -69.80 -30.85 -78.30
C ILE J 97 -70.27 -29.82 -77.28
N ASN J 98 -70.95 -30.27 -76.21
CA ASN J 98 -71.40 -29.36 -75.15
C ASN J 98 -70.23 -28.58 -74.53
N PHE J 99 -69.07 -29.22 -74.47
CA PHE J 99 -67.83 -28.58 -74.03
C PHE J 99 -67.56 -27.34 -74.88
N VAL J 100 -67.74 -27.47 -76.19
CA VAL J 100 -67.53 -26.34 -77.11
C VAL J 100 -68.60 -25.25 -76.97
N PHE J 101 -69.81 -25.58 -76.52
CA PHE J 101 -70.83 -24.55 -76.26
C PHE J 101 -70.36 -23.57 -75.19
N GLU J 102 -69.83 -24.10 -74.10
CA GLU J 102 -69.38 -23.27 -72.98
C GLU J 102 -68.22 -22.36 -73.39
N GLN J 103 -67.50 -22.77 -74.43
CA GLN J 103 -66.47 -21.95 -75.06
C GLN J 103 -67.14 -20.92 -75.96
N VAL K 1 -61.84 3.33 -105.48
CA VAL K 1 -63.07 2.65 -104.95
C VAL K 1 -62.97 1.13 -105.05
N GLU K 2 -62.53 0.64 -106.21
CA GLU K 2 -62.34 -0.79 -106.46
C GLU K 2 -60.94 -1.26 -106.06
N LYS K 3 -60.00 -0.31 -105.99
CA LYS K 3 -58.62 -0.59 -105.59
C LYS K 3 -58.48 -0.77 -104.08
N GLN K 4 -59.25 0.00 -103.30
CA GLN K 4 -59.24 -0.14 -101.84
C GLN K 4 -59.76 -1.50 -101.37
N ALA K 5 -60.67 -2.08 -102.13
CA ALA K 5 -61.13 -3.44 -101.88
C ALA K 5 -60.00 -4.46 -102.07
N ALA K 6 -59.08 -4.17 -102.99
CA ALA K 6 -57.90 -5.00 -103.19
C ALA K 6 -56.86 -4.81 -102.08
N ALA K 7 -56.73 -3.57 -101.61
CA ALA K 7 -55.80 -3.26 -100.52
C ALA K 7 -56.33 -3.82 -99.19
N THR K 8 -57.61 -3.58 -98.90
CA THR K 8 -58.21 -4.08 -97.67
C THR K 8 -58.14 -5.60 -97.57
N LEU K 9 -58.10 -6.28 -98.72
CA LEU K 9 -57.91 -7.71 -98.72
C LEU K 9 -56.73 -8.04 -97.82
N ASN K 10 -55.61 -7.35 -98.04
CA ASN K 10 -54.45 -7.45 -97.15
C ASN K 10 -54.85 -7.18 -95.70
N ALA K 11 -55.53 -6.07 -95.47
CA ALA K 11 -55.95 -5.66 -94.12
C ALA K 11 -56.68 -6.77 -93.37
N TRP K 12 -57.75 -7.30 -93.96
CA TRP K 12 -58.51 -8.40 -93.36
C TRP K 12 -57.70 -9.72 -93.35
N MET K 13 -56.75 -9.84 -94.28
CA MET K 13 -55.90 -11.02 -94.37
C MET K 13 -54.96 -11.19 -93.18
N ARG K 14 -54.26 -10.13 -92.78
CA ARG K 14 -53.14 -10.31 -91.84
C ARG K 14 -53.49 -10.38 -90.35
N LYS K 15 -54.74 -10.67 -90.01
CA LYS K 15 -55.00 -11.24 -88.70
C LYS K 15 -54.44 -12.66 -88.75
N ASP K 16 -54.27 -13.17 -89.97
CA ASP K 16 -53.25 -14.17 -90.30
C ASP K 16 -53.12 -15.30 -89.25
N THR K 17 -54.24 -15.78 -88.72
CA THR K 17 -54.21 -16.87 -87.73
C THR K 17 -53.57 -18.10 -88.37
N GLU K 18 -54.31 -18.78 -89.24
CA GLU K 18 -53.67 -19.59 -90.27
C GLU K 18 -53.98 -18.97 -91.65
N MET K 19 -54.55 -17.77 -91.63
CA MET K 19 -54.70 -16.98 -92.84
C MET K 19 -53.30 -16.54 -93.21
N THR K 20 -53.11 -16.19 -94.47
CA THR K 20 -51.83 -15.68 -94.94
C THR K 20 -52.10 -14.83 -96.17
N SER K 21 -51.11 -14.73 -97.04
CA SER K 21 -51.29 -14.12 -98.34
C SER K 21 -52.24 -14.96 -99.19
N GLU K 22 -52.95 -14.28 -100.08
CA GLU K 22 -53.85 -14.89 -101.07
C GLU K 22 -53.48 -16.29 -101.55
N LYS K 23 -52.19 -16.49 -101.84
CA LYS K 23 -51.65 -17.77 -102.31
C LYS K 23 -52.28 -18.99 -101.61
N LYS K 24 -52.76 -18.78 -100.39
CA LYS K 24 -53.62 -19.71 -99.66
C LYS K 24 -54.77 -20.34 -100.46
N VAL K 25 -55.65 -19.50 -100.98
CA VAL K 25 -57.06 -19.88 -101.19
C VAL K 25 -57.36 -20.91 -102.29
N ALA K 26 -57.62 -22.15 -101.87
CA ALA K 26 -58.03 -23.21 -102.81
C ALA K 26 -59.54 -23.22 -103.07
N VAL K 27 -60.33 -22.92 -102.03
CA VAL K 27 -61.79 -22.94 -102.13
C VAL K 27 -62.32 -21.76 -102.95
N ALA K 28 -61.69 -20.59 -102.79
CA ALA K 28 -62.05 -19.41 -103.57
C ALA K 28 -61.61 -19.52 -105.04
N ALA K 29 -60.61 -20.38 -105.31
CA ALA K 29 -60.10 -20.60 -106.66
C ALA K 29 -61.04 -21.47 -107.48
N GLY K 30 -61.34 -22.66 -106.98
CA GLY K 30 -62.36 -23.54 -107.57
C GLY K 30 -61.90 -24.50 -108.65
N ILE K 31 -60.63 -24.92 -108.60
CA ILE K 31 -60.16 -26.07 -109.37
C ILE K 31 -59.24 -26.89 -108.45
N GLY K 32 -59.10 -28.18 -108.74
CA GLY K 32 -58.15 -29.05 -108.04
C GLY K 32 -56.88 -28.32 -107.64
N PRO K 33 -56.06 -27.91 -108.64
CA PRO K 33 -54.91 -27.05 -108.36
C PRO K 33 -55.34 -25.63 -108.01
N ALA K 34 -54.68 -25.03 -107.03
CA ALA K 34 -55.06 -23.72 -106.51
C ALA K 34 -54.81 -22.61 -107.54
N THR K 35 -53.54 -22.39 -107.87
CA THR K 35 -53.09 -21.30 -108.77
C THR K 35 -53.70 -19.93 -108.44
N VAL K 36 -53.52 -19.53 -107.17
CA VAL K 36 -54.17 -18.32 -106.64
C VAL K 36 -53.15 -17.24 -106.26
N ASN K 37 -52.00 -17.26 -106.93
CA ASN K 37 -50.85 -16.42 -106.58
C ASN K 37 -51.14 -14.95 -106.30
N ARG K 38 -51.94 -14.29 -107.14
CA ARG K 38 -52.11 -12.83 -107.06
C ARG K 38 -53.56 -12.30 -107.04
N ILE K 39 -53.73 -11.19 -106.32
CA ILE K 39 -55.02 -10.49 -106.13
C ILE K 39 -55.16 -9.39 -107.16
N MET K 40 -54.08 -8.61 -107.32
CA MET K 40 -54.14 -7.40 -108.12
C MET K 40 -54.12 -7.71 -109.61
N LYS K 41 -54.72 -8.85 -110.00
CA LYS K 41 -54.72 -9.28 -111.39
C LYS K 41 -55.29 -8.13 -112.23
N ALA K 42 -56.53 -7.75 -111.91
CA ALA K 42 -57.19 -6.61 -112.54
C ALA K 42 -57.07 -6.56 -114.08
N GLU K 43 -56.71 -7.68 -114.70
CA GLU K 43 -56.68 -7.79 -116.17
C GLU K 43 -58.13 -7.87 -116.62
N VAL K 44 -58.83 -8.83 -116.04
CA VAL K 44 -60.28 -8.86 -116.05
C VAL K 44 -60.72 -8.24 -114.73
N SER K 45 -62.01 -8.00 -114.57
CA SER K 45 -62.55 -7.54 -113.31
C SER K 45 -63.19 -8.73 -112.59
N THR K 46 -62.85 -8.92 -111.32
CA THR K 46 -63.27 -10.11 -110.56
C THR K 46 -64.75 -10.04 -110.20
N THR K 47 -65.47 -11.12 -110.45
CA THR K 47 -66.93 -11.15 -110.27
C THR K 47 -67.36 -11.24 -108.80
N ILE K 48 -68.57 -10.74 -108.51
CA ILE K 48 -69.12 -10.71 -107.15
C ILE K 48 -69.49 -12.11 -106.65
N GLY K 49 -69.64 -13.06 -107.58
CA GLY K 49 -69.70 -14.48 -107.23
C GLY K 49 -68.40 -14.88 -106.56
N VAL K 50 -67.28 -14.42 -107.13
CA VAL K 50 -65.95 -14.64 -106.56
C VAL K 50 -65.79 -13.86 -105.25
N LEU K 51 -66.27 -12.61 -105.24
CA LEU K 51 -66.10 -11.73 -104.07
C LEU K 51 -66.78 -12.24 -102.78
N SER K 52 -67.94 -12.87 -102.92
CA SER K 52 -68.63 -13.48 -101.78
C SER K 52 -67.98 -14.83 -101.45
N SER K 53 -67.57 -15.55 -102.48
CA SER K 53 -66.82 -16.80 -102.33
C SER K 53 -65.45 -16.54 -101.71
N LEU K 54 -64.91 -15.36 -102.01
CA LEU K 54 -63.66 -14.89 -101.44
C LEU K 54 -63.83 -14.63 -99.94
N ALA K 55 -64.82 -13.79 -99.62
CA ALA K 55 -65.01 -13.31 -98.26
C ALA K 55 -65.49 -14.42 -97.30
N ARG K 56 -66.39 -15.28 -97.76
CA ARG K 56 -66.86 -16.42 -96.95
C ARG K 56 -65.77 -17.47 -96.76
N ALA K 57 -64.73 -17.44 -97.59
CA ALA K 57 -63.50 -18.19 -97.34
C ALA K 57 -62.70 -17.62 -96.16
N PHE K 58 -62.89 -16.33 -95.87
CA PHE K 58 -62.35 -15.74 -94.64
C PHE K 58 -63.33 -15.81 -93.47
N GLY K 59 -64.63 -15.77 -93.75
CA GLY K 59 -65.67 -15.76 -92.71
C GLY K 59 -66.40 -14.43 -92.63
N HIS K 60 -65.97 -13.48 -93.45
CA HIS K 60 -66.74 -12.28 -93.71
C HIS K 60 -67.49 -12.55 -95.02
N GLU K 61 -68.27 -11.57 -95.48
CA GLU K 61 -68.83 -11.64 -96.84
C GLU K 61 -68.54 -10.31 -97.52
N ALA K 62 -68.46 -10.32 -98.85
CA ALA K 62 -67.94 -9.19 -99.64
C ALA K 62 -68.29 -7.76 -99.16
N TYR K 63 -69.33 -7.66 -98.35
CA TYR K 63 -69.87 -6.40 -97.85
C TYR K 63 -68.89 -5.51 -97.13
N GLU K 64 -68.24 -6.10 -96.13
CA GLU K 64 -67.25 -5.38 -95.35
C GLU K 64 -66.08 -4.94 -96.24
N MET K 65 -65.80 -5.70 -97.30
CA MET K 65 -64.63 -5.48 -98.16
C MET K 65 -64.66 -4.26 -99.08
N ILE K 66 -65.56 -3.31 -98.84
CA ILE K 66 -65.54 -2.07 -99.64
C ILE K 66 -64.69 -0.98 -98.98
N ILE K 67 -64.66 -0.92 -97.64
CA ILE K 67 -63.77 -0.02 -96.90
C ILE K 67 -63.82 1.35 -97.58
N PRO K 68 -65.00 1.97 -97.54
CA PRO K 68 -65.17 3.20 -98.30
C PRO K 68 -64.44 4.36 -97.65
N VAL K 69 -63.11 4.38 -97.74
CA VAL K 69 -62.28 5.47 -97.23
C VAL K 69 -62.71 5.81 -95.78
N GLY K 70 -62.54 7.06 -95.35
CA GLY K 70 -63.36 7.65 -94.30
C GLY K 70 -64.22 8.71 -94.97
N ALA K 71 -65.54 8.60 -94.81
CA ALA K 71 -66.50 9.43 -95.54
C ALA K 71 -67.53 10.04 -94.57
N PRO K 72 -68.22 11.13 -94.99
CA PRO K 72 -69.13 11.83 -94.08
C PRO K 72 -70.39 11.04 -93.73
N GLY K 73 -70.27 10.16 -92.75
CA GLY K 73 -71.38 9.30 -92.35
C GLY K 73 -71.12 7.80 -92.28
N ILE K 74 -69.87 7.37 -92.43
CA ILE K 74 -69.51 5.95 -92.29
C ILE K 74 -68.43 5.76 -91.22
N ILE K 75 -68.18 4.49 -90.86
CA ILE K 75 -67.16 4.13 -89.88
C ILE K 75 -66.43 2.88 -90.39
N ASP K 76 -65.10 2.83 -90.24
CA ASP K 76 -64.30 1.70 -90.78
C ASP K 76 -63.88 0.65 -89.72
N TYR K 77 -64.69 -0.40 -89.57
CA TYR K 77 -64.51 -1.39 -88.50
C TYR K 77 -64.83 -2.81 -88.97
N ASP K 78 -64.83 -3.75 -88.01
CA ASP K 78 -65.22 -5.13 -88.26
C ASP K 78 -66.68 -5.37 -87.86
N HIS K 79 -67.54 -5.58 -88.86
CA HIS K 79 -68.95 -5.86 -88.61
C HIS K 79 -69.18 -7.25 -88.01
N ARG K 80 -68.26 -8.18 -88.27
CA ARG K 80 -68.36 -9.56 -87.78
C ARG K 80 -68.26 -9.70 -86.26
N MET K 81 -67.28 -9.02 -85.67
CA MET K 81 -67.09 -9.05 -84.21
C MET K 81 -68.01 -8.04 -83.53
N TYR K 82 -68.56 -7.10 -84.29
CA TYR K 82 -69.69 -6.31 -83.79
C TYR K 82 -70.87 -7.25 -83.57
N ALA K 83 -71.06 -8.19 -84.51
CA ALA K 83 -72.04 -9.28 -84.34
C ALA K 83 -71.72 -10.10 -83.09
N ALA K 84 -70.45 -10.44 -82.93
CA ALA K 84 -69.99 -11.19 -81.76
C ALA K 84 -70.29 -10.53 -80.42
N LEU K 85 -70.57 -9.23 -80.41
CA LEU K 85 -70.91 -8.55 -79.17
C LEU K 85 -72.23 -9.08 -78.62
N PRO K 86 -72.38 -9.05 -77.29
CA PRO K 86 -73.65 -9.35 -76.62
C PRO K 86 -74.80 -8.44 -77.07
N GLN K 87 -76.02 -8.92 -76.91
CA GLN K 87 -77.21 -8.20 -77.39
C GLN K 87 -77.48 -6.94 -76.57
N GLU K 88 -77.29 -7.00 -75.27
CA GLU K 88 -77.52 -5.85 -74.39
C GLU K 88 -76.40 -4.81 -74.50
N GLU K 89 -75.24 -5.23 -75.00
CA GLU K 89 -74.12 -4.32 -75.24
C GLU K 89 -74.18 -3.69 -76.62
N LYS K 90 -74.80 -4.39 -77.57
CA LYS K 90 -75.14 -3.77 -78.85
C LYS K 90 -75.97 -2.49 -78.62
N ASN K 91 -76.75 -2.47 -77.55
CA ASN K 91 -77.56 -1.29 -77.18
C ASN K 91 -76.75 -0.01 -76.89
N LYS K 92 -75.42 -0.08 -77.03
CA LYS K 92 -74.60 1.13 -77.09
C LYS K 92 -75.16 2.07 -78.16
N ILE K 93 -75.58 1.48 -79.29
CA ILE K 93 -75.83 2.23 -80.52
C ILE K 93 -76.67 3.47 -80.32
N THR K 94 -77.96 3.29 -80.02
CA THR K 94 -78.91 4.39 -80.09
C THR K 94 -78.48 5.38 -79.03
N SER K 95 -78.34 4.91 -77.80
CA SER K 95 -78.05 5.78 -76.68
C SER K 95 -76.72 6.52 -76.81
N PHE K 96 -75.64 5.88 -77.31
CA PHE K 96 -74.35 6.58 -77.47
C PHE K 96 -74.26 7.47 -78.71
N ILE K 97 -74.70 6.96 -79.87
CA ILE K 97 -74.73 7.75 -81.10
C ILE K 97 -75.78 8.87 -81.00
N ASN K 98 -76.91 8.58 -80.36
CA ASN K 98 -77.92 9.61 -80.12
C ASN K 98 -77.49 10.56 -79.01
N PHE K 99 -76.61 10.09 -78.11
CA PHE K 99 -75.96 10.98 -77.16
C PHE K 99 -75.03 11.94 -77.89
N VAL K 100 -74.08 11.42 -78.67
CA VAL K 100 -73.14 12.29 -79.40
C VAL K 100 -73.88 13.31 -80.27
N PHE K 101 -75.14 13.01 -80.64
CA PHE K 101 -76.05 14.03 -81.20
C PHE K 101 -76.62 14.86 -80.03
N GLU K 102 -76.29 16.16 -80.01
CA GLU K 102 -76.79 17.06 -78.96
C GLU K 102 -77.05 18.43 -79.58
N GLN K 103 -77.13 19.48 -78.75
CA GLN K 103 -76.92 20.85 -79.24
C GLN K 103 -75.67 20.81 -80.12
N ASN K 104 -74.67 20.09 -79.62
CA ASN K 104 -73.50 19.68 -80.39
C ASN K 104 -73.85 18.79 -81.58
N LYS K 105 -73.39 19.19 -82.76
CA LYS K 105 -73.36 18.33 -83.93
C LYS K 105 -71.91 17.99 -84.22
N VAL L 1 -78.85 -13.53 -101.72
CA VAL L 1 -77.36 -13.48 -101.65
C VAL L 1 -76.77 -12.76 -102.86
N GLU L 2 -76.92 -13.40 -104.01
CA GLU L 2 -76.33 -12.95 -105.28
C GLU L 2 -77.36 -12.00 -105.88
N LYS L 3 -78.57 -12.17 -105.39
CA LYS L 3 -79.79 -11.57 -105.87
C LYS L 3 -80.02 -10.19 -105.25
N GLN L 4 -79.40 -9.95 -104.09
CA GLN L 4 -79.60 -8.73 -103.33
C GLN L 4 -79.11 -7.51 -104.13
N ALA L 5 -77.96 -7.65 -104.80
CA ALA L 5 -77.46 -6.61 -105.70
C ALA L 5 -78.56 -6.16 -106.63
N ALA L 6 -79.26 -7.13 -107.21
CA ALA L 6 -80.40 -6.86 -108.06
C ALA L 6 -81.51 -6.13 -107.30
N ALA L 7 -81.86 -6.64 -106.13
CA ALA L 7 -82.97 -6.08 -105.33
C ALA L 7 -82.81 -4.57 -105.10
N THR L 8 -81.58 -4.14 -104.84
CA THR L 8 -81.33 -2.72 -104.59
C THR L 8 -81.37 -1.90 -105.88
N LEU L 9 -80.87 -2.46 -106.98
CA LEU L 9 -80.97 -1.77 -108.27
C LEU L 9 -82.43 -1.53 -108.63
N ASN L 10 -83.19 -2.62 -108.73
CA ASN L 10 -84.61 -2.54 -109.09
C ASN L 10 -85.35 -1.54 -108.20
N ALA L 11 -85.09 -1.59 -106.90
CA ALA L 11 -85.69 -0.66 -105.96
C ALA L 11 -85.44 0.80 -106.35
N TRP L 12 -84.20 1.12 -106.73
CA TRP L 12 -83.82 2.50 -107.06
C TRP L 12 -84.39 2.93 -108.40
N MET L 13 -84.24 2.07 -109.41
CA MET L 13 -84.93 2.25 -110.69
C MET L 13 -86.43 2.51 -110.50
N ARG L 14 -87.00 1.91 -109.46
CA ARG L 14 -88.43 1.89 -109.29
C ARG L 14 -89.04 3.20 -108.80
N LYS L 15 -88.48 3.83 -107.77
CA LYS L 15 -89.12 5.01 -107.18
C LYS L 15 -88.71 6.34 -107.81
N ASP L 16 -89.62 7.29 -107.68
CA ASP L 16 -89.75 8.51 -108.51
C ASP L 16 -88.51 9.32 -108.94
N THR L 17 -87.41 9.27 -108.19
CA THR L 17 -86.23 10.07 -108.52
C THR L 17 -85.65 9.69 -109.89
N GLU L 18 -85.26 8.42 -110.03
CA GLU L 18 -84.88 7.86 -111.33
C GLU L 18 -86.03 6.98 -111.82
N MET L 19 -86.32 7.03 -113.12
CA MET L 19 -87.39 6.18 -113.71
C MET L 19 -86.78 4.93 -114.38
N THR L 20 -87.53 4.21 -115.21
CA THR L 20 -87.29 2.76 -115.40
C THR L 20 -86.28 2.26 -116.47
N SER L 21 -85.83 3.13 -117.36
CA SER L 21 -85.03 2.68 -118.49
C SER L 21 -83.83 1.82 -118.08
N GLU L 22 -83.67 0.70 -118.77
CA GLU L 22 -82.47 -0.15 -118.70
C GLU L 22 -81.41 0.32 -119.70
N LYS L 23 -81.84 1.05 -120.73
CA LYS L 23 -80.96 1.59 -121.77
C LYS L 23 -80.29 2.91 -121.36
N LYS L 24 -80.68 3.46 -120.20
CA LYS L 24 -80.01 4.62 -119.61
C LYS L 24 -78.50 4.43 -119.61
N VAL L 25 -78.08 3.24 -119.23
CA VAL L 25 -76.69 2.97 -118.91
C VAL L 25 -75.66 3.33 -119.99
N ALA L 26 -76.00 3.13 -121.27
CA ALA L 26 -75.02 3.44 -122.32
C ALA L 26 -74.44 4.84 -122.13
N VAL L 27 -75.28 5.80 -121.77
CA VAL L 27 -74.84 7.17 -121.48
C VAL L 27 -74.94 7.50 -119.99
N ALA L 28 -76.06 7.18 -119.35
CA ALA L 28 -76.27 7.48 -117.91
C ALA L 28 -75.13 6.98 -117.01
N ALA L 29 -74.63 5.79 -117.30
CA ALA L 29 -73.50 5.19 -116.57
C ALA L 29 -73.10 3.85 -117.18
N GLY L 30 -71.84 3.47 -117.04
CA GLY L 30 -71.40 2.12 -117.41
C GLY L 30 -71.47 1.77 -118.89
N ILE L 31 -72.26 0.74 -119.22
CA ILE L 31 -72.16 0.07 -120.52
C ILE L 31 -73.57 -0.32 -121.04
N GLY L 32 -73.66 -1.27 -121.98
CA GLY L 32 -74.93 -1.62 -122.64
C GLY L 32 -76.04 -2.05 -121.71
N PRO L 33 -77.30 -2.03 -122.22
CA PRO L 33 -78.49 -2.27 -121.42
C PRO L 33 -78.80 -3.73 -121.09
N ALA L 34 -78.36 -4.65 -121.95
CA ALA L 34 -78.73 -6.07 -121.81
C ALA L 34 -78.13 -6.75 -120.58
N THR L 35 -77.04 -6.19 -120.05
CA THR L 35 -76.44 -6.65 -118.79
C THR L 35 -77.23 -6.11 -117.62
N VAL L 36 -77.68 -4.87 -117.73
CA VAL L 36 -78.53 -4.23 -116.71
C VAL L 36 -79.80 -5.04 -116.54
N ASN L 37 -80.37 -5.46 -117.66
CA ASN L 37 -81.48 -6.39 -117.68
C ASN L 37 -81.16 -7.63 -116.85
N ARG L 38 -79.97 -8.20 -117.07
CA ARG L 38 -79.52 -9.38 -116.34
C ARG L 38 -79.23 -9.12 -114.87
N ILE L 39 -78.75 -7.92 -114.55
CA ILE L 39 -78.52 -7.53 -113.17
C ILE L 39 -79.87 -7.39 -112.49
N MET L 40 -80.76 -6.59 -113.09
CA MET L 40 -82.12 -6.46 -112.58
C MET L 40 -82.72 -7.83 -112.32
N LYS L 41 -82.44 -8.79 -113.20
CA LYS L 41 -82.92 -10.17 -113.05
C LYS L 41 -81.92 -11.12 -112.40
N ALA L 42 -80.70 -10.65 -112.16
CA ALA L 42 -79.66 -11.42 -111.46
C ALA L 42 -79.37 -12.81 -112.06
N GLU L 43 -79.47 -12.95 -113.38
CA GLU L 43 -79.18 -14.23 -114.01
C GLU L 43 -77.68 -14.46 -114.18
N VAL L 44 -76.90 -13.38 -114.11
CA VAL L 44 -75.44 -13.50 -114.10
C VAL L 44 -74.86 -12.90 -112.83
N SER L 45 -73.84 -13.55 -112.30
CA SER L 45 -73.04 -12.97 -111.22
C SER L 45 -72.17 -11.87 -111.82
N THR L 46 -72.49 -10.62 -111.51
CA THR L 46 -71.82 -9.47 -112.11
C THR L 46 -70.58 -9.04 -111.33
N THR L 47 -69.94 -7.95 -111.76
CA THR L 47 -68.59 -7.61 -111.33
C THR L 47 -68.50 -6.46 -110.31
N ILE L 48 -67.34 -6.37 -109.66
CA ILE L 48 -67.02 -5.29 -108.72
C ILE L 48 -67.16 -3.86 -109.27
N GLY L 49 -66.54 -3.59 -110.41
CA GLY L 49 -66.44 -2.23 -110.95
C GLY L 49 -67.74 -1.74 -111.55
N VAL L 50 -68.50 -2.67 -112.14
CA VAL L 50 -69.77 -2.33 -112.78
C VAL L 50 -70.80 -1.94 -111.71
N LEU L 51 -70.88 -2.74 -110.65
CA LEU L 51 -71.80 -2.47 -109.55
C LEU L 51 -71.53 -1.09 -108.93
N SER L 52 -70.25 -0.77 -108.75
CA SER L 52 -69.81 0.57 -108.31
C SER L 52 -70.31 1.64 -109.28
N SER L 53 -70.21 1.36 -110.58
CA SER L 53 -70.73 2.25 -111.61
C SER L 53 -72.24 2.44 -111.49
N LEU L 54 -72.98 1.35 -111.27
CA LEU L 54 -74.45 1.42 -111.15
C LEU L 54 -74.91 2.25 -109.97
N ALA L 55 -74.29 2.02 -108.81
CA ALA L 55 -74.64 2.74 -107.60
C ALA L 55 -74.31 4.22 -107.75
N ARG L 56 -73.06 4.50 -108.15
CA ARG L 56 -72.59 5.86 -108.34
C ARG L 56 -73.69 6.79 -108.85
N ALA L 57 -74.35 6.36 -109.91
CA ALA L 57 -75.39 7.15 -110.55
C ALA L 57 -76.41 7.70 -109.55
N PHE L 58 -76.84 6.85 -108.61
CA PHE L 58 -77.88 7.21 -107.65
C PHE L 58 -77.39 8.08 -106.51
N GLY L 59 -76.07 8.26 -106.41
CA GLY L 59 -75.46 9.00 -105.29
C GLY L 59 -75.04 8.08 -104.17
N HIS L 60 -75.04 6.77 -104.45
CA HIS L 60 -74.63 5.74 -103.48
C HIS L 60 -73.37 5.05 -104.02
N GLU L 61 -72.63 4.39 -103.13
CA GLU L 61 -71.43 3.63 -103.53
C GLU L 61 -71.76 2.14 -103.66
N ALA L 62 -70.77 1.33 -104.05
CA ALA L 62 -70.96 -0.10 -104.35
C ALA L 62 -71.56 -0.94 -103.21
N TYR L 63 -71.00 -0.76 -102.01
CA TYR L 63 -71.41 -1.50 -100.81
C TYR L 63 -72.90 -1.45 -100.47
N GLU L 64 -73.55 -0.36 -100.85
CA GLU L 64 -74.95 -0.10 -100.50
C GLU L 64 -75.88 -1.16 -101.08
N MET L 65 -75.62 -1.54 -102.32
CA MET L 65 -76.56 -2.37 -103.11
C MET L 65 -76.67 -3.84 -102.70
N ILE L 66 -75.70 -4.32 -101.94
CA ILE L 66 -75.60 -5.75 -101.71
C ILE L 66 -76.03 -6.18 -100.29
N ILE L 67 -76.11 -5.25 -99.32
CA ILE L 67 -76.41 -5.59 -97.90
C ILE L 67 -77.44 -6.73 -97.71
N PRO L 68 -77.00 -7.84 -97.08
CA PRO L 68 -77.93 -8.93 -96.80
C PRO L 68 -78.77 -8.61 -95.57
N VAL L 69 -80.09 -8.73 -95.70
CA VAL L 69 -80.98 -8.32 -94.62
C VAL L 69 -80.77 -9.19 -93.38
N GLY L 70 -80.90 -8.56 -92.21
CA GLY L 70 -80.67 -9.23 -90.93
C GLY L 70 -79.20 -9.51 -90.72
N ALA L 71 -78.35 -8.73 -91.41
CA ALA L 71 -76.91 -8.95 -91.37
C ALA L 71 -76.43 -8.87 -89.93
N PRO L 72 -75.34 -9.60 -89.60
CA PRO L 72 -74.85 -9.69 -88.22
C PRO L 72 -74.64 -8.33 -87.52
N GLY L 73 -74.70 -7.24 -88.28
CA GLY L 73 -74.79 -5.90 -87.71
C GLY L 73 -73.96 -4.93 -88.50
N ILE L 74 -74.63 -3.97 -89.12
CA ILE L 74 -73.97 -2.84 -89.76
C ILE L 74 -74.21 -1.59 -88.89
N ILE L 75 -74.58 -1.84 -87.62
CA ILE L 75 -74.97 -0.79 -86.68
C ILE L 75 -76.10 0.03 -87.34
N ASP L 76 -76.00 1.35 -87.37
CA ASP L 76 -76.92 2.18 -88.13
C ASP L 76 -76.37 3.60 -88.26
N TYR L 77 -75.45 3.78 -89.20
CA TYR L 77 -74.89 5.09 -89.50
C TYR L 77 -75.95 5.97 -90.17
N ASP L 78 -76.48 6.92 -89.40
CA ASP L 78 -77.53 7.82 -89.89
C ASP L 78 -76.94 9.20 -90.09
N HIS L 79 -77.09 9.74 -91.29
CA HIS L 79 -76.60 11.09 -91.57
C HIS L 79 -77.71 12.05 -91.14
N ARG L 80 -77.84 12.18 -89.83
CA ARG L 80 -78.84 13.04 -89.22
C ARG L 80 -78.08 14.22 -88.63
N MET L 81 -77.19 13.92 -87.68
CA MET L 81 -76.17 14.84 -87.22
C MET L 81 -74.78 14.16 -87.20
N TYR L 82 -74.73 12.85 -87.48
CA TYR L 82 -73.45 12.13 -87.48
C TYR L 82 -72.53 12.65 -88.59
N ALA L 83 -73.06 12.75 -89.79
CA ALA L 83 -72.34 13.37 -90.90
C ALA L 83 -71.92 14.80 -90.52
N ALA L 84 -72.79 15.48 -89.77
CA ALA L 84 -72.56 16.85 -89.32
C ALA L 84 -71.63 17.03 -88.11
N LEU L 85 -71.12 15.95 -87.53
CA LEU L 85 -70.16 16.08 -86.43
C LEU L 85 -68.78 16.47 -86.97
N PRO L 86 -68.02 17.26 -86.19
CA PRO L 86 -66.59 17.49 -86.43
C PRO L 86 -65.80 16.20 -86.38
N GLN L 87 -64.64 16.15 -87.03
CA GLN L 87 -63.84 14.94 -87.03
C GLN L 87 -63.19 14.68 -85.67
N GLU L 88 -63.22 15.70 -84.80
CA GLU L 88 -62.77 15.53 -83.41
C GLU L 88 -63.84 14.71 -82.66
N GLU L 89 -65.06 14.69 -83.20
CA GLU L 89 -66.16 13.84 -82.71
C GLU L 89 -66.21 12.47 -83.40
N LYS L 90 -65.71 12.42 -84.64
CA LYS L 90 -65.58 11.14 -85.35
C LYS L 90 -64.55 10.24 -84.67
N ASN L 91 -63.56 10.85 -84.03
CA ASN L 91 -62.55 10.13 -83.25
C ASN L 91 -63.11 9.61 -81.91
N LYS L 92 -64.13 10.28 -81.37
CA LYS L 92 -64.82 9.82 -80.16
C LYS L 92 -65.58 8.52 -80.41
N ILE L 93 -66.22 8.46 -81.58
CA ILE L 93 -66.90 7.26 -82.03
C ILE L 93 -65.87 6.16 -82.26
N THR L 94 -64.84 6.48 -83.04
CA THR L 94 -63.68 5.60 -83.27
C THR L 94 -63.19 5.02 -81.95
N SER L 95 -63.05 5.88 -80.95
CA SER L 95 -62.47 5.51 -79.68
C SER L 95 -63.45 4.68 -78.83
N PHE L 96 -64.70 5.14 -78.70
CA PHE L 96 -65.68 4.35 -77.93
C PHE L 96 -65.85 2.95 -78.51
N ILE L 97 -65.92 2.85 -79.84
CA ILE L 97 -66.02 1.56 -80.53
C ILE L 97 -64.85 0.67 -80.12
N ASN L 98 -63.63 1.17 -80.27
CA ASN L 98 -62.46 0.43 -79.82
C ASN L 98 -62.65 0.02 -78.37
N PHE L 99 -62.97 1.00 -77.50
CA PHE L 99 -63.09 0.76 -76.05
C PHE L 99 -63.84 -0.52 -75.65
N VAL L 100 -65.01 -0.78 -76.25
CA VAL L 100 -65.87 -1.86 -75.76
C VAL L 100 -65.13 -3.19 -75.60
N PHE L 101 -64.14 -3.45 -76.46
CA PHE L 101 -63.12 -4.49 -76.20
C PHE L 101 -63.63 -5.87 -75.77
N GLU L 102 -64.88 -6.20 -76.09
CA GLU L 102 -65.41 -7.52 -75.75
C GLU L 102 -65.29 -8.40 -76.99
N GLN L 103 -64.21 -8.19 -77.74
CA GLN L 103 -63.85 -9.04 -78.88
C GLN L 103 -63.62 -10.48 -78.44
N ASN L 104 -62.97 -10.63 -77.29
CA ASN L 104 -62.63 -11.95 -76.73
C ASN L 104 -61.70 -12.77 -77.63
N LYS L 105 -60.92 -12.07 -78.47
CA LYS L 105 -60.15 -12.71 -79.53
C LYS L 105 -59.04 -11.81 -80.09
N VAL M 1 61.94 17.54 106.32
CA VAL M 1 63.33 16.97 106.32
C VAL M 1 63.30 15.47 106.61
N GLU M 2 62.66 15.07 107.70
CA GLU M 2 62.43 13.66 108.00
C GLU M 2 61.39 13.08 107.06
N LYS M 3 60.29 13.81 106.88
CA LYS M 3 59.19 13.40 105.99
C LYS M 3 59.64 13.30 104.53
N GLN M 4 60.79 13.90 104.23
CA GLN M 4 61.47 13.61 102.98
C GLN M 4 61.73 12.11 102.82
N ALA M 5 62.18 11.48 103.92
CA ALA M 5 62.42 10.02 103.98
C ALA M 5 61.17 9.19 103.72
N ALA M 6 60.00 9.72 104.06
CA ALA M 6 58.73 9.05 103.81
C ALA M 6 58.33 9.05 102.36
N ALA M 7 58.20 10.24 101.78
CA ALA M 7 57.76 10.39 100.40
C ALA M 7 58.57 9.46 99.48
N THR M 8 59.86 9.35 99.77
CA THR M 8 60.76 8.47 99.03
C THR M 8 60.52 6.98 99.32
N LEU M 9 60.33 6.61 100.58
CA LEU M 9 60.07 5.20 100.93
C LEU M 9 58.68 4.75 100.46
N ASN M 10 57.69 5.59 100.72
CA ASN M 10 56.33 5.34 100.23
C ASN M 10 56.30 5.29 98.71
N ALA M 11 57.27 5.92 98.06
CA ALA M 11 57.49 5.73 96.63
C ALA M 11 58.07 4.33 96.34
N TRP M 12 59.04 3.93 97.16
CA TRP M 12 59.73 2.64 96.99
C TRP M 12 58.86 1.44 97.37
N MET M 13 57.62 1.70 97.82
CA MET M 13 56.60 0.66 97.92
C MET M 13 56.63 -0.18 96.66
N ARG M 14 56.35 0.46 95.53
CA ARG M 14 56.17 -0.22 94.26
C ARG M 14 57.23 0.25 93.27
N LYS M 15 58.41 -0.34 93.40
CA LYS M 15 59.54 -0.10 92.50
C LYS M 15 59.85 -1.48 91.92
N ASP M 16 61.07 -1.68 91.42
CA ASP M 16 61.56 -3.03 91.13
C ASP M 16 61.72 -3.77 92.47
N THR M 17 60.64 -4.40 92.94
CA THR M 17 60.57 -4.98 94.29
C THR M 17 59.68 -6.21 94.38
N GLU M 18 60.15 -7.24 95.07
CA GLU M 18 59.30 -8.38 95.45
C GLU M 18 58.46 -7.92 96.64
N MET M 19 59.13 -7.35 97.65
CA MET M 19 58.47 -6.68 98.76
C MET M 19 57.41 -7.52 99.50
N THR M 20 57.88 -8.54 100.23
CA THR M 20 56.98 -9.47 100.93
C THR M 20 56.08 -8.77 101.95
N SER M 21 54.78 -9.06 101.87
CA SER M 21 53.79 -8.49 102.79
C SER M 21 52.88 -9.55 103.37
N GLU M 22 53.33 -10.19 104.45
CA GLU M 22 52.54 -11.20 105.15
C GLU M 22 53.16 -11.45 106.53
N LYS M 23 52.48 -12.25 107.35
CA LYS M 23 53.00 -12.75 108.62
C LYS M 23 54.50 -13.09 108.60
N LYS M 24 55.00 -13.53 107.44
CA LYS M 24 56.36 -14.06 107.33
C LYS M 24 57.49 -13.17 107.88
N VAL M 25 57.47 -11.86 107.59
CA VAL M 25 58.45 -10.94 108.20
C VAL M 25 57.83 -10.02 109.25
N ALA M 26 56.57 -10.30 109.62
CA ALA M 26 56.00 -9.79 110.87
C ALA M 26 56.73 -10.42 112.07
N VAL M 27 57.34 -11.59 111.81
CA VAL M 27 58.26 -12.27 112.74
C VAL M 27 59.38 -11.40 113.36
N ALA M 28 59.86 -10.39 112.64
CA ALA M 28 61.15 -9.74 112.94
C ALA M 28 61.23 -8.87 114.21
N ALA M 29 62.37 -8.97 114.91
CA ALA M 29 62.80 -8.03 115.95
C ALA M 29 61.99 -8.08 117.26
N GLY M 30 62.34 -7.21 118.20
CA GLY M 30 61.79 -7.25 119.57
C GLY M 30 60.51 -6.45 119.83
N ILE M 31 60.36 -5.28 119.20
CA ILE M 31 59.11 -4.51 119.32
C ILE M 31 58.35 -4.36 118.00
N GLY M 32 59.03 -4.59 116.87
CA GLY M 32 58.34 -4.54 115.58
C GLY M 32 59.23 -4.79 114.38
N PRO M 33 58.66 -5.33 113.29
CA PRO M 33 59.38 -5.43 112.01
C PRO M 33 59.74 -4.04 111.51
N ALA M 34 58.74 -3.18 111.39
CA ALA M 34 58.93 -1.79 111.01
C ALA M 34 58.39 -0.87 112.10
N THR M 35 59.25 -0.56 113.06
CA THR M 35 59.06 0.61 113.91
C THR M 35 59.41 1.85 113.08
N VAL M 36 60.08 1.62 111.94
CA VAL M 36 60.38 2.67 110.96
C VAL M 36 59.22 2.93 109.97
N ASN M 37 58.00 2.58 110.35
CA ASN M 37 56.86 2.73 109.46
C ASN M 37 56.32 4.17 109.41
N ARG M 38 56.31 4.87 110.56
CA ARG M 38 55.93 6.29 110.59
C ARG M 38 57.07 7.23 110.99
N ILE M 39 58.26 6.70 111.28
CA ILE M 39 59.47 7.53 111.34
C ILE M 39 59.62 8.24 110.00
N MET M 40 59.30 7.51 108.94
CA MET M 40 59.35 8.02 107.60
C MET M 40 59.04 9.51 107.63
N LYS M 41 57.89 9.85 108.23
CA LYS M 41 57.40 11.24 108.28
C LYS M 41 57.63 11.95 109.62
N ALA M 42 58.46 12.99 109.57
CA ALA M 42 58.48 14.07 110.56
C ALA M 42 58.24 13.64 112.01
N GLU M 43 59.28 13.06 112.61
CA GLU M 43 59.33 12.86 114.07
C GLU M 43 60.81 12.81 114.50
N VAL M 44 61.10 12.26 115.68
CA VAL M 44 62.50 12.07 116.08
C VAL M 44 63.21 11.23 115.03
N SER M 45 64.13 11.85 114.31
CA SER M 45 64.88 11.17 113.24
C SER M 45 65.68 10.01 113.79
N THR M 46 65.47 8.82 113.20
CA THR M 46 66.22 7.64 113.59
C THR M 46 67.61 7.73 112.97
N THR M 47 68.59 7.16 113.66
CA THR M 47 70.00 7.25 113.31
C THR M 47 70.32 6.70 111.92
N ILE M 48 71.30 7.32 111.25
CA ILE M 48 71.66 6.94 109.87
C ILE M 48 72.26 5.53 109.76
N GLY M 49 72.91 5.08 110.83
CA GLY M 49 73.36 3.69 110.97
C GLY M 49 72.30 2.63 110.70
N VAL M 50 71.12 2.80 111.28
CA VAL M 50 70.00 1.88 110.99
C VAL M 50 69.35 2.20 109.64
N LEU M 51 69.53 3.45 109.17
CA LEU M 51 69.06 3.86 107.84
C LEU M 51 69.94 3.37 106.68
N SER M 52 71.18 2.98 106.96
CA SER M 52 72.10 2.51 105.91
C SER M 52 71.74 1.12 105.40
N SER M 53 71.57 0.18 106.33
CA SER M 53 71.15 -1.18 106.01
C SER M 53 69.74 -1.18 105.39
N LEU M 54 68.96 -0.17 105.75
CA LEU M 54 67.58 0.01 105.27
C LEU M 54 67.47 0.25 103.77
N ALA M 55 68.21 1.23 103.26
CA ALA M 55 68.14 1.61 101.85
C ALA M 55 68.75 0.54 100.94
N ARG M 56 69.96 0.10 101.27
CA ARG M 56 70.70 -0.85 100.40
C ARG M 56 70.07 -2.25 100.35
N ALA M 57 69.06 -2.49 101.19
CA ALA M 57 68.25 -3.71 101.10
C ALA M 57 67.59 -3.82 99.72
N PHE M 58 67.12 -2.70 99.18
CA PHE M 58 66.65 -2.62 97.80
C PHE M 58 67.66 -1.92 96.87
N GLY M 59 68.91 -1.84 97.31
CA GLY M 59 70.04 -1.44 96.45
C GLY M 59 70.33 0.04 96.37
N HIS M 60 69.83 0.81 97.34
CA HIS M 60 69.99 2.26 97.34
C HIS M 60 70.79 2.75 98.54
N GLU M 61 71.33 3.95 98.44
CA GLU M 61 72.07 4.58 99.54
C GLU M 61 71.10 5.21 100.55
N ALA M 62 71.60 5.46 101.75
CA ALA M 62 70.80 6.07 102.81
C ALA M 62 70.41 7.51 102.48
N TYR M 63 71.34 8.25 101.87
CA TYR M 63 71.09 9.65 101.52
C TYR M 63 70.00 9.77 100.46
N GLU M 64 69.83 8.72 99.67
CA GLU M 64 68.80 8.69 98.64
C GLU M 64 67.41 8.47 99.21
N MET M 65 67.34 7.90 100.41
CA MET M 65 66.08 7.86 101.12
C MET M 65 65.66 9.23 101.61
N ILE M 66 66.61 10.15 101.79
CA ILE M 66 66.28 11.52 102.21
C ILE M 66 66.62 12.56 101.13
N ILE M 67 65.84 12.59 100.06
CA ILE M 67 66.06 13.53 98.94
C ILE M 67 64.74 14.10 98.39
N PRO M 68 64.62 15.44 98.33
CA PRO M 68 63.45 16.10 97.73
C PRO M 68 63.34 15.95 96.21
N VAL M 69 62.21 15.43 95.75
CA VAL M 69 61.87 15.47 94.33
C VAL M 69 61.84 16.92 93.86
N GLY M 70 62.43 17.18 92.70
CA GLY M 70 62.52 18.54 92.16
C GLY M 70 63.45 19.41 92.99
N ALA M 71 62.95 20.58 93.41
CA ALA M 71 63.75 21.56 94.16
C ALA M 71 64.67 22.37 93.24
N PRO M 72 65.25 23.48 93.75
CA PRO M 72 66.05 24.36 92.89
C PRO M 72 67.47 23.90 92.57
N GLY M 73 68.19 23.39 93.57
CA GLY M 73 69.63 23.15 93.41
C GLY M 73 70.05 22.05 92.46
N ILE M 74 69.20 21.04 92.32
CA ILE M 74 69.60 19.77 91.69
C ILE M 74 68.75 19.43 90.49
N ILE M 75 69.17 18.40 89.76
CA ILE M 75 68.43 17.91 88.60
C ILE M 75 67.63 16.70 89.06
N ASP M 76 66.33 16.70 88.79
CA ASP M 76 65.46 15.61 89.23
C ASP M 76 65.56 14.42 88.28
N TYR M 77 66.07 13.31 88.81
CA TYR M 77 66.25 12.08 88.04
C TYR M 77 66.59 10.96 89.02
N ASP M 78 66.25 9.72 88.65
CA ASP M 78 66.51 8.57 89.52
C ASP M 78 67.96 8.09 89.43
N HIS M 79 68.56 7.80 90.59
CA HIS M 79 69.97 7.36 90.72
C HIS M 79 70.25 5.99 90.02
N ARG M 80 69.22 5.38 89.47
CA ARG M 80 69.35 4.28 88.50
C ARG M 80 70.18 4.66 87.26
N MET M 81 70.74 5.87 87.22
CA MET M 81 71.88 6.14 86.34
C MET M 81 72.92 5.12 86.72
N TYR M 82 73.16 5.03 88.03
CA TYR M 82 73.90 3.93 88.66
C TYR M 82 75.33 3.71 88.14
N ALA M 83 76.02 2.74 88.71
CA ALA M 83 77.47 2.56 88.48
C ALA M 83 77.82 1.34 87.63
N ALA M 84 76.84 0.48 87.36
CA ALA M 84 77.02 -0.66 86.47
C ALA M 84 77.41 -0.22 85.06
N LEU M 85 76.93 0.95 84.67
CA LEU M 85 77.07 1.43 83.29
C LEU M 85 78.47 2.00 83.06
N PRO M 86 79.17 1.50 82.02
CA PRO M 86 80.26 2.17 81.32
C PRO M 86 79.88 3.58 80.82
N GLN M 87 80.86 4.46 80.68
CA GLN M 87 80.59 5.87 80.39
C GLN M 87 79.49 6.17 79.32
N GLU M 88 79.31 5.26 78.37
CA GLU M 88 78.73 5.56 77.05
C GLU M 88 77.45 6.41 77.03
N GLU M 89 76.35 5.92 77.57
CA GLU M 89 75.12 6.73 77.63
C GLU M 89 75.29 7.90 78.58
N LYS M 90 76.09 7.71 79.63
CA LYS M 90 76.33 8.77 80.59
C LYS M 90 77.08 9.95 79.99
N ASN M 91 77.87 9.73 78.93
CA ASN M 91 78.54 10.85 78.25
C ASN M 91 77.63 11.58 77.31
N LYS M 92 76.88 10.85 76.49
CA LYS M 92 75.93 11.49 75.58
C LYS M 92 75.24 12.59 76.40
N ILE M 93 75.00 12.28 77.68
CA ILE M 93 74.50 13.25 78.63
C ILE M 93 75.60 14.23 79.08
N THR M 94 76.74 13.72 79.55
CA THR M 94 77.90 14.58 79.93
C THR M 94 78.23 15.62 78.85
N SER M 95 78.18 15.19 77.60
CA SER M 95 78.30 16.09 76.46
C SER M 95 77.08 16.99 76.37
N PHE M 96 75.89 16.46 76.65
CA PHE M 96 74.68 17.29 76.62
C PHE M 96 74.83 18.54 77.48
N ILE M 97 74.98 18.37 78.80
CA ILE M 97 75.17 19.49 79.74
C ILE M 97 76.19 20.53 79.27
N ASN M 98 77.33 20.05 78.78
CA ASN M 98 78.37 20.93 78.22
C ASN M 98 77.84 21.60 76.95
N PHE M 99 77.32 20.78 76.04
CA PHE M 99 76.91 21.24 74.72
C PHE M 99 75.43 21.69 74.65
N VAL M 100 74.84 22.06 75.79
CA VAL M 100 73.55 22.76 75.77
C VAL M 100 73.83 24.13 75.11
N PHE M 101 72.81 24.77 74.56
CA PHE M 101 72.99 26.08 73.88
C PHE M 101 73.61 27.11 74.80
N GLU M 102 73.39 26.92 76.11
CA GLU M 102 73.86 27.81 77.13
C GLU M 102 73.11 29.13 77.06
N GLN M 103 71.85 29.10 76.63
CA GLN M 103 71.02 30.31 76.70
C GLN M 103 70.85 30.74 78.15
N ASN M 104 70.87 29.78 79.07
CA ASN M 104 70.88 30.07 80.51
C ASN M 104 72.09 30.92 80.94
N LYS M 105 73.17 30.89 80.14
CA LYS M 105 74.25 31.86 80.27
C LYS M 105 73.76 33.22 79.80
N VAL N 1 80.26 5.63 106.08
CA VAL N 1 78.82 6.05 106.12
C VAL N 1 78.57 7.18 107.14
N GLU N 2 78.80 6.89 108.41
CA GLU N 2 78.77 7.90 109.49
C GLU N 2 80.07 8.70 109.46
N LYS N 3 81.09 8.10 108.86
CA LYS N 3 82.48 8.55 108.92
C LYS N 3 82.73 9.64 107.88
N GLN N 4 82.01 9.55 106.76
CA GLN N 4 82.06 10.54 105.69
C GLN N 4 81.73 11.93 106.21
N ALA N 5 80.60 12.02 106.91
CA ALA N 5 80.08 13.28 107.47
C ALA N 5 81.12 14.03 108.28
N ALA N 6 81.86 13.30 109.10
CA ALA N 6 82.90 13.89 109.94
C ALA N 6 83.94 14.59 109.10
N ALA N 7 84.36 13.91 108.03
CA ALA N 7 85.36 14.45 107.11
C ALA N 7 84.90 15.78 106.52
N THR N 8 83.70 15.77 105.95
CA THR N 8 83.13 16.98 105.33
C THR N 8 82.85 18.08 106.35
N LEU N 9 82.55 17.70 107.59
CA LEU N 9 82.33 18.68 108.67
C LEU N 9 83.65 19.33 109.07
N ASN N 10 84.70 18.54 109.20
CA ASN N 10 86.03 19.07 109.47
C ASN N 10 86.50 19.99 108.35
N ALA N 11 86.24 19.57 107.11
CA ALA N 11 86.58 20.39 105.94
C ALA N 11 85.83 21.73 105.95
N TRP N 12 84.50 21.67 106.11
CA TRP N 12 83.65 22.88 106.20
C TRP N 12 83.95 23.71 107.44
N MET N 13 84.38 23.04 108.50
CA MET N 13 84.74 23.69 109.76
C MET N 13 86.03 24.52 109.63
N ARG N 14 86.98 24.05 108.83
CA ARG N 14 88.26 24.77 108.66
C ARG N 14 88.19 25.98 107.72
N LYS N 15 87.05 26.18 107.03
CA LYS N 15 86.82 27.45 106.33
C LYS N 15 85.36 27.94 106.46
N ASP N 16 85.21 29.09 107.12
CA ASP N 16 83.95 29.76 107.43
C ASP N 16 84.38 30.91 108.34
N THR N 17 83.54 31.91 108.57
CA THR N 17 83.92 32.96 109.54
C THR N 17 83.98 32.41 110.97
N GLU N 18 83.23 31.33 111.23
CA GLU N 18 83.25 30.63 112.53
C GLU N 18 84.45 29.68 112.72
N MET N 19 85.03 29.19 111.62
CA MET N 19 86.31 28.47 111.58
C MET N 19 86.79 27.76 112.86
N THR N 20 86.69 26.43 112.85
CA THR N 20 87.31 25.55 113.86
C THR N 20 86.92 25.85 115.31
N SER N 21 85.65 26.18 115.53
CA SER N 21 85.11 26.33 116.90
C SER N 21 84.01 25.28 117.15
N GLU N 22 84.42 24.17 117.77
CA GLU N 22 83.51 23.05 118.07
C GLU N 22 82.22 23.47 118.78
N LYS N 23 82.32 24.42 119.70
CA LYS N 23 81.14 24.91 120.41
C LYS N 23 80.32 25.92 119.58
N LYS N 24 80.96 26.75 118.76
CA LYS N 24 80.20 27.77 118.01
C LYS N 24 79.57 27.31 116.70
N VAL N 25 80.09 26.23 116.11
CA VAL N 25 79.40 25.60 114.97
C VAL N 25 78.25 24.75 115.53
N ALA N 26 78.40 24.31 116.77
CA ALA N 26 77.34 23.55 117.47
C ALA N 26 76.10 24.42 117.71
N VAL N 27 76.32 25.62 118.25
CA VAL N 27 75.23 26.56 118.54
C VAL N 27 74.65 27.20 117.27
N ALA N 28 75.48 27.38 116.25
CA ALA N 28 75.00 27.78 114.93
C ALA N 28 74.04 26.72 114.40
N ALA N 29 74.43 25.46 114.59
CA ALA N 29 73.56 24.32 114.29
C ALA N 29 72.33 24.32 115.18
N GLY N 30 72.49 24.76 116.42
CA GLY N 30 71.36 24.91 117.33
C GLY N 30 71.04 23.64 118.09
N ILE N 31 72.03 22.77 118.25
CA ILE N 31 71.94 21.64 119.16
C ILE N 31 73.09 21.77 120.16
N GLY N 32 72.95 21.12 121.31
CA GLY N 32 73.94 21.22 122.38
C GLY N 32 75.35 20.91 121.92
N PRO N 33 76.35 21.65 122.44
CA PRO N 33 77.76 21.29 122.27
C PRO N 33 78.13 19.93 122.90
N ALA N 34 77.36 19.48 123.89
CA ALA N 34 77.51 18.15 124.46
C ALA N 34 77.29 17.05 123.42
N THR N 35 76.23 17.19 122.63
CA THR N 35 75.87 16.22 121.57
C THR N 35 76.92 16.19 120.45
N VAL N 36 77.14 17.36 119.84
CA VAL N 36 77.93 17.50 118.60
C VAL N 36 79.32 16.85 118.61
N ASN N 37 80.05 16.93 119.73
CA ASN N 37 81.46 16.50 119.75
C ASN N 37 81.65 15.06 119.26
N ARG N 38 80.64 14.21 119.52
CA ARG N 38 80.71 12.82 119.07
C ARG N 38 80.47 12.75 117.54
N ILE N 39 79.72 13.72 117.01
CA ILE N 39 79.39 13.77 115.57
C ILE N 39 80.60 14.18 114.72
N MET N 40 81.25 15.29 115.09
CA MET N 40 82.45 15.76 114.38
C MET N 40 83.54 14.70 114.36
N LYS N 41 83.64 13.92 115.44
CA LYS N 41 84.59 12.81 115.51
C LYS N 41 83.99 11.42 115.17
N ALA N 42 82.75 11.42 114.68
CA ALA N 42 82.10 10.21 114.15
C ALA N 42 81.97 9.08 115.15
N GLU N 43 81.89 9.45 116.43
CA GLU N 43 81.79 8.48 117.51
C GLU N 43 80.36 8.01 117.67
N VAL N 44 79.40 8.90 117.45
CA VAL N 44 77.97 8.56 117.41
C VAL N 44 77.47 8.39 115.97
N SER N 45 76.63 7.39 115.76
CA SER N 45 75.85 7.27 114.52
C SER N 45 74.64 8.16 114.71
N THR N 46 74.58 9.26 113.97
CA THR N 46 73.65 10.35 114.27
C THR N 46 72.38 10.36 113.41
N THR N 47 71.56 11.38 113.64
CA THR N 47 70.29 11.54 112.94
C THR N 47 70.51 12.22 111.60
N ILE N 48 69.48 12.27 110.78
CA ILE N 48 69.47 13.17 109.63
C ILE N 48 69.14 14.60 110.10
N GLY N 49 68.39 14.70 111.20
CA GLY N 49 68.06 15.98 111.82
C GLY N 49 69.26 16.80 112.29
N VAL N 50 70.27 16.13 112.85
CA VAL N 50 71.51 16.78 113.26
C VAL N 50 72.26 17.30 112.03
N LEU N 51 72.41 16.45 111.02
CA LEU N 51 73.10 16.84 109.78
C LEU N 51 72.54 18.16 109.22
N SER N 52 71.21 18.28 109.20
CA SER N 52 70.52 19.48 108.62
C SER N 52 71.06 20.77 109.17
N SER N 53 70.72 21.06 110.42
CA SER N 53 71.02 22.35 111.02
C SER N 53 72.53 22.53 111.23
N LEU N 54 73.25 21.43 111.39
CA LEU N 54 74.72 21.45 111.35
C LEU N 54 75.21 21.86 109.96
N ALA N 55 74.60 21.29 108.92
CA ALA N 55 74.93 21.58 107.53
C ALA N 55 74.45 22.96 107.09
N ARG N 56 73.26 23.34 107.55
CA ARG N 56 72.65 24.62 107.18
C ARG N 56 73.42 25.82 107.73
N ALA N 57 74.18 25.60 108.80
CA ALA N 57 75.09 26.61 109.35
C ALA N 57 76.21 27.00 108.37
N PHE N 58 76.72 26.02 107.62
CA PHE N 58 77.77 26.27 106.61
C PHE N 58 77.17 26.63 105.24
N GLY N 59 75.85 26.64 105.15
CA GLY N 59 75.15 27.09 103.96
C GLY N 59 74.86 26.00 102.95
N HIS N 60 74.92 24.74 103.37
CA HIS N 60 74.61 23.63 102.47
C HIS N 60 73.66 22.60 103.11
N GLU N 61 73.31 21.58 102.34
CA GLU N 61 72.24 20.64 102.70
C GLU N 61 72.80 19.37 103.37
N ALA N 62 71.97 18.75 104.21
CA ALA N 62 72.41 17.71 105.17
C ALA N 62 72.92 16.40 104.58
N TYR N 63 72.05 15.69 103.85
CA TYR N 63 72.45 14.44 103.17
C TYR N 63 73.69 14.62 102.28
N GLU N 64 74.14 15.86 102.10
CA GLU N 64 75.23 16.19 101.20
C GLU N 64 76.60 16.22 101.88
N MET N 65 76.63 16.03 103.20
CA MET N 65 77.88 15.90 103.96
C MET N 65 78.43 14.47 103.94
N ILE N 66 77.60 13.54 103.48
CA ILE N 66 77.96 12.14 103.43
C ILE N 66 78.11 11.70 101.97
N ILE N 67 79.26 12.06 101.36
CA ILE N 67 79.53 11.66 99.98
C ILE N 67 80.00 10.20 99.95
N PRO N 68 79.21 9.29 99.36
CA PRO N 68 79.70 7.92 99.25
C PRO N 68 80.96 7.79 98.40
N VAL N 69 81.59 6.63 98.50
CA VAL N 69 82.80 6.33 97.73
C VAL N 69 82.49 6.58 96.27
N GLY N 70 83.23 7.48 95.64
CA GLY N 70 83.01 7.79 94.24
C GLY N 70 81.62 8.32 93.95
N ALA N 71 81.40 8.69 92.69
CA ALA N 71 80.09 9.12 92.22
C ALA N 71 79.49 7.99 91.39
N PRO N 72 78.68 7.12 92.02
CA PRO N 72 77.93 6.18 91.19
C PRO N 72 76.83 6.92 90.41
N GLY N 73 76.18 7.89 91.07
CA GLY N 73 75.11 8.69 90.47
C GLY N 73 75.51 10.14 90.29
N ILE N 74 75.06 10.75 89.20
CA ILE N 74 75.33 12.17 88.85
C ILE N 74 76.75 12.34 88.31
N ILE N 75 76.96 13.49 87.69
CA ILE N 75 78.25 13.91 87.18
C ILE N 75 78.53 15.32 87.72
N ASP N 76 79.80 15.73 87.71
CA ASP N 76 80.18 17.06 88.18
C ASP N 76 79.50 18.18 87.36
N TYR N 77 78.64 18.94 88.01
CA TYR N 77 78.05 20.11 87.38
C TYR N 77 77.84 21.13 88.47
N ASP N 78 77.85 22.41 88.11
CA ASP N 78 77.52 23.44 89.07
C ASP N 78 76.03 23.33 89.36
N HIS N 79 75.71 23.29 90.64
CA HIS N 79 74.35 23.04 91.10
C HIS N 79 73.65 24.40 91.08
N ARG N 80 72.42 24.45 91.56
CA ARG N 80 71.59 25.66 91.49
C ARG N 80 71.36 26.00 90.00
N MET N 81 71.48 27.29 89.65
CA MET N 81 71.64 27.72 88.27
C MET N 81 70.26 27.81 87.61
N TYR N 82 70.12 27.04 86.54
CA TYR N 82 68.90 26.91 85.82
C TYR N 82 68.05 25.78 86.43
N ALA N 83 68.69 24.85 87.13
CA ALA N 83 67.96 23.87 87.93
C ALA N 83 67.15 24.61 89.00
N ALA N 84 67.70 25.72 89.50
CA ALA N 84 66.99 26.63 90.40
C ALA N 84 65.73 27.20 89.76
N LEU N 85 65.76 27.36 88.43
CA LEU N 85 64.58 27.70 87.65
C LEU N 85 63.76 26.42 87.39
N PRO N 86 62.64 26.24 88.12
CA PRO N 86 61.88 25.00 88.03
C PRO N 86 60.90 24.96 86.87
N GLN N 87 61.15 24.13 85.86
CA GLN N 87 60.15 23.85 84.85
C GLN N 87 60.23 22.38 84.42
N GLU N 88 59.11 21.65 84.51
CA GLU N 88 59.08 20.23 84.14
C GLU N 88 58.82 20.04 82.64
N GLU N 89 58.22 21.04 82.00
CA GLU N 89 58.13 21.10 80.54
C GLU N 89 59.47 21.53 79.93
N LYS N 90 60.34 22.11 80.76
CA LYS N 90 61.68 22.50 80.33
C LYS N 90 62.45 21.29 79.88
N ASN N 91 62.55 20.33 80.78
CA ASN N 91 63.44 19.22 80.66
C ASN N 91 64.72 19.51 79.87
N LYS N 92 65.55 20.46 80.33
CA LYS N 92 66.79 20.77 79.63
C LYS N 92 67.61 19.50 79.72
N ILE N 93 68.09 19.25 80.93
CA ILE N 93 68.86 18.07 81.24
C ILE N 93 67.87 16.97 81.63
N THR N 94 66.77 17.37 82.27
CA THR N 94 65.75 16.42 82.73
C THR N 94 65.18 15.46 81.66
N SER N 95 64.95 15.93 80.44
CA SER N 95 64.32 15.09 79.40
C SER N 95 65.35 14.20 78.79
N PHE N 96 66.47 14.80 78.39
CA PHE N 96 67.53 14.05 77.74
C PHE N 96 67.96 12.87 78.60
N ILE N 97 67.94 13.07 79.93
CA ILE N 97 68.09 12.01 80.93
C ILE N 97 66.93 11.02 80.86
N ASN N 98 65.72 11.50 81.18
CA ASN N 98 64.54 10.63 81.21
C ASN N 98 64.35 9.89 79.89
N PHE N 99 64.76 10.53 78.80
CA PHE N 99 64.58 10.02 77.44
C PHE N 99 65.11 8.62 77.29
N VAL N 100 66.30 8.39 77.81
CA VAL N 100 67.00 7.13 77.59
C VAL N 100 66.00 5.95 77.54
N PHE N 101 66.10 5.18 76.46
CA PHE N 101 65.18 4.09 76.17
C PHE N 101 65.01 3.13 77.33
N GLU N 102 66.12 2.90 78.04
CA GLU N 102 66.32 1.78 78.95
C GLU N 102 67.71 1.22 78.65
N VAL O 1 92.40 56.92 79.90
CA VAL O 1 92.31 57.99 80.95
C VAL O 1 92.86 59.36 80.48
N GLU O 2 94.14 59.42 80.13
CA GLU O 2 94.83 60.69 79.87
C GLU O 2 95.26 60.90 78.41
N LYS O 3 95.25 59.83 77.61
CA LYS O 3 95.30 59.94 76.14
C LYS O 3 93.90 60.12 75.55
N GLN O 4 92.87 59.83 76.36
CA GLN O 4 91.49 60.20 76.04
C GLN O 4 91.29 61.69 76.17
N ALA O 5 92.09 62.31 77.04
CA ALA O 5 92.18 63.77 77.10
C ALA O 5 92.37 64.31 75.68
N ALA O 6 93.40 63.84 75.00
CA ALA O 6 93.62 64.18 73.58
C ALA O 6 92.36 63.90 72.76
N ALA O 7 91.87 62.66 72.84
CA ALA O 7 90.75 62.20 72.01
C ALA O 7 89.58 63.17 72.02
N THR O 8 89.05 63.45 73.21
CA THR O 8 87.87 64.31 73.36
C THR O 8 88.21 65.77 73.05
N LEU O 9 89.30 66.26 73.62
CA LEU O 9 89.78 67.61 73.32
C LEU O 9 89.82 67.80 71.81
N ASN O 10 90.58 66.94 71.13
CA ASN O 10 90.67 66.96 69.68
C ASN O 10 89.31 66.77 69.02
N ALA O 11 88.51 65.84 69.57
CA ALA O 11 87.17 65.54 69.04
C ALA O 11 86.20 66.71 69.13
N TRP O 12 86.29 67.46 70.23
CA TRP O 12 85.42 68.62 70.43
C TRP O 12 85.76 69.72 69.44
N MET O 13 87.03 69.77 69.03
CA MET O 13 87.49 70.71 68.00
C MET O 13 87.24 70.18 66.58
N ARG O 14 87.41 68.88 66.36
CA ARG O 14 87.17 68.28 65.03
C ARG O 14 85.70 68.44 64.59
N LYS O 15 84.79 68.51 65.56
CA LYS O 15 83.38 68.79 65.28
C LYS O 15 83.23 70.25 64.88
N ASP O 16 82.23 70.54 64.04
CA ASP O 16 82.06 71.89 63.46
C ASP O 16 81.91 73.00 64.50
N THR O 17 81.58 72.64 65.73
CA THR O 17 80.88 73.54 66.66
C THR O 17 81.15 75.04 66.52
N GLU O 18 82.36 75.41 66.10
CA GLU O 18 82.80 76.81 65.96
C GLU O 18 83.90 77.09 67.00
N MET O 19 83.98 76.19 67.99
CA MET O 19 85.11 76.11 68.90
C MET O 19 86.27 75.32 68.27
N THR O 20 86.07 74.85 67.04
CA THR O 20 87.06 74.11 66.27
C THR O 20 88.47 74.74 66.25
N SER O 21 88.53 76.08 66.32
CA SER O 21 89.80 76.80 66.32
C SER O 21 90.34 77.01 67.74
N GLU O 22 91.66 76.88 67.90
CA GLU O 22 92.29 76.85 69.23
C GLU O 22 92.38 78.20 69.95
N LYS O 23 92.51 79.29 69.19
CA LYS O 23 92.81 80.58 69.80
C LYS O 23 91.73 81.06 70.78
N LYS O 24 90.46 80.76 70.47
CA LYS O 24 89.35 81.21 71.32
C LYS O 24 88.83 80.12 72.27
N VAL O 25 89.50 78.98 72.34
CA VAL O 25 89.20 77.96 73.36
C VAL O 25 89.98 78.28 74.63
N ALA O 26 91.15 78.90 74.45
CA ALA O 26 92.01 79.31 75.57
C ALA O 26 91.35 80.41 76.42
N VAL O 27 90.60 81.30 75.77
CA VAL O 27 89.96 82.41 76.47
C VAL O 27 88.61 81.97 77.08
N ALA O 28 87.90 81.10 76.38
CA ALA O 28 86.63 80.54 76.87
C ALA O 28 86.85 79.71 78.12
N ALA O 29 87.88 78.87 78.11
CA ALA O 29 88.31 78.16 79.31
C ALA O 29 89.11 79.09 80.23
N GLY O 30 89.59 80.19 79.67
CA GLY O 30 90.29 81.22 80.43
C GLY O 30 91.66 80.75 80.86
N ILE O 31 92.31 80.01 79.97
CA ILE O 31 93.59 79.40 80.27
C ILE O 31 94.68 80.47 80.07
N GLY O 32 95.49 80.68 81.09
CA GLY O 32 96.51 81.74 81.08
C GLY O 32 97.55 81.54 79.99
N PRO O 33 98.27 82.63 79.64
CA PRO O 33 99.28 82.56 78.58
C PRO O 33 100.55 81.82 79.05
N ALA O 34 100.37 80.56 79.43
CA ALA O 34 101.45 79.70 79.91
C ALA O 34 101.03 78.22 79.83
N THR O 35 99.91 77.90 80.47
CA THR O 35 99.44 76.53 80.62
C THR O 35 98.84 75.90 79.34
N VAL O 36 98.14 76.72 78.54
CA VAL O 36 97.38 76.24 77.36
C VAL O 36 98.17 75.58 76.22
N ASN O 37 99.49 75.78 76.20
CA ASN O 37 100.27 75.62 74.97
C ASN O 37 100.20 74.21 74.34
N ARG O 38 100.72 73.18 75.01
CA ARG O 38 100.61 71.79 74.49
C ARG O 38 99.77 70.89 75.39
N ILE O 39 98.76 71.50 76.01
CA ILE O 39 97.60 70.77 76.53
C ILE O 39 96.80 70.23 75.32
N MET O 40 97.01 70.86 74.16
CA MET O 40 96.30 70.52 72.92
C MET O 40 96.39 69.06 72.49
N LYS O 41 97.57 68.46 72.63
CA LYS O 41 97.76 67.04 72.25
C LYS O 41 97.64 66.10 73.46
N ALA O 42 97.65 66.66 74.67
CA ALA O 42 97.25 65.95 75.89
C ALA O 42 97.74 64.50 76.01
N GLU O 43 99.02 64.28 75.71
CA GLU O 43 99.66 62.98 75.93
C GLU O 43 100.23 62.92 77.35
N VAL O 44 100.20 64.07 78.04
CA VAL O 44 100.68 64.23 79.41
C VAL O 44 99.53 64.18 80.43
N SER O 45 99.82 63.65 81.62
CA SER O 45 98.80 63.50 82.67
C SER O 45 98.51 64.80 83.42
N THR O 46 97.42 65.45 83.00
CA THR O 46 97.06 66.79 83.46
C THR O 46 96.42 66.75 84.84
N THR O 47 96.46 67.89 85.53
CA THR O 47 95.69 68.13 86.75
C THR O 47 94.18 67.85 86.54
N ILE O 48 93.49 67.39 87.59
CA ILE O 48 92.05 67.02 87.48
C ILE O 48 91.16 68.26 87.37
N GLY O 49 91.54 69.32 88.06
CA GLY O 49 90.84 70.60 87.98
C GLY O 49 90.90 71.17 86.58
N VAL O 50 92.10 71.28 86.03
CA VAL O 50 92.27 71.83 84.68
C VAL O 50 91.25 71.21 83.74
N LEU O 51 91.03 69.90 83.88
CA LEU O 51 90.04 69.18 83.08
C LEU O 51 88.60 69.65 83.34
N SER O 52 88.26 69.86 84.62
CA SER O 52 86.93 70.32 85.01
C SER O 52 86.64 71.74 84.50
N SER O 53 87.67 72.60 84.48
CA SER O 53 87.55 73.97 84.00
C SER O 53 87.39 74.02 82.49
N LEU O 54 88.16 73.20 81.79
CA LEU O 54 88.08 73.06 80.34
C LEU O 54 86.78 72.39 79.91
N ALA O 55 86.32 71.45 80.73
CA ALA O 55 85.14 70.64 80.41
C ALA O 55 83.83 71.44 80.33
N ARG O 56 83.28 71.86 81.47
CA ARG O 56 82.01 72.60 81.46
C ARG O 56 82.12 74.00 80.85
N ALA O 57 83.31 74.39 80.40
CA ALA O 57 83.46 75.50 79.48
C ALA O 57 82.77 75.17 78.14
N PHE O 58 82.76 73.88 77.79
CA PHE O 58 81.99 73.37 76.64
C PHE O 58 80.50 73.15 76.94
N GLY O 59 80.13 73.18 78.22
CA GLY O 59 78.81 72.78 78.67
C GLY O 59 78.80 71.31 79.09
N HIS O 60 79.98 70.69 79.13
CA HIS O 60 80.12 69.26 79.38
C HIS O 60 80.66 68.94 80.77
N GLU O 61 80.09 67.92 81.39
CA GLU O 61 80.14 67.71 82.84
C GLU O 61 80.93 66.46 83.21
N ALA O 62 81.17 66.28 84.52
CA ALA O 62 82.28 65.48 85.06
C ALA O 62 82.70 64.19 84.32
N TYR O 63 81.77 63.53 83.63
CA TYR O 63 82.16 62.37 82.83
C TYR O 63 83.20 62.78 81.76
N GLU O 64 82.78 63.58 80.78
CA GLU O 64 83.68 64.15 79.77
C GLU O 64 84.57 63.17 78.99
N MET O 65 85.70 62.87 79.61
CA MET O 65 86.96 62.70 78.91
C MET O 65 87.75 61.47 79.37
N ILE O 66 87.12 60.69 80.26
CA ILE O 66 87.79 59.63 80.99
C ILE O 66 87.15 58.26 80.72
N ILE O 67 86.05 58.26 79.98
CA ILE O 67 85.26 57.05 79.77
C ILE O 67 85.92 56.17 78.70
N PRO O 68 86.12 54.88 79.00
CA PRO O 68 86.79 53.92 78.13
C PRO O 68 86.38 53.99 76.64
N VAL O 69 87.35 53.80 75.74
CA VAL O 69 87.13 53.92 74.29
C VAL O 69 86.24 52.78 73.82
N GLY O 70 86.73 51.54 73.96
CA GLY O 70 85.94 50.36 73.69
C GLY O 70 84.69 50.33 74.55
N ALA O 71 84.79 50.95 75.72
CA ALA O 71 83.67 51.05 76.66
C ALA O 71 83.19 49.66 77.07
N PRO O 72 84.11 48.82 77.59
CA PRO O 72 83.77 47.45 77.98
C PRO O 72 83.08 47.36 79.35
N GLY O 73 81.92 46.71 79.39
CA GLY O 73 81.25 46.39 80.65
C GLY O 73 80.55 47.53 81.37
N ILE O 74 80.52 48.71 80.76
CA ILE O 74 79.83 49.87 81.33
C ILE O 74 79.14 50.68 80.22
N ILE O 75 77.89 51.05 80.48
CA ILE O 75 76.94 51.46 79.43
C ILE O 75 77.41 52.69 78.68
N ASP O 76 77.77 52.51 77.41
CA ASP O 76 78.26 53.62 76.60
C ASP O 76 77.09 54.34 75.92
N TYR O 77 76.83 55.56 76.39
CA TYR O 77 75.86 56.46 75.78
C TYR O 77 76.39 57.87 75.86
N ASP O 78 75.75 58.78 75.13
CA ASP O 78 76.13 60.18 75.16
C ASP O 78 76.17 60.61 76.64
N HIS O 79 77.34 61.04 77.10
CA HIS O 79 77.61 61.27 78.53
C HIS O 79 76.65 62.30 79.12
N ARG O 80 76.51 63.43 78.43
CA ARG O 80 75.44 64.38 78.72
C ARG O 80 74.10 63.74 78.40
N MET O 81 74.06 63.02 77.27
CA MET O 81 72.84 62.41 76.75
C MET O 81 71.93 63.56 76.32
N TYR O 82 70.64 63.44 76.62
CA TYR O 82 69.73 64.56 76.45
C TYR O 82 69.84 65.47 77.66
N ALA O 83 70.58 65.03 78.68
CA ALA O 83 71.06 65.92 79.72
C ALA O 83 69.91 66.40 80.60
N ALA O 84 69.75 67.72 80.80
CA ALA O 84 68.65 68.24 81.62
C ALA O 84 67.31 68.09 80.90
N LEU O 85 66.36 67.40 81.54
CA LEU O 85 65.08 67.10 80.88
C LEU O 85 63.91 67.06 81.84
N PRO O 86 62.68 67.03 81.28
CA PRO O 86 61.55 66.50 82.04
C PRO O 86 61.88 65.07 82.42
N GLN O 87 61.70 64.72 83.69
CA GLN O 87 61.98 63.37 84.12
C GLN O 87 61.20 62.39 83.25
N GLU O 88 60.00 62.80 82.83
CA GLU O 88 59.14 62.01 81.95
C GLU O 88 59.95 61.07 81.07
N GLU O 89 60.80 61.64 80.21
CA GLU O 89 61.54 60.83 79.24
C GLU O 89 62.65 60.03 79.88
N LYS O 90 63.33 60.61 80.86
CA LYS O 90 64.45 59.93 81.51
C LYS O 90 63.99 58.65 82.18
N ASN O 91 62.87 58.74 82.89
CA ASN O 91 62.28 57.60 83.58
C ASN O 91 62.25 56.33 82.73
N LYS O 92 61.94 56.46 81.44
CA LYS O 92 61.71 55.28 80.60
C LYS O 92 63.01 54.57 80.16
N ILE O 93 64.15 55.26 80.17
CA ILE O 93 65.44 54.61 79.89
C ILE O 93 65.89 53.79 81.09
N THR O 94 65.72 54.35 82.28
CA THR O 94 65.93 53.58 83.52
C THR O 94 64.87 52.49 83.62
N SER O 95 63.64 52.79 83.21
CA SER O 95 62.50 51.86 83.29
C SER O 95 62.68 50.48 82.63
N PHE O 96 63.72 50.29 81.81
CA PHE O 96 64.07 48.97 81.28
C PHE O 96 64.12 47.89 82.39
N ILE O 97 64.63 48.26 83.56
CA ILE O 97 64.67 47.36 84.73
C ILE O 97 63.30 46.79 85.12
N ASN O 98 62.25 47.62 85.02
CA ASN O 98 60.92 47.26 85.50
C ASN O 98 60.28 46.14 84.67
N PHE O 99 59.98 46.45 83.40
CA PHE O 99 59.23 45.53 82.53
C PHE O 99 59.74 44.10 82.68
N VAL O 100 61.06 43.98 82.69
CA VAL O 100 61.75 42.72 82.92
C VAL O 100 63.14 43.10 83.45
N PHE O 101 63.46 42.55 84.62
CA PHE O 101 64.76 42.73 85.24
C PHE O 101 65.75 41.83 84.48
N GLU O 102 65.24 40.70 84.04
CA GLU O 102 66.04 39.51 83.77
C GLU O 102 66.03 39.05 82.31
N GLN O 103 67.07 38.31 81.97
CA GLN O 103 67.30 37.86 80.60
C GLN O 103 67.56 36.36 80.57
N ASN O 104 68.61 35.93 81.30
CA ASN O 104 69.05 34.54 81.31
C ASN O 104 68.73 33.81 82.63
N LYS O 105 68.23 34.55 83.62
CA LYS O 105 68.18 34.06 84.99
C LYS O 105 66.99 34.63 85.75
N VAL P 1 84.71 68.98 93.16
CA VAL P 1 85.49 68.23 92.12
C VAL P 1 86.49 67.32 92.81
N GLU P 2 87.59 67.90 93.28
CA GLU P 2 88.63 67.18 94.01
C GLU P 2 88.15 66.81 95.42
N LYS P 3 87.28 67.67 95.95
CA LYS P 3 86.69 67.55 97.28
C LYS P 3 85.92 66.25 97.39
N GLN P 4 85.26 65.90 96.30
CA GLN P 4 84.47 64.69 96.24
C GLN P 4 85.38 63.47 96.06
N ALA P 5 86.27 63.51 95.06
CA ALA P 5 87.27 62.45 94.88
C ALA P 5 87.83 61.99 96.20
N ALA P 6 88.09 62.95 97.08
CA ALA P 6 88.54 62.66 98.43
C ALA P 6 87.55 61.84 99.27
N ALA P 7 86.27 62.16 99.17
CA ALA P 7 85.22 61.41 99.87
C ALA P 7 85.09 59.98 99.38
N THR P 8 85.33 59.74 98.09
CA THR P 8 85.20 58.41 97.50
C THR P 8 86.34 57.47 97.91
N LEU P 9 87.53 58.02 98.05
CA LEU P 9 88.69 57.26 98.55
C LEU P 9 88.61 57.01 100.04
N ASN P 10 88.27 58.04 100.82
CA ASN P 10 88.06 57.90 102.25
C ASN P 10 86.96 56.88 102.57
N ALA P 11 86.00 56.75 101.65
CA ALA P 11 84.96 55.73 101.72
C ALA P 11 85.51 54.36 101.27
N TRP P 12 86.23 54.36 100.15
CA TRP P 12 86.84 53.13 99.60
C TRP P 12 87.95 52.59 100.52
N MET P 13 88.65 53.49 101.18
CA MET P 13 89.61 53.14 102.22
C MET P 13 88.88 52.51 103.40
N ARG P 14 87.68 53.02 103.69
CA ARG P 14 86.88 52.55 104.84
C ARG P 14 86.03 51.31 104.53
N LYS P 15 85.84 50.99 103.25
CA LYS P 15 85.13 49.77 102.86
C LYS P 15 86.00 48.53 103.03
N ASP P 16 87.30 48.68 102.72
CA ASP P 16 88.17 47.54 102.54
C ASP P 16 88.47 46.79 103.84
N THR P 17 88.53 45.46 103.72
CA THR P 17 89.03 44.60 104.79
C THR P 17 90.55 44.55 104.72
N GLU P 18 91.13 45.60 104.14
CA GLU P 18 92.56 45.72 103.99
C GLU P 18 93.20 46.07 105.36
N MET P 19 92.35 46.27 106.38
CA MET P 19 92.76 46.59 107.77
C MET P 19 92.76 48.11 108.06
N THR P 20 92.19 48.90 107.14
CA THR P 20 92.07 50.41 107.22
C THR P 20 93.35 51.25 107.44
N SER P 21 93.27 52.55 107.07
CA SER P 21 94.41 53.52 107.16
C SER P 21 94.91 53.98 105.79
N GLU P 22 95.51 55.17 105.76
CA GLU P 22 96.00 55.77 104.53
C GLU P 22 97.32 55.18 104.06
N LYS P 23 98.27 55.04 105.00
CA LYS P 23 99.64 54.58 104.73
C LYS P 23 99.73 53.44 103.72
N LYS P 24 98.85 52.47 103.94
CA LYS P 24 98.84 51.20 103.22
C LYS P 24 98.23 51.28 101.83
N VAL P 25 97.48 52.34 101.57
CA VAL P 25 96.81 52.50 100.29
C VAL P 25 97.79 52.95 99.22
N ALA P 26 98.81 53.71 99.64
CA ALA P 26 99.83 54.22 98.73
C ALA P 26 100.60 53.11 98.00
N VAL P 27 100.46 51.87 98.44
CA VAL P 27 100.96 50.70 97.70
C VAL P 27 100.61 50.73 96.21
N ALA P 28 99.39 51.12 95.90
CA ALA P 28 98.92 51.22 94.52
C ALA P 28 99.67 52.35 93.84
N ALA P 29 99.83 53.43 94.59
CA ALA P 29 100.58 54.59 94.16
C ALA P 29 102.09 54.35 94.20
N GLY P 30 102.56 53.71 95.27
CA GLY P 30 103.97 53.67 95.65
C GLY P 30 104.46 55.02 96.15
N ILE P 31 103.54 55.92 96.51
CA ILE P 31 103.88 57.32 96.77
C ILE P 31 103.51 57.83 98.17
N GLY P 32 104.19 58.89 98.58
CA GLY P 32 104.03 59.47 99.91
C GLY P 32 104.46 58.55 101.05
N PRO P 33 105.75 58.17 101.10
CA PRO P 33 106.17 57.29 102.20
C PRO P 33 105.95 57.97 103.55
N ALA P 34 105.47 57.18 104.53
CA ALA P 34 105.11 57.69 105.86
C ALA P 34 103.71 58.33 105.94
N THR P 35 103.02 58.45 104.80
CA THR P 35 101.68 59.09 104.73
C THR P 35 101.08 58.94 103.32
N VAL P 36 99.77 59.10 103.18
CA VAL P 36 99.11 59.27 101.87
C VAL P 36 98.10 60.41 101.92
N ASN P 37 98.42 61.41 102.73
CA ASN P 37 97.46 62.44 103.10
C ASN P 37 97.48 63.57 102.09
N ARG P 38 98.62 63.75 101.43
CA ARG P 38 98.89 64.92 100.59
C ARG P 38 97.91 65.09 99.43
N ILE P 39 97.39 63.98 98.91
CA ILE P 39 96.47 64.00 97.76
C ILE P 39 95.04 64.40 98.16
N MET P 40 94.55 63.83 99.25
CA MET P 40 93.12 63.73 99.49
C MET P 40 92.47 65.02 100.01
N LYS P 41 93.22 65.90 100.65
CA LYS P 41 92.64 67.14 101.22
C LYS P 41 91.94 68.01 100.17
N ALA P 42 92.39 67.90 98.92
CA ALA P 42 91.61 68.32 97.77
C ALA P 42 91.20 69.78 97.73
N GLU P 43 92.03 70.67 98.26
CA GLU P 43 91.82 72.10 98.05
C GLU P 43 92.51 72.53 96.75
N VAL P 44 93.69 71.95 96.50
CA VAL P 44 94.38 72.10 95.22
C VAL P 44 94.19 70.84 94.36
N SER P 45 94.07 71.07 93.06
CA SER P 45 93.70 70.02 92.10
C SER P 45 94.87 69.11 91.70
N THR P 46 94.61 67.80 91.68
CA THR P 46 95.63 66.75 91.47
C THR P 46 95.76 66.30 90.00
N THR P 47 96.95 65.83 89.63
CA THR P 47 97.16 65.12 88.37
C THR P 47 96.08 64.05 88.17
N ILE P 48 95.60 63.90 86.94
CA ILE P 48 94.64 62.86 86.59
C ILE P 48 95.27 61.49 86.78
N GLY P 49 96.48 61.32 86.26
CA GLY P 49 97.27 60.10 86.40
C GLY P 49 97.21 59.42 87.75
N VAL P 50 97.30 60.22 88.82
CA VAL P 50 97.25 59.68 90.19
C VAL P 50 95.86 59.13 90.48
N LEU P 51 94.82 59.83 90.01
CA LEU P 51 93.45 59.37 90.17
C LEU P 51 93.35 57.91 89.73
N SER P 52 93.68 57.64 88.47
CA SER P 52 93.59 56.29 87.90
C SER P 52 94.63 55.35 88.47
N SER P 53 95.77 55.89 88.88
CA SER P 53 96.82 55.12 89.52
C SER P 53 96.38 54.66 90.91
N LEU P 54 95.62 55.52 91.61
CA LEU P 54 95.08 55.20 92.93
C LEU P 54 93.70 54.55 92.84
N ALA P 55 93.10 54.58 91.66
CA ALA P 55 91.82 53.93 91.41
C ALA P 55 91.94 52.40 91.46
N ARG P 56 92.99 51.86 90.83
CA ARG P 56 93.21 50.42 90.71
C ARG P 56 93.40 49.68 92.06
N ALA P 57 93.87 50.39 93.08
CA ALA P 57 93.91 49.83 94.44
C ALA P 57 92.59 49.17 94.80
N PHE P 58 91.49 49.91 94.62
CA PHE P 58 90.18 49.47 95.06
C PHE P 58 89.43 48.65 93.98
N GLY P 59 90.10 48.44 92.85
CA GLY P 59 89.56 47.60 91.77
C GLY P 59 88.79 48.40 90.75
N HIS P 60 88.82 49.73 90.88
CA HIS P 60 88.04 50.60 90.02
C HIS P 60 88.97 51.40 89.11
N GLU P 61 88.39 52.12 88.14
CA GLU P 61 89.18 52.85 87.16
C GLU P 61 88.47 54.09 86.63
N ALA P 62 89.29 55.10 86.33
CA ALA P 62 88.85 56.36 85.71
C ALA P 62 87.74 57.12 86.44
N TYR P 63 86.50 56.84 86.08
CA TYR P 63 85.35 57.74 86.33
C TYR P 63 84.78 57.76 87.75
N GLU P 64 84.90 56.65 88.46
CA GLU P 64 84.05 56.39 89.63
C GLU P 64 84.30 57.25 90.88
N MET P 65 85.44 57.96 90.93
CA MET P 65 85.77 58.82 92.07
C MET P 65 85.28 60.25 91.93
N ILE P 66 85.03 60.69 90.70
CA ILE P 66 84.79 62.11 90.38
C ILE P 66 83.39 62.42 89.84
N ILE P 67 82.42 61.56 90.15
CA ILE P 67 81.02 61.78 89.71
C ILE P 67 80.33 62.83 90.58
N PRO P 68 79.92 63.96 89.99
CA PRO P 68 79.29 64.99 90.81
C PRO P 68 78.00 64.43 91.41
N VAL P 69 77.62 64.90 92.58
CA VAL P 69 76.50 64.30 93.31
C VAL P 69 75.22 64.29 92.44
N GLY P 70 74.62 65.46 92.23
CA GLY P 70 73.52 65.60 91.27
C GLY P 70 74.14 65.69 89.90
N ALA P 71 73.80 64.74 89.02
CA ALA P 71 74.59 64.55 87.81
C ALA P 71 73.75 64.18 86.59
N PRO P 72 74.24 64.56 85.39
CA PRO P 72 73.49 64.52 84.12
C PRO P 72 73.04 63.14 83.66
N GLY P 73 73.98 62.20 83.63
CA GLY P 73 73.78 60.91 82.97
C GLY P 73 73.63 59.76 83.94
N ILE P 74 73.47 60.05 85.23
CA ILE P 74 73.38 58.99 86.23
C ILE P 74 72.20 58.09 85.90
N ILE P 75 72.50 56.80 85.72
CA ILE P 75 71.50 55.75 85.65
C ILE P 75 72.00 54.68 86.60
N ASP P 76 71.19 54.30 87.58
CA ASP P 76 71.67 53.48 88.70
C ASP P 76 72.63 52.36 88.25
N TYR P 77 73.84 52.40 88.81
CA TYR P 77 74.88 51.38 88.59
C TYR P 77 74.33 50.00 88.83
N ASP P 78 74.37 49.15 87.82
CA ASP P 78 74.01 47.75 88.02
C ASP P 78 74.90 46.87 87.15
N HIS P 79 75.94 46.32 87.79
CA HIS P 79 76.86 45.39 87.16
C HIS P 79 76.20 44.09 86.68
N ARG P 80 74.91 43.89 86.98
CA ARG P 80 74.16 42.77 86.40
C ARG P 80 74.61 42.58 84.97
N MET P 81 74.96 41.35 84.62
CA MET P 81 75.06 41.00 83.22
C MET P 81 73.67 41.30 82.68
N TYR P 82 73.53 42.45 82.02
CA TYR P 82 72.44 42.69 81.09
C TYR P 82 72.99 42.29 79.73
N ALA P 83 73.96 41.36 79.74
CA ALA P 83 74.74 41.01 78.56
C ALA P 83 74.66 39.52 78.28
N ALA P 84 74.26 39.18 77.06
CA ALA P 84 74.22 37.80 76.59
C ALA P 84 74.39 37.78 75.08
N LEU P 85 75.39 37.02 74.61
CA LEU P 85 75.61 36.88 73.17
C LEU P 85 75.00 35.58 72.62
N PRO P 86 74.51 35.62 71.36
CA PRO P 86 74.58 36.76 70.44
C PRO P 86 74.00 38.06 71.06
N GLN P 87 74.76 39.15 70.91
CA GLN P 87 74.51 40.39 71.68
C GLN P 87 73.45 41.32 71.08
N GLU P 88 73.23 41.17 69.79
CA GLU P 88 72.51 42.14 68.95
C GLU P 88 71.09 42.54 69.40
N GLU P 89 70.54 41.80 70.37
CA GLU P 89 69.13 41.95 70.79
C GLU P 89 68.87 43.17 71.68
N LYS P 90 69.85 43.58 72.47
CA LYS P 90 69.70 44.74 73.35
C LYS P 90 70.32 46.01 72.77
N ASN P 91 71.29 45.85 71.87
CA ASN P 91 72.21 46.91 71.42
C ASN P 91 71.58 48.29 71.22
N LYS P 92 72.27 49.31 71.72
CA LYS P 92 71.73 50.68 71.79
C LYS P 92 72.62 51.78 71.17
N ILE P 93 73.80 51.44 70.63
CA ILE P 93 74.78 52.47 70.27
C ILE P 93 74.61 53.09 68.88
N THR P 94 74.47 52.27 67.84
CA THR P 94 74.51 52.77 66.46
C THR P 94 73.62 54.01 66.24
N SER P 95 72.36 53.94 66.64
CA SER P 95 71.50 55.13 66.61
C SER P 95 70.37 55.15 67.65
N PHE P 96 70.26 54.13 68.52
CA PHE P 96 69.31 54.19 69.64
C PHE P 96 69.71 55.33 70.58
N ILE P 97 70.98 55.72 70.48
CA ILE P 97 71.45 57.02 70.96
C ILE P 97 70.62 58.20 70.40
N ASN P 98 70.27 58.12 69.12
CA ASN P 98 69.48 59.14 68.42
C ASN P 98 67.98 58.90 68.63
N PHE P 99 67.61 57.63 68.87
CA PHE P 99 66.27 57.27 69.33
C PHE P 99 65.93 58.14 70.55
N VAL P 100 64.73 58.01 71.09
CA VAL P 100 64.27 58.75 72.29
C VAL P 100 64.14 60.26 72.06
N VAL Q 1 38.62 -5.89 46.73
CA VAL Q 1 37.65 -6.84 47.37
C VAL Q 1 36.57 -6.09 48.13
N GLU Q 2 36.96 -5.11 48.93
CA GLU Q 2 35.96 -4.26 49.58
C GLU Q 2 35.09 -3.61 48.49
N LYS Q 3 35.68 -3.31 47.35
CA LYS Q 3 34.91 -2.71 46.27
C LYS Q 3 33.86 -3.68 45.76
N GLN Q 4 34.24 -4.95 45.59
CA GLN Q 4 33.27 -5.99 45.18
C GLN Q 4 32.07 -6.09 46.12
N ALA Q 5 32.34 -6.08 47.42
CA ALA Q 5 31.29 -6.19 48.41
C ALA Q 5 30.31 -5.04 48.26
N ALA Q 6 30.84 -3.88 47.88
CA ALA Q 6 30.02 -2.71 47.64
C ALA Q 6 29.12 -2.95 46.44
N ALA Q 7 29.72 -3.34 45.31
CA ALA Q 7 28.97 -3.58 44.08
C ALA Q 7 27.89 -4.62 44.31
N THR Q 8 28.28 -5.78 44.80
CA THR Q 8 27.37 -6.88 45.10
C THR Q 8 26.25 -6.39 46.00
N LEU Q 9 26.60 -5.97 47.21
CA LEU Q 9 25.59 -5.60 48.21
C LEU Q 9 24.56 -4.68 47.59
N ASN Q 10 25.08 -3.64 46.94
CA ASN Q 10 24.26 -2.70 46.18
C ASN Q 10 23.41 -3.40 45.11
N ALA Q 11 24.04 -4.27 44.33
CA ALA Q 11 23.35 -5.05 43.29
C ALA Q 11 22.27 -5.92 43.92
N TRP Q 12 22.57 -6.49 45.08
CA TRP Q 12 21.61 -7.30 45.82
C TRP Q 12 20.42 -6.51 46.36
N MET Q 13 20.63 -5.23 46.66
CA MET Q 13 19.51 -4.33 47.00
C MET Q 13 18.68 -3.92 45.78
N ARG Q 14 19.22 -4.11 44.57
CA ARG Q 14 18.48 -3.77 43.35
C ARG Q 14 17.50 -4.85 42.89
N LYS Q 15 17.82 -6.12 43.12
CA LYS Q 15 16.96 -7.22 42.70
C LYS Q 15 16.15 -7.84 43.83
N ASP Q 16 16.34 -7.34 45.04
CA ASP Q 16 15.73 -7.96 46.21
C ASP Q 16 14.22 -8.21 46.08
N THR Q 17 13.49 -7.21 45.61
CA THR Q 17 12.03 -7.18 45.72
C THR Q 17 11.61 -7.58 47.16
N GLU Q 18 12.28 -6.99 48.14
CA GLU Q 18 11.97 -7.19 49.55
C GLU Q 18 12.45 -6.01 50.44
N MET Q 19 13.76 -5.78 50.50
CA MET Q 19 14.36 -4.83 51.46
C MET Q 19 14.69 -3.50 50.80
N THR Q 20 13.67 -2.63 50.72
CA THR Q 20 13.74 -1.39 49.93
C THR Q 20 14.91 -0.42 50.23
N SER Q 21 15.45 -0.41 51.45
CA SER Q 21 16.43 0.62 51.81
C SER Q 21 17.63 0.12 52.63
N GLU Q 22 18.62 0.98 52.74
CA GLU Q 22 19.84 0.74 53.53
C GLU Q 22 19.55 0.83 55.02
N LYS Q 23 18.44 1.49 55.35
CA LYS Q 23 17.97 1.62 56.73
C LYS Q 23 17.35 0.29 57.18
N LYS Q 24 16.77 -0.44 56.23
CA LYS Q 24 16.19 -1.75 56.50
C LYS Q 24 17.25 -2.85 56.74
N VAL Q 25 18.44 -2.65 56.19
CA VAL Q 25 19.49 -3.70 56.20
C VAL Q 25 20.37 -3.69 57.47
N ALA Q 26 20.43 -2.55 58.16
CA ALA Q 26 21.20 -2.43 59.39
C ALA Q 26 20.66 -3.31 60.52
N VAL Q 27 19.33 -3.46 60.57
CA VAL Q 27 18.67 -4.25 61.61
C VAL Q 27 18.84 -5.76 61.39
N ALA Q 28 18.74 -6.20 60.14
CA ALA Q 28 18.93 -7.61 59.78
C ALA Q 28 20.37 -8.07 60.03
N ALA Q 29 21.31 -7.14 59.89
CA ALA Q 29 22.72 -7.41 60.17
C ALA Q 29 23.01 -7.28 61.67
N GLY Q 30 22.56 -6.16 62.26
CA GLY Q 30 22.78 -5.85 63.67
C GLY Q 30 24.04 -5.03 63.92
N ILE Q 31 24.24 -4.00 63.10
CA ILE Q 31 25.42 -3.14 63.17
C ILE Q 31 25.01 -1.67 63.29
N GLY Q 32 25.98 -0.79 63.54
CA GLY Q 32 25.72 0.63 63.70
C GLY Q 32 24.99 1.24 62.50
N PRO Q 33 24.51 2.49 62.65
CA PRO Q 33 23.71 3.07 61.57
C PRO Q 33 24.57 3.50 60.37
N ALA Q 34 25.61 4.27 60.61
CA ALA Q 34 26.51 4.73 59.55
C ALA Q 34 27.35 3.59 58.99
N THR Q 35 27.56 2.54 59.79
CA THR Q 35 28.36 1.38 59.39
C THR Q 35 27.83 0.72 58.09
N VAL Q 36 26.53 0.40 58.03
CA VAL Q 36 25.96 -0.12 56.77
C VAL Q 36 26.21 0.85 55.62
N ASN Q 37 26.13 2.14 55.94
CA ASN Q 37 26.38 3.17 54.94
C ASN Q 37 27.81 3.13 54.42
N ARG Q 38 28.77 3.08 55.36
CA ARG Q 38 30.19 3.04 55.01
C ARG Q 38 30.47 1.87 54.06
N ILE Q 39 29.77 0.77 54.26
CA ILE Q 39 29.91 -0.42 53.41
C ILE Q 39 29.43 -0.16 51.98
N MET Q 40 28.38 0.65 51.86
CA MET Q 40 27.84 1.01 50.55
C MET Q 40 28.79 1.89 49.74
N LYS Q 41 29.37 2.89 50.40
CA LYS Q 41 30.41 3.75 49.80
C LYS Q 41 31.79 3.07 49.77
N ALA Q 42 31.90 1.89 50.37
CA ALA Q 42 33.14 1.11 50.40
C ALA Q 42 34.22 1.76 51.27
N GLU Q 43 33.81 2.73 52.09
CA GLU Q 43 34.77 3.49 52.90
C GLU Q 43 35.32 2.67 54.06
N VAL Q 44 34.55 1.70 54.57
CA VAL Q 44 34.98 0.85 55.68
C VAL Q 44 35.30 -0.57 55.21
N SER Q 45 36.26 -1.20 55.88
CA SER Q 45 36.49 -2.64 55.71
C SER Q 45 35.60 -3.35 56.72
N THR Q 46 34.50 -3.87 56.20
CA THR Q 46 33.57 -4.69 56.96
C THR Q 46 34.29 -5.92 57.49
N THR Q 47 33.88 -6.37 58.68
CA THR Q 47 34.34 -7.66 59.20
C THR Q 47 33.60 -8.77 58.45
N ILE Q 48 34.22 -9.94 58.34
CA ILE Q 48 33.58 -11.09 57.68
C ILE Q 48 32.35 -11.58 58.48
N GLY Q 49 32.36 -11.35 59.79
CA GLY Q 49 31.20 -11.64 60.62
C GLY Q 49 30.00 -10.85 60.19
N VAL Q 50 30.14 -9.52 60.15
CA VAL Q 50 29.09 -8.62 59.64
C VAL Q 50 28.74 -9.00 58.20
N LEU Q 51 29.76 -9.34 57.42
CA LEU Q 51 29.61 -9.73 56.01
C LEU Q 51 28.72 -10.99 55.80
N SER Q 52 28.88 -12.02 56.63
CA SER Q 52 28.03 -13.21 56.55
C SER Q 52 26.59 -12.88 56.90
N SER Q 53 26.41 -12.04 57.93
CA SER Q 53 25.08 -11.51 58.30
C SER Q 53 24.36 -10.92 57.09
N LEU Q 54 24.98 -9.92 56.47
CA LEU Q 54 24.40 -9.23 55.31
C LEU Q 54 23.92 -10.18 54.24
N ALA Q 55 24.80 -11.07 53.80
CA ALA Q 55 24.47 -11.98 52.70
C ALA Q 55 23.36 -12.96 53.08
N ARG Q 56 23.39 -13.46 54.31
CA ARG Q 56 22.31 -14.32 54.80
C ARG Q 56 20.97 -13.59 54.70
N ALA Q 57 20.99 -12.29 55.02
CA ALA Q 57 19.80 -11.44 54.90
C ALA Q 57 19.26 -11.39 53.47
N PHE Q 58 20.13 -11.41 52.48
CA PHE Q 58 19.72 -11.58 51.07
C PHE Q 58 19.66 -13.05 50.66
N GLY Q 59 19.83 -13.94 51.61
CA GLY Q 59 19.72 -15.36 51.34
C GLY Q 59 20.98 -15.96 50.74
N HIS Q 60 22.12 -15.37 51.04
CA HIS Q 60 23.38 -15.80 50.47
C HIS Q 60 24.39 -16.11 51.56
N GLU Q 61 25.51 -16.73 51.17
CA GLU Q 61 26.70 -16.84 52.01
C GLU Q 61 27.71 -15.72 51.71
N ALA Q 62 28.53 -15.41 52.70
CA ALA Q 62 29.48 -14.30 52.69
C ALA Q 62 30.42 -14.27 51.47
N TYR Q 63 30.93 -15.44 51.07
CA TYR Q 63 31.93 -15.52 50.00
C TYR Q 63 31.37 -15.08 48.65
N GLU Q 64 30.06 -15.10 48.51
CA GLU Q 64 29.41 -14.75 47.26
C GLU Q 64 29.54 -13.27 46.96
N MET Q 65 29.80 -12.48 47.99
CA MET Q 65 29.99 -11.06 47.81
C MET Q 65 31.42 -10.71 47.44
N ILE Q 66 32.36 -11.52 47.91
CA ILE Q 66 33.77 -11.17 47.78
C ILE Q 66 34.32 -11.70 46.47
N ILE Q 67 33.60 -12.65 45.87
CA ILE Q 67 34.09 -13.31 44.68
C ILE Q 67 34.23 -12.30 43.54
N PRO Q 68 35.43 -12.20 42.95
CA PRO Q 68 35.71 -11.29 41.85
C PRO Q 68 35.21 -11.85 40.54
N VAL Q 69 33.92 -11.68 40.28
CA VAL Q 69 33.28 -12.26 39.09
C VAL Q 69 33.93 -11.76 37.77
N GLY Q 70 34.70 -10.66 37.86
CA GLY Q 70 35.38 -10.13 36.69
C GLY Q 70 36.67 -10.83 36.28
N ALA Q 71 37.45 -11.28 37.25
CA ALA Q 71 38.74 -11.94 37.01
C ALA Q 71 38.64 -12.99 35.88
N PRO Q 72 39.78 -13.35 35.26
CA PRO Q 72 39.70 -14.03 33.96
C PRO Q 72 38.99 -15.39 33.94
N GLY Q 73 39.32 -16.26 34.88
CA GLY Q 73 38.74 -17.61 34.90
C GLY Q 73 37.54 -17.78 35.81
N ILE Q 74 36.62 -16.81 35.84
CA ILE Q 74 35.52 -16.83 36.82
C ILE Q 74 34.12 -16.70 36.19
N ILE Q 75 33.30 -17.74 36.38
CA ILE Q 75 31.96 -17.80 35.80
C ILE Q 75 31.00 -17.01 36.70
N ASP Q 76 30.01 -16.38 36.07
CA ASP Q 76 28.96 -15.64 36.78
C ASP Q 76 27.74 -16.54 36.98
N TYR Q 77 27.34 -16.75 38.24
CA TYR Q 77 26.06 -17.41 38.55
C TYR Q 77 25.64 -17.26 40.02
N ASP Q 78 24.37 -17.54 40.29
CA ASP Q 78 23.85 -17.54 41.65
C ASP Q 78 24.09 -18.93 42.27
N HIS Q 79 24.97 -18.99 43.25
CA HIS Q 79 25.41 -20.26 43.83
C HIS Q 79 24.31 -20.97 44.63
N ARG Q 80 23.29 -20.23 45.10
CA ARG Q 80 22.12 -20.87 45.73
C ARG Q 80 21.51 -21.87 44.76
N MET Q 81 21.12 -21.35 43.59
CA MET Q 81 20.40 -22.14 42.61
C MET Q 81 21.20 -23.37 42.17
N TYR Q 82 22.52 -23.23 42.04
CA TYR Q 82 23.37 -24.35 41.65
C TYR Q 82 23.37 -25.44 42.73
N ALA Q 83 23.34 -25.02 43.98
CA ALA Q 83 23.37 -25.96 45.10
C ALA Q 83 22.04 -26.73 45.24
N ALA Q 84 20.91 -26.04 45.02
CA ALA Q 84 19.59 -26.66 45.14
C ALA Q 84 19.21 -27.55 43.94
N LEU Q 85 20.07 -27.57 42.93
CA LEU Q 85 19.79 -28.24 41.66
C LEU Q 85 20.33 -29.69 41.70
N PRO Q 86 19.59 -30.65 41.12
CA PRO Q 86 19.98 -32.08 41.17
C PRO Q 86 21.35 -32.37 40.55
N GLN Q 87 22.00 -33.43 41.01
CA GLN Q 87 23.43 -33.65 40.72
C GLN Q 87 23.72 -34.11 39.28
N GLU Q 88 22.82 -34.84 38.65
CA GLU Q 88 23.07 -35.36 37.30
C GLU Q 88 23.24 -34.21 36.32
N GLU Q 89 22.37 -33.22 36.44
CA GLU Q 89 22.48 -31.98 35.70
C GLU Q 89 23.83 -31.30 35.88
N LYS Q 90 24.36 -31.36 37.10
CA LYS Q 90 25.65 -30.75 37.39
C LYS Q 90 26.76 -31.35 36.53
N ASN Q 91 26.69 -32.64 36.22
CA ASN Q 91 27.66 -33.25 35.30
C ASN Q 91 27.39 -32.82 33.85
N LYS Q 92 26.14 -32.47 33.54
CA LYS Q 92 25.81 -31.82 32.27
C LYS Q 92 26.61 -30.53 32.13
N ILE Q 93 26.52 -29.68 33.15
CA ILE Q 93 27.27 -28.41 33.17
C ILE Q 93 28.78 -28.63 33.25
N THR Q 94 29.20 -29.50 34.17
CA THR Q 94 30.60 -29.88 34.34
C THR Q 94 31.21 -30.33 33.03
N SER Q 95 30.47 -31.21 32.34
CA SER Q 95 30.89 -31.75 31.07
C SER Q 95 30.74 -30.71 29.94
N PHE Q 96 29.76 -29.80 30.06
CA PHE Q 96 29.63 -28.72 29.06
C PHE Q 96 30.82 -27.78 28.98
N ILE Q 97 31.41 -27.47 30.13
CA ILE Q 97 32.59 -26.62 30.14
C ILE Q 97 33.68 -27.39 29.38
N ASN Q 98 33.81 -28.69 29.66
CA ASN Q 98 34.74 -29.55 28.92
C ASN Q 98 34.39 -29.63 27.43
N PHE Q 99 33.09 -29.66 27.10
CA PHE Q 99 32.68 -29.66 25.68
C PHE Q 99 33.21 -28.41 25.02
N VAL Q 100 32.93 -27.26 25.62
CA VAL Q 100 33.41 -25.97 25.09
C VAL Q 100 34.94 -25.90 25.04
N PHE Q 101 35.62 -26.51 26.02
CA PHE Q 101 37.09 -26.58 26.00
C PHE Q 101 37.61 -27.26 24.73
N GLU Q 102 36.85 -28.20 24.19
CA GLU Q 102 37.21 -28.91 22.95
C GLU Q 102 37.10 -28.05 21.68
N GLN Q 103 36.27 -27.01 21.68
CA GLN Q 103 35.97 -26.24 20.46
C GLN Q 103 37.18 -25.48 19.90
N ASN Q 104 37.99 -24.88 20.78
CA ASN Q 104 39.21 -24.20 20.33
C ASN Q 104 40.46 -25.08 20.48
N LYS Q 105 40.49 -25.97 21.48
CA LYS Q 105 41.64 -26.85 21.71
C LYS Q 105 41.99 -27.65 20.46
N VAL R 1 30.89 -20.47 62.01
CA VAL R 1 30.98 -20.55 60.52
C VAL R 1 32.19 -19.77 60.02
N GLU R 2 32.41 -18.59 60.59
CA GLU R 2 33.58 -17.75 60.26
C GLU R 2 34.89 -18.43 60.69
N LYS R 3 34.76 -19.55 61.40
CA LYS R 3 35.83 -20.52 61.68
C LYS R 3 36.46 -21.08 60.43
N GLN R 4 35.77 -20.95 59.30
CA GLN R 4 36.26 -21.46 58.00
C GLN R 4 37.58 -20.83 57.53
N ALA R 5 37.83 -19.57 57.88
CA ALA R 5 39.07 -18.91 57.49
C ALA R 5 40.22 -19.46 58.33
N ALA R 6 39.90 -19.82 59.57
CA ALA R 6 40.90 -20.43 60.45
C ALA R 6 41.25 -21.83 59.96
N ALA R 7 40.26 -22.57 59.49
CA ALA R 7 40.50 -23.94 59.06
C ALA R 7 41.39 -23.97 57.83
N THR R 8 41.04 -23.18 56.83
CA THR R 8 41.78 -23.19 55.56
C THR R 8 43.19 -22.63 55.70
N LEU R 9 43.30 -21.50 56.39
CA LEU R 9 44.58 -20.91 56.70
C LEU R 9 45.52 -21.97 57.24
N ASN R 10 45.06 -22.69 58.26
CA ASN R 10 45.87 -23.74 58.92
C ASN R 10 46.24 -24.89 58.00
N ALA R 11 45.32 -25.25 57.13
CA ALA R 11 45.57 -26.23 56.08
C ALA R 11 46.57 -25.70 55.06
N TRP R 12 46.40 -24.44 54.66
CA TRP R 12 47.24 -23.82 53.63
C TRP R 12 48.66 -23.50 54.08
N MET R 13 48.79 -23.07 55.32
CA MET R 13 50.08 -22.80 55.89
C MET R 13 50.87 -24.11 56.03
N ARG R 14 50.19 -25.21 56.37
CA ARG R 14 50.90 -26.48 56.57
C ARG R 14 51.70 -26.90 55.36
N LYS R 15 51.25 -26.50 54.17
CA LYS R 15 52.01 -26.68 52.94
C LYS R 15 52.92 -25.47 52.69
N ASP R 16 53.52 -25.40 51.50
CA ASP R 16 54.17 -24.16 51.03
C ASP R 16 55.55 -23.89 51.66
N THR R 17 56.29 -22.99 51.02
CA THR R 17 57.52 -22.40 51.56
C THR R 17 57.28 -21.80 52.94
N GLU R 18 56.12 -21.19 53.12
CA GLU R 18 55.68 -20.67 54.42
C GLU R 18 55.53 -21.81 55.42
N MET R 19 56.46 -21.90 56.37
CA MET R 19 56.34 -22.89 57.44
C MET R 19 55.20 -22.43 58.35
N THR R 20 54.62 -23.36 59.11
CA THR R 20 53.36 -23.14 59.86
C THR R 20 53.46 -22.06 60.95
N SER R 21 53.28 -20.79 60.59
CA SER R 21 53.72 -19.72 61.46
C SER R 21 52.89 -18.44 61.49
N GLU R 22 52.90 -17.81 62.65
CA GLU R 22 52.54 -16.40 62.76
C GLU R 22 53.56 -15.60 61.97
N LYS R 23 54.84 -15.83 62.26
CA LYS R 23 55.93 -14.98 61.74
C LYS R 23 55.88 -14.93 60.23
N LYS R 24 56.17 -16.06 59.59
CA LYS R 24 56.32 -16.09 58.13
C LYS R 24 55.06 -15.63 57.37
N VAL R 25 53.89 -15.74 58.00
CA VAL R 25 52.65 -15.20 57.43
C VAL R 25 52.48 -13.73 57.76
N ALA R 26 52.79 -13.33 58.98
CA ALA R 26 52.68 -11.95 59.41
C ALA R 26 53.34 -11.00 58.41
N VAL R 27 54.60 -11.30 58.11
CA VAL R 27 55.39 -10.50 57.17
C VAL R 27 54.75 -10.56 55.78
N ALA R 28 54.63 -11.77 55.24
CA ALA R 28 54.13 -11.98 53.87
C ALA R 28 52.78 -11.34 53.63
N ALA R 29 51.90 -11.40 54.63
CA ALA R 29 50.56 -10.83 54.55
C ALA R 29 50.51 -9.39 55.03
N GLY R 30 51.64 -8.86 55.50
CA GLY R 30 51.69 -7.52 56.04
C GLY R 30 50.78 -7.33 57.24
N ILE R 31 50.83 -8.28 58.17
CA ILE R 31 50.00 -8.30 59.38
C ILE R 31 50.86 -8.43 60.64
N GLY R 32 50.33 -7.97 61.77
CA GLY R 32 50.92 -8.29 63.07
C GLY R 32 50.90 -9.79 63.30
N PRO R 33 51.97 -10.35 63.90
CA PRO R 33 51.95 -11.82 64.06
C PRO R 33 50.85 -12.39 64.96
N ALA R 34 50.60 -11.74 66.10
CA ALA R 34 49.55 -12.21 66.99
C ALA R 34 48.18 -12.24 66.28
N THR R 35 47.88 -11.22 65.50
CA THR R 35 46.69 -11.23 64.64
C THR R 35 46.61 -12.54 63.84
N VAL R 36 47.72 -12.94 63.22
CA VAL R 36 47.73 -14.15 62.40
C VAL R 36 47.28 -15.36 63.22
N ASN R 37 47.88 -15.56 64.40
CA ASN R 37 47.53 -16.68 65.29
C ASN R 37 46.15 -16.54 65.88
N ARG R 38 45.74 -15.30 66.13
CA ARG R 38 44.40 -15.00 66.61
C ARG R 38 43.39 -15.44 65.55
N ILE R 39 43.66 -15.09 64.30
CA ILE R 39 42.79 -15.48 63.19
C ILE R 39 42.71 -17.00 63.07
N MET R 40 43.84 -17.69 63.29
CA MET R 40 43.86 -19.15 63.20
C MET R 40 43.07 -19.83 64.30
N LYS R 41 42.99 -19.17 65.46
CA LYS R 41 42.14 -19.64 66.54
C LYS R 41 40.74 -19.03 66.45
N ALA R 42 40.51 -18.15 65.48
CA ALA R 42 39.19 -17.62 65.18
C ALA R 42 38.62 -16.66 66.24
N GLU R 43 39.48 -16.12 67.11
CA GLU R 43 39.03 -15.19 68.16
C GLU R 43 38.42 -13.91 67.58
N VAL R 44 39.16 -13.24 66.69
CA VAL R 44 38.70 -11.99 66.09
C VAL R 44 38.01 -12.20 64.74
N SER R 45 36.96 -11.44 64.47
CA SER R 45 36.34 -11.38 63.12
C SER R 45 37.24 -10.50 62.29
N THR R 46 38.00 -11.11 61.39
CA THR R 46 38.97 -10.38 60.60
C THR R 46 38.25 -9.49 59.57
N THR R 47 38.77 -8.29 59.33
CA THR R 47 38.23 -7.43 58.28
C THR R 47 38.52 -8.08 56.94
N ILE R 48 37.71 -7.71 55.96
CA ILE R 48 37.79 -8.29 54.62
C ILE R 48 39.14 -7.99 53.95
N GLY R 49 39.75 -6.85 54.27
CA GLY R 49 41.07 -6.55 53.75
C GLY R 49 42.04 -7.64 54.14
N VAL R 50 42.23 -7.79 55.46
CA VAL R 50 43.20 -8.73 56.02
C VAL R 50 43.00 -10.13 55.43
N LEU R 51 41.74 -10.57 55.39
CA LEU R 51 41.42 -11.84 54.76
C LEU R 51 42.02 -11.89 53.37
N SER R 52 41.68 -10.90 52.56
CA SER R 52 42.18 -10.83 51.20
C SER R 52 43.69 -10.85 51.19
N SER R 53 44.29 -10.05 52.07
CA SER R 53 45.74 -9.95 52.18
C SER R 53 46.33 -11.33 52.49
N LEU R 54 45.84 -11.96 53.54
CA LEU R 54 46.29 -13.31 53.90
C LEU R 54 46.20 -14.24 52.71
N ALA R 55 45.05 -14.23 52.04
CA ALA R 55 44.87 -15.13 50.92
C ALA R 55 45.93 -14.85 49.88
N ARG R 56 45.98 -13.59 49.42
CA ARG R 56 46.85 -13.20 48.32
C ARG R 56 48.31 -13.59 48.60
N ALA R 57 48.66 -13.76 49.88
CA ALA R 57 49.97 -14.30 50.26
C ALA R 57 50.17 -15.72 49.75
N PHE R 58 49.11 -16.53 49.71
CA PHE R 58 49.19 -17.92 49.26
C PHE R 58 48.85 -18.10 47.78
N GLY R 59 48.67 -16.98 47.07
CA GLY R 59 48.38 -17.03 45.64
C GLY R 59 46.93 -17.30 45.31
N HIS R 60 46.04 -17.02 46.26
CA HIS R 60 44.60 -17.30 46.11
C HIS R 60 43.80 -16.09 46.55
N GLU R 61 42.50 -16.15 46.30
CA GLU R 61 41.58 -15.06 46.59
C GLU R 61 40.99 -15.11 48.01
N ALA R 62 40.36 -14.02 48.41
CA ALA R 62 39.69 -13.89 49.73
C ALA R 62 38.44 -14.75 49.85
N TYR R 63 37.60 -14.75 48.81
CA TYR R 63 36.41 -15.58 48.81
C TYR R 63 36.73 -17.07 48.95
N GLU R 64 37.90 -17.49 48.46
CA GLU R 64 38.33 -18.89 48.51
C GLU R 64 38.64 -19.35 49.93
N MET R 65 39.14 -18.45 50.78
CA MET R 65 39.48 -18.82 52.15
C MET R 65 38.25 -19.19 52.98
N ILE R 66 37.09 -18.68 52.59
CA ILE R 66 35.82 -18.96 53.27
C ILE R 66 34.83 -19.54 52.28
N ILE R 67 34.74 -20.86 52.20
CA ILE R 67 33.64 -21.50 51.47
C ILE R 67 32.97 -22.54 52.35
N PRO R 68 31.63 -22.56 52.38
CA PRO R 68 30.98 -23.54 53.24
C PRO R 68 31.52 -24.92 52.94
N VAL R 69 31.72 -25.71 53.98
CA VAL R 69 32.24 -27.06 53.82
C VAL R 69 31.37 -27.80 52.83
N GLY R 70 32.00 -28.60 51.98
CA GLY R 70 31.31 -29.32 50.93
C GLY R 70 31.33 -28.57 49.62
N ALA R 71 31.49 -27.24 49.69
CA ALA R 71 31.48 -26.42 48.50
C ALA R 71 30.26 -26.74 47.62
N PRO R 72 29.06 -26.61 48.19
CA PRO R 72 27.85 -26.66 47.37
C PRO R 72 27.75 -25.37 46.58
N GLY R 73 27.20 -25.43 45.37
CA GLY R 73 27.11 -24.22 44.57
C GLY R 73 28.42 -23.81 43.92
N ILE R 74 29.45 -24.64 44.08
CA ILE R 74 30.77 -24.39 43.50
C ILE R 74 31.03 -25.39 42.37
N ILE R 75 31.40 -24.88 41.19
CA ILE R 75 31.73 -25.73 40.04
C ILE R 75 33.24 -25.94 39.87
N ASP R 76 33.64 -27.18 39.60
CA ASP R 76 35.04 -27.51 39.26
C ASP R 76 35.35 -27.20 37.80
N TYR R 77 36.35 -26.35 37.55
CA TYR R 77 36.85 -26.13 36.19
C TYR R 77 38.28 -25.57 36.19
N ASP R 78 38.83 -25.40 34.99
CA ASP R 78 40.18 -24.85 34.81
C ASP R 78 40.03 -23.37 34.50
N HIS R 79 40.59 -22.52 35.37
CA HIS R 79 40.49 -21.06 35.19
C HIS R 79 41.30 -20.54 33.99
N ARG R 80 42.51 -21.04 33.80
CA ARG R 80 43.40 -20.56 32.74
C ARG R 80 42.97 -21.05 31.35
N MET R 81 42.64 -22.33 31.26
CA MET R 81 42.05 -22.91 30.05
C MET R 81 40.70 -22.25 29.75
N TYR R 82 39.97 -21.85 30.79
CA TYR R 82 38.72 -21.08 30.66
C TYR R 82 38.97 -19.59 30.43
N ALA R 83 40.05 -19.08 31.02
CA ALA R 83 40.48 -17.70 30.80
C ALA R 83 40.97 -17.53 29.37
N ALA R 84 41.56 -18.59 28.82
CA ALA R 84 42.02 -18.60 27.43
C ALA R 84 40.87 -18.58 26.42
N LEU R 85 39.64 -18.83 26.87
CA LEU R 85 38.49 -18.92 25.96
C LEU R 85 37.98 -17.56 25.50
N PRO R 86 37.60 -17.47 24.21
CA PRO R 86 36.96 -16.29 23.63
C PRO R 86 35.73 -15.82 24.41
N GLN R 87 35.51 -14.51 24.44
CA GLN R 87 34.49 -13.94 25.32
C GLN R 87 33.10 -14.58 25.14
N GLU R 88 32.64 -14.76 23.91
CA GLU R 88 31.31 -15.33 23.75
C GLU R 88 31.25 -16.86 23.62
N GLU R 89 32.36 -17.50 23.30
CA GLU R 89 32.50 -18.95 23.55
C GLU R 89 32.49 -19.15 25.05
N LYS R 90 33.13 -18.22 25.75
CA LYS R 90 33.04 -18.13 27.20
C LYS R 90 31.59 -17.85 27.63
N ASN R 91 30.89 -16.95 26.92
CA ASN R 91 29.46 -16.67 27.15
C ASN R 91 28.52 -17.88 26.90
N LYS R 92 28.95 -18.84 26.07
CA LYS R 92 28.16 -20.06 25.82
C LYS R 92 27.97 -20.92 27.07
N ILE R 93 28.99 -20.93 27.94
CA ILE R 93 28.96 -21.74 29.16
C ILE R 93 27.96 -21.21 30.18
N THR R 94 27.95 -19.90 30.38
CA THR R 94 27.07 -19.27 31.38
C THR R 94 25.61 -19.25 30.93
N SER R 95 25.40 -19.21 29.61
CA SER R 95 24.05 -19.28 29.05
C SER R 95 23.50 -20.71 29.18
N PHE R 96 24.34 -21.69 28.87
CA PHE R 96 24.05 -23.09 29.15
C PHE R 96 23.65 -23.28 30.62
N ILE R 97 24.46 -22.71 31.52
CA ILE R 97 24.20 -22.76 32.95
C ILE R 97 22.83 -22.19 33.28
N ASN R 98 22.58 -20.96 32.86
CA ASN R 98 21.31 -20.29 33.16
C ASN R 98 20.09 -21.08 32.63
N PHE R 99 20.28 -21.75 31.49
CA PHE R 99 19.22 -22.55 30.86
C PHE R 99 18.87 -23.78 31.68
N VAL R 100 19.88 -24.53 32.09
CA VAL R 100 19.67 -25.71 32.94
C VAL R 100 19.22 -25.32 34.35
N PHE R 101 19.59 -24.14 34.81
CA PHE R 101 19.02 -23.56 36.01
C PHE R 101 17.49 -23.52 35.91
N GLU R 102 16.99 -22.89 34.85
CA GLU R 102 15.55 -22.76 34.70
C GLU R 102 14.89 -24.08 34.30
N GLN R 103 15.67 -25.01 33.73
CA GLN R 103 15.23 -26.42 33.55
C GLN R 103 14.50 -26.95 34.78
N ASN R 104 15.04 -26.65 35.96
CA ASN R 104 14.39 -27.04 37.21
C ASN R 104 13.81 -25.82 37.93
N LYS R 105 13.91 -24.67 37.29
CA LYS R 105 13.29 -23.44 37.74
C LYS R 105 13.66 -23.09 39.18
N VAL S 1 46.69 -12.15 39.40
CA VAL S 1 47.48 -10.92 39.08
C VAL S 1 48.49 -11.13 37.94
N GLU S 2 49.30 -12.16 38.09
CA GLU S 2 50.24 -12.59 37.05
C GLU S 2 49.49 -13.40 35.98
N LYS S 3 48.31 -13.91 36.37
CA LYS S 3 47.41 -14.63 35.49
C LYS S 3 46.62 -13.72 34.52
N GLN S 4 46.32 -12.49 34.93
CA GLN S 4 45.69 -11.52 34.00
C GLN S 4 46.64 -11.27 32.84
N ALA S 5 47.93 -11.15 33.18
CA ALA S 5 48.95 -10.90 32.18
C ALA S 5 48.96 -12.03 31.15
N ALA S 6 48.93 -13.27 31.61
CA ALA S 6 48.85 -14.40 30.70
C ALA S 6 47.59 -14.28 29.86
N ALA S 7 46.46 -14.04 30.51
CA ALA S 7 45.16 -13.94 29.85
C ALA S 7 45.13 -12.94 28.70
N THR S 8 45.60 -11.71 28.95
CA THR S 8 45.58 -10.68 27.91
C THR S 8 46.61 -10.99 26.84
N LEU S 9 47.78 -11.47 27.28
CA LEU S 9 48.88 -11.79 26.37
C LEU S 9 48.45 -12.72 25.23
N ASN S 10 47.77 -13.82 25.56
CA ASN S 10 47.23 -14.71 24.51
C ASN S 10 45.91 -14.24 23.92
N ALA S 11 45.19 -13.37 24.62
CA ALA S 11 44.08 -12.62 24.00
C ALA S 11 44.61 -11.61 22.97
N TRP S 12 45.88 -11.22 23.13
CA TRP S 12 46.60 -10.44 22.12
C TRP S 12 47.30 -11.34 21.10
N MET S 13 47.56 -12.59 21.46
CA MET S 13 48.05 -13.59 20.51
C MET S 13 46.97 -13.97 19.50
N ARG S 14 45.72 -14.00 19.94
CA ARG S 14 44.62 -14.42 19.06
C ARG S 14 44.34 -13.43 17.93
N LYS S 15 44.82 -12.19 18.07
CA LYS S 15 44.66 -11.20 16.99
C LYS S 15 45.33 -11.75 15.74
N ASP S 16 46.52 -12.29 15.90
CA ASP S 16 47.15 -13.13 14.88
C ASP S 16 47.06 -12.58 13.44
N THR S 17 46.97 -11.26 13.30
CA THR S 17 47.18 -10.64 12.00
C THR S 17 48.68 -10.78 11.75
N GLU S 18 49.43 -10.76 12.85
CA GLU S 18 50.82 -11.17 12.85
C GLU S 18 50.86 -12.67 13.10
N MET S 19 50.64 -13.10 14.35
CA MET S 19 51.09 -14.42 14.79
C MET S 19 50.27 -15.10 15.90
N THR S 20 50.27 -16.43 15.87
CA THR S 20 49.86 -17.27 17.01
C THR S 20 51.03 -18.05 17.62
N SER S 21 52.05 -18.35 16.84
CA SER S 21 53.14 -19.19 17.33
C SER S 21 54.05 -18.43 18.32
N GLU S 22 54.34 -19.07 19.45
CA GLU S 22 55.29 -18.55 20.44
C GLU S 22 56.66 -18.37 19.78
N LYS S 23 56.98 -19.31 18.89
CA LYS S 23 58.18 -19.27 18.04
C LYS S 23 58.49 -17.86 17.55
N LYS S 24 57.49 -17.22 16.95
CA LYS S 24 57.69 -15.99 16.20
C LYS S 24 57.53 -14.75 17.07
N VAL S 25 56.72 -14.87 18.13
CA VAL S 25 56.56 -13.77 19.09
C VAL S 25 57.91 -13.42 19.71
N ALA S 26 58.77 -14.42 19.86
CA ALA S 26 60.08 -14.25 20.48
C ALA S 26 60.81 -13.01 19.99
N VAL S 27 60.99 -12.91 18.67
CA VAL S 27 61.75 -11.82 18.07
C VAL S 27 60.97 -10.50 18.00
N ALA S 28 59.67 -10.58 17.70
CA ALA S 28 58.86 -9.37 17.60
C ALA S 28 58.94 -8.60 18.90
N ALA S 29 58.72 -9.31 20.00
CA ALA S 29 58.84 -8.74 21.34
C ALA S 29 60.30 -8.59 21.78
N GLY S 30 61.16 -9.43 21.23
CA GLY S 30 62.54 -9.57 21.70
C GLY S 30 62.57 -10.46 22.92
N ILE S 31 61.50 -11.24 23.12
CA ILE S 31 61.24 -11.96 24.37
C ILE S 31 62.04 -13.28 24.49
N GLY S 32 61.85 -14.19 23.54
CA GLY S 32 62.35 -15.56 23.64
C GLY S 32 61.26 -16.62 23.71
N PRO S 33 61.63 -17.90 23.50
CA PRO S 33 60.68 -19.01 23.45
C PRO S 33 60.36 -19.65 24.81
N ALA S 34 61.39 -20.02 25.57
CA ALA S 34 61.16 -20.67 26.85
C ALA S 34 60.56 -19.68 27.84
N THR S 35 60.84 -18.38 27.64
CA THR S 35 60.35 -17.32 28.53
C THR S 35 58.86 -17.03 28.32
N VAL S 36 58.45 -16.89 27.07
CA VAL S 36 57.03 -16.67 26.77
C VAL S 36 56.14 -17.80 27.32
N ASN S 37 56.66 -19.02 27.38
CA ASN S 37 55.94 -20.16 27.97
C ASN S 37 55.69 -20.02 29.47
N ARG S 38 56.64 -19.40 30.18
CA ARG S 38 56.51 -19.20 31.63
C ARG S 38 55.43 -18.14 31.91
N ILE S 39 55.20 -17.25 30.95
CA ILE S 39 54.27 -16.13 31.09
C ILE S 39 52.80 -16.52 30.89
N MET S 40 52.56 -17.37 29.89
CA MET S 40 51.19 -17.76 29.49
C MET S 40 50.57 -18.68 30.54
N LYS S 41 51.43 -19.41 31.23
CA LYS S 41 51.03 -20.41 32.20
C LYS S 41 51.00 -19.83 33.63
N ALA S 42 51.54 -18.62 33.80
CA ALA S 42 51.61 -17.95 35.10
C ALA S 42 52.60 -18.60 36.04
N GLU S 43 53.63 -19.23 35.49
CA GLU S 43 54.70 -19.87 36.29
C GLU S 43 55.48 -18.84 37.09
N VAL S 44 55.87 -17.76 36.42
CA VAL S 44 56.65 -16.72 37.04
C VAL S 44 55.94 -15.38 36.91
N SER S 45 56.12 -14.52 37.91
CA SER S 45 55.73 -13.14 37.78
C SER S 45 56.72 -12.50 36.81
N THR S 46 56.26 -12.32 35.57
CA THR S 46 57.10 -11.72 34.54
C THR S 46 57.49 -10.29 34.94
N THR S 47 58.63 -9.84 34.44
CA THR S 47 59.14 -8.51 34.76
C THR S 47 58.43 -7.52 33.87
N ILE S 48 58.16 -6.33 34.40
CA ILE S 48 57.54 -5.28 33.60
C ILE S 48 58.42 -4.95 32.41
N GLY S 49 59.74 -4.86 32.62
CA GLY S 49 60.69 -4.64 31.54
C GLY S 49 60.43 -5.54 30.35
N VAL S 50 60.32 -6.84 30.62
CA VAL S 50 59.90 -7.84 29.64
C VAL S 50 58.48 -7.55 29.15
N LEU S 51 57.58 -7.22 30.07
CA LEU S 51 56.19 -6.87 29.71
C LEU S 51 56.12 -5.69 28.76
N SER S 52 57.00 -4.72 28.94
CA SER S 52 57.05 -3.54 28.09
C SER S 52 57.60 -3.89 26.71
N SER S 53 58.65 -4.73 26.68
CA SER S 53 59.18 -5.31 25.45
C SER S 53 58.12 -6.16 24.74
N LEU S 54 57.35 -6.91 25.53
CA LEU S 54 56.29 -7.74 25.02
C LEU S 54 55.18 -6.92 24.37
N ALA S 55 54.89 -5.76 24.94
CA ALA S 55 53.83 -4.90 24.43
C ALA S 55 54.21 -4.22 23.12
N ARG S 56 55.46 -3.80 23.00
CA ARG S 56 55.96 -3.22 21.74
C ARG S 56 55.52 -4.08 20.56
N ALA S 57 55.73 -5.40 20.67
CA ALA S 57 55.36 -6.38 19.62
C ALA S 57 53.92 -6.29 19.17
N PHE S 58 53.01 -6.10 20.12
CA PHE S 58 51.59 -6.00 19.82
C PHE S 58 51.15 -4.57 19.57
N GLY S 59 51.93 -3.59 20.04
CA GLY S 59 51.65 -2.18 19.81
C GLY S 59 50.87 -1.51 20.94
N HIS S 60 50.89 -2.13 22.12
CA HIS S 60 50.21 -1.59 23.29
C HIS S 60 51.23 -1.06 24.29
N GLU S 61 50.73 -0.35 25.29
CA GLU S 61 51.54 0.03 26.46
C GLU S 61 51.59 -1.13 27.45
N ALA S 62 52.64 -1.17 28.27
CA ALA S 62 52.88 -2.28 29.19
C ALA S 62 51.78 -2.47 30.23
N TYR S 63 51.28 -1.37 30.78
CA TYR S 63 50.23 -1.43 31.82
C TYR S 63 48.94 -2.09 31.33
N GLU S 64 48.69 -2.01 30.04
CA GLU S 64 47.43 -2.49 29.47
C GLU S 64 47.19 -3.97 29.74
N MET S 65 48.27 -4.75 29.81
CA MET S 65 48.16 -6.21 29.96
C MET S 65 47.72 -6.65 31.34
N ILE S 66 47.86 -5.75 32.32
CA ILE S 66 47.67 -6.11 33.72
C ILE S 66 46.46 -5.41 34.34
N ILE S 67 45.61 -4.84 33.49
CA ILE S 67 44.42 -4.15 33.97
C ILE S 67 43.43 -5.23 34.33
N PRO S 68 42.78 -5.10 35.50
CA PRO S 68 41.73 -6.05 35.78
C PRO S 68 40.54 -5.77 34.86
N VAL S 69 40.26 -6.68 33.92
CA VAL S 69 39.24 -6.45 32.90
C VAL S 69 37.83 -6.43 33.49
N GLY S 70 37.40 -7.57 34.01
CA GLY S 70 36.04 -7.70 34.49
C GLY S 70 35.69 -6.86 35.71
N ALA S 71 36.71 -6.31 36.39
CA ALA S 71 36.51 -5.57 37.64
C ALA S 71 35.39 -4.52 37.51
N PRO S 72 34.49 -4.45 38.50
CA PRO S 72 33.24 -3.68 38.47
C PRO S 72 33.36 -2.24 37.97
N GLY S 73 34.34 -1.52 38.51
CA GLY S 73 34.50 -0.11 38.17
C GLY S 73 35.38 0.16 36.96
N ILE S 74 35.77 -0.89 36.24
CA ILE S 74 36.74 -0.76 35.16
C ILE S 74 36.10 -1.05 33.81
N ILE S 75 36.20 -0.08 32.90
CA ILE S 75 35.66 -0.22 31.53
C ILE S 75 36.73 -0.90 30.69
N ASP S 76 36.37 -1.99 30.02
CA ASP S 76 37.30 -2.59 29.08
C ASP S 76 37.09 -1.94 27.72
N TYR S 77 38.06 -1.12 27.33
CA TYR S 77 38.12 -0.56 25.98
C TYR S 77 39.57 -0.53 25.53
N ASP S 78 39.81 -0.50 24.23
CA ASP S 78 41.18 -0.51 23.77
C ASP S 78 41.76 0.89 23.98
N HIS S 79 42.67 1.00 24.95
CA HIS S 79 43.35 2.25 25.27
C HIS S 79 44.10 2.75 24.04
N ARG S 80 44.64 1.82 23.24
CA ARG S 80 45.40 2.19 22.02
C ARG S 80 44.52 2.96 21.05
N MET S 81 43.33 2.44 20.82
CA MET S 81 42.36 3.12 19.98
C MET S 81 41.87 4.37 20.69
N TYR S 82 41.63 4.29 22.00
CA TYR S 82 41.12 5.44 22.75
C TYR S 82 42.12 6.59 22.85
N ALA S 83 43.36 6.28 23.21
CA ALA S 83 44.41 7.29 23.30
C ALA S 83 44.48 8.14 22.02
N ALA S 84 44.17 7.51 20.88
CA ALA S 84 44.25 8.14 19.56
C ALA S 84 43.11 9.10 19.20
N LEU S 85 42.08 9.21 20.06
CA LEU S 85 40.93 10.08 19.79
C LEU S 85 41.22 11.57 19.82
N PRO S 86 40.61 12.34 18.89
CA PRO S 86 40.63 13.78 19.06
C PRO S 86 40.11 14.13 20.45
N GLN S 87 40.88 14.92 21.17
CA GLN S 87 40.56 15.24 22.57
C GLN S 87 39.09 15.65 22.75
N GLU S 88 38.46 16.13 21.68
CA GLU S 88 37.03 16.48 21.69
C GLU S 88 36.16 15.25 21.84
N GLU S 89 36.47 14.24 21.05
CA GLU S 89 35.76 12.98 21.07
C GLU S 89 35.92 12.31 22.44
N LYS S 90 37.14 12.33 22.98
CA LYS S 90 37.43 11.87 24.34
C LYS S 90 36.65 12.62 25.41
N ASN S 91 36.47 13.92 25.19
CA ASN S 91 35.61 14.72 26.05
C ASN S 91 34.18 14.19 25.96
N LYS S 92 33.78 13.78 24.76
CA LYS S 92 32.44 13.27 24.51
C LYS S 92 32.18 11.87 25.07
N ILE S 93 33.21 11.03 25.15
CA ILE S 93 33.10 9.74 25.86
C ILE S 93 32.99 9.96 27.36
N THR S 94 33.76 10.92 27.87
CA THR S 94 33.75 11.22 29.29
C THR S 94 32.43 11.87 29.68
N SER S 95 31.97 12.81 28.86
CA SER S 95 30.78 13.60 29.17
C SER S 95 29.48 12.78 29.11
N PHE S 96 29.39 11.84 28.17
CA PHE S 96 28.26 10.90 28.15
C PHE S 96 28.30 9.99 29.37
N ILE S 97 29.46 9.39 29.66
CA ILE S 97 29.58 8.53 30.82
C ILE S 97 29.07 9.28 32.05
N ASN S 98 29.43 10.56 32.18
CA ASN S 98 28.98 11.35 33.34
C ASN S 98 27.49 11.65 33.35
N PHE S 99 26.90 11.79 32.16
CA PHE S 99 25.46 12.00 32.07
C PHE S 99 24.73 10.73 32.52
N VAL S 100 25.07 9.59 31.92
CA VAL S 100 24.40 8.33 32.21
C VAL S 100 24.45 7.99 33.71
N PHE S 101 25.46 8.50 34.42
CA PHE S 101 25.46 8.41 35.88
C PHE S 101 24.27 9.19 36.44
N GLU S 102 24.15 10.45 36.02
CA GLU S 102 23.15 11.36 36.61
C GLU S 102 21.73 10.86 36.45
N GLN S 103 21.44 10.21 35.32
CA GLN S 103 20.14 9.57 35.14
C GLN S 103 19.79 8.76 36.40
N ASN S 104 20.79 8.09 36.99
CA ASN S 104 20.62 7.34 38.24
C ASN S 104 20.83 8.24 39.45
N LYS S 105 19.79 8.35 40.28
CA LYS S 105 19.81 9.13 41.52
C LYS S 105 18.40 9.23 42.12
N VAL T 1 59.54 3.23 32.19
CA VAL T 1 58.72 2.10 32.74
C VAL T 1 59.13 1.68 34.14
N GLU T 2 60.43 1.60 34.42
CA GLU T 2 60.91 1.42 35.79
C GLU T 2 61.11 2.76 36.47
N LYS T 3 61.26 3.82 35.67
CA LYS T 3 61.34 5.19 36.19
C LYS T 3 59.98 5.58 36.69
N GLN T 4 58.98 5.17 35.93
CA GLN T 4 57.61 5.48 36.25
C GLN T 4 57.16 4.87 37.57
N ALA T 5 57.47 3.59 37.76
CA ALA T 5 57.12 2.87 38.98
C ALA T 5 57.82 3.49 40.17
N ALA T 6 59.03 3.96 39.92
CA ALA T 6 59.82 4.61 40.93
C ALA T 6 59.26 5.98 41.25
N ALA T 7 58.77 6.67 40.23
CA ALA T 7 58.15 8.00 40.38
C ALA T 7 56.82 7.92 41.12
N THR T 8 55.97 6.98 40.70
CA THR T 8 54.69 6.78 41.36
C THR T 8 54.94 6.51 42.83
N LEU T 9 55.75 5.46 43.11
CA LEU T 9 56.03 5.00 44.47
C LEU T 9 56.57 6.13 45.33
N ASN T 10 57.41 6.97 44.74
CA ASN T 10 57.98 8.12 45.42
C ASN T 10 56.95 9.23 45.62
N ALA T 11 56.14 9.46 44.60
CA ALA T 11 55.14 10.49 44.67
C ALA T 11 54.17 10.13 45.75
N TRP T 12 53.73 8.86 45.73
CA TRP T 12 52.72 8.38 46.66
C TRP T 12 53.18 8.41 48.11
N MET T 13 54.49 8.32 48.36
CA MET T 13 54.99 8.39 49.73
C MET T 13 54.76 9.76 50.39
N ARG T 14 54.82 10.83 49.60
CA ARG T 14 54.64 12.18 50.13
C ARG T 14 53.19 12.62 50.09
N LYS T 15 52.33 11.74 49.57
CA LYS T 15 50.91 11.99 49.50
C LYS T 15 50.20 11.21 50.61
N ASP T 16 50.35 9.90 50.63
CA ASP T 16 49.74 9.08 51.68
C ASP T 16 50.45 9.37 52.99
N THR T 17 49.72 9.34 54.09
CA THR T 17 50.22 9.71 55.42
C THR T 17 50.69 8.51 56.25
N GLU T 18 50.15 7.33 55.98
CA GLU T 18 50.56 6.11 56.69
C GLU T 18 51.89 5.57 56.12
N MET T 19 51.98 5.56 54.79
CA MET T 19 53.04 4.88 54.05
C MET T 19 54.21 5.80 53.74
N THR T 20 54.51 6.71 54.66
CA THR T 20 55.47 7.78 54.40
C THR T 20 56.91 7.33 54.43
N SER T 21 57.16 6.21 55.12
CA SER T 21 58.52 5.69 55.28
C SER T 21 58.75 4.50 54.37
N GLU T 22 60.02 4.31 54.02
CA GLU T 22 60.46 3.17 53.22
C GLU T 22 60.38 1.84 53.98
N LYS T 23 60.44 1.87 55.32
CA LYS T 23 60.23 0.65 56.11
C LYS T 23 58.74 0.36 56.07
N LYS T 24 57.96 1.42 56.30
CA LYS T 24 56.50 1.31 56.29
C LYS T 24 55.99 0.79 54.92
N VAL T 25 56.60 1.24 53.83
CA VAL T 25 56.27 0.68 52.50
C VAL T 25 56.61 -0.79 52.44
N ALA T 26 57.81 -1.13 52.90
CA ALA T 26 58.25 -2.52 52.92
C ALA T 26 57.39 -3.37 53.84
N VAL T 27 56.99 -2.82 54.99
CA VAL T 27 56.18 -3.55 55.96
C VAL T 27 54.73 -3.70 55.52
N ALA T 28 54.09 -2.62 55.08
CA ALA T 28 52.71 -2.73 54.61
C ALA T 28 52.62 -3.63 53.37
N ALA T 29 53.68 -3.64 52.56
CA ALA T 29 53.69 -4.40 51.31
C ALA T 29 54.21 -5.82 51.48
N GLY T 30 54.72 -6.15 52.66
CA GLY T 30 55.31 -7.45 52.90
C GLY T 30 56.41 -7.83 51.91
N ILE T 31 57.26 -6.86 51.55
CA ILE T 31 58.44 -7.12 50.71
C ILE T 31 59.65 -6.46 51.36
N GLY T 32 60.85 -6.93 51.02
CA GLY T 32 62.09 -6.53 51.71
C GLY T 32 62.41 -5.04 51.62
N PRO T 33 62.85 -4.42 52.75
CA PRO T 33 63.08 -2.99 52.72
C PRO T 33 64.07 -2.56 51.65
N ALA T 34 65.06 -3.40 51.36
CA ALA T 34 66.05 -3.07 50.33
C ALA T 34 65.43 -3.11 48.94
N THR T 35 64.42 -3.95 48.77
CA THR T 35 63.76 -4.09 47.46
C THR T 35 62.96 -2.82 47.14
N VAL T 36 62.27 -2.28 48.13
CA VAL T 36 61.53 -1.03 47.97
C VAL T 36 62.48 0.01 47.38
N ASN T 37 63.59 0.22 48.07
CA ASN T 37 64.61 1.16 47.67
C ASN T 37 65.11 0.91 46.25
N ARG T 38 65.39 -0.35 45.94
CA ARG T 38 65.86 -0.73 44.60
C ARG T 38 64.86 -0.37 43.50
N ILE T 39 63.58 -0.58 43.80
CA ILE T 39 62.51 -0.19 42.89
C ILE T 39 62.38 1.34 42.88
N MET T 40 62.41 1.95 44.05
CA MET T 40 62.31 3.40 44.17
C MET T 40 63.43 4.16 43.45
N LYS T 41 64.63 3.57 43.40
CA LYS T 41 65.71 4.16 42.61
C LYS T 41 65.78 3.56 41.19
N ALA T 42 64.86 2.64 40.89
CA ALA T 42 64.75 2.04 39.57
C ALA T 42 66.02 1.31 39.15
N GLU T 43 66.76 0.80 40.13
CA GLU T 43 68.00 0.07 39.88
C GLU T 43 67.71 -1.32 39.32
N VAL T 44 66.52 -1.84 39.64
CA VAL T 44 66.08 -3.15 39.16
C VAL T 44 64.78 -3.05 38.37
N SER T 45 64.49 -4.03 37.52
CA SER T 45 63.17 -4.15 36.89
C SER T 45 62.31 -5.13 37.68
N THR T 46 61.32 -4.57 38.36
CA THR T 46 60.50 -5.29 39.33
C THR T 46 59.48 -6.18 38.68
N THR T 47 59.16 -7.31 39.33
CA THR T 47 58.12 -8.20 38.83
C THR T 47 56.72 -7.64 39.12
N ILE T 48 55.78 -8.01 38.26
CA ILE T 48 54.37 -7.62 38.40
C ILE T 48 53.72 -8.05 39.74
N GLY T 49 54.18 -9.16 40.30
CA GLY T 49 53.72 -9.59 41.62
C GLY T 49 54.10 -8.61 42.71
N VAL T 50 55.39 -8.32 42.81
CA VAL T 50 55.90 -7.33 43.77
C VAL T 50 55.17 -6.02 43.52
N LEU T 51 55.22 -5.58 42.27
CA LEU T 51 54.54 -4.35 41.87
C LEU T 51 53.16 -4.31 42.48
N SER T 52 52.41 -5.40 42.28
CA SER T 52 51.06 -5.53 42.82
C SER T 52 51.08 -5.24 44.30
N SER T 53 51.89 -5.97 45.06
CA SER T 53 51.97 -5.71 46.51
C SER T 53 52.11 -4.23 46.83
N LEU T 54 53.07 -3.58 46.19
CA LEU T 54 53.27 -2.14 46.41
C LEU T 54 51.98 -1.35 46.25
N ALA T 55 51.31 -1.54 45.12
CA ALA T 55 50.08 -0.81 44.83
C ALA T 55 49.00 -1.01 45.89
N ARG T 56 48.85 -2.23 46.41
CA ARG T 56 47.84 -2.48 47.44
C ARG T 56 48.09 -1.61 48.67
N ALA T 57 49.35 -1.49 49.07
CA ALA T 57 49.68 -0.74 50.29
C ALA T 57 49.15 0.69 50.25
N PHE T 58 49.15 1.29 49.07
CA PHE T 58 48.61 2.63 48.88
C PHE T 58 47.14 2.66 48.53
N GLY T 59 46.52 1.48 48.44
CA GLY T 59 45.11 1.36 48.09
C GLY T 59 44.91 1.42 46.61
N HIS T 60 45.73 0.67 45.86
CA HIS T 60 45.73 0.71 44.39
C HIS T 60 46.15 -0.62 43.74
N GLU T 61 46.11 -0.64 42.40
CA GLU T 61 46.50 -1.79 41.61
C GLU T 61 47.77 -1.48 40.78
N ALA T 62 48.51 -2.53 40.43
CA ALA T 62 49.85 -2.40 39.84
C ALA T 62 49.92 -1.50 38.60
N TYR T 63 48.97 -1.66 37.67
CA TYR T 63 48.99 -0.93 36.39
C TYR T 63 49.11 0.58 36.54
N GLU T 64 48.62 1.09 37.67
CA GLU T 64 48.56 2.53 37.92
C GLU T 64 49.91 3.18 38.12
N MET T 65 50.91 2.38 38.48
CA MET T 65 52.25 2.91 38.68
C MET T 65 53.07 2.94 37.40
N ILE T 66 52.64 2.19 36.39
CA ILE T 66 53.40 2.13 35.13
C ILE T 66 52.62 2.69 33.94
N ILE T 67 51.78 3.68 34.24
CA ILE T 67 50.97 4.40 33.26
C ILE T 67 51.81 5.54 32.72
N PRO T 68 51.93 5.66 31.39
CA PRO T 68 52.66 6.75 30.75
C PRO T 68 52.17 8.14 31.12
N VAL T 69 53.08 9.12 30.99
CA VAL T 69 52.83 10.50 31.42
C VAL T 69 51.59 11.07 30.72
N GLY T 70 50.79 11.82 31.48
CA GLY T 70 49.51 12.34 31.01
C GLY T 70 48.39 11.32 30.87
N ALA T 71 48.74 10.03 30.91
CA ALA T 71 47.76 8.97 30.72
C ALA T 71 46.91 9.19 29.46
N PRO T 72 47.57 9.37 28.31
CA PRO T 72 46.80 9.32 27.07
C PRO T 72 46.22 7.92 26.90
N GLY T 73 44.91 7.81 26.81
CA GLY T 73 44.27 6.51 26.75
C GLY T 73 43.41 6.17 27.95
N ILE T 74 43.46 7.01 28.99
CA ILE T 74 42.76 6.76 30.26
C ILE T 74 41.57 7.70 30.42
N ILE T 75 40.41 7.16 30.79
CA ILE T 75 39.18 7.96 30.97
C ILE T 75 38.99 8.41 32.41
N ASP T 76 38.75 9.70 32.60
CA ASP T 76 38.46 10.25 33.92
C ASP T 76 36.97 10.14 34.23
N TYR T 77 36.62 9.13 35.01
CA TYR T 77 35.27 8.93 35.53
C TYR T 77 35.34 8.35 36.94
N ASP T 78 34.27 8.45 37.71
CA ASP T 78 34.21 7.86 39.05
C ASP T 78 33.94 6.37 38.94
N HIS T 79 34.85 5.54 39.43
CA HIS T 79 34.79 4.08 39.24
C HIS T 79 33.75 3.39 40.12
N ARG T 80 33.66 3.82 41.37
CA ARG T 80 32.66 3.28 42.27
C ARG T 80 31.30 3.40 41.57
N MET T 81 30.98 4.63 41.17
CA MET T 81 29.69 4.94 40.57
C MET T 81 29.41 4.14 39.30
N TYR T 82 30.46 3.84 38.55
CA TYR T 82 30.31 3.07 37.31
C TYR T 82 29.93 1.64 37.59
N ALA T 83 30.70 1.01 38.45
CA ALA T 83 30.46 -0.36 38.89
C ALA T 83 29.02 -0.62 39.30
N ALA T 84 28.41 0.35 39.97
CA ALA T 84 27.06 0.24 40.51
C ALA T 84 25.96 0.27 39.43
N LEU T 85 26.31 0.72 38.23
CA LEU T 85 25.30 0.88 37.19
C LEU T 85 24.70 -0.46 36.81
N PRO T 86 23.39 -0.50 36.48
CA PRO T 86 22.83 -1.64 35.78
C PRO T 86 23.55 -1.87 34.46
N GLN T 87 23.90 -3.11 34.16
CA GLN T 87 24.90 -3.40 33.13
C GLN T 87 24.51 -2.98 31.72
N GLU T 88 23.24 -2.69 31.46
CA GLU T 88 22.87 -2.05 30.20
C GLU T 88 23.30 -0.59 30.18
N GLU T 89 23.21 0.06 31.33
CA GLU T 89 23.81 1.37 31.49
C GLU T 89 25.33 1.30 31.30
N LYS T 90 25.94 0.22 31.78
CA LYS T 90 27.35 -0.07 31.45
C LYS T 90 27.49 -0.41 29.96
N ASN T 91 26.46 -1.02 29.39
CA ASN T 91 26.48 -1.37 27.98
C ASN T 91 26.16 -0.19 27.06
N LYS T 92 25.50 0.84 27.61
CA LYS T 92 25.26 2.10 26.88
C LYS T 92 26.60 2.83 26.67
N ILE T 93 27.36 2.90 27.76
CA ILE T 93 28.71 3.42 27.78
C ILE T 93 29.56 2.56 26.85
N THR T 94 29.44 1.23 26.99
CA THR T 94 30.13 0.28 26.11
C THR T 94 29.79 0.55 24.65
N SER T 95 28.51 0.80 24.37
CA SER T 95 28.02 1.07 23.02
C SER T 95 28.58 2.38 22.44
N PHE T 96 28.32 3.49 23.14
CA PHE T 96 28.83 4.79 22.72
C PHE T 96 30.33 4.76 22.40
N ILE T 97 31.09 4.06 23.24
CA ILE T 97 32.53 3.95 23.04
C ILE T 97 32.77 3.22 21.73
N ASN T 98 32.04 2.13 21.50
CA ASN T 98 32.11 1.41 20.23
C ASN T 98 31.72 2.29 19.06
N PHE T 99 30.71 3.14 19.24
CA PHE T 99 30.28 4.09 18.20
C PHE T 99 31.41 5.02 17.76
N VAL T 100 32.13 5.57 18.75
CA VAL T 100 33.29 6.40 18.48
C VAL T 100 34.44 5.52 18.00
N PHE T 101 34.44 4.24 18.40
CA PHE T 101 35.44 3.25 17.95
C PHE T 101 34.98 2.39 16.74
N GLU T 102 35.10 2.89 15.51
CA GLU T 102 35.61 4.23 15.22
C GLU T 102 34.82 4.94 14.12
N GLN T 103 33.92 5.81 14.54
CA GLN T 103 33.36 6.81 13.65
C GLN T 103 34.42 7.26 12.67
N VAL U 1 55.27 32.27 49.94
CA VAL U 1 56.23 31.37 49.21
C VAL U 1 57.36 32.15 48.54
N GLU U 2 57.01 33.23 47.84
CA GLU U 2 58.00 34.17 47.32
C GLU U 2 58.54 35.03 48.48
N LYS U 3 57.66 35.34 49.42
CA LYS U 3 58.07 36.05 50.62
C LYS U 3 58.92 35.12 51.48
N GLN U 4 58.66 33.80 51.35
CA GLN U 4 59.48 32.77 51.97
C GLN U 4 60.83 32.66 51.28
N ALA U 5 60.82 32.69 49.95
CA ALA U 5 62.02 32.60 49.15
C ALA U 5 63.04 33.68 49.53
N ALA U 6 62.53 34.88 49.79
CA ALA U 6 63.39 35.98 50.24
C ALA U 6 63.95 35.74 51.65
N ALA U 7 63.12 35.26 52.56
CA ALA U 7 63.50 35.09 53.96
C ALA U 7 64.55 34.01 54.15
N THR U 8 64.52 32.99 53.30
CA THR U 8 65.49 31.91 53.38
C THR U 8 66.86 32.42 52.92
N LEU U 9 66.89 33.07 51.77
CA LEU U 9 68.14 33.55 51.18
C LEU U 9 68.86 34.49 52.15
N ASN U 10 68.18 35.55 52.56
CA ASN U 10 68.73 36.56 53.48
C ASN U 10 69.14 35.95 54.81
N ALA U 11 68.44 34.90 55.23
CA ALA U 11 68.85 34.15 56.43
C ALA U 11 70.15 33.40 56.15
N TRP U 12 70.24 32.83 54.97
CA TRP U 12 71.40 32.06 54.53
C TRP U 12 72.58 32.96 54.15
N MET U 13 72.29 34.22 53.84
CA MET U 13 73.34 35.20 53.48
C MET U 13 74.07 35.77 54.69
N ARG U 14 73.31 36.26 55.67
CA ARG U 14 73.92 36.90 56.85
C ARG U 14 74.53 35.88 57.81
N LYS U 15 74.25 34.60 57.60
CA LYS U 15 75.05 33.56 58.24
C LYS U 15 76.32 33.40 57.40
N ASP U 16 77.42 33.12 58.09
CA ASP U 16 78.77 33.16 57.52
C ASP U 16 78.81 32.50 56.13
N THR U 17 79.19 33.28 55.12
CA THR U 17 79.46 32.79 53.78
C THR U 17 80.63 33.55 53.17
N GLU U 18 81.13 33.03 52.05
CA GLU U 18 82.13 33.73 51.26
C GLU U 18 81.48 34.84 50.46
N MET U 19 80.24 35.18 50.81
CA MET U 19 79.39 35.97 49.94
C MET U 19 78.58 37.04 50.65
N THR U 20 78.85 38.29 50.27
CA THR U 20 78.40 39.47 51.01
C THR U 20 77.19 40.17 50.39
N SER U 21 76.73 39.69 49.24
CA SER U 21 75.99 40.55 48.32
C SER U 21 75.28 39.85 47.15
N GLU U 22 74.90 40.64 46.16
CA GLU U 22 74.11 40.24 45.01
C GLU U 22 74.96 39.69 43.87
N LYS U 23 76.18 40.20 43.73
CA LYS U 23 77.00 39.97 42.54
C LYS U 23 77.74 38.63 42.54
N LYS U 24 78.58 38.40 43.55
CA LYS U 24 79.36 37.15 43.60
C LYS U 24 78.55 35.86 43.96
N VAL U 25 77.24 35.97 44.22
CA VAL U 25 76.34 34.79 44.22
C VAL U 25 75.89 34.52 42.80
N ALA U 26 75.57 35.60 42.10
CA ALA U 26 74.94 35.54 40.79
C ALA U 26 75.91 34.95 39.79
N VAL U 27 77.19 35.32 39.93
CA VAL U 27 78.24 34.74 39.12
C VAL U 27 78.26 33.24 39.32
N ALA U 28 78.19 32.82 40.59
CA ALA U 28 78.22 31.39 40.95
C ALA U 28 77.02 30.60 40.41
N ALA U 29 75.82 31.09 40.69
CA ALA U 29 74.58 30.42 40.23
C ALA U 29 74.45 30.34 38.70
N GLY U 30 75.10 31.27 37.99
CA GLY U 30 74.97 31.39 36.53
C GLY U 30 73.86 32.35 36.14
N ILE U 31 73.29 33.01 37.14
CA ILE U 31 72.20 33.95 36.94
C ILE U 31 72.73 35.37 37.08
N GLY U 32 72.05 36.35 36.48
CA GLY U 32 72.45 37.76 36.60
C GLY U 32 72.43 38.27 38.03
N PRO U 33 73.26 39.29 38.33
CA PRO U 33 73.20 39.99 39.63
C PRO U 33 71.81 40.51 39.95
N ALA U 34 71.27 41.38 39.09
CA ALA U 34 69.95 42.00 39.30
C ALA U 34 68.94 41.00 39.85
N THR U 35 68.85 39.85 39.20
CA THR U 35 67.85 38.81 39.53
C THR U 35 67.94 38.29 40.96
N VAL U 36 69.13 38.37 41.55
CA VAL U 36 69.29 38.01 42.95
C VAL U 36 68.65 39.08 43.83
N ASN U 37 68.88 40.35 43.50
CA ASN U 37 68.22 41.45 44.21
C ASN U 37 66.71 41.37 44.07
N ARG U 38 66.24 41.01 42.89
CA ARG U 38 64.82 40.90 42.64
C ARG U 38 64.19 39.76 43.45
N ILE U 39 64.92 38.66 43.61
CA ILE U 39 64.50 37.60 44.52
C ILE U 39 64.65 38.04 45.98
N MET U 40 65.71 38.82 46.27
CA MET U 40 65.85 39.48 47.57
C MET U 40 64.64 40.38 47.83
N LYS U 41 64.22 41.11 46.80
CA LYS U 41 63.10 42.04 46.90
C LYS U 41 61.76 41.32 47.13
N ALA U 42 61.59 40.16 46.50
CA ALA U 42 60.59 39.15 46.92
C ALA U 42 59.18 39.22 46.30
N GLU U 43 58.88 40.21 45.48
CA GLU U 43 57.55 40.26 44.87
C GLU U 43 57.46 39.38 43.61
N VAL U 44 58.57 39.29 42.88
CA VAL U 44 58.63 38.52 41.64
C VAL U 44 58.79 37.04 41.96
N SER U 45 58.11 36.21 41.19
CA SER U 45 58.03 34.78 41.49
C SER U 45 59.12 34.04 40.72
N THR U 46 60.20 33.71 41.40
CA THR U 46 61.39 33.18 40.74
C THR U 46 61.26 31.75 40.24
N THR U 47 61.93 31.47 39.14
CA THR U 47 61.80 30.19 38.46
C THR U 47 62.45 29.10 39.28
N ILE U 48 61.89 27.90 39.23
CA ILE U 48 62.44 26.76 39.95
C ILE U 48 63.89 26.51 39.49
N GLY U 49 64.12 26.53 38.17
CA GLY U 49 65.48 26.48 37.62
C GLY U 49 66.45 27.41 38.32
N VAL U 50 66.13 28.69 38.36
CA VAL U 50 66.90 29.68 39.12
C VAL U 50 67.00 29.22 40.56
N LEU U 51 65.85 28.85 41.14
CA LEU U 51 65.79 28.41 42.52
C LEU U 51 66.73 27.24 42.77
N SER U 52 66.82 26.34 41.79
CA SER U 52 67.69 25.17 41.86
C SER U 52 69.14 25.59 41.87
N SER U 53 69.47 26.58 41.06
CA SER U 53 70.82 27.16 41.02
C SER U 53 71.17 27.92 42.31
N LEU U 54 70.22 28.68 42.84
CA LEU U 54 70.37 29.36 44.14
C LEU U 54 70.78 28.40 45.25
N ALA U 55 70.16 27.23 45.29
CA ALA U 55 70.40 26.27 46.36
C ALA U 55 71.68 25.46 46.11
N ARG U 56 71.92 25.08 44.86
CA ARG U 56 73.13 24.32 44.52
C ARG U 56 74.40 25.11 44.90
N ALA U 57 74.29 26.44 44.90
CA ALA U 57 75.39 27.32 45.31
C ALA U 57 75.69 27.30 46.82
N PHE U 58 74.66 27.11 47.65
CA PHE U 58 74.85 27.05 49.11
C PHE U 58 75.06 25.62 49.60
N GLY U 59 75.17 24.67 48.67
CA GLY U 59 75.29 23.26 48.99
C GLY U 59 73.95 22.61 49.34
N HIS U 60 72.86 23.31 49.07
CA HIS U 60 71.53 22.85 49.40
C HIS U 60 70.78 22.44 48.12
N GLU U 61 69.54 21.98 48.31
CA GLU U 61 68.59 21.76 47.23
C GLU U 61 67.47 22.79 47.37
N ALA U 62 66.71 22.96 46.29
CA ALA U 62 65.83 24.12 46.14
C ALA U 62 64.62 24.11 47.07
N TYR U 63 64.04 22.93 47.28
CA TYR U 63 62.81 22.83 48.04
C TYR U 63 62.93 23.46 49.40
N GLU U 64 64.10 23.27 50.01
CA GLU U 64 64.40 23.82 51.34
C GLU U 64 64.08 25.30 51.44
N MET U 65 64.29 26.03 50.35
CA MET U 65 64.03 27.47 50.31
C MET U 65 62.53 27.79 50.30
N ILE U 66 61.73 26.88 49.76
CA ILE U 66 60.29 27.07 49.67
C ILE U 66 59.58 26.51 50.90
N ILE U 67 60.34 26.00 51.85
CA ILE U 67 59.76 25.32 53.00
C ILE U 67 59.13 26.36 53.89
N PRO U 68 57.86 26.18 54.28
CA PRO U 68 57.27 27.12 55.21
C PRO U 68 57.80 26.85 56.61
N VAL U 69 59.10 27.03 56.80
CA VAL U 69 59.76 26.60 58.03
C VAL U 69 58.99 27.07 59.26
N GLY U 70 58.49 28.30 59.22
CA GLY U 70 57.75 28.86 60.33
C GLY U 70 56.51 28.09 60.70
N ALA U 71 55.85 27.48 59.70
CA ALA U 71 54.56 26.79 59.89
C ALA U 71 54.54 25.91 61.14
N PRO U 72 53.43 25.95 61.90
CA PRO U 72 53.36 25.35 63.23
C PRO U 72 53.73 23.87 63.27
N GLY U 73 53.44 23.15 62.19
CA GLY U 73 53.77 21.74 62.07
C GLY U 73 55.14 21.43 61.49
N ILE U 74 55.98 22.43 61.26
CA ILE U 74 57.27 22.18 60.61
C ILE U 74 58.45 22.48 61.56
N ILE U 75 59.36 21.52 61.69
CA ILE U 75 60.52 21.70 62.53
C ILE U 75 61.48 22.60 61.78
N ASP U 76 62.23 23.41 62.51
CA ASP U 76 63.27 24.24 61.91
C ASP U 76 64.63 23.62 62.12
N TYR U 77 65.18 23.06 61.04
CA TYR U 77 66.54 22.55 61.07
C TYR U 77 67.17 22.62 59.69
N ASP U 78 68.49 22.58 59.66
CA ASP U 78 69.23 22.49 58.42
C ASP U 78 69.08 21.07 57.89
N HIS U 79 68.28 20.91 56.84
CA HIS U 79 68.04 19.60 56.23
C HIS U 79 69.36 18.90 55.87
N ARG U 80 70.31 19.67 55.31
CA ARG U 80 71.63 19.14 54.90
C ARG U 80 72.40 18.53 56.07
N MET U 81 72.48 19.26 57.17
CA MET U 81 73.20 18.75 58.35
C MET U 81 72.47 17.55 58.94
N TYR U 82 71.12 17.56 58.93
CA TYR U 82 70.36 16.38 59.31
C TYR U 82 70.64 15.26 58.31
N ALA U 83 70.71 15.62 57.03
CA ALA U 83 71.01 14.67 55.97
C ALA U 83 72.39 14.03 56.09
N ALA U 84 73.36 14.75 56.66
CA ALA U 84 74.73 14.24 56.80
C ALA U 84 74.93 13.13 57.86
N LEU U 85 73.98 12.96 58.78
CA LEU U 85 74.10 11.94 59.84
C LEU U 85 73.96 10.54 59.28
N PRO U 86 74.70 9.57 59.85
CA PRO U 86 74.29 8.17 59.71
C PRO U 86 72.92 7.91 60.34
N GLN U 87 72.34 6.76 60.05
CA GLN U 87 70.93 6.55 60.32
C GLN U 87 70.55 6.41 61.80
N GLU U 88 71.37 5.75 62.61
CA GLU U 88 70.93 5.50 64.00
C GLU U 88 70.71 6.78 64.82
N GLU U 89 71.52 7.81 64.59
CA GLU U 89 71.30 9.08 65.29
C GLU U 89 70.18 9.89 64.65
N LYS U 90 69.90 9.62 63.36
CA LYS U 90 68.62 10.05 62.76
C LYS U 90 67.47 9.35 63.47
N ASN U 91 67.71 8.09 63.82
CA ASN U 91 66.75 7.29 64.56
C ASN U 91 66.70 7.63 66.07
N LYS U 92 67.75 8.23 66.62
CA LYS U 92 67.69 8.88 67.94
C LYS U 92 66.78 10.11 67.94
N ILE U 93 66.87 10.90 66.87
CA ILE U 93 66.00 12.06 66.68
C ILE U 93 64.55 11.59 66.52
N THR U 94 64.34 10.72 65.54
CA THR U 94 63.02 10.17 65.25
C THR U 94 62.40 9.50 66.47
N SER U 95 63.23 8.83 67.27
CA SER U 95 62.74 8.17 68.46
C SER U 95 62.34 9.19 69.50
N PHE U 96 63.20 10.18 69.74
CA PHE U 96 62.88 11.24 70.72
C PHE U 96 61.54 11.90 70.45
N ILE U 97 61.29 12.25 69.19
CA ILE U 97 60.03 12.88 68.82
C ILE U 97 58.86 12.05 69.34
N ASN U 98 58.95 10.74 69.17
CA ASN U 98 57.91 9.83 69.65
C ASN U 98 57.81 9.76 71.16
N PHE U 99 58.91 10.01 71.87
CA PHE U 99 58.85 10.08 73.33
C PHE U 99 58.00 11.26 73.77
N VAL U 100 58.16 12.39 73.10
CA VAL U 100 57.41 13.60 73.45
C VAL U 100 55.92 13.45 73.06
N PHE U 101 55.66 12.88 71.87
CA PHE U 101 54.28 12.60 71.46
C PHE U 101 53.57 11.73 72.47
N GLU U 102 54.17 10.60 72.80
CA GLU U 102 53.53 9.57 73.63
C GLU U 102 53.44 9.99 75.10
N GLN U 103 54.37 10.83 75.54
CA GLN U 103 54.29 11.46 76.85
C GLN U 103 53.14 12.47 76.88
N ASN U 104 53.02 13.25 75.81
CA ASN U 104 51.97 14.28 75.68
C ASN U 104 50.74 13.88 74.85
N LYS U 105 50.51 12.57 74.69
CA LYS U 105 49.29 12.09 74.04
C LYS U 105 48.27 11.76 75.12
N VAL V 1 64.61 18.52 38.71
CA VAL V 1 63.70 19.45 39.48
C VAL V 1 62.41 19.84 38.73
N GLU V 2 62.55 20.28 37.48
CA GLU V 2 61.36 20.41 36.63
C GLU V 2 60.81 19.02 36.41
N LYS V 3 61.72 18.05 36.28
CA LYS V 3 61.41 16.64 36.16
C LYS V 3 60.68 16.13 37.39
N GLN V 4 61.07 16.58 38.57
CA GLN V 4 60.41 16.11 39.79
C GLN V 4 58.97 16.59 39.83
N ALA V 5 58.75 17.91 39.76
CA ALA V 5 57.38 18.42 39.73
C ALA V 5 56.53 17.72 38.67
N ALA V 6 57.14 17.35 37.56
CA ALA V 6 56.41 16.59 36.52
C ALA V 6 56.13 15.16 36.98
N ALA V 7 57.10 14.54 37.63
CA ALA V 7 56.92 13.19 38.18
C ALA V 7 55.79 13.17 39.24
N THR V 8 55.90 14.10 40.19
CA THR V 8 54.94 14.26 41.30
C THR V 8 53.50 14.49 40.85
N LEU V 9 53.29 15.54 40.06
CA LEU V 9 51.96 15.99 39.67
C LEU V 9 51.22 14.90 38.95
N ASN V 10 51.88 14.29 37.98
CA ASN V 10 51.31 13.19 37.20
C ASN V 10 50.89 12.00 38.06
N ALA V 11 51.62 11.76 39.13
CA ALA V 11 51.36 10.63 40.00
C ALA V 11 50.23 10.94 40.95
N TRP V 12 50.19 12.20 41.41
CA TRP V 12 49.17 12.66 42.35
C TRP V 12 47.77 12.74 41.75
N MET V 13 47.67 12.84 40.42
CA MET V 13 46.38 12.79 39.75
C MET V 13 45.75 11.40 39.89
N ARG V 14 46.56 10.36 39.77
CA ARG V 14 46.03 9.00 39.82
C ARG V 14 45.75 8.52 41.23
N LYS V 15 46.07 9.34 42.21
CA LYS V 15 45.79 9.01 43.58
C LYS V 15 44.59 9.82 44.05
N ASP V 16 44.70 11.14 44.04
CA ASP V 16 43.62 12.00 44.54
C ASP V 16 42.31 11.79 43.75
N THR V 17 41.19 12.01 44.45
CA THR V 17 39.86 11.85 43.89
C THR V 17 39.31 13.15 43.29
N GLU V 18 39.50 14.26 43.99
CA GLU V 18 39.01 15.57 43.56
C GLU V 18 39.77 15.97 42.27
N MET V 19 41.06 16.28 42.41
CA MET V 19 41.92 16.66 41.29
C MET V 19 42.42 15.41 40.59
N THR V 20 41.67 14.96 39.59
CA THR V 20 41.94 13.69 38.91
C THR V 20 42.19 13.88 37.40
N SER V 21 42.16 15.12 36.91
CA SER V 21 42.50 15.37 35.52
C SER V 21 43.06 16.76 35.27
N GLU V 22 43.85 16.84 34.18
CA GLU V 22 44.42 18.08 33.65
C GLU V 22 43.48 19.29 33.72
N LYS V 23 42.21 19.10 33.39
CA LYS V 23 41.26 20.21 33.38
C LYS V 23 40.88 20.61 34.81
N LYS V 24 40.76 19.62 35.69
CA LYS V 24 40.43 19.90 37.08
C LYS V 24 41.58 20.59 37.80
N VAL V 25 42.82 20.21 37.46
CA VAL V 25 44.03 20.80 38.07
C VAL V 25 44.20 22.26 37.68
N ALA V 26 44.05 22.54 36.39
CA ALA V 26 44.07 23.91 35.86
C ALA V 26 43.01 24.84 36.47
N VAL V 27 41.81 24.30 36.74
CA VAL V 27 40.73 25.09 37.35
C VAL V 27 41.10 25.48 38.77
N ALA V 28 41.48 24.49 39.57
CA ALA V 28 41.86 24.71 40.97
C ALA V 28 43.13 25.54 41.14
N ALA V 29 44.10 25.36 40.25
CA ALA V 29 45.37 26.08 40.35
C ALA V 29 45.33 27.49 39.73
N GLY V 30 44.20 27.86 39.14
CA GLY V 30 44.07 29.16 38.49
C GLY V 30 44.93 29.30 37.23
N ILE V 31 45.38 28.17 36.72
CA ILE V 31 46.42 28.16 35.70
C ILE V 31 45.79 27.78 34.35
N GLY V 32 46.47 28.14 33.26
CA GLY V 32 46.10 27.66 31.94
C GLY V 32 46.28 26.15 31.82
N PRO V 33 45.31 25.46 31.22
CA PRO V 33 45.54 24.03 31.01
C PRO V 33 46.86 23.74 30.29
N ALA V 34 47.11 24.43 29.19
CA ALA V 34 48.37 24.25 28.44
C ALA V 34 49.61 24.35 29.35
N THR V 35 49.56 25.26 30.32
CA THR V 35 50.63 25.38 31.31
C THR V 35 50.68 24.14 32.24
N VAL V 36 49.52 23.59 32.65
CA VAL V 36 49.52 22.36 33.45
C VAL V 36 50.27 21.30 32.67
N ASN V 37 49.81 21.08 31.46
CA ASN V 37 50.40 20.13 30.55
C ASN V 37 51.88 20.44 30.22
N ARG V 38 52.27 21.71 30.29
CA ARG V 38 53.65 22.09 30.02
C ARG V 38 54.51 21.64 31.20
N ILE V 39 54.04 21.98 32.40
CA ILE V 39 54.69 21.56 33.64
C ILE V 39 54.75 20.03 33.74
N MET V 40 53.76 19.34 33.19
CA MET V 40 53.73 17.89 33.24
C MET V 40 54.75 17.28 32.30
N LYS V 41 54.90 17.89 31.13
CA LYS V 41 55.85 17.41 30.14
C LYS V 41 57.27 17.85 30.50
N ALA V 42 57.40 18.66 31.55
CA ALA V 42 58.69 19.14 32.02
C ALA V 42 59.44 19.86 30.92
N GLU V 43 58.71 20.62 30.11
CA GLU V 43 59.29 21.40 29.02
C GLU V 43 59.55 22.86 29.45
N VAL V 44 58.85 23.30 30.50
CA VAL V 44 58.97 24.65 31.03
C VAL V 44 59.31 24.60 32.52
N SER V 45 60.17 25.51 32.95
CA SER V 45 60.54 25.64 34.35
C SER V 45 59.57 26.58 35.10
N THR V 46 58.52 26.01 35.66
CA THR V 46 57.45 26.76 36.31
C THR V 46 57.96 27.74 37.35
N THR V 47 57.22 28.84 37.53
CA THR V 47 57.52 29.79 38.59
C THR V 47 57.20 29.14 39.93
N ILE V 48 57.87 29.58 40.99
CA ILE V 48 57.59 29.05 42.33
C ILE V 48 56.17 29.39 42.82
N GLY V 49 55.65 30.53 42.38
CA GLY V 49 54.31 30.95 42.73
C GLY V 49 53.27 29.99 42.18
N VAL V 50 53.37 29.67 40.90
CA VAL V 50 52.39 28.78 40.26
C VAL V 50 52.49 27.39 40.86
N LEU V 51 53.71 26.90 41.08
CA LEU V 51 53.85 25.59 41.71
C LEU V 51 53.17 25.62 43.06
N SER V 52 53.26 26.73 43.77
CA SER V 52 52.58 26.81 45.05
C SER V 52 51.10 26.56 44.82
N SER V 53 50.51 27.31 43.91
CA SER V 53 49.12 27.10 43.54
C SER V 53 48.82 25.64 43.20
N LEU V 54 49.58 25.05 42.28
CA LEU V 54 49.44 23.64 41.92
C LEU V 54 49.51 22.74 43.15
N ALA V 55 50.47 23.01 44.02
CA ALA V 55 50.62 22.24 45.23
C ALA V 55 49.41 22.36 46.13
N ARG V 56 48.93 23.60 46.30
CA ARG V 56 47.83 23.93 47.24
C ARG V 56 46.55 23.19 46.85
N ALA V 57 46.40 22.96 45.54
CA ALA V 57 45.27 22.20 45.00
C ALA V 57 45.09 20.79 45.61
N PHE V 58 46.20 20.14 45.94
CA PHE V 58 46.20 18.76 46.45
C PHE V 58 46.32 18.66 47.98
N GLY V 59 46.43 19.80 48.66
CA GLY V 59 46.61 19.81 50.11
C GLY V 59 48.05 19.77 50.57
N HIS V 60 49.00 19.89 49.63
CA HIS V 60 50.43 19.89 49.94
C HIS V 60 51.03 21.22 49.52
N GLU V 61 52.13 21.62 50.16
CA GLU V 61 52.81 22.88 49.85
C GLU V 61 53.84 22.71 48.72
N ALA V 62 54.35 23.82 48.21
CA ALA V 62 55.22 23.80 47.03
C ALA V 62 56.50 22.93 47.16
N TYR V 63 57.13 22.96 48.33
CA TYR V 63 58.42 22.28 48.56
C TYR V 63 58.30 20.77 48.39
N GLU V 64 57.12 20.26 48.73
CA GLU V 64 56.87 18.83 48.75
C GLU V 64 56.76 18.19 47.36
N MET V 65 56.60 19.00 46.32
CA MET V 65 56.53 18.48 44.97
C MET V 65 57.90 18.42 44.31
N ILE V 66 58.91 19.08 44.89
CA ILE V 66 60.29 19.05 44.34
C ILE V 66 61.32 18.43 45.29
N ILE V 67 60.89 17.57 46.22
CA ILE V 67 61.84 16.92 47.13
C ILE V 67 62.52 15.76 46.40
N PRO V 68 63.87 15.68 46.45
CA PRO V 68 64.61 14.68 45.66
C PRO V 68 64.31 13.24 46.05
N VAL V 69 64.47 12.33 45.09
CA VAL V 69 64.13 10.91 45.26
C VAL V 69 64.72 10.32 46.54
N GLY V 70 63.89 9.66 47.34
CA GLY V 70 64.30 9.14 48.63
C GLY V 70 64.09 10.14 49.74
N ALA V 71 63.85 11.40 49.37
CA ALA V 71 63.63 12.48 50.32
C ALA V 71 64.58 12.45 51.51
N PRO V 72 65.90 12.44 51.25
CA PRO V 72 66.83 12.43 52.37
C PRO V 72 66.69 13.75 53.11
N GLY V 73 67.12 13.78 54.36
CA GLY V 73 67.05 15.05 55.08
C GLY V 73 65.69 15.41 55.65
N ILE V 74 64.63 14.77 55.20
CA ILE V 74 63.28 14.99 55.75
C ILE V 74 62.97 14.04 56.91
N ILE V 75 62.50 14.62 58.02
CA ILE V 75 62.13 13.86 59.21
C ILE V 75 60.67 13.40 59.06
N ASP V 76 60.41 12.16 59.40
CA ASP V 76 59.08 11.57 59.28
C ASP V 76 58.37 11.65 60.63
N TYR V 77 57.32 12.46 60.68
CA TYR V 77 56.55 12.66 61.91
C TYR V 77 55.18 13.24 61.59
N ASP V 78 54.27 13.21 62.56
CA ASP V 78 52.94 13.79 62.37
C ASP V 78 52.99 15.28 62.63
N HIS V 79 52.89 16.06 61.56
CA HIS V 79 52.97 17.53 61.64
C HIS V 79 51.84 18.14 62.46
N ARG V 80 50.67 17.48 62.50
CA ARG V 80 49.55 18.01 63.27
C ARG V 80 49.87 17.98 64.75
N MET V 81 50.19 16.79 65.26
CA MET V 81 50.46 16.62 66.69
C MET V 81 51.74 17.37 67.06
N TYR V 82 52.61 17.51 66.07
CA TYR V 82 53.79 18.36 66.20
C TYR V 82 53.40 19.85 66.25
N ALA V 83 52.38 20.24 65.49
CA ALA V 83 51.85 21.59 65.59
C ALA V 83 51.33 21.86 67.00
N ALA V 84 50.71 20.83 67.60
CA ALA V 84 50.08 20.94 68.91
C ALA V 84 51.03 21.06 70.12
N LEU V 85 52.34 21.18 69.88
CA LEU V 85 53.28 21.20 70.99
C LEU V 85 53.71 22.63 71.40
N PRO V 86 53.72 22.91 72.72
CA PRO V 86 54.29 24.14 73.28
C PRO V 86 55.72 24.36 72.81
N GLN V 87 56.13 25.62 72.69
CA GLN V 87 57.38 25.94 72.00
C GLN V 87 58.66 25.61 72.81
N GLU V 88 58.58 25.59 74.14
CA GLU V 88 59.67 25.03 74.96
C GLU V 88 59.59 23.50 74.93
N GLU V 89 58.39 22.94 75.04
CA GLU V 89 58.18 21.52 74.76
C GLU V 89 58.62 21.20 73.34
N LYS V 90 58.65 22.22 72.50
CA LYS V 90 59.15 22.11 71.14
C LYS V 90 60.65 22.28 71.06
N ASN V 91 61.16 23.26 71.79
CA ASN V 91 62.59 23.50 71.81
C ASN V 91 63.34 22.22 72.16
N LYS V 92 62.75 21.36 73.00
CA LYS V 92 63.28 20.00 73.20
C LYS V 92 63.70 19.35 71.90
N ILE V 93 62.77 19.32 70.96
CA ILE V 93 62.96 18.59 69.73
C ILE V 93 64.04 19.28 68.93
N THR V 94 63.87 20.58 68.74
CA THR V 94 64.85 21.41 68.03
C THR V 94 66.22 21.28 68.72
N SER V 95 66.21 21.37 70.05
CA SER V 95 67.42 21.20 70.88
C SER V 95 68.08 19.87 70.59
N PHE V 96 67.27 18.81 70.68
CA PHE V 96 67.70 17.44 70.47
C PHE V 96 68.32 17.27 69.09
N ILE V 97 67.68 17.85 68.09
CA ILE V 97 68.19 17.82 66.71
C ILE V 97 69.54 18.54 66.61
N ASN V 98 69.66 19.67 67.30
CA ASN V 98 70.93 20.39 67.32
C ASN V 98 71.99 19.67 68.13
N PHE V 99 71.60 19.15 69.28
CA PHE V 99 72.57 18.42 70.08
C PHE V 99 73.13 17.26 69.28
N VAL V 100 72.27 16.47 68.66
CA VAL V 100 72.75 15.34 67.87
C VAL V 100 73.62 15.84 66.71
N PHE V 101 73.44 17.09 66.28
CA PHE V 101 74.34 17.71 65.31
C PHE V 101 75.73 17.93 65.88
N GLU V 102 75.82 18.64 67.01
CA GLU V 102 77.12 18.96 67.64
C GLU V 102 77.89 17.73 68.17
N GLN V 103 77.18 16.64 68.48
CA GLN V 103 77.83 15.37 68.76
C GLN V 103 78.60 14.92 67.53
N ASN V 104 78.02 15.18 66.36
CA ASN V 104 78.62 14.81 65.09
C ASN V 104 79.47 15.93 64.46
N LYS V 105 79.07 17.18 64.71
CA LYS V 105 79.66 18.37 64.06
C LYS V 105 80.17 18.10 62.65
N VAL W 1 46.82 25.82 56.23
CA VAL W 1 45.79 26.92 56.19
C VAL W 1 44.63 26.61 57.15
N GLU W 2 43.98 25.48 56.89
CA GLU W 2 42.92 24.98 57.73
C GLU W 2 43.53 24.38 59.01
N LYS W 3 44.83 24.13 58.98
CA LYS W 3 45.53 23.61 60.13
C LYS W 3 45.68 24.66 61.24
N GLN W 4 45.98 25.90 60.85
CA GLN W 4 46.28 26.95 61.83
C GLN W 4 45.15 27.16 62.84
N ALA W 5 43.91 26.99 62.41
CA ALA W 5 42.76 27.13 63.30
C ALA W 5 42.84 26.16 64.46
N ALA W 6 43.25 24.92 64.17
CA ALA W 6 43.30 23.87 65.19
C ALA W 6 44.43 24.17 66.17
N ALA W 7 45.62 24.36 65.64
CA ALA W 7 46.77 24.71 66.47
C ALA W 7 46.46 25.84 67.43
N THR W 8 45.92 26.94 66.90
CA THR W 8 45.67 28.13 67.71
C THR W 8 44.63 27.86 68.77
N LEU W 9 43.57 27.14 68.36
CA LEU W 9 42.48 26.70 69.25
C LEU W 9 43.02 25.96 70.47
N ASN W 10 43.99 25.09 70.21
CA ASN W 10 44.63 24.29 71.23
C ASN W 10 45.49 25.14 72.13
N ALA W 11 46.34 25.96 71.53
CA ALA W 11 47.28 26.79 72.30
C ALA W 11 46.59 27.66 73.33
N TRP W 12 45.34 28.03 73.04
CA TRP W 12 44.55 28.85 73.94
C TRP W 12 44.06 28.09 75.18
N MET W 13 44.27 26.77 75.23
CA MET W 13 43.89 25.95 76.39
C MET W 13 44.91 26.01 77.53
N ARG W 14 46.16 26.37 77.22
CA ARG W 14 47.24 26.27 78.22
C ARG W 14 47.59 27.61 78.91
N LYS W 15 47.72 28.69 78.13
CA LYS W 15 47.76 30.05 78.71
C LYS W 15 46.34 30.61 78.77
N ASP W 16 45.42 29.70 79.07
CA ASP W 16 44.02 29.97 79.30
C ASP W 16 43.84 30.70 80.63
N THR W 17 42.67 31.30 80.85
CA THR W 17 42.45 32.16 82.01
C THR W 17 42.20 31.51 83.41
N GLU W 18 41.48 30.40 83.55
CA GLU W 18 41.01 29.51 82.49
C GLU W 18 39.58 29.81 82.02
N MET W 19 39.34 29.58 80.74
CA MET W 19 38.02 29.64 80.16
C MET W 19 37.18 28.43 80.57
N THR W 20 37.70 27.24 80.28
CA THR W 20 36.94 26.00 80.09
C THR W 20 37.96 25.07 79.43
N SER W 21 37.53 23.91 78.94
CA SER W 21 38.38 23.16 78.00
C SER W 21 37.70 21.93 77.37
N GLU W 22 38.31 21.50 76.28
CA GLU W 22 38.03 20.20 75.67
C GLU W 22 36.58 20.03 75.16
N LYS W 23 35.99 18.85 75.36
CA LYS W 23 34.88 18.39 74.52
C LYS W 23 33.45 18.63 75.02
N LYS W 24 33.28 19.15 76.25
CA LYS W 24 31.95 19.64 76.65
C LYS W 24 31.71 20.96 75.92
N VAL W 25 32.78 21.73 75.70
CA VAL W 25 32.72 22.95 74.89
C VAL W 25 32.20 22.64 73.48
N ALA W 26 32.59 21.47 72.96
CA ALA W 26 32.15 20.99 71.66
C ALA W 26 30.63 20.86 71.54
N VAL W 27 30.01 20.31 72.58
CA VAL W 27 28.56 20.10 72.63
C VAL W 27 27.83 21.23 73.38
N ALA W 28 28.33 21.62 74.54
CA ALA W 28 27.64 22.57 75.42
C ALA W 28 27.68 24.02 74.92
N ALA W 29 28.60 24.33 73.99
CA ALA W 29 28.60 25.63 73.33
C ALA W 29 27.31 25.86 72.55
N GLY W 30 26.49 24.82 72.41
CA GLY W 30 25.23 24.87 71.67
C GLY W 30 25.44 24.59 70.19
N ILE W 31 26.69 24.33 69.81
CA ILE W 31 27.08 24.18 68.41
C ILE W 31 27.38 22.70 68.12
N GLY W 32 27.43 22.36 66.84
CA GLY W 32 27.32 20.97 66.39
C GLY W 32 28.01 19.90 67.22
N PRO W 33 27.40 18.70 67.30
CA PRO W 33 28.04 17.55 67.95
C PRO W 33 29.20 17.03 67.11
N ALA W 34 30.37 16.92 67.73
CA ALA W 34 31.62 16.55 67.04
C ALA W 34 32.14 17.62 66.08
N THR W 35 31.40 18.71 65.89
CA THR W 35 31.81 19.76 64.95
C THR W 35 33.10 20.42 65.44
N VAL W 36 33.17 20.71 66.73
CA VAL W 36 34.40 21.21 67.35
C VAL W 36 35.52 20.16 67.29
N ASN W 37 35.13 18.89 67.29
CA ASN W 37 36.08 17.83 67.05
C ASN W 37 36.68 17.93 65.65
N ARG W 38 35.85 18.02 64.62
CA ARG W 38 36.35 17.99 63.22
C ARG W 38 37.06 19.28 62.76
N ILE W 39 37.00 20.33 63.58
CA ILE W 39 37.82 21.53 63.37
C ILE W 39 39.21 21.28 63.90
N MET W 40 39.28 20.98 65.19
CA MET W 40 40.53 20.64 65.87
C MET W 40 41.26 19.50 65.17
N LYS W 41 40.47 18.58 64.61
CA LYS W 41 41.00 17.48 63.83
C LYS W 41 41.52 17.98 62.47
N ALA W 42 41.12 19.18 62.07
CA ALA W 42 41.55 19.80 60.81
C ALA W 42 41.06 19.05 59.59
N GLU W 43 39.91 18.39 59.73
CA GLU W 43 39.30 17.66 58.61
C GLU W 43 38.37 18.56 57.78
N VAL W 44 37.53 19.36 58.44
CA VAL W 44 36.60 20.24 57.73
C VAL W 44 37.05 21.69 57.71
N SER W 45 36.87 22.35 56.57
CA SER W 45 37.07 23.78 56.45
C SER W 45 35.85 24.48 57.03
N THR W 46 36.03 25.04 58.22
CA THR W 46 34.95 25.60 58.99
C THR W 46 34.42 26.90 58.40
N THR W 47 33.18 27.22 58.72
CA THR W 47 32.62 28.52 58.38
C THR W 47 33.25 29.54 59.33
N ILE W 48 33.49 30.74 58.81
CA ILE W 48 33.94 31.88 59.62
C ILE W 48 32.93 32.22 60.71
N GLY W 49 31.64 32.12 60.39
CA GLY W 49 30.56 32.47 61.31
C GLY W 49 30.67 31.79 62.66
N VAL W 50 30.97 30.50 62.63
CA VAL W 50 31.20 29.76 63.86
C VAL W 50 32.56 30.13 64.42
N LEU W 51 33.55 30.32 63.54
CA LEU W 51 34.92 30.68 63.97
C LEU W 51 34.95 31.95 64.84
N SER W 52 34.23 32.98 64.39
CA SER W 52 34.13 34.22 65.12
C SER W 52 33.58 33.96 66.50
N SER W 53 32.44 33.26 66.54
CA SER W 53 31.82 32.83 67.78
C SER W 53 32.78 31.93 68.58
N LEU W 54 33.51 31.09 67.85
CA LEU W 54 34.55 30.25 68.44
C LEU W 54 35.59 31.06 69.19
N ALA W 55 36.25 31.97 68.47
CA ALA W 55 37.22 32.85 69.09
C ALA W 55 36.52 33.76 70.11
N ARG W 56 35.27 34.12 69.82
CA ARG W 56 34.47 34.97 70.69
C ARG W 56 34.22 34.32 72.05
N ALA W 57 34.20 32.99 72.08
CA ALA W 57 34.12 32.25 73.34
C ALA W 57 35.42 32.34 74.17
N PHE W 58 36.57 32.39 73.51
CA PHE W 58 37.85 32.64 74.18
C PHE W 58 38.01 34.13 74.38
N GLY W 59 37.04 34.87 73.84
CA GLY W 59 36.99 36.31 73.93
C GLY W 59 37.75 36.95 72.79
N HIS W 60 38.26 36.12 71.88
CA HIS W 60 39.11 36.58 70.80
C HIS W 60 38.29 36.82 69.53
N GLU W 61 38.91 37.53 68.58
CA GLU W 61 38.34 37.72 67.27
C GLU W 61 38.76 36.55 66.40
N ALA W 62 37.98 36.29 65.35
CA ALA W 62 38.20 35.12 64.49
C ALA W 62 39.60 35.12 63.89
N TYR W 63 39.96 36.24 63.26
CA TYR W 63 41.18 36.33 62.46
C TYR W 63 42.39 35.88 63.23
N GLU W 64 42.38 36.18 64.52
CA GLU W 64 43.42 35.75 65.46
C GLU W 64 43.70 34.23 65.39
N MET W 65 42.71 33.45 64.99
CA MET W 65 42.84 31.99 64.87
C MET W 65 43.59 31.47 63.64
N ILE W 66 43.60 32.23 62.55
CA ILE W 66 44.18 31.80 61.28
C ILE W 66 45.41 32.63 60.88
N ILE W 67 45.98 33.38 61.83
CA ILE W 67 47.20 34.15 61.56
C ILE W 67 48.37 33.18 61.46
N PRO W 68 49.02 33.13 60.28
CA PRO W 68 50.17 32.23 60.14
C PRO W 68 51.40 32.73 60.92
N VAL W 69 51.44 32.40 62.20
CA VAL W 69 52.49 32.89 63.12
C VAL W 69 53.94 32.71 62.66
N GLY W 70 54.18 31.76 61.76
CA GLY W 70 55.51 31.53 61.21
C GLY W 70 55.91 32.51 60.13
N ALA W 71 54.93 32.95 59.33
CA ALA W 71 55.18 33.71 58.10
C ALA W 71 56.36 34.69 58.18
N PRO W 72 57.18 34.73 57.11
CA PRO W 72 58.57 35.26 57.16
C PRO W 72 58.70 36.61 57.84
N GLY W 73 57.90 37.56 57.39
CA GLY W 73 57.89 38.91 57.95
C GLY W 73 56.73 39.19 58.87
N ILE W 74 56.11 38.14 59.43
CA ILE W 74 55.06 38.29 60.42
C ILE W 74 55.66 38.06 61.80
N ILE W 75 55.34 38.97 62.71
CA ILE W 75 55.80 38.88 64.10
C ILE W 75 54.59 38.33 64.85
N ASP W 76 54.82 37.34 65.71
CA ASP W 76 53.73 36.77 66.51
C ASP W 76 53.59 37.57 67.81
N TYR W 77 52.45 38.20 68.00
CA TYR W 77 52.17 38.94 69.22
C TYR W 77 50.68 38.93 69.50
N ASP W 78 50.28 39.44 70.66
CA ASP W 78 48.88 39.36 71.07
C ASP W 78 48.12 40.66 70.78
N HIS W 79 47.14 40.56 69.89
CA HIS W 79 46.35 41.69 69.39
C HIS W 79 45.37 42.14 70.47
N ARG W 80 45.10 41.21 71.39
CA ARG W 80 44.29 41.46 72.56
C ARG W 80 45.01 42.41 73.52
N MET W 81 46.26 42.07 73.84
CA MET W 81 47.11 42.90 74.69
C MET W 81 47.40 44.21 73.97
N TYR W 82 47.63 44.11 72.67
CA TYR W 82 48.10 45.24 71.91
C TYR W 82 47.02 46.30 71.74
N ALA W 83 45.80 45.89 71.42
CA ALA W 83 44.69 46.84 71.24
C ALA W 83 44.46 47.68 72.51
N ALA W 84 44.65 47.06 73.68
CA ALA W 84 44.52 47.74 74.98
C ALA W 84 45.52 48.89 75.23
N LEU W 85 46.50 49.05 74.34
CA LEU W 85 47.49 50.13 74.45
C LEU W 85 46.85 51.51 74.28
N PRO W 86 47.33 52.51 75.03
CA PRO W 86 46.90 53.88 74.82
C PRO W 86 46.94 54.28 73.35
N GLN W 87 46.11 55.25 73.02
CA GLN W 87 45.78 55.56 71.63
C GLN W 87 47.07 56.02 71.00
N GLU W 88 47.79 56.83 71.78
CA GLU W 88 49.03 57.47 71.37
C GLU W 88 50.26 56.57 71.44
N GLU W 89 50.25 55.60 72.35
CA GLU W 89 51.41 54.73 72.54
C GLU W 89 51.65 53.74 71.40
N LYS W 90 50.59 53.32 70.71
CA LYS W 90 50.76 52.42 69.56
C LYS W 90 51.71 53.02 68.52
N ASN W 91 51.70 54.36 68.43
CA ASN W 91 52.57 55.07 67.51
C ASN W 91 54.06 54.90 67.85
N LYS W 92 54.37 54.74 69.12
CA LYS W 92 55.74 54.52 69.58
C LYS W 92 56.33 53.16 69.18
N ILE W 93 55.54 52.09 69.30
CA ILE W 93 56.01 50.74 68.95
C ILE W 93 56.26 50.65 67.45
N THR W 94 55.31 51.15 66.68
CA THR W 94 55.46 51.24 65.22
C THR W 94 56.69 52.09 64.87
N SER W 95 56.85 53.22 65.57
CA SER W 95 57.98 54.12 65.37
C SER W 95 59.32 53.42 65.58
N PHE W 96 59.39 52.57 66.60
CA PHE W 96 60.61 51.85 66.91
C PHE W 96 61.00 50.84 65.81
N ILE W 97 60.01 50.35 65.06
CA ILE W 97 60.28 49.40 63.97
C ILE W 97 60.95 50.14 62.82
N ASN W 98 60.31 51.21 62.35
CA ASN W 98 60.87 52.10 61.33
C ASN W 98 62.33 52.31 61.61
N PHE W 99 62.57 52.65 62.87
CA PHE W 99 63.88 52.98 63.36
C PHE W 99 64.84 51.82 63.19
N VAL W 100 64.38 50.62 63.55
CA VAL W 100 65.18 49.40 63.38
C VAL W 100 65.51 49.24 61.90
N PHE W 101 64.50 49.36 61.04
CA PHE W 101 64.69 49.22 59.60
C PHE W 101 65.78 50.14 59.02
N GLU W 102 65.85 51.39 59.50
CA GLU W 102 66.94 52.29 59.12
C GLU W 102 68.25 51.83 59.78
N GLN W 103 68.19 51.66 61.10
CA GLN W 103 69.31 51.17 61.92
C GLN W 103 69.98 49.94 61.31
N ASN W 104 69.19 49.11 60.64
CA ASN W 104 69.66 47.84 60.11
C ASN W 104 70.10 47.86 58.65
N LYS W 105 69.44 48.67 57.82
CA LYS W 105 69.80 48.73 56.40
C LYS W 105 71.02 49.63 56.20
N VAL X 1 32.16 39.80 60.53
CA VAL X 1 33.04 38.76 59.93
C VAL X 1 32.68 38.47 58.47
N GLU X 2 31.47 37.97 58.20
CA GLU X 2 31.00 37.81 56.81
C GLU X 2 30.86 39.17 56.11
N LYS X 3 30.63 40.20 56.91
CA LYS X 3 30.38 41.56 56.46
C LYS X 3 31.73 42.24 56.22
N GLN X 4 32.70 41.87 57.05
CA GLN X 4 34.05 42.40 56.93
C GLN X 4 34.64 41.85 55.64
N ALA X 5 34.47 40.55 55.41
CA ALA X 5 35.00 39.88 54.22
C ALA X 5 34.31 40.35 52.94
N ALA X 6 33.02 40.62 53.03
CA ALA X 6 32.27 41.20 51.91
C ALA X 6 32.79 42.61 51.61
N ALA X 7 33.07 43.36 52.67
CA ALA X 7 33.59 44.70 52.52
C ALA X 7 34.97 44.65 51.87
N THR X 8 35.86 43.85 52.43
CA THR X 8 37.25 43.79 51.99
C THR X 8 37.39 43.20 50.61
N LEU X 9 36.70 42.09 50.34
CA LEU X 9 36.64 41.53 48.99
C LEU X 9 36.19 42.62 48.00
N ASN X 10 35.16 43.37 48.37
CA ASN X 10 34.65 44.42 47.49
C ASN X 10 35.72 45.47 47.18
N ALA X 11 36.43 45.91 48.21
CA ALA X 11 37.46 46.95 48.05
C ALA X 11 38.63 46.50 47.17
N TRP X 12 39.20 45.33 47.51
CA TRP X 12 40.35 44.78 46.77
C TRP X 12 39.99 44.53 45.32
N MET X 13 38.76 44.04 45.13
CA MET X 13 38.21 43.78 43.82
C MET X 13 38.06 45.10 43.05
N ARG X 14 37.70 46.16 43.76
CA ARG X 14 37.53 47.48 43.15
C ARG X 14 38.86 48.08 42.66
N LYS X 15 39.98 47.48 43.03
CA LYS X 15 41.29 47.80 42.43
C LYS X 15 41.75 46.72 41.44
N ASP X 16 42.92 46.92 40.81
CA ASP X 16 43.60 45.84 40.03
C ASP X 16 42.88 45.46 38.73
N THR X 17 43.52 44.63 37.90
CA THR X 17 42.87 44.00 36.72
C THR X 17 41.59 43.18 36.99
N GLU X 18 41.57 42.36 38.05
CA GLU X 18 40.34 41.62 38.41
C GLU X 18 39.20 42.61 38.69
N MET X 19 39.53 43.91 38.66
CA MET X 19 38.61 45.01 38.97
C MET X 19 37.19 44.83 38.46
N THR X 20 36.24 45.23 39.30
CA THR X 20 34.83 45.34 38.93
C THR X 20 34.24 44.11 38.22
N SER X 21 34.88 42.94 38.34
CA SER X 21 34.40 41.68 37.79
C SER X 21 34.39 40.61 38.89
N GLU X 22 33.21 40.11 39.22
CA GLU X 22 33.06 39.05 40.22
C GLU X 22 33.52 37.70 39.64
N LYS X 23 33.78 37.68 38.35
CA LYS X 23 33.94 36.46 37.56
C LYS X 23 35.41 36.10 37.52
N LYS X 24 36.26 37.09 37.26
CA LYS X 24 37.70 36.91 37.33
C LYS X 24 38.17 36.54 38.74
N VAL X 25 37.34 36.84 39.74
CA VAL X 25 37.58 36.46 41.13
C VAL X 25 37.23 34.98 41.35
N ALA X 26 36.18 34.53 40.68
CA ALA X 26 35.76 33.14 40.75
C ALA X 26 36.82 32.21 40.12
N VAL X 27 37.47 32.69 39.06
CA VAL X 27 38.46 31.89 38.34
C VAL X 27 39.81 31.90 39.05
N ALA X 28 40.23 33.06 39.53
CA ALA X 28 41.50 33.20 40.23
C ALA X 28 41.51 32.42 41.52
N ALA X 29 40.41 32.51 42.26
CA ALA X 29 40.24 31.76 43.51
C ALA X 29 39.88 30.31 43.22
N GLY X 30 39.29 30.06 42.05
CA GLY X 30 38.95 28.71 41.61
C GLY X 30 37.69 28.17 42.26
N ILE X 31 36.72 29.05 42.50
CA ILE X 31 35.56 28.75 43.35
C ILE X 31 34.23 28.79 42.58
N GLY X 32 33.17 28.36 43.26
CA GLY X 32 31.86 28.11 42.63
C GLY X 32 31.21 29.24 41.83
N PRO X 33 30.11 28.90 41.13
CA PRO X 33 29.35 29.86 40.30
C PRO X 33 28.42 30.76 41.12
N ALA X 34 27.93 30.23 42.23
CA ALA X 34 27.13 31.00 43.18
C ALA X 34 27.98 31.60 44.29
N THR X 35 29.28 31.28 44.32
CA THR X 35 30.12 31.55 45.50
C THR X 35 30.54 33.01 45.66
N VAL X 36 31.21 33.58 44.66
CA VAL X 36 31.77 34.93 44.77
C VAL X 36 30.67 35.95 45.10
N ASN X 37 29.64 36.00 44.25
CA ASN X 37 28.53 36.95 44.41
C ASN X 37 27.92 36.91 45.81
N ARG X 38 27.76 35.71 46.36
CA ARG X 38 27.22 35.53 47.70
C ARG X 38 28.15 36.13 48.76
N ILE X 39 29.46 36.00 48.55
CA ILE X 39 30.47 36.57 49.46
C ILE X 39 30.49 38.10 49.37
N MET X 40 30.41 38.62 48.14
CA MET X 40 30.34 40.06 47.87
C MET X 40 29.10 40.65 48.51
N LYS X 41 28.01 39.88 48.53
CA LYS X 41 26.75 40.31 49.15
C LYS X 41 26.62 39.91 50.63
N ALA X 42 27.57 39.13 51.14
CA ALA X 42 27.48 38.59 52.50
C ALA X 42 26.20 37.78 52.71
N GLU X 43 25.85 36.98 51.70
CA GLU X 43 24.69 36.09 51.75
C GLU X 43 25.01 34.70 52.33
N VAL X 44 26.25 34.24 52.19
CA VAL X 44 26.70 32.98 52.82
C VAL X 44 27.87 33.19 53.80
N SER X 45 27.96 32.32 54.82
CA SER X 45 29.10 32.28 55.74
C SER X 45 30.15 31.29 55.21
N THR X 46 31.16 31.83 54.52
CA THR X 46 32.09 31.01 53.75
C THR X 46 32.99 30.14 54.59
N THR X 47 33.44 29.05 53.98
CA THR X 47 34.49 28.21 54.58
C THR X 47 35.77 29.03 54.67
N ILE X 48 36.56 28.84 55.73
CA ILE X 48 37.90 29.45 55.78
C ILE X 48 38.77 29.12 54.54
N GLY X 49 38.58 27.92 53.96
CA GLY X 49 39.33 27.51 52.76
C GLY X 49 39.03 28.37 51.54
N VAL X 50 37.76 28.75 51.39
CA VAL X 50 37.35 29.63 50.28
C VAL X 50 37.93 31.02 50.49
N LEU X 51 37.92 31.45 51.74
CA LEU X 51 38.56 32.70 52.13
C LEU X 51 40.02 32.69 51.74
N SER X 52 40.70 31.58 52.01
CA SER X 52 42.13 31.47 51.70
C SER X 52 42.36 31.52 50.19
N SER X 53 41.51 30.86 49.44
CA SER X 53 41.55 30.90 47.97
C SER X 53 41.35 32.31 47.40
N LEU X 54 40.25 32.97 47.81
CA LEU X 54 39.98 34.35 47.44
C LEU X 54 41.16 35.26 47.75
N ALA X 55 41.60 35.18 49.00
CA ALA X 55 42.66 36.06 49.51
C ALA X 55 43.99 35.87 48.80
N ARG X 56 44.40 34.60 48.69
CA ARG X 56 45.64 34.22 48.00
C ARG X 56 45.58 34.73 46.55
N ALA X 57 44.41 34.74 45.93
CA ALA X 57 44.26 35.30 44.57
C ALA X 57 44.64 36.77 44.44
N PHE X 58 44.52 37.53 45.54
CA PHE X 58 44.92 38.93 45.55
C PHE X 58 46.34 39.10 46.08
N GLY X 59 46.99 38.00 46.46
CA GLY X 59 48.29 38.02 47.13
C GLY X 59 48.18 38.33 48.62
N HIS X 60 47.11 37.83 49.25
CA HIS X 60 46.87 38.08 50.68
C HIS X 60 46.41 36.81 51.39
N GLU X 61 46.41 36.90 52.71
CA GLU X 61 46.04 35.80 53.56
C GLU X 61 44.59 35.97 53.99
N ALA X 62 44.06 34.94 54.65
CA ALA X 62 42.64 34.89 55.01
C ALA X 62 42.32 35.73 56.25
N TYR X 63 43.26 35.82 57.19
CA TYR X 63 43.08 36.68 58.35
C TYR X 63 42.97 38.14 57.93
N GLU X 64 43.70 38.51 56.89
CA GLU X 64 43.79 39.90 56.45
C GLU X 64 42.43 40.49 56.14
N MET X 65 41.51 39.65 55.68
CA MET X 65 40.19 40.11 55.27
C MET X 65 39.16 40.25 56.39
N ILE X 66 39.38 39.62 57.53
CA ILE X 66 38.35 39.54 58.55
C ILE X 66 38.72 40.31 59.81
N ILE X 67 39.55 41.35 59.66
CA ILE X 67 39.98 42.15 60.80
C ILE X 67 38.88 43.17 61.16
N PRO X 68 38.50 43.25 62.43
CA PRO X 68 37.37 44.12 62.79
C PRO X 68 37.70 45.61 62.93
N VAL X 69 36.64 46.42 62.99
CA VAL X 69 36.63 47.83 63.45
C VAL X 69 37.92 48.65 63.27
N GLY X 70 38.30 48.86 62.02
CA GLY X 70 39.43 49.72 61.72
C GLY X 70 40.77 49.14 62.10
N ALA X 71 40.86 47.81 62.14
CA ALA X 71 42.12 47.17 62.42
C ALA X 71 42.83 47.78 63.65
N PRO X 72 42.17 47.75 64.82
CA PRO X 72 42.74 48.44 65.97
C PRO X 72 43.99 47.77 66.50
N GLY X 73 44.03 46.44 66.47
CA GLY X 73 45.15 45.65 67.04
C GLY X 73 46.28 45.29 66.08
N ILE X 74 46.43 46.04 64.99
CA ILE X 74 47.42 45.72 63.96
C ILE X 74 48.51 46.78 63.91
N ILE X 75 49.76 46.31 63.94
CA ILE X 75 50.92 47.16 63.71
C ILE X 75 51.21 47.15 62.22
N ASP X 76 51.68 48.28 61.71
CA ASP X 76 52.15 48.36 60.34
C ASP X 76 53.65 48.41 60.29
N TYR X 77 54.23 47.48 59.55
CA TYR X 77 55.66 47.39 59.35
C TYR X 77 55.89 46.70 58.02
N ASP X 78 56.96 47.07 57.33
CA ASP X 78 57.28 46.43 56.07
C ASP X 78 57.58 44.95 56.36
N HIS X 79 56.68 44.08 55.90
CA HIS X 79 56.77 42.64 56.08
C HIS X 79 57.96 42.07 55.29
N ARG X 80 58.34 42.75 54.22
CA ARG X 80 59.58 42.42 53.53
C ARG X 80 60.74 42.67 54.49
N MET X 81 60.83 43.91 54.98
CA MET X 81 61.95 44.36 55.80
C MET X 81 62.05 43.59 57.11
N TYR X 82 60.90 43.18 57.66
CA TYR X 82 60.93 42.33 58.85
C TYR X 82 61.40 40.93 58.52
N ALA X 83 61.05 40.44 57.34
CA ALA X 83 61.58 39.16 56.87
C ALA X 83 63.07 39.30 56.61
N ALA X 84 63.49 40.47 56.16
CA ALA X 84 64.89 40.74 55.85
C ALA X 84 65.80 40.89 57.08
N LEU X 85 65.33 41.57 58.13
CA LEU X 85 66.20 41.91 59.26
C LEU X 85 66.60 40.68 60.08
N PRO X 86 67.84 40.66 60.62
CA PRO X 86 68.35 39.52 61.38
C PRO X 86 67.47 39.12 62.56
N GLN X 87 67.60 37.85 62.96
CA GLN X 87 66.72 37.27 63.98
C GLN X 87 66.75 38.04 65.29
N GLU X 88 67.93 38.52 65.66
CA GLU X 88 68.10 39.15 66.95
C GLU X 88 67.53 40.56 66.95
N GLU X 89 67.47 41.14 65.76
CA GLU X 89 66.86 42.45 65.57
C GLU X 89 65.35 42.30 65.63
N LYS X 90 64.87 41.09 65.29
CA LYS X 90 63.48 40.72 65.51
C LYS X 90 63.18 40.60 67.00
N ASN X 91 64.05 39.92 67.74
CA ASN X 91 63.87 39.69 69.18
C ASN X 91 63.86 41.01 69.95
N LYS X 92 64.71 41.92 69.50
CA LYS X 92 64.67 43.35 69.85
C LYS X 92 63.25 43.92 69.95
N ILE X 93 62.50 43.70 68.88
CA ILE X 93 61.14 44.20 68.69
C ILE X 93 60.15 43.45 69.57
N THR X 94 60.11 42.14 69.43
CA THR X 94 59.28 41.29 70.28
C THR X 94 59.47 41.72 71.75
N SER X 95 60.73 41.90 72.14
CA SER X 95 61.05 42.40 73.47
C SER X 95 61.33 43.92 73.49
N PHE X 96 60.83 44.64 72.49
CA PHE X 96 60.48 46.07 72.65
C PHE X 96 59.00 46.15 73.01
N ILE X 97 58.20 45.23 72.45
CA ILE X 97 56.76 45.15 72.69
C ILE X 97 56.43 44.50 74.05
N ASN X 98 57.34 43.68 74.56
CA ASN X 98 57.24 43.04 75.88
C ASN X 98 56.65 43.86 77.03
N PHE X 99 57.14 45.09 77.18
CA PHE X 99 56.97 45.93 78.39
C PHE X 99 55.59 45.91 79.04
N VAL X 100 54.58 45.65 78.22
CA VAL X 100 53.19 45.57 78.68
C VAL X 100 52.98 44.52 79.79
N PHE X 101 53.97 43.65 80.04
CA PHE X 101 53.85 42.65 81.11
C PHE X 101 53.55 43.29 82.47
N GLU X 102 54.50 44.05 83.00
CA GLU X 102 54.32 44.75 84.27
C GLU X 102 53.77 46.16 84.07
N GLN X 103 53.92 46.71 82.86
CA GLN X 103 53.60 48.11 82.56
C GLN X 103 52.39 48.22 81.61
N ASN X 104 51.74 49.39 81.61
CA ASN X 104 50.44 49.60 80.93
C ASN X 104 49.28 48.75 81.50
N LYS X 105 49.60 47.83 82.40
CA LYS X 105 48.65 46.85 82.93
C LYS X 105 49.46 45.82 83.71
N VAL Y 1 22.16 -24.08 -7.20
CA VAL Y 1 21.25 -24.53 -6.08
C VAL Y 1 20.53 -25.87 -6.33
N GLU Y 2 20.73 -26.45 -7.52
CA GLU Y 2 20.24 -27.80 -7.86
C GLU Y 2 21.28 -28.87 -7.52
N LYS Y 3 22.56 -28.52 -7.68
CA LYS Y 3 23.65 -29.37 -7.24
C LYS Y 3 23.88 -29.25 -5.73
N GLN Y 4 23.22 -28.28 -5.07
CA GLN Y 4 23.17 -28.23 -3.61
C GLN Y 4 23.01 -29.62 -3.01
N ALA Y 5 22.17 -30.43 -3.64
CA ALA Y 5 22.13 -31.86 -3.34
C ALA Y 5 23.54 -32.38 -3.12
N ALA Y 6 24.37 -32.34 -4.16
CA ALA Y 6 25.76 -32.84 -4.11
C ALA Y 6 26.61 -32.26 -2.97
N ALA Y 7 26.36 -31.01 -2.60
CA ALA Y 7 27.05 -30.40 -1.47
C ALA Y 7 26.73 -31.13 -0.15
N THR Y 8 25.47 -31.56 0.00
CA THR Y 8 25.05 -32.34 1.17
C THR Y 8 25.27 -33.85 0.98
N LEU Y 9 25.33 -34.32 -0.26
CA LEU Y 9 25.65 -35.73 -0.56
C LEU Y 9 26.90 -36.21 0.16
N ASN Y 10 27.98 -35.48 -0.09
CA ASN Y 10 29.32 -35.81 0.42
C ASN Y 10 29.34 -36.12 1.91
N ALA Y 11 28.70 -35.26 2.70
CA ALA Y 11 28.70 -35.37 4.17
C ALA Y 11 28.39 -36.80 4.68
N TRP Y 12 27.36 -37.42 4.10
CA TRP Y 12 26.89 -38.73 4.58
C TRP Y 12 27.89 -39.82 4.22
N MET Y 13 28.59 -39.64 3.09
CA MET Y 13 29.66 -40.54 2.68
C MET Y 13 30.91 -40.33 3.52
N ARG Y 14 31.21 -39.07 3.83
CA ARG Y 14 32.36 -38.70 4.64
C ARG Y 14 32.27 -39.30 6.04
N LYS Y 15 31.10 -39.12 6.66
CA LYS Y 15 30.86 -39.60 8.03
C LYS Y 15 30.75 -41.13 8.08
N ASP Y 16 29.71 -41.67 7.46
CA ASP Y 16 29.42 -43.11 7.51
C ASP Y 16 30.26 -43.87 6.48
N THR Y 17 31.23 -44.63 6.98
CA THR Y 17 32.25 -45.27 6.12
C THR Y 17 31.93 -46.72 5.76
N GLU Y 18 30.91 -47.31 6.37
CA GLU Y 18 30.48 -48.67 6.03
C GLU Y 18 29.83 -48.68 4.65
N MET Y 19 29.48 -47.48 4.17
CA MET Y 19 28.88 -47.29 2.85
C MET Y 19 29.94 -47.20 1.76
N THR Y 20 29.57 -47.69 0.58
CA THR Y 20 30.51 -47.97 -0.50
C THR Y 20 30.95 -46.73 -1.28
N SER Y 21 31.93 -46.93 -2.17
CA SER Y 21 32.32 -45.97 -3.21
C SER Y 21 31.19 -45.67 -4.20
N GLU Y 22 31.43 -44.65 -5.03
CA GLU Y 22 30.42 -44.10 -5.95
C GLU Y 22 29.99 -45.00 -7.12
N LYS Y 23 30.82 -45.94 -7.58
CA LYS Y 23 30.42 -46.81 -8.69
C LYS Y 23 29.47 -47.92 -8.22
N LYS Y 24 29.72 -48.47 -7.04
CA LYS Y 24 28.91 -49.56 -6.52
C LYS Y 24 27.63 -49.09 -5.82
N VAL Y 25 27.46 -47.77 -5.69
CA VAL Y 25 26.14 -47.19 -5.37
C VAL Y 25 25.33 -47.06 -6.65
N ALA Y 26 25.98 -47.27 -7.80
CA ALA Y 26 25.30 -47.34 -9.09
C ALA Y 26 24.60 -48.68 -9.30
N VAL Y 27 25.02 -49.73 -8.60
CA VAL Y 27 24.26 -50.99 -8.58
C VAL Y 27 23.08 -50.87 -7.61
N ALA Y 28 23.28 -50.11 -6.54
CA ALA Y 28 22.19 -49.73 -5.62
C ALA Y 28 21.20 -48.76 -6.28
N ALA Y 29 21.67 -48.00 -7.27
CA ALA Y 29 20.79 -47.16 -8.07
C ALA Y 29 20.30 -47.93 -9.29
N GLY Y 30 21.24 -48.48 -10.08
CA GLY Y 30 20.94 -49.33 -11.24
C GLY Y 30 20.40 -48.57 -12.44
N ILE Y 31 20.84 -47.32 -12.62
CA ILE Y 31 20.23 -46.40 -13.58
C ILE Y 31 20.99 -46.41 -14.92
N GLY Y 32 20.38 -45.83 -15.96
CA GLY Y 32 20.92 -45.87 -17.33
C GLY Y 32 22.27 -45.22 -17.61
N PRO Y 33 22.89 -45.60 -18.75
CA PRO Y 33 24.29 -45.36 -19.12
C PRO Y 33 24.64 -43.91 -19.46
N ALA Y 34 23.65 -43.03 -19.49
CA ALA Y 34 23.88 -41.59 -19.65
C ALA Y 34 23.54 -40.77 -18.38
N THR Y 35 22.82 -41.37 -17.43
CA THR Y 35 22.57 -40.74 -16.12
C THR Y 35 23.85 -40.87 -15.27
N VAL Y 36 24.23 -42.11 -14.96
CA VAL Y 36 25.63 -42.51 -14.69
C VAL Y 36 26.54 -41.54 -13.91
N ASN Y 37 27.67 -41.18 -14.52
CA ASN Y 37 28.76 -40.48 -13.87
C ASN Y 37 28.46 -39.01 -13.59
N ARG Y 38 27.59 -38.39 -14.37
CA ARG Y 38 27.38 -36.94 -14.18
C ARG Y 38 26.16 -36.59 -13.33
N ILE Y 39 25.38 -37.57 -12.89
CA ILE Y 39 24.52 -37.32 -11.73
C ILE Y 39 25.39 -37.47 -10.48
N MET Y 40 26.43 -38.31 -10.57
CA MET Y 40 27.49 -38.34 -9.56
C MET Y 40 28.07 -36.95 -9.36
N LYS Y 41 28.44 -36.28 -10.45
CA LYS Y 41 28.88 -34.88 -10.40
C LYS Y 41 27.70 -33.89 -10.23
N ALA Y 42 26.49 -34.43 -10.08
CA ALA Y 42 25.26 -33.64 -9.91
C ALA Y 42 25.18 -32.49 -10.90
N GLU Y 43 25.58 -32.78 -12.14
CA GLU Y 43 25.57 -31.81 -13.22
C GLU Y 43 24.12 -31.57 -13.64
N VAL Y 44 23.33 -32.63 -13.76
CA VAL Y 44 21.89 -32.50 -14.06
C VAL Y 44 21.06 -32.31 -12.78
N SER Y 45 19.89 -31.73 -12.96
CA SER Y 45 18.88 -31.56 -11.91
C SER Y 45 17.88 -32.73 -12.00
N THR Y 46 17.95 -33.67 -11.07
CA THR Y 46 17.29 -34.99 -11.23
C THR Y 46 15.88 -35.12 -10.64
N THR Y 47 15.22 -36.22 -11.02
CA THR Y 47 13.87 -36.52 -10.58
C THR Y 47 13.78 -36.78 -9.07
N ILE Y 48 12.70 -36.33 -8.45
CA ILE Y 48 12.53 -36.44 -7.00
C ILE Y 48 12.32 -37.88 -6.55
N GLY Y 49 11.77 -38.70 -7.42
CA GLY Y 49 11.75 -40.15 -7.20
C GLY Y 49 13.17 -40.63 -7.03
N VAL Y 50 13.96 -40.55 -8.11
CA VAL Y 50 15.38 -40.94 -8.08
C VAL Y 50 16.11 -40.32 -6.90
N LEU Y 51 15.82 -39.05 -6.63
CA LEU Y 51 16.44 -38.39 -5.48
C LEU Y 51 16.14 -39.15 -4.18
N SER Y 52 14.89 -39.53 -3.98
CA SER Y 52 14.50 -40.21 -2.73
C SER Y 52 15.18 -41.55 -2.54
N SER Y 53 15.28 -42.32 -3.63
CA SER Y 53 15.97 -43.62 -3.59
C SER Y 53 17.48 -43.48 -3.37
N LEU Y 54 18.04 -42.32 -3.69
CA LEU Y 54 19.43 -42.00 -3.34
C LEU Y 54 19.58 -41.92 -1.83
N ALA Y 55 18.84 -41.02 -1.20
CA ALA Y 55 18.98 -40.80 0.24
C ALA Y 55 18.74 -42.07 1.03
N ARG Y 56 17.71 -42.81 0.66
CA ARG Y 56 17.26 -43.99 1.42
C ARG Y 56 18.35 -45.03 1.71
N ALA Y 57 19.37 -45.11 0.84
CA ALA Y 57 20.53 -45.97 1.07
C ALA Y 57 21.33 -45.55 2.31
N PHE Y 58 21.33 -44.24 2.61
CA PHE Y 58 22.09 -43.66 3.73
C PHE Y 58 21.33 -43.68 5.08
N GLY Y 59 20.05 -44.05 5.06
CA GLY Y 59 19.18 -43.86 6.22
C GLY Y 59 18.53 -42.48 6.16
N HIS Y 60 18.59 -41.87 4.98
CA HIS Y 60 18.16 -40.49 4.76
C HIS Y 60 16.94 -40.44 3.84
N GLU Y 61 16.32 -39.27 3.72
CA GLU Y 61 15.16 -39.11 2.83
C GLU Y 61 15.42 -38.09 1.72
N ALA Y 62 14.47 -38.01 0.78
CA ALA Y 62 14.57 -37.12 -0.40
C ALA Y 62 14.82 -35.66 -0.05
N TYR Y 63 13.92 -35.09 0.74
CA TYR Y 63 13.97 -33.66 1.05
C TYR Y 63 15.33 -33.24 1.61
N GLU Y 64 15.90 -34.09 2.47
CA GLU Y 64 17.11 -33.76 3.23
C GLU Y 64 18.30 -33.30 2.36
N MET Y 65 18.21 -33.51 1.06
CA MET Y 65 19.31 -33.23 0.13
C MET Y 65 19.44 -31.77 -0.31
N ILE Y 66 18.33 -31.01 -0.28
CA ILE Y 66 18.27 -29.74 -1.02
C ILE Y 66 18.48 -28.43 -0.23
N ILE Y 67 18.94 -28.48 1.03
CA ILE Y 67 18.95 -27.30 1.92
C ILE Y 67 19.58 -26.05 1.27
N PRO Y 68 18.75 -25.03 0.95
CA PRO Y 68 19.19 -23.81 0.29
C PRO Y 68 20.17 -22.94 1.06
N VAL Y 69 21.00 -22.22 0.30
CA VAL Y 69 22.06 -21.38 0.83
C VAL Y 69 21.56 -20.07 1.44
N GLY Y 70 20.56 -19.46 0.82
CA GLY Y 70 20.14 -18.09 1.14
C GLY Y 70 19.02 -17.93 2.16
N ALA Y 71 18.11 -18.92 2.23
CA ALA Y 71 16.92 -18.83 3.10
C ALA Y 71 17.30 -18.48 4.54
N PRO Y 72 16.84 -17.31 5.03
CA PRO Y 72 17.12 -16.94 6.41
C PRO Y 72 16.45 -17.86 7.41
N GLY Y 73 17.24 -18.50 8.27
CA GLY Y 73 16.70 -19.30 9.37
C GLY Y 73 16.76 -20.80 9.19
N ILE Y 74 17.92 -21.33 8.77
CA ILE Y 74 18.08 -22.78 8.60
C ILE Y 74 19.30 -23.36 9.34
N ILE Y 75 19.11 -24.55 9.92
CA ILE Y 75 20.12 -25.25 10.71
C ILE Y 75 20.60 -26.48 9.95
N ASP Y 76 21.90 -26.75 10.02
CA ASP Y 76 22.53 -27.88 9.33
C ASP Y 76 22.64 -29.10 10.23
N TYR Y 77 22.06 -30.23 9.82
CA TYR Y 77 22.13 -31.48 10.57
C TYR Y 77 22.64 -32.63 9.68
N ASP Y 78 22.91 -33.78 10.31
CA ASP Y 78 23.35 -34.99 9.62
C ASP Y 78 22.49 -36.17 10.06
N HIS Y 79 22.50 -37.23 9.24
CA HIS Y 79 21.83 -38.54 9.47
C HIS Y 79 20.33 -38.70 9.10
N ARG Y 80 19.37 -38.49 10.00
CA ARG Y 80 19.46 -37.62 11.15
C ARG Y 80 20.03 -38.20 12.45
N MET Y 81 21.05 -37.50 12.95
CA MET Y 81 21.72 -37.84 14.18
C MET Y 81 20.67 -37.62 15.25
N TYR Y 82 19.71 -36.78 14.90
CA TYR Y 82 18.53 -36.52 15.69
C TYR Y 82 18.05 -37.76 16.42
N ALA Y 83 17.83 -38.85 15.67
CA ALA Y 83 17.32 -40.09 16.26
C ALA Y 83 17.98 -40.33 17.60
N ALA Y 84 19.31 -40.37 17.59
CA ALA Y 84 20.11 -40.49 18.81
C ALA Y 84 19.63 -41.69 19.62
N LEU Y 85 19.65 -41.53 20.94
CA LEU Y 85 18.97 -42.45 21.84
C LEU Y 85 17.48 -42.10 21.71
N PRO Y 86 16.56 -42.86 22.35
CA PRO Y 86 15.18 -42.45 22.11
C PRO Y 86 14.97 -40.94 22.12
N GLN Y 87 14.27 -40.46 21.11
CA GLN Y 87 14.00 -39.03 20.92
C GLN Y 87 13.38 -38.35 22.14
N GLU Y 88 12.99 -39.14 23.14
CA GLU Y 88 12.33 -38.64 24.34
C GLU Y 88 13.07 -37.52 25.10
N GLU Y 89 14.37 -37.35 24.88
CA GLU Y 89 15.16 -36.37 25.64
C GLU Y 89 14.74 -34.90 25.47
N LYS Y 90 14.62 -34.42 24.23
CA LYS Y 90 14.27 -33.01 24.00
C LYS Y 90 12.77 -32.75 23.89
N ASN Y 91 11.95 -33.74 24.23
CA ASN Y 91 10.54 -33.47 24.52
C ASN Y 91 10.42 -32.64 25.81
N LYS Y 92 11.57 -32.37 26.45
CA LYS Y 92 11.70 -31.28 27.42
C LYS Y 92 11.18 -29.94 26.87
N ILE Y 93 11.30 -29.76 25.54
CA ILE Y 93 10.94 -28.52 24.84
C ILE Y 93 9.52 -27.98 25.08
N THR Y 94 8.53 -28.85 25.24
CA THR Y 94 7.10 -28.46 25.26
C THR Y 94 6.76 -27.13 25.95
N SER Y 95 7.13 -26.99 27.24
CA SER Y 95 6.76 -25.79 28.01
C SER Y 95 7.51 -24.54 27.53
N PHE Y 96 8.83 -24.66 27.36
CA PHE Y 96 9.62 -23.53 26.86
C PHE Y 96 9.55 -23.32 25.34
N ILE Y 97 9.38 -24.40 24.57
CA ILE Y 97 9.36 -24.36 23.11
C ILE Y 97 10.79 -24.14 22.56
N ASN Y 98 11.44 -23.05 22.96
CA ASN Y 98 12.90 -22.96 22.81
C ASN Y 98 13.66 -21.89 23.66
N PHE Y 99 14.70 -22.39 24.35
CA PHE Y 99 15.70 -21.58 25.09
C PHE Y 99 15.21 -20.28 25.71
N VAL Y 100 15.45 -19.15 25.04
CA VAL Y 100 15.25 -17.82 25.60
C VAL Y 100 14.32 -16.99 24.70
N VAL Z 1 5.87 -38.82 -1.45
CA VAL Z 1 6.81 -37.76 -1.95
C VAL Z 1 6.18 -36.96 -3.10
N GLU Z 2 5.85 -37.64 -4.21
CA GLU Z 2 5.10 -37.06 -5.31
C GLU Z 2 3.67 -36.78 -4.85
N LYS Z 3 3.24 -37.64 -3.93
CA LYS Z 3 1.90 -37.67 -3.41
C LYS Z 3 1.81 -36.56 -2.37
N GLN Z 4 2.93 -36.31 -1.71
CA GLN Z 4 3.03 -35.21 -0.75
C GLN Z 4 3.14 -33.86 -1.47
N ALA Z 5 4.07 -33.78 -2.43
CA ALA Z 5 4.21 -32.58 -3.27
C ALA Z 5 2.85 -32.15 -3.79
N ALA Z 6 2.17 -33.11 -4.43
CA ALA Z 6 0.78 -32.95 -4.83
C ALA Z 6 -0.07 -32.45 -3.66
N ALA Z 7 -0.09 -33.23 -2.57
CA ALA Z 7 -0.96 -32.96 -1.44
C ALA Z 7 -0.74 -31.58 -0.83
N THR Z 8 0.51 -31.14 -0.76
CA THR Z 8 0.85 -29.82 -0.19
C THR Z 8 0.40 -28.68 -1.13
N LEU Z 9 0.56 -28.92 -2.43
CA LEU Z 9 0.24 -27.93 -3.46
C LEU Z 9 -1.27 -27.79 -3.65
N ASN Z 10 -2.00 -28.90 -3.57
CA ASN Z 10 -3.45 -28.88 -3.68
C ASN Z 10 -4.09 -28.09 -2.55
N ALA Z 11 -3.42 -28.06 -1.40
CA ALA Z 11 -3.86 -27.23 -0.28
C ALA Z 11 -3.44 -25.78 -0.51
N TRP Z 12 -2.23 -25.58 -1.02
CA TRP Z 12 -1.71 -24.24 -1.32
C TRP Z 12 -2.38 -23.57 -2.52
N MET Z 13 -3.02 -24.37 -3.37
CA MET Z 13 -3.78 -23.85 -4.50
C MET Z 13 -4.94 -22.98 -4.04
N ARG Z 14 -5.61 -23.36 -2.97
CA ARG Z 14 -6.69 -22.52 -2.44
C ARG Z 14 -6.20 -21.56 -1.33
N LYS Z 15 -4.91 -21.24 -1.34
CA LYS Z 15 -4.34 -20.28 -0.38
C LYS Z 15 -3.28 -19.38 -1.02
N ASP Z 16 -3.76 -18.31 -1.65
CA ASP Z 16 -2.89 -17.32 -2.29
C ASP Z 16 -3.73 -16.17 -2.84
N THR Z 17 -3.08 -15.13 -3.36
CA THR Z 17 -3.78 -14.14 -4.18
C THR Z 17 -4.30 -14.83 -5.45
N GLU Z 18 -3.50 -15.74 -6.01
CA GLU Z 18 -3.83 -16.47 -7.25
C GLU Z 18 -4.31 -17.92 -6.98
N MET Z 19 -5.61 -18.08 -6.73
CA MET Z 19 -6.20 -19.35 -6.28
C MET Z 19 -6.94 -20.11 -7.38
N THR Z 20 -7.36 -21.34 -7.05
CA THR Z 20 -8.30 -22.16 -7.84
C THR Z 20 -7.95 -22.39 -9.32
N SER Z 21 -6.71 -22.09 -9.70
CA SER Z 21 -6.33 -22.12 -11.10
C SER Z 21 -4.91 -22.64 -11.26
N GLU Z 22 -4.73 -23.53 -12.23
CA GLU Z 22 -3.44 -24.04 -12.59
C GLU Z 22 -2.63 -22.92 -13.25
N LYS Z 23 -3.37 -22.09 -13.99
CA LYS Z 23 -2.83 -21.22 -15.02
C LYS Z 23 -2.10 -19.99 -14.48
N LYS Z 24 -2.63 -19.36 -13.44
CA LYS Z 24 -2.01 -18.15 -12.89
C LYS Z 24 -0.74 -18.53 -12.11
N VAL Z 25 -0.71 -19.77 -11.61
CA VAL Z 25 0.45 -20.29 -10.86
C VAL Z 25 1.50 -20.89 -11.81
N ALA Z 26 1.06 -21.37 -12.97
CA ALA Z 26 1.97 -21.87 -14.02
C ALA Z 26 2.78 -20.74 -14.67
N VAL Z 27 2.16 -19.57 -14.85
CA VAL Z 27 2.89 -18.40 -15.35
C VAL Z 27 3.77 -17.81 -14.25
N ALA Z 28 3.32 -17.91 -13.00
CA ALA Z 28 4.14 -17.56 -11.83
C ALA Z 28 5.35 -18.49 -11.75
N ALA Z 29 5.14 -19.74 -12.19
CA ALA Z 29 6.21 -20.75 -12.29
C ALA Z 29 7.01 -20.64 -13.59
N GLY Z 30 6.35 -20.19 -14.67
CA GLY Z 30 6.99 -20.09 -15.97
C GLY Z 30 7.33 -21.46 -16.53
N ILE Z 31 6.47 -22.42 -16.23
CA ILE Z 31 6.57 -23.76 -16.76
C ILE Z 31 5.18 -24.10 -17.26
N GLY Z 32 5.09 -25.04 -18.20
CA GLY Z 32 3.80 -25.38 -18.81
C GLY Z 32 2.73 -25.68 -17.77
N PRO Z 33 1.46 -25.38 -18.08
CA PRO Z 33 0.38 -25.75 -17.18
C PRO Z 33 0.12 -27.25 -17.18
N ALA Z 34 0.56 -27.93 -18.24
CA ALA Z 34 0.41 -29.38 -18.38
C ALA Z 34 1.09 -30.15 -17.25
N THR Z 35 2.33 -29.80 -16.90
CA THR Z 35 3.04 -30.50 -15.83
C THR Z 35 2.33 -30.25 -14.50
N VAL Z 36 1.77 -29.06 -14.35
CA VAL Z 36 1.15 -28.62 -13.09
C VAL Z 36 0.08 -29.60 -12.62
N ASN Z 37 -0.94 -29.84 -13.43
CA ASN Z 37 -1.99 -30.82 -13.08
C ASN Z 37 -1.42 -32.23 -12.96
N ARG Z 38 -0.42 -32.53 -13.79
CA ARG Z 38 0.26 -33.82 -13.74
C ARG Z 38 0.92 -34.01 -12.37
N ILE Z 39 1.54 -32.96 -11.84
CA ILE Z 39 2.17 -33.07 -10.51
C ILE Z 39 1.13 -32.95 -9.39
N MET Z 40 0.17 -32.05 -9.54
CA MET Z 40 -0.90 -31.86 -8.54
C MET Z 40 -1.58 -33.16 -8.13
N LYS Z 41 -1.72 -34.08 -9.08
CA LYS Z 41 -2.36 -35.38 -8.85
C LYS Z 41 -1.38 -36.56 -9.02
N ALA Z 42 -0.08 -36.27 -8.93
CA ALA Z 42 0.95 -37.27 -9.15
C ALA Z 42 0.76 -37.96 -10.52
N GLU Z 43 0.89 -39.29 -10.59
CA GLU Z 43 0.88 -40.03 -11.87
C GLU Z 43 2.11 -39.69 -12.72
N VAL Z 44 2.99 -38.85 -12.17
CA VAL Z 44 4.24 -38.44 -12.82
C VAL Z 44 5.40 -38.56 -11.83
N SER Z 45 6.59 -38.84 -12.36
CA SER Z 45 7.81 -38.87 -11.58
C SER Z 45 8.52 -37.51 -11.72
N THR Z 46 8.29 -36.62 -10.74
CA THR Z 46 8.53 -35.17 -10.89
C THR Z 46 9.98 -34.71 -10.67
N THR Z 47 10.48 -33.85 -11.56
CA THR Z 47 11.88 -33.38 -11.46
C THR Z 47 12.07 -32.27 -10.43
N ILE Z 48 13.27 -32.19 -9.85
CA ILE Z 48 13.56 -31.18 -8.82
C ILE Z 48 13.54 -29.76 -9.37
N GLY Z 49 13.79 -29.60 -10.66
CA GLY Z 49 13.70 -28.30 -11.31
C GLY Z 49 12.33 -27.68 -11.13
N VAL Z 50 11.31 -28.52 -11.24
CA VAL Z 50 9.92 -28.09 -11.19
C VAL Z 50 9.50 -27.62 -9.79
N LEU Z 51 9.89 -28.37 -8.77
CA LEU Z 51 9.61 -27.98 -7.38
C LEU Z 51 10.33 -26.70 -6.97
N SER Z 52 11.52 -26.48 -7.49
CA SER Z 52 12.32 -25.31 -7.13
C SER Z 52 11.64 -24.04 -7.67
N SER Z 53 11.07 -24.15 -8.86
CA SER Z 53 10.33 -23.04 -9.46
C SER Z 53 8.98 -22.88 -8.79
N LEU Z 54 8.32 -24.00 -8.50
CA LEU Z 54 7.08 -23.98 -7.70
C LEU Z 54 7.34 -23.42 -6.31
N ALA Z 55 8.53 -23.70 -5.79
CA ALA Z 55 8.96 -23.21 -4.49
C ALA Z 55 9.12 -21.69 -4.52
N ARG Z 56 9.92 -21.19 -5.46
CA ARG Z 56 10.14 -19.76 -5.61
C ARG Z 56 8.89 -19.03 -6.10
N ALA Z 57 7.98 -19.76 -6.74
CA ALA Z 57 6.68 -19.21 -7.15
C ALA Z 57 5.77 -18.84 -5.96
N PHE Z 58 5.92 -19.55 -4.84
CA PHE Z 58 5.12 -19.29 -3.64
C PHE Z 58 5.88 -18.54 -2.55
N GLY Z 59 7.19 -18.34 -2.76
CA GLY Z 59 8.05 -17.75 -1.74
C GLY Z 59 8.43 -18.76 -0.66
N HIS Z 60 8.19 -20.04 -0.93
CA HIS Z 60 8.57 -21.12 -0.04
C HIS Z 60 9.55 -22.02 -0.76
N GLU Z 61 9.86 -23.17 -0.16
CA GLU Z 61 10.78 -24.11 -0.77
C GLU Z 61 10.26 -25.56 -0.72
N ALA Z 62 10.93 -26.43 -1.47
CA ALA Z 62 10.47 -27.79 -1.77
C ALA Z 62 10.29 -28.68 -0.54
N TYR Z 63 11.20 -28.53 0.43
CA TYR Z 63 11.09 -29.19 1.73
C TYR Z 63 9.70 -29.33 2.25
N GLU Z 64 9.01 -28.18 2.26
CA GLU Z 64 7.73 -28.01 2.92
C GLU Z 64 6.65 -28.68 2.10
N MET Z 65 6.94 -28.84 0.81
CA MET Z 65 6.04 -29.44 -0.15
C MET Z 65 6.10 -30.98 -0.17
N ILE Z 66 7.30 -31.56 -0.09
CA ILE Z 66 7.52 -32.97 -0.50
C ILE Z 66 7.52 -34.08 0.56
N ILE Z 67 7.79 -33.75 1.83
CA ILE Z 67 7.97 -34.81 2.86
C ILE Z 67 6.64 -35.38 3.41
N PRO Z 68 6.37 -36.69 3.18
CA PRO Z 68 5.29 -37.33 3.94
C PRO Z 68 5.36 -37.04 5.44
N VAL Z 69 4.21 -37.13 6.09
CA VAL Z 69 3.99 -36.47 7.38
C VAL Z 69 4.63 -37.14 8.60
N GLY Z 70 5.77 -37.80 8.40
CA GLY Z 70 6.53 -38.40 9.49
C GLY Z 70 7.60 -37.50 10.09
N ALA Z 71 8.22 -36.67 9.24
CA ALA Z 71 9.30 -35.75 9.66
C ALA Z 71 10.28 -36.40 10.62
N PRO Z 72 10.97 -37.47 10.16
CA PRO Z 72 12.00 -38.09 10.99
C PRO Z 72 13.14 -37.11 11.23
N GLY Z 73 13.34 -36.17 10.31
CA GLY Z 73 14.47 -35.26 10.33
C GLY Z 73 14.44 -34.14 11.36
N ILE Z 74 13.37 -33.37 11.37
CA ILE Z 74 13.28 -32.16 12.20
C ILE Z 74 11.94 -32.12 12.95
N ILE Z 75 11.89 -31.34 14.02
CA ILE Z 75 10.66 -31.14 14.80
C ILE Z 75 9.95 -29.86 14.32
N ASP Z 76 10.30 -28.70 14.89
CA ASP Z 76 9.70 -27.42 14.50
C ASP Z 76 10.44 -26.25 15.17
N TYR Z 77 10.43 -25.10 14.49
CA TYR Z 77 10.88 -23.83 15.07
C TYR Z 77 10.66 -22.72 14.05
N ASP Z 78 10.82 -21.47 14.49
CA ASP Z 78 10.56 -20.32 13.64
C ASP Z 78 11.82 -19.84 12.92
N HIS Z 79 11.72 -19.66 11.60
CA HIS Z 79 12.84 -19.19 10.79
C HIS Z 79 13.15 -17.72 11.08
N ARG Z 80 12.14 -16.94 11.45
CA ARG Z 80 12.33 -15.55 11.87
C ARG Z 80 13.16 -15.43 13.15
N MET Z 81 13.09 -16.42 14.02
CA MET Z 81 13.92 -16.42 15.22
C MET Z 81 15.40 -16.64 14.88
N TYR Z 82 15.70 -17.66 14.08
CA TYR Z 82 17.09 -17.97 13.70
C TYR Z 82 17.70 -16.86 12.83
N ALA Z 83 16.93 -16.35 11.87
CA ALA Z 83 17.37 -15.24 11.02
C ALA Z 83 17.65 -13.97 11.83
N ALA Z 84 16.91 -13.80 12.93
CA ALA Z 84 17.12 -12.68 13.87
C ALA Z 84 18.35 -12.87 14.78
N LEU Z 85 18.95 -14.07 14.77
CA LEU Z 85 20.15 -14.34 15.59
C LEU Z 85 21.44 -13.93 14.87
N PRO Z 86 22.42 -13.39 15.62
CA PRO Z 86 23.75 -13.06 15.12
C PRO Z 86 24.55 -14.20 14.45
N GLN Z 87 25.78 -13.87 14.05
CA GLN Z 87 26.64 -14.76 13.26
C GLN Z 87 27.10 -16.01 14.01
N GLU Z 88 27.55 -15.82 15.25
CA GLU Z 88 28.05 -16.91 16.08
C GLU Z 88 26.97 -17.36 17.07
N GLU Z 89 26.02 -16.49 17.41
CA GLU Z 89 24.91 -16.84 18.31
C GLU Z 89 24.03 -17.96 17.71
N LYS Z 90 24.34 -18.34 16.47
CA LYS Z 90 23.91 -19.62 15.91
C LYS Z 90 24.43 -20.77 16.77
N ASN Z 91 25.69 -20.68 17.19
CA ASN Z 91 26.33 -21.73 18.00
C ASN Z 91 25.74 -21.92 19.41
N LYS Z 92 25.06 -20.90 19.94
CA LYS Z 92 24.23 -21.10 21.13
C LYS Z 92 23.30 -22.28 20.92
N ILE Z 93 22.85 -22.43 19.67
CA ILE Z 93 22.00 -23.52 19.25
C ILE Z 93 22.86 -24.60 18.58
N THR Z 94 23.61 -24.22 17.54
CA THR Z 94 24.44 -25.15 16.76
C THR Z 94 25.42 -25.99 17.61
N SER Z 95 26.10 -25.33 18.56
CA SER Z 95 27.06 -26.02 19.42
C SER Z 95 26.36 -26.73 20.58
N PHE Z 96 25.21 -26.20 21.03
CA PHE Z 96 24.38 -26.92 21.98
C PHE Z 96 23.88 -28.18 21.32
N ILE Z 97 23.52 -28.08 20.04
CA ILE Z 97 23.22 -29.27 19.25
C ILE Z 97 24.47 -30.13 19.12
N ASN Z 98 25.60 -29.50 18.81
CA ASN Z 98 26.88 -30.22 18.78
C ASN Z 98 27.25 -30.85 20.13
N PHE Z 99 26.69 -30.32 21.21
CA PHE Z 99 26.75 -30.99 22.50
C PHE Z 99 25.76 -32.16 22.58
N VAL Z 100 24.48 -31.95 22.28
CA VAL Z 100 23.46 -33.01 22.50
C VAL Z 100 23.75 -34.31 21.73
N PHE Z 101 24.76 -34.30 20.87
CA PHE Z 101 25.35 -35.53 20.39
C PHE Z 101 25.90 -36.36 21.56
N GLU Z 102 26.18 -35.70 22.68
CA GLU Z 102 26.67 -36.32 23.93
C GLU Z 102 26.20 -37.76 24.10
N GLN Z 103 24.91 -37.98 23.89
CA GLN Z 103 24.35 -39.32 23.85
C GLN Z 103 23.86 -39.59 22.43
N ASN Z 104 24.78 -40.06 21.59
CA ASN Z 104 24.48 -40.43 20.20
C ASN Z 104 25.34 -41.61 19.72
N LYS Z 105 24.73 -42.49 18.94
CA LYS Z 105 25.38 -43.70 18.43
C LYS Z 105 25.89 -44.55 19.60
N VAL AA 1 -4.43 7.86 20.10
CA VAL AA 1 -4.53 8.68 18.86
C VAL AA 1 -5.44 9.88 19.09
N GLU AA 2 -6.74 9.59 19.24
CA GLU AA 2 -7.70 10.60 19.67
C GLU AA 2 -7.40 10.98 21.12
N LYS AA 3 -7.15 9.96 21.95
CA LYS AA 3 -6.89 10.15 23.38
C LYS AA 3 -5.45 10.54 23.65
N GLN AA 4 -4.55 10.25 22.71
CA GLN AA 4 -3.12 10.58 22.84
C GLN AA 4 -2.96 12.00 23.31
N ALA AA 5 -3.78 12.88 22.74
CA ALA AA 5 -3.83 14.27 23.16
C ALA AA 5 -3.85 14.41 24.69
N ALA AA 6 -4.56 13.54 25.40
CA ALA AA 6 -4.54 13.56 26.88
C ALA AA 6 -3.10 13.54 27.40
N ALA AA 7 -2.29 12.63 26.89
CA ALA AA 7 -0.90 12.48 27.33
C ALA AA 7 -0.01 13.66 26.91
N THR AA 8 -0.13 14.07 25.64
CA THR AA 8 0.71 15.14 25.08
C THR AA 8 0.14 16.54 25.34
N LEU AA 9 -1.13 16.75 25.03
CA LEU AA 9 -1.73 18.07 25.19
C LEU AA 9 -1.70 18.51 26.65
N ASN AA 10 -2.09 17.63 27.59
CA ASN AA 10 -2.12 18.00 29.00
C ASN AA 10 -0.73 18.38 29.53
N ALA AA 11 0.31 17.76 28.97
CA ALA AA 11 1.67 18.08 29.35
C ALA AA 11 2.06 19.46 28.81
N TRP AA 12 1.89 19.65 27.50
CA TRP AA 12 2.24 20.91 26.84
C TRP AA 12 1.32 22.08 27.21
N MET AA 13 0.05 21.78 27.55
CA MET AA 13 -0.92 22.85 27.86
C MET AA 13 -0.49 23.62 29.10
N ARG AA 14 -0.26 22.92 30.22
CA ARG AA 14 0.12 23.57 31.46
C ARG AA 14 1.61 23.38 31.71
N LYS AA 15 2.33 23.08 30.63
CA LYS AA 15 3.68 23.57 30.45
C LYS AA 15 3.46 25.06 30.21
N ASP AA 16 3.13 25.77 31.30
CA ASP AA 16 2.91 27.20 31.28
C ASP AA 16 4.25 27.92 31.35
N THR AA 17 5.31 27.13 31.51
CA THR AA 17 6.68 27.63 31.40
C THR AA 17 6.80 28.32 30.05
N GLU AA 18 7.40 29.52 30.06
CA GLU AA 18 7.45 30.41 28.89
C GLU AA 18 6.07 30.60 28.21
N MET AA 19 5.00 30.70 29.00
CA MET AA 19 3.65 30.84 28.44
C MET AA 19 2.49 31.36 29.30
N THR AA 20 2.30 30.82 30.50
CA THR AA 20 1.05 31.04 31.28
C THR AA 20 -0.22 30.81 30.44
N SER AA 21 -0.47 29.54 30.09
CA SER AA 21 -1.51 29.14 29.13
C SER AA 21 -2.97 29.37 29.52
N GLU AA 22 -3.23 29.98 30.69
CA GLU AA 22 -4.61 30.30 31.09
C GLU AA 22 -5.21 31.43 30.25
N LYS AA 23 -4.56 32.60 30.21
CA LYS AA 23 -5.04 33.67 29.33
C LYS AA 23 -3.95 34.49 28.63
N LYS AA 24 -2.78 33.87 28.43
CA LYS AA 24 -1.90 34.28 27.36
C LYS AA 24 -2.45 33.70 26.05
N VAL AA 25 -3.24 32.64 26.13
CA VAL AA 25 -3.88 32.10 24.92
C VAL AA 25 -4.61 33.22 24.17
N ALA AA 26 -5.08 34.24 24.90
CA ALA AA 26 -5.59 35.47 24.29
C ALA AA 26 -4.48 36.17 23.49
N VAL AA 27 -3.34 36.39 24.12
CA VAL AA 27 -2.14 36.91 23.45
C VAL AA 27 -1.77 35.99 22.28
N ALA AA 28 -1.83 34.68 22.50
CA ALA AA 28 -1.40 33.68 21.52
C ALA AA 28 -2.56 32.89 20.90
N ALA AA 29 -2.89 31.72 21.46
CA ALA AA 29 -3.75 30.72 20.80
C ALA AA 29 -5.08 31.26 20.22
N GLY AA 30 -5.88 31.90 21.08
CA GLY AA 30 -7.07 32.62 20.65
C GLY AA 30 -8.31 31.78 20.43
N ILE AA 31 -8.83 31.19 21.51
CA ILE AA 31 -10.04 30.34 21.47
C ILE AA 31 -10.79 30.47 22.80
N GLY AA 32 -12.06 30.06 22.80
CA GLY AA 32 -12.93 30.12 23.98
C GLY AA 32 -12.36 29.55 25.28
N PRO AA 33 -12.80 30.08 26.42
CA PRO AA 33 -12.19 29.78 27.72
C PRO AA 33 -12.39 28.34 28.18
N ALA AA 34 -13.56 27.78 27.91
CA ALA AA 34 -13.88 26.40 28.30
C ALA AA 34 -13.19 25.37 27.41
N THR AA 35 -12.83 25.75 26.18
CA THR AA 35 -12.17 24.80 25.27
C THR AA 35 -10.78 24.43 25.77
N VAL AA 36 -9.96 25.43 26.11
CA VAL AA 36 -8.60 25.16 26.67
C VAL AA 36 -8.70 24.12 27.80
N ASN AA 37 -9.85 24.11 28.47
CA ASN AA 37 -10.19 23.12 29.49
C ASN AA 37 -10.92 21.89 28.91
N ARG AA 38 -11.74 22.11 27.88
CA ARG AA 38 -12.42 21.00 27.17
C ARG AA 38 -11.47 20.11 26.36
N ILE AA 39 -10.32 20.65 25.93
CA ILE AA 39 -9.40 19.85 25.10
C ILE AA 39 -8.76 18.79 25.97
N MET AA 40 -8.47 19.17 27.22
CA MET AA 40 -7.75 18.34 28.20
C MET AA 40 -8.35 16.93 28.32
N LYS AA 41 -9.68 16.89 28.23
CA LYS AA 41 -10.45 15.65 28.05
C LYS AA 41 -9.84 14.77 26.97
N ALA AA 42 -9.56 15.36 25.81
CA ALA AA 42 -8.88 14.71 24.67
C ALA AA 42 -9.71 13.65 23.94
N GLU AA 43 -10.89 13.35 24.48
CA GLU AA 43 -11.89 12.52 23.82
C GLU AA 43 -12.90 13.44 23.09
N VAL AA 44 -12.92 14.72 23.45
CA VAL AA 44 -13.55 15.75 22.61
C VAL AA 44 -12.75 15.71 21.32
N SER AA 45 -13.44 15.45 20.22
CA SER AA 45 -12.80 15.40 18.92
C SER AA 45 -12.91 16.76 18.23
N THR AA 46 -11.82 17.53 18.30
CA THR AA 46 -11.76 18.87 17.69
C THR AA 46 -11.11 18.83 16.33
N THR AA 47 -11.30 19.92 15.58
CA THR AA 47 -10.72 20.08 14.24
C THR AA 47 -9.17 20.15 14.25
N ILE AA 48 -8.56 19.78 13.13
CA ILE AA 48 -7.10 19.84 12.96
C ILE AA 48 -6.60 21.28 13.00
N GLY AA 49 -7.31 22.18 12.32
CA GLY AA 49 -6.88 23.57 12.17
C GLY AA 49 -6.50 24.24 13.48
N VAL AA 50 -7.41 24.19 14.45
CA VAL AA 50 -7.21 24.89 15.72
C VAL AA 50 -5.98 24.35 16.41
N LEU AA 51 -6.01 23.07 16.77
CA LEU AA 51 -4.88 22.42 17.48
C LEU AA 51 -3.54 22.70 16.81
N SER AA 52 -3.56 22.87 15.48
CA SER AA 52 -2.37 23.27 14.75
C SER AA 52 -1.96 24.67 15.19
N SER AA 53 -2.89 25.61 15.11
CA SER AA 53 -2.65 26.99 15.56
C SER AA 53 -2.33 27.07 17.06
N LEU AA 54 -2.85 26.12 17.83
CA LEU AA 54 -2.59 26.05 19.28
C LEU AA 54 -1.25 25.40 19.56
N ALA AA 55 -0.89 24.40 18.76
CA ALA AA 55 0.46 23.86 18.78
C ALA AA 55 1.45 24.95 18.37
N ARG AA 56 1.05 25.74 17.36
CA ARG AA 56 1.84 26.88 16.86
C ARG AA 56 1.96 28.03 17.87
N ALA AA 57 1.33 27.87 19.03
CA ALA AA 57 1.41 28.83 20.12
C ALA AA 57 2.84 28.99 20.63
N PHE AA 58 3.60 27.89 20.58
CA PHE AA 58 5.02 27.86 20.94
C PHE AA 58 5.86 27.79 19.67
N GLY AA 59 6.32 26.57 19.35
CA GLY AA 59 7.03 26.28 18.13
C GLY AA 59 6.74 24.84 17.72
N HIS AA 60 5.49 24.42 17.90
CA HIS AA 60 5.10 23.03 17.65
C HIS AA 60 4.03 22.91 16.57
N GLU AA 61 4.11 21.84 15.79
CA GLU AA 61 3.14 21.55 14.72
C GLU AA 61 2.01 20.63 15.23
N ALA AA 62 1.04 20.37 14.36
CA ALA AA 62 -0.14 19.58 14.71
C ALA AA 62 0.16 18.09 14.93
N TYR AA 63 0.67 17.42 13.90
CA TYR AA 63 0.85 15.96 13.92
C TYR AA 63 1.53 15.43 15.19
N GLU AA 64 2.23 16.32 15.88
CA GLU AA 64 2.94 15.96 17.10
C GLU AA 64 2.02 15.51 18.24
N MET AA 65 0.78 15.97 18.23
CA MET AA 65 -0.20 15.54 19.24
C MET AA 65 -0.88 14.23 18.86
N ILE AA 66 -0.88 13.88 17.58
CA ILE AA 66 -1.44 12.61 17.13
C ILE AA 66 -0.35 11.63 16.69
N ILE AA 67 0.92 11.95 17.00
CA ILE AA 67 1.99 10.95 17.03
C ILE AA 67 2.00 10.33 18.43
N PRO AA 68 1.91 8.99 18.53
CA PRO AA 68 1.74 8.38 19.86
C PRO AA 68 3.02 8.44 20.71
N VAL AA 69 3.16 9.51 21.49
CA VAL AA 69 4.38 9.74 22.29
C VAL AA 69 4.52 8.77 23.46
N GLY AA 70 3.46 8.59 24.23
CA GLY AA 70 3.47 7.72 25.40
C GLY AA 70 3.79 6.29 25.05
N ALA AA 71 3.31 5.85 23.88
CA ALA AA 71 3.57 4.50 23.38
C ALA AA 71 5.04 4.32 23.06
N PRO AA 72 5.57 3.10 23.26
CA PRO AA 72 6.96 2.83 22.91
C PRO AA 72 7.15 2.87 21.39
N GLY AA 73 6.14 2.40 20.65
CA GLY AA 73 6.24 2.06 19.23
C GLY AA 73 7.00 2.97 18.28
N ILE AA 74 7.02 4.28 18.57
CA ILE AA 74 7.82 5.23 17.80
C ILE AA 74 8.81 5.94 18.73
N ILE AA 75 9.94 6.42 18.19
CA ILE AA 75 10.94 7.14 19.00
C ILE AA 75 10.34 8.40 19.61
N ASP AA 76 10.28 8.43 20.94
CA ASP AA 76 9.73 9.55 21.67
C ASP AA 76 10.83 10.58 21.91
N TYR AA 77 10.73 11.72 21.23
CA TYR AA 77 11.65 12.85 21.46
C TYR AA 77 10.98 14.19 21.15
N ASP AA 78 11.53 15.24 21.73
CA ASP AA 78 11.00 16.59 21.56
C ASP AA 78 11.46 17.17 20.21
N HIS AA 79 10.53 17.31 19.28
CA HIS AA 79 10.84 17.78 17.93
C HIS AA 79 11.20 19.26 17.89
N ARG AA 80 10.61 20.06 18.79
CA ARG AA 80 11.04 21.44 18.97
C ARG AA 80 12.55 21.47 19.16
N MET AA 81 13.02 20.63 20.07
CA MET AA 81 14.43 20.59 20.46
C MET AA 81 15.26 19.97 19.36
N TYR AA 82 14.74 18.91 18.76
CA TYR AA 82 15.42 18.31 17.62
C TYR AA 82 15.48 19.29 16.45
N ALA AA 83 14.45 20.14 16.32
CA ALA AA 83 14.42 21.13 15.24
C ALA AA 83 15.64 22.06 15.24
N ALA AA 84 16.03 22.50 16.43
CA ALA AA 84 17.12 23.47 16.59
C ALA AA 84 18.51 22.97 16.16
N LEU AA 85 18.70 21.66 16.01
CA LEU AA 85 20.04 21.08 15.86
C LEU AA 85 20.65 21.22 14.47
N PRO AA 86 21.95 21.57 14.39
CA PRO AA 86 22.61 21.68 13.10
C PRO AA 86 22.76 20.31 12.47
N GLN AA 87 22.33 20.17 11.22
CA GLN AA 87 22.17 18.86 10.58
C GLN AA 87 23.47 18.26 10.06
N GLU AA 88 24.50 19.07 9.82
CA GLU AA 88 25.85 18.55 9.53
C GLU AA 88 26.39 17.77 10.71
N GLU AA 89 26.10 18.25 11.92
CA GLU AA 89 26.55 17.60 13.14
C GLU AA 89 25.60 16.46 13.52
N LYS AA 90 24.32 16.61 13.25
CA LYS AA 90 23.37 15.50 13.44
C LYS AA 90 23.35 14.53 12.25
N ASN AA 91 24.13 14.85 11.21
CA ASN AA 91 24.44 13.87 10.16
C ASN AA 91 25.30 12.71 10.62
N LYS AA 92 25.81 12.76 11.86
CA LYS AA 92 26.48 11.60 12.44
C LYS AA 92 25.70 11.02 13.63
N ILE AA 93 24.56 11.61 13.97
CA ILE AA 93 23.46 10.84 14.54
C ILE AA 93 22.98 9.94 13.40
N THR AA 94 22.86 10.54 12.21
CA THR AA 94 22.45 9.80 11.01
C THR AA 94 23.36 8.57 10.79
N SER AA 95 24.66 8.74 10.98
CA SER AA 95 25.58 7.60 10.93
C SER AA 95 25.61 6.81 12.25
N PHE AA 96 25.15 7.40 13.36
CA PHE AA 96 24.92 6.64 14.60
C PHE AA 96 23.77 5.65 14.41
N ILE AA 97 22.74 6.10 13.72
CA ILE AA 97 21.59 5.25 13.40
C ILE AA 97 22.00 4.18 12.38
N ASN AA 98 22.93 4.50 11.49
CA ASN AA 98 23.51 3.48 10.59
C ASN AA 98 24.33 2.45 11.36
N PHE AA 99 25.04 2.91 12.40
CA PHE AA 99 25.87 2.04 13.26
C PHE AA 99 25.01 1.07 14.08
N VAL AA 100 23.82 1.51 14.49
CA VAL AA 100 22.94 0.66 15.31
C VAL AA 100 22.44 -0.57 14.54
N PHE AA 101 22.36 -0.46 13.22
CA PHE AA 101 22.01 -1.61 12.37
C PHE AA 101 23.17 -2.62 12.36
N VAL BA 1 -2.81 22.78 5.79
CA VAL BA 1 -2.89 21.88 6.99
C VAL BA 1 -3.78 20.66 6.70
N GLU BA 2 -5.03 20.94 6.35
CA GLU BA 2 -6.00 19.96 5.90
C GLU BA 2 -5.68 19.57 4.46
N LYS BA 3 -5.02 20.50 3.76
CA LYS BA 3 -4.58 20.31 2.39
C LYS BA 3 -3.50 19.23 2.29
N GLN BA 4 -2.78 19.00 3.39
CA GLN BA 4 -1.74 17.96 3.48
C GLN BA 4 -2.40 16.60 3.69
N ALA BA 5 -3.34 16.56 4.63
CA ALA BA 5 -4.16 15.38 4.87
C ALA BA 5 -4.71 14.88 3.54
N ALA BA 6 -5.40 15.77 2.86
CA ALA BA 6 -6.07 15.46 1.62
C ALA BA 6 -5.13 14.92 0.54
N ALA BA 7 -3.94 15.49 0.42
CA ALA BA 7 -2.93 15.00 -0.52
C ALA BA 7 -2.51 13.57 -0.17
N THR BA 8 -2.37 13.31 1.14
CA THR BA 8 -1.97 12.01 1.63
C THR BA 8 -3.04 10.96 1.35
N LEU BA 9 -4.27 11.29 1.74
CA LEU BA 9 -5.42 10.38 1.57
C LEU BA 9 -5.61 10.00 0.12
N ASN BA 10 -5.52 11.02 -0.74
CA ASN BA 10 -5.67 10.82 -2.17
C ASN BA 10 -4.52 9.98 -2.74
N ALA BA 11 -3.30 10.26 -2.28
CA ALA BA 11 -2.11 9.50 -2.69
C ALA BA 11 -2.27 7.99 -2.41
N TRP BA 12 -2.78 7.66 -1.22
CA TRP BA 12 -2.96 6.26 -0.81
C TRP BA 12 -4.10 5.51 -1.53
N MET BA 13 -5.08 6.24 -2.07
CA MET BA 13 -6.21 5.61 -2.75
C MET BA 13 -5.85 5.03 -4.12
N ARG BA 14 -4.77 5.52 -4.74
CA ARG BA 14 -4.28 4.93 -5.98
C ARG BA 14 -3.44 3.68 -5.70
N LYS BA 15 -2.85 3.60 -4.50
CA LYS BA 15 -2.08 2.43 -4.08
C LYS BA 15 -2.75 1.68 -2.93
N ASP BA 16 -3.52 0.63 -3.26
CA ASP BA 16 -4.19 -0.18 -2.24
C ASP BA 16 -4.79 -1.47 -2.79
N THR BA 17 -4.83 -2.50 -1.95
CA THR BA 17 -5.53 -3.75 -2.25
C THR BA 17 -7.00 -3.41 -2.43
N GLU BA 18 -7.50 -2.54 -1.55
CA GLU BA 18 -8.83 -1.92 -1.72
C GLU BA 18 -8.80 -1.05 -2.98
N MET BA 19 -9.59 -1.43 -3.98
CA MET BA 19 -9.72 -0.63 -5.20
C MET BA 19 -10.40 0.71 -4.93
N THR BA 20 -10.42 1.60 -5.92
CA THR BA 20 -10.91 2.97 -5.75
C THR BA 20 -12.36 3.02 -5.28
N SER BA 21 -12.59 3.63 -4.12
CA SER BA 21 -13.93 3.73 -3.54
C SER BA 21 -14.00 4.77 -2.42
N GLU BA 22 -14.85 5.78 -2.60
CA GLU BA 22 -15.07 6.81 -1.58
C GLU BA 22 -15.93 6.28 -0.43
N LYS BA 23 -16.93 5.46 -0.74
CA LYS BA 23 -17.80 4.89 0.30
C LYS BA 23 -17.12 3.73 1.03
N LYS BA 24 -16.17 3.06 0.38
CA LYS BA 24 -15.39 2.01 1.05
C LYS BA 24 -14.62 2.61 2.21
N VAL BA 25 -14.05 3.80 1.98
CA VAL BA 25 -13.33 4.52 3.03
C VAL BA 25 -14.33 5.07 4.06
N ALA BA 26 -15.54 5.40 3.61
CA ALA BA 26 -16.62 5.83 4.51
C ALA BA 26 -17.10 4.69 5.40
N VAL BA 27 -17.30 3.50 4.83
CA VAL BA 27 -17.70 2.33 5.63
C VAL BA 27 -16.55 1.85 6.50
N ALA BA 28 -15.32 2.01 6.01
CA ALA BA 28 -14.12 1.77 6.80
C ALA BA 28 -13.93 2.86 7.86
N ALA BA 29 -14.50 4.04 7.62
CA ALA BA 29 -14.53 5.13 8.60
C ALA BA 29 -15.83 5.17 9.42
N GLY BA 30 -16.85 4.45 8.97
CA GLY BA 30 -18.15 4.45 9.62
C GLY BA 30 -18.83 5.82 9.67
N ILE BA 31 -18.38 6.74 8.81
CA ILE BA 31 -18.91 8.11 8.78
C ILE BA 31 -19.40 8.37 7.36
N GLY BA 32 -20.20 9.44 7.22
CA GLY BA 32 -20.83 9.83 5.96
C GLY BA 32 -20.13 9.47 4.66
N PRO BA 33 -20.92 8.99 3.67
CA PRO BA 33 -20.43 8.47 2.40
C PRO BA 33 -19.71 9.52 1.54
N ALA BA 34 -20.28 10.71 1.45
CA ALA BA 34 -19.71 11.80 0.66
C ALA BA 34 -18.61 12.55 1.43
N THR BA 35 -18.59 12.41 2.75
CA THR BA 35 -17.55 13.05 3.57
C THR BA 35 -16.15 12.60 3.15
N VAL BA 36 -16.04 11.40 2.59
CA VAL BA 36 -14.77 10.94 2.04
C VAL BA 36 -14.41 11.75 0.81
N ASN BA 37 -15.38 12.02 -0.07
CA ASN BA 37 -15.15 12.94 -1.20
C ASN BA 37 -14.70 14.31 -0.73
N ARG BA 38 -15.36 14.82 0.31
CA ARG BA 38 -15.06 16.16 0.83
C ARG BA 38 -13.68 16.24 1.51
N ILE BA 39 -13.20 15.12 2.05
CA ILE BA 39 -11.86 15.07 2.64
C ILE BA 39 -10.81 14.95 1.54
N MET BA 40 -10.98 13.98 0.64
CA MET BA 40 -10.05 13.78 -0.49
C MET BA 40 -9.61 15.09 -1.13
N LYS BA 41 -10.53 16.04 -1.18
CA LYS BA 41 -10.34 17.29 -1.90
C LYS BA 41 -10.17 18.49 -0.96
N ALA BA 42 -9.99 18.22 0.31
CA ALA BA 42 -9.67 19.24 1.32
C ALA BA 42 -10.76 20.27 1.51
N GLU BA 43 -12.01 19.87 1.27
CA GLU BA 43 -13.18 20.74 1.52
C GLU BA 43 -13.44 20.91 3.02
N VAL BA 44 -13.03 19.93 3.82
CA VAL BA 44 -13.39 19.87 5.24
C VAL BA 44 -12.17 19.83 6.15
N SER BA 45 -12.29 20.46 7.32
CA SER BA 45 -11.26 20.44 8.36
C SER BA 45 -11.56 19.35 9.38
N THR BA 46 -10.91 18.21 9.19
CA THR BA 46 -11.23 16.95 9.88
C THR BA 46 -10.98 17.05 11.38
N THR BA 47 -11.78 16.36 12.17
CA THR BA 47 -11.57 16.34 13.62
C THR BA 47 -10.55 15.26 14.00
N ILE BA 48 -10.18 15.20 15.28
CA ILE BA 48 -9.18 14.21 15.73
C ILE BA 48 -9.70 12.76 15.68
N GLY BA 49 -10.96 12.56 16.06
CA GLY BA 49 -11.57 11.23 16.15
C GLY BA 49 -11.67 10.52 14.81
N VAL BA 50 -12.22 11.19 13.80
CA VAL BA 50 -12.34 10.65 12.45
C VAL BA 50 -11.01 10.27 11.81
N LEU BA 51 -9.97 11.08 12.03
CA LEU BA 51 -8.67 10.79 11.43
C LEU BA 51 -8.05 9.55 12.06
N SER BA 52 -8.43 9.28 13.31
CA SER BA 52 -8.12 8.00 13.95
C SER BA 52 -8.93 6.88 13.30
N SER BA 53 -10.14 7.21 12.85
CA SER BA 53 -10.96 6.30 12.03
C SER BA 53 -10.37 6.12 10.62
N LEU BA 54 -9.88 7.20 10.03
CA LEU BA 54 -9.22 7.17 8.71
C LEU BA 54 -7.97 6.30 8.70
N ALA BA 55 -7.26 6.31 9.83
CA ALA BA 55 -6.08 5.48 10.05
C ALA BA 55 -6.32 4.01 9.74
N ARG BA 56 -7.50 3.52 10.12
CA ARG BA 56 -7.88 2.12 10.04
C ARG BA 56 -7.88 1.51 8.63
N ALA BA 57 -8.52 2.18 7.68
CA ALA BA 57 -8.74 1.63 6.33
C ALA BA 57 -7.47 1.25 5.58
N PHE BA 58 -6.40 2.01 5.81
CA PHE BA 58 -5.13 1.80 5.14
C PHE BA 58 -4.20 1.01 6.04
N GLY BA 59 -4.52 1.00 7.34
CA GLY BA 59 -3.71 0.33 8.35
C GLY BA 59 -2.58 1.21 8.83
N HIS BA 60 -2.77 2.52 8.73
CA HIS BA 60 -1.71 3.48 9.04
C HIS BA 60 -2.00 4.27 10.28
N GLU BA 61 -0.95 4.91 10.79
CA GLU BA 61 -1.02 5.64 12.03
C GLU BA 61 -1.60 7.00 11.69
N ALA BA 62 -2.16 7.67 12.68
CA ALA BA 62 -2.73 8.99 12.45
C ALA BA 62 -1.69 9.95 11.88
N TYR BA 63 -0.49 9.94 12.47
CA TYR BA 63 0.53 10.94 12.19
C TYR BA 63 0.94 11.05 10.72
N GLU BA 64 1.02 9.92 10.03
CA GLU BA 64 1.64 9.88 8.69
C GLU BA 64 0.92 10.73 7.63
N MET BA 65 -0.31 11.14 7.92
CA MET BA 65 -1.09 12.01 7.04
C MET BA 65 -0.85 13.51 7.25
N ILE BA 66 -0.49 13.90 8.48
CA ILE BA 66 -0.53 15.31 8.89
C ILE BA 66 0.87 15.88 9.18
N ILE BA 67 1.92 15.17 8.74
CA ILE BA 67 3.27 15.71 8.84
C ILE BA 67 3.46 16.78 7.76
N PRO BA 68 3.62 18.07 8.16
CA PRO BA 68 3.84 19.06 7.12
C PRO BA 68 5.10 18.72 6.33
N VAL BA 69 5.00 18.76 5.01
CA VAL BA 69 6.15 18.62 4.14
C VAL BA 69 7.18 19.62 4.63
N GLY BA 70 8.31 19.10 5.09
CA GLY BA 70 9.33 19.91 5.73
C GLY BA 70 9.37 19.65 7.22
N ALA BA 71 9.73 20.69 7.98
CA ALA BA 71 9.86 20.64 9.43
C ALA BA 71 10.95 19.66 9.89
N PRO BA 72 12.02 20.18 10.52
CA PRO BA 72 13.01 19.27 11.08
C PRO BA 72 12.44 18.51 12.28
N GLY BA 73 12.87 17.26 12.42
CA GLY BA 73 12.31 16.34 13.41
C GLY BA 73 11.62 15.16 12.74
N ILE BA 74 12.24 14.59 11.71
CA ILE BA 74 11.71 13.39 11.06
C ILE BA 74 12.65 12.19 11.21
N ILE BA 75 13.94 12.36 10.90
CA ILE BA 75 14.94 11.29 10.99
C ILE BA 75 14.44 9.92 10.51
N ASP BA 76 13.88 9.87 9.29
CA ASP BA 76 13.22 8.65 8.81
C ASP BA 76 14.03 7.36 9.03
N TYR BA 77 13.37 6.37 9.64
CA TYR BA 77 13.98 5.10 10.00
C TYR BA 77 12.94 3.97 9.99
N ASP BA 78 13.38 2.79 9.60
CA ASP BA 78 12.51 1.62 9.63
C ASP BA 78 12.37 1.16 11.09
N HIS BA 79 11.14 0.83 11.50
CA HIS BA 79 10.88 0.31 12.86
C HIS BA 79 11.14 -1.19 12.93
N ARG BA 80 12.40 -1.53 13.22
CA ARG BA 80 12.88 -2.90 13.14
C ARG BA 80 12.79 -3.49 14.52
N MET BA 81 11.92 -4.48 14.72
CA MET BA 81 11.75 -5.06 16.04
C MET BA 81 11.45 -3.89 16.98
N TYR BA 82 12.45 -3.01 17.17
CA TYR BA 82 12.31 -1.77 17.93
C TYR BA 82 11.73 -2.11 19.29
N ALA BA 83 10.41 -2.03 19.45
CA ALA BA 83 9.75 -2.29 20.73
C ALA BA 83 10.05 -3.73 21.17
N ALA BA 84 9.94 -4.66 20.23
CA ALA BA 84 10.22 -6.08 20.48
C ALA BA 84 11.73 -6.39 20.55
N LEU BA 85 12.56 -5.47 20.07
CA LEU BA 85 14.00 -5.52 20.32
C LEU BA 85 14.15 -5.09 21.76
N PRO BA 86 15.24 -5.48 22.42
CA PRO BA 86 15.23 -5.16 23.84
C PRO BA 86 15.03 -3.66 24.08
N GLN BA 87 14.22 -3.32 25.07
CA GLN BA 87 14.03 -1.93 25.52
C GLN BA 87 15.38 -1.21 25.65
N GLU BA 88 16.42 -1.98 25.95
CA GLU BA 88 17.74 -1.45 26.23
C GLU BA 88 18.50 -1.03 24.95
N GLU BA 89 18.28 -1.72 23.84
CA GLU BA 89 18.85 -1.28 22.56
C GLU BA 89 17.92 -0.31 21.81
N LYS BA 90 16.74 -0.08 22.37
CA LYS BA 90 15.96 1.12 22.06
C LYS BA 90 16.58 2.28 22.83
N ASN BA 91 16.85 2.05 24.13
CA ASN BA 91 17.48 3.05 24.98
C ASN BA 91 18.78 3.64 24.40
N LYS BA 92 19.47 2.87 23.56
CA LYS BA 92 20.72 3.33 22.93
C LYS BA 92 20.55 4.51 21.96
N ILE BA 93 19.46 4.53 21.20
CA ILE BA 93 19.12 5.72 20.41
C ILE BA 93 18.49 6.70 21.38
N THR BA 94 17.57 6.22 22.20
CA THR BA 94 16.88 7.05 23.18
C THR BA 94 17.86 7.90 23.99
N SER BA 95 18.85 7.26 24.59
CA SER BA 95 19.83 7.95 25.44
C SER BA 95 20.79 8.77 24.60
N PHE BA 96 21.26 8.22 23.48
CA PHE BA 96 22.09 8.97 22.54
C PHE BA 96 21.39 10.26 22.13
N ILE BA 97 20.08 10.16 21.84
CA ILE BA 97 19.21 11.30 21.57
C ILE BA 97 19.16 12.29 22.75
N ASN BA 98 18.70 11.84 23.92
CA ASN BA 98 18.73 12.68 25.11
C ASN BA 98 20.13 13.30 25.32
N PHE BA 99 21.16 12.44 25.19
CA PHE BA 99 22.57 12.86 25.32
C PHE BA 99 22.85 14.16 24.58
N VAL BA 100 22.28 14.29 23.39
CA VAL BA 100 22.50 15.48 22.57
C VAL BA 100 22.35 16.72 23.46
N VAL CA 1 6.41 10.32 -19.95
CA VAL CA 1 7.51 11.26 -19.64
C VAL CA 1 7.45 12.55 -20.53
N GLU CA 2 7.82 12.50 -21.81
CA GLU CA 2 7.82 13.73 -22.64
C GLU CA 2 7.11 13.58 -23.98
N LYS CA 3 7.47 12.59 -24.79
CA LYS CA 3 6.69 12.27 -26.00
C LYS CA 3 5.34 11.70 -25.57
N GLN CA 4 5.37 11.00 -24.45
CA GLN CA 4 4.17 10.53 -23.76
C GLN CA 4 3.39 11.75 -23.22
N ALA CA 5 4.12 12.80 -22.84
CA ALA CA 5 3.52 14.09 -22.45
C ALA CA 5 3.29 15.06 -23.62
N ALA CA 6 4.21 15.12 -24.58
CA ALA CA 6 4.15 16.13 -25.67
C ALA CA 6 2.77 16.15 -26.33
N ALA CA 7 2.18 14.96 -26.47
CA ALA CA 7 0.82 14.80 -26.99
C ALA CA 7 -0.22 15.65 -26.25
N THR CA 8 0.00 15.91 -24.97
CA THR CA 8 -0.88 16.78 -24.18
C THR CA 8 -0.62 18.27 -24.39
N LEU CA 9 0.65 18.66 -24.57
CA LEU CA 9 0.98 20.07 -24.77
C LEU CA 9 0.47 20.49 -26.14
N ASN CA 10 0.74 19.64 -27.13
CA ASN CA 10 0.32 19.86 -28.51
C ASN CA 10 -1.20 19.76 -28.69
N ALA CA 11 -1.90 19.12 -27.74
CA ALA CA 11 -3.37 19.08 -27.71
C ALA CA 11 -3.99 20.27 -26.98
N TRP CA 12 -3.31 20.78 -25.94
CA TRP CA 12 -3.72 22.03 -25.28
C TRP CA 12 -3.61 23.18 -26.27
N MET CA 13 -2.60 23.09 -27.15
CA MET CA 13 -2.44 24.01 -28.28
C MET CA 13 -3.80 24.36 -28.87
N ARG CA 14 -4.53 23.34 -29.30
CA ARG CA 14 -5.66 23.51 -30.23
C ARG CA 14 -6.96 22.86 -29.75
N LYS CA 15 -7.87 23.69 -29.26
CA LYS CA 15 -9.23 23.27 -28.96
C LYS CA 15 -10.17 24.05 -29.87
N ASP CA 16 -10.48 25.29 -29.50
CA ASP CA 16 -11.14 26.24 -30.41
C ASP CA 16 -10.49 27.64 -30.31
N THR CA 17 -9.31 27.72 -29.71
CA THR CA 17 -8.72 29.00 -29.29
C THR CA 17 -7.82 29.65 -30.36
N GLU CA 18 -7.14 30.72 -29.95
CA GLU CA 18 -6.42 31.60 -30.87
C GLU CA 18 -4.97 31.13 -31.02
N MET CA 19 -4.79 29.83 -31.26
CA MET CA 19 -3.45 29.24 -31.17
C MET CA 19 -2.55 29.59 -32.36
N THR CA 20 -1.32 29.95 -32.03
CA THR CA 20 -0.25 30.11 -33.01
C THR CA 20 0.96 29.36 -32.47
N SER CA 21 1.68 28.68 -33.36
CA SER CA 21 2.78 27.80 -32.96
C SER CA 21 3.92 28.55 -32.25
N GLU CA 22 4.36 27.98 -31.13
CA GLU CA 22 5.61 28.38 -30.46
C GLU CA 22 5.62 29.74 -29.72
N LYS CA 23 4.59 30.59 -29.92
CA LYS CA 23 4.52 31.91 -29.28
C LYS CA 23 3.24 32.20 -28.48
N LYS CA 24 2.17 31.43 -28.71
CA LYS CA 24 1.00 31.51 -27.82
C LYS CA 24 1.44 31.20 -26.39
N VAL CA 25 2.48 30.38 -26.26
CA VAL CA 25 3.10 30.13 -24.97
C VAL CA 25 4.07 31.25 -24.61
N ALA CA 26 5.11 31.41 -25.43
CA ALA CA 26 6.32 32.12 -25.04
C ALA CA 26 6.10 33.45 -24.33
N VAL CA 27 5.51 34.42 -25.02
CA VAL CA 27 5.29 35.76 -24.44
C VAL CA 27 4.18 35.78 -23.38
N ALA CA 28 3.15 34.95 -23.55
CA ALA CA 28 2.00 34.90 -22.64
C ALA CA 28 2.38 34.28 -21.30
N ALA CA 29 3.03 33.12 -21.37
CA ALA CA 29 3.62 32.50 -20.20
C ALA CA 29 4.79 33.35 -19.70
N GLY CA 30 5.47 33.99 -20.64
CA GLY CA 30 6.59 34.88 -20.32
C GLY CA 30 7.94 34.17 -20.33
N ILE CA 31 7.96 32.92 -20.78
CA ILE CA 31 9.19 32.12 -20.84
C ILE CA 31 9.64 32.03 -22.30
N GLY CA 32 10.96 32.07 -22.51
CA GLY CA 32 11.55 32.22 -23.84
C GLY CA 32 11.01 31.28 -24.91
N PRO CA 33 10.92 31.77 -26.16
CA PRO CA 33 10.63 30.88 -27.30
C PRO CA 33 11.72 29.83 -27.51
N ALA CA 34 12.94 30.12 -27.07
CA ALA CA 34 14.05 29.17 -27.09
C ALA CA 34 13.78 27.97 -26.19
N THR CA 35 13.33 28.25 -24.96
CA THR CA 35 13.14 27.22 -23.92
C THR CA 35 11.96 26.29 -24.23
N VAL CA 36 10.87 26.87 -24.71
CA VAL CA 36 9.69 26.09 -25.11
C VAL CA 36 9.97 25.30 -26.39
N ASN CA 37 10.97 25.75 -27.16
CA ASN CA 37 11.49 24.98 -28.29
C ASN CA 37 12.59 23.99 -27.85
N ARG CA 38 13.29 24.32 -26.77
CA ARG CA 38 14.30 23.41 -26.18
C ARG CA 38 13.62 22.12 -25.75
N ILE CA 39 12.49 22.25 -25.07
CA ILE CA 39 11.66 21.11 -24.66
C ILE CA 39 10.88 20.49 -25.82
N MET CA 40 10.61 21.30 -26.84
CA MET CA 40 9.89 20.85 -28.06
C MET CA 40 10.61 19.70 -28.76
N LYS CA 41 11.93 19.70 -28.69
CA LYS CA 41 12.76 18.66 -29.31
C LYS CA 41 12.66 17.31 -28.58
N ALA CA 42 11.84 17.23 -27.53
CA ALA CA 42 11.78 16.06 -26.65
C ALA CA 42 13.18 15.74 -26.13
N GLU CA 43 13.95 16.80 -25.95
CA GLU CA 43 15.37 16.73 -25.63
C GLU CA 43 15.55 16.41 -24.16
N VAL CA 44 14.76 17.08 -23.32
CA VAL CA 44 14.93 17.02 -21.87
C VAL CA 44 13.60 16.87 -21.15
N SER CA 45 13.66 16.21 -19.99
CA SER CA 45 12.57 16.17 -19.04
C SER CA 45 12.50 17.48 -18.26
N THR CA 46 11.35 18.13 -18.26
CA THR CA 46 11.18 19.42 -17.58
C THR CA 46 10.91 19.26 -16.09
N THR CA 47 11.09 20.36 -15.36
CA THR CA 47 10.77 20.41 -13.93
C THR CA 47 9.28 20.72 -13.72
N ILE CA 48 8.72 20.20 -12.63
CA ILE CA 48 7.34 20.50 -12.22
C ILE CA 48 7.09 22.00 -11.95
N GLY CA 49 8.13 22.72 -11.52
CA GLY CA 49 8.06 24.18 -11.39
C GLY CA 49 7.92 24.86 -12.74
N VAL CA 50 8.57 24.30 -13.76
CA VAL CA 50 8.34 24.72 -15.13
C VAL CA 50 6.94 24.26 -15.57
N LEU CA 51 6.52 23.08 -15.11
CA LEU CA 51 5.25 22.48 -15.55
C LEU CA 51 3.98 23.14 -15.00
N SER CA 52 4.03 23.62 -13.75
CA SER CA 52 2.91 24.36 -13.20
C SER CA 52 2.73 25.63 -14.01
N SER CA 53 3.79 26.43 -14.08
CA SER CA 53 3.74 27.73 -14.74
C SER CA 53 3.44 27.67 -16.23
N LEU CA 54 3.95 26.65 -16.93
CA LEU CA 54 3.63 26.50 -18.35
C LEU CA 54 2.19 26.05 -18.60
N ALA CA 55 1.62 25.29 -17.67
CA ALA CA 55 0.26 24.76 -17.81
C ALA CA 55 -0.78 25.81 -17.45
N ARG CA 56 -0.53 26.52 -16.34
CA ARG CA 56 -1.42 27.58 -15.89
C ARG CA 56 -1.47 28.73 -16.90
N ALA CA 57 -0.45 28.82 -17.76
CA ALA CA 57 -0.48 29.73 -18.91
C ALA CA 57 -1.57 29.31 -19.92
N PHE CA 58 -1.86 28.01 -19.95
CA PHE CA 58 -2.97 27.46 -20.74
C PHE CA 58 -4.28 27.38 -19.96
N GLY CA 59 -4.26 27.84 -18.71
CA GLY CA 59 -5.40 27.68 -17.81
C GLY CA 59 -5.62 26.23 -17.46
N HIS CA 60 -4.56 25.44 -17.57
CA HIS CA 60 -4.62 24.00 -17.32
C HIS CA 60 -3.68 23.69 -16.16
N GLU CA 61 -3.61 22.42 -15.79
CA GLU CA 61 -2.76 21.98 -14.68
C GLU CA 61 -1.69 21.00 -15.13
N ALA CA 62 -0.76 20.68 -14.23
CA ALA CA 62 0.40 19.85 -14.56
C ALA CA 62 0.01 18.38 -14.74
N TYR CA 63 -0.56 17.79 -13.69
CA TYR CA 63 -1.00 16.39 -13.68
C TYR CA 63 -1.77 15.96 -14.93
N GLU CA 64 -2.50 16.92 -15.49
CA GLU CA 64 -3.23 16.74 -16.73
C GLU CA 64 -2.36 16.21 -17.86
N MET CA 65 -1.10 16.62 -17.85
CA MET CA 65 -0.20 16.39 -18.97
C MET CA 65 0.28 14.96 -19.18
N ILE CA 66 0.25 14.15 -18.13
CA ILE CA 66 0.82 12.80 -18.20
C ILE CA 66 -0.26 11.71 -18.28
N ILE CA 67 -0.37 11.16 -19.49
CA ILE CA 67 -0.91 9.82 -19.73
C ILE CA 67 -0.52 9.47 -21.18
N PRO CA 68 -0.04 8.22 -21.42
CA PRO CA 68 0.74 7.95 -22.63
C PRO CA 68 -0.07 7.81 -23.93
N VAL CA 69 0.61 7.37 -24.99
CA VAL CA 69 0.04 7.21 -26.34
C VAL CA 69 -1.45 6.80 -26.40
N GLY CA 70 -1.93 6.04 -25.41
CA GLY CA 70 -3.34 5.68 -25.32
C GLY CA 70 -3.61 4.28 -24.80
N ALA CA 71 -2.61 3.40 -24.87
CA ALA CA 71 -2.75 2.00 -24.43
C ALA CA 71 -3.43 1.79 -23.07
N PRO CA 72 -3.17 2.67 -22.07
CA PRO CA 72 -3.89 2.52 -20.80
C PRO CA 72 -5.38 2.87 -20.87
N GLY CA 73 -6.18 2.12 -20.11
CA GLY CA 73 -7.57 2.49 -19.85
C GLY CA 73 -7.65 3.78 -19.07
N ILE CA 74 -7.77 4.88 -19.81
CA ILE CA 74 -7.95 6.21 -19.23
C ILE CA 74 -8.76 7.01 -20.24
N ILE CA 75 -9.55 7.97 -19.76
CA ILE CA 75 -10.45 8.70 -20.63
C ILE CA 75 -9.75 9.93 -21.21
N ASP CA 76 -9.94 10.16 -22.51
CA ASP CA 76 -9.48 11.39 -23.16
C ASP CA 76 -10.66 12.36 -23.23
N TYR CA 77 -10.43 13.56 -22.71
CA TYR CA 77 -11.46 14.59 -22.61
C TYR CA 77 -10.81 15.89 -22.18
N ASP CA 78 -11.35 17.02 -22.63
CA ASP CA 78 -10.87 18.31 -22.16
C ASP CA 78 -11.17 18.43 -20.66
N HIS CA 79 -10.15 18.22 -19.84
CA HIS CA 79 -10.28 18.19 -18.37
C HIS CA 79 -10.84 19.50 -17.81
N ARG CA 80 -10.74 20.57 -18.61
CA ARG CA 80 -11.47 21.80 -18.38
C ARG CA 80 -12.91 21.64 -18.89
N MET CA 81 -13.86 21.52 -17.97
CA MET CA 81 -15.29 21.59 -18.32
C MET CA 81 -15.74 23.02 -18.02
N TYR CA 82 -15.71 23.32 -16.74
CA TYR CA 82 -16.04 24.63 -16.18
C TYR CA 82 -15.88 24.41 -14.67
N ALA CA 83 -15.58 25.47 -13.94
CA ALA CA 83 -15.24 25.32 -12.52
C ALA CA 83 -16.36 25.77 -11.59
N ALA CA 84 -16.89 26.96 -11.85
CA ALA CA 84 -17.82 27.61 -10.92
C ALA CA 84 -19.27 27.10 -11.03
N LEU CA 85 -19.69 26.68 -12.23
CA LEU CA 85 -21.08 26.25 -12.43
C LEU CA 85 -21.35 24.89 -11.74
N PRO CA 86 -22.55 24.72 -11.16
CA PRO CA 86 -22.98 23.42 -10.65
C PRO CA 86 -23.39 22.47 -11.75
N GLN CA 87 -24.30 22.96 -12.59
CA GLN CA 87 -25.02 22.10 -13.51
C GLN CA 87 -24.15 21.73 -14.70
N GLU CA 88 -24.11 20.44 -15.02
CA GLU CA 88 -24.60 19.37 -14.15
C GLU CA 88 -23.78 18.15 -14.47
N GLU CA 89 -22.75 17.94 -13.67
CA GLU CA 89 -21.85 16.81 -13.85
C GLU CA 89 -22.18 15.75 -12.82
N LYS CA 90 -22.37 16.19 -11.58
CA LYS CA 90 -22.45 15.29 -10.44
C LYS CA 90 -23.64 14.35 -10.48
N ASN CA 91 -24.67 14.67 -11.24
CA ASN CA 91 -25.70 13.68 -11.52
C ASN CA 91 -25.51 13.07 -12.91
N LYS CA 92 -25.21 13.90 -13.90
CA LYS CA 92 -25.14 13.42 -15.27
C LYS CA 92 -23.99 12.45 -15.48
N ILE CA 93 -22.76 12.95 -15.47
CA ILE CA 93 -21.62 12.10 -15.84
C ILE CA 93 -21.33 11.04 -14.79
N THR CA 94 -21.37 11.42 -13.51
CA THR CA 94 -21.08 10.47 -12.42
C THR CA 94 -22.04 9.29 -12.47
N SER CA 95 -23.33 9.57 -12.67
CA SER CA 95 -24.34 8.52 -12.71
C SER CA 95 -24.11 7.60 -13.90
N PHE CA 96 -23.75 8.19 -15.04
CA PHE CA 96 -23.42 7.44 -16.24
C PHE CA 96 -22.18 6.55 -16.06
N ILE CA 97 -21.15 7.08 -15.40
CA ILE CA 97 -19.98 6.27 -15.01
C ILE CA 97 -20.46 5.14 -14.10
N ASN CA 98 -21.27 5.50 -13.10
CA ASN CA 98 -21.75 4.58 -12.06
C ASN CA 98 -22.61 3.40 -12.54
N PHE CA 99 -22.88 3.31 -13.83
CA PHE CA 99 -23.63 2.18 -14.37
C PHE CA 99 -22.79 0.91 -14.51
N VAL CA 100 -21.53 1.06 -14.93
CA VAL CA 100 -20.54 -0.03 -14.95
C VAL CA 100 -21.03 -1.32 -15.65
N VAL DA 1 1.35 25.56 -4.89
CA VAL DA 1 2.11 26.06 -6.07
C VAL DA 1 3.25 25.08 -6.43
N GLU DA 2 4.16 24.84 -5.50
CA GLU DA 2 5.29 23.92 -5.73
C GLU DA 2 5.40 22.74 -4.77
N LYS DA 3 4.37 22.47 -3.97
CA LYS DA 3 4.48 21.51 -2.85
C LYS DA 3 4.00 20.05 -3.14
N GLN DA 4 2.98 19.89 -3.98
CA GLN DA 4 2.17 18.64 -4.06
C GLN DA 4 2.88 17.32 -4.41
N ALA DA 5 3.87 17.38 -5.31
CA ALA DA 5 4.70 16.20 -5.63
C ALA DA 5 5.31 15.53 -4.39
N ALA DA 6 5.71 16.35 -3.44
CA ALA DA 6 6.27 15.87 -2.18
C ALA DA 6 5.28 15.06 -1.36
N ALA DA 7 4.06 15.59 -1.24
CA ALA DA 7 3.02 14.98 -0.42
C ALA DA 7 2.74 13.54 -0.87
N THR DA 8 2.66 13.36 -2.18
CA THR DA 8 2.41 12.05 -2.76
C THR DA 8 3.54 11.04 -2.46
N LEU DA 9 4.80 11.43 -2.74
CA LEU DA 9 5.92 10.52 -2.57
C LEU DA 9 6.00 9.95 -1.15
N ASN DA 10 6.01 10.85 -0.18
CA ASN DA 10 6.04 10.45 1.22
C ASN DA 10 4.92 9.46 1.51
N ALA DA 11 3.73 9.81 1.06
CA ALA DA 11 2.55 8.96 1.28
C ALA DA 11 2.77 7.56 0.71
N TRP DA 12 3.00 7.49 -0.61
CA TRP DA 12 3.16 6.20 -1.30
C TRP DA 12 4.16 5.24 -0.64
N MET DA 13 5.31 5.78 -0.25
CA MET DA 13 6.39 4.97 0.27
C MET DA 13 5.98 4.37 1.62
N ARG DA 14 5.24 5.15 2.39
CA ARG DA 14 4.82 4.74 3.72
C ARG DA 14 3.71 3.71 3.75
N LYS DA 15 2.99 3.56 2.65
CA LYS DA 15 2.06 2.45 2.53
C LYS DA 15 2.74 1.20 1.97
N ASP DA 16 3.65 1.41 1.02
CA ASP DA 16 4.25 0.30 0.29
C ASP DA 16 4.84 -0.74 1.24
N THR DA 17 4.45 -2.00 1.02
CA THR DA 17 4.82 -3.10 1.92
C THR DA 17 6.29 -3.53 1.80
N GLU DA 18 6.95 -3.15 0.69
CA GLU DA 18 8.38 -3.38 0.55
C GLU DA 18 9.14 -2.69 1.68
N MET DA 19 10.21 -3.33 2.16
CA MET DA 19 11.08 -2.71 3.15
C MET DA 19 11.77 -1.52 2.48
N THR DA 20 11.43 -0.31 2.92
CA THR DA 20 11.93 0.91 2.29
C THR DA 20 12.33 2.01 3.30
N SER DA 21 13.56 2.47 3.15
CA SER DA 21 14.07 3.66 3.78
C SER DA 21 13.86 4.79 2.78
N GLU DA 22 14.47 5.94 3.05
CA GLU DA 22 14.37 7.08 2.15
C GLU DA 22 14.80 6.73 0.73
N LYS DA 23 16.10 6.53 0.54
CA LYS DA 23 16.63 6.23 -0.80
C LYS DA 23 16.50 4.77 -1.19
N LYS DA 24 15.91 3.93 -0.34
CA LYS DA 24 15.75 2.52 -0.67
C LYS DA 24 14.72 2.32 -1.81
N VAL DA 25 13.99 3.38 -2.16
CA VAL DA 25 13.28 3.46 -3.45
C VAL DA 25 14.12 4.20 -4.51
N ALA DA 26 15.03 5.04 -4.05
CA ALA DA 26 16.00 5.71 -4.94
C ALA DA 26 17.24 4.87 -5.28
N VAL DA 27 17.46 3.77 -4.56
CA VAL DA 27 18.41 2.75 -5.02
C VAL DA 27 17.68 1.86 -6.02
N ALA DA 28 16.39 1.62 -5.78
CA ALA DA 28 15.53 0.97 -6.76
C ALA DA 28 15.52 1.79 -8.05
N ALA DA 29 15.60 3.11 -7.91
CA ALA DA 29 15.84 4.02 -9.03
C ALA DA 29 17.34 4.06 -9.37
N GLY DA 30 18.15 4.64 -8.48
CA GLY DA 30 19.59 4.75 -8.68
C GLY DA 30 19.99 5.99 -9.46
N ILE DA 31 19.11 7.00 -9.47
CA ILE DA 31 19.26 8.18 -10.30
C ILE DA 31 19.16 9.47 -9.46
N GLY DA 32 19.81 10.53 -9.94
CA GLY DA 32 19.85 11.80 -9.23
C GLY DA 32 20.87 11.72 -8.11
N PRO DA 33 21.19 12.86 -7.48
CA PRO DA 33 22.01 12.81 -6.26
C PRO DA 33 21.30 12.12 -5.09
N ALA DA 34 21.93 12.13 -3.91
CA ALA DA 34 21.34 11.58 -2.69
C ALA DA 34 20.17 12.42 -2.12
N THR DA 35 19.93 13.59 -2.72
CA THR DA 35 18.94 14.56 -2.25
C THR DA 35 17.49 14.16 -2.60
N VAL DA 36 17.19 12.87 -2.62
CA VAL DA 36 15.82 12.40 -2.86
C VAL DA 36 15.08 12.28 -1.52
N ASN DA 37 15.84 12.15 -0.44
CA ASN DA 37 15.27 12.11 0.91
C ASN DA 37 14.75 13.49 1.25
N ARG DA 38 15.60 14.46 0.99
CA ARG DA 38 15.26 15.88 1.17
C ARG DA 38 14.36 16.43 0.04
N ILE DA 39 13.95 15.56 -0.90
CA ILE DA 39 12.84 15.86 -1.83
C ILE DA 39 11.51 15.76 -1.10
N MET DA 40 11.46 14.99 -0.01
CA MET DA 40 10.33 15.00 0.89
C MET DA 40 10.04 16.40 1.39
N LYS DA 41 11.11 17.17 1.62
CA LYS DA 41 11.02 18.57 2.05
C LYS DA 41 10.59 19.47 0.90
N ALA DA 42 10.92 19.05 -0.33
CA ALA DA 42 10.13 19.39 -1.52
C ALA DA 42 10.48 20.67 -2.26
N GLU DA 43 11.56 21.34 -1.91
CA GLU DA 43 11.99 22.50 -2.67
C GLU DA 43 13.30 22.19 -3.41
N VAL DA 44 13.50 20.90 -3.65
CA VAL DA 44 14.28 20.40 -4.75
C VAL DA 44 13.38 20.49 -5.99
N SER DA 45 13.88 21.09 -7.08
CA SER DA 45 13.10 21.16 -8.31
C SER DA 45 13.13 19.80 -9.00
N THR DA 46 12.07 19.02 -8.81
CA THR DA 46 11.98 17.68 -9.38
C THR DA 46 11.69 17.77 -10.87
N THR DA 47 12.30 16.88 -11.65
CA THR DA 47 12.02 16.79 -13.08
C THR DA 47 10.95 15.72 -13.31
N ILE DA 48 10.20 15.88 -14.40
CA ILE DA 48 9.14 14.92 -14.74
C ILE DA 48 9.70 13.59 -15.23
N GLY DA 49 11.00 13.56 -15.55
CA GLY DA 49 11.69 12.33 -15.94
C GLY DA 49 11.91 11.42 -14.75
N VAL DA 50 12.48 11.95 -13.69
CA VAL DA 50 12.61 11.23 -12.42
C VAL DA 50 11.23 10.97 -11.86
N LEU DA 51 10.33 11.94 -11.99
CA LEU DA 51 8.95 11.76 -11.59
C LEU DA 51 8.34 10.59 -12.35
N SER DA 52 8.70 10.42 -13.62
CA SER DA 52 8.32 9.24 -14.38
C SER DA 52 9.11 8.03 -13.88
N SER DA 53 10.43 8.17 -13.76
CA SER DA 53 11.30 7.07 -13.33
C SER DA 53 10.97 6.57 -11.93
N LEU DA 54 10.68 7.49 -11.01
CA LEU DA 54 10.24 7.14 -9.67
C LEU DA 54 8.84 6.50 -9.73
N ALA DA 55 7.96 7.11 -10.50
CA ALA DA 55 6.63 6.56 -10.78
C ALA DA 55 6.72 5.11 -11.29
N ARG DA 56 7.79 4.81 -12.02
CA ARG DA 56 8.08 3.44 -12.46
C ARG DA 56 8.34 2.49 -11.29
N ALA DA 57 9.12 2.96 -10.31
CA ALA DA 57 9.40 2.17 -9.10
C ALA DA 57 8.13 1.82 -8.32
N PHE DA 58 7.19 2.76 -8.26
CA PHE DA 58 5.91 2.54 -7.59
C PHE DA 58 4.87 1.91 -8.51
N GLY DA 59 5.15 1.89 -9.82
CA GLY DA 59 4.20 1.40 -10.82
C GLY DA 59 3.11 2.42 -11.11
N HIS DA 60 3.32 3.64 -10.64
CA HIS DA 60 2.35 4.70 -10.75
C HIS DA 60 2.71 5.57 -11.93
N GLU DA 61 1.83 6.48 -12.29
CA GLU DA 61 2.15 7.46 -13.32
C GLU DA 61 2.44 8.80 -12.65
N ALA DA 62 3.11 9.69 -13.38
CA ALA DA 62 3.47 10.99 -12.84
C ALA DA 62 2.23 11.74 -12.33
N TYR DA 63 1.11 11.65 -13.03
CA TYR DA 63 -0.04 12.51 -12.74
C TYR DA 63 -0.42 12.60 -11.25
N GLU DA 64 -0.48 11.47 -10.54
CA GLU DA 64 -1.00 11.53 -9.17
C GLU DA 64 -0.04 12.21 -8.18
N MET DA 65 1.23 12.33 -8.54
CA MET DA 65 2.16 13.07 -7.68
C MET DA 65 1.90 14.57 -7.78
N ILE DA 66 1.47 15.01 -8.96
CA ILE DA 66 1.40 16.43 -9.30
C ILE DA 66 -0.03 17.00 -9.33
N ILE DA 67 -1.02 16.21 -8.88
CA ILE DA 67 -2.45 16.56 -8.94
C ILE DA 67 -2.87 17.52 -7.80
N PRO DA 68 -3.22 18.78 -8.14
CA PRO DA 68 -3.76 19.65 -7.11
C PRO DA 68 -4.96 19.03 -6.41
N VAL DA 69 -5.01 19.18 -5.09
CA VAL DA 69 -6.13 18.72 -4.29
C VAL DA 69 -7.38 19.52 -4.64
N GLY DA 70 -8.52 18.83 -4.71
CA GLY DA 70 -9.78 19.48 -5.03
C GLY DA 70 -9.81 20.12 -6.40
N ALA DA 71 -9.00 19.62 -7.31
CA ALA DA 71 -8.92 20.20 -8.64
C ALA DA 71 -10.23 19.94 -9.37
N PRO DA 72 -10.93 21.01 -9.79
CA PRO DA 72 -12.11 20.81 -10.61
C PRO DA 72 -11.78 20.07 -11.90
N GLY DA 73 -12.71 19.24 -12.37
CA GLY DA 73 -12.51 18.54 -13.63
C GLY DA 73 -12.18 17.06 -13.49
N ILE DA 74 -12.90 16.36 -12.60
CA ILE DA 74 -13.01 14.88 -12.55
C ILE DA 74 -12.52 14.34 -11.20
N ILE DA 75 -13.15 13.26 -10.74
CA ILE DA 75 -12.69 12.55 -9.54
C ILE DA 75 -12.18 11.14 -9.97
N ASP DA 76 -11.29 10.55 -9.17
CA ASP DA 76 -10.62 9.28 -9.52
C ASP DA 76 -11.46 8.00 -9.28
N TYR DA 77 -11.21 6.98 -10.10
CA TYR DA 77 -11.95 5.71 -10.03
C TYR DA 77 -11.06 4.51 -10.34
N ASP DA 78 -11.63 3.32 -10.14
CA ASP DA 78 -10.92 2.06 -10.35
C ASP DA 78 -10.63 1.88 -11.83
N HIS DA 79 -9.40 1.45 -12.15
CA HIS DA 79 -8.94 1.30 -13.54
C HIS DA 79 -9.41 0.02 -14.23
N ARG DA 80 -10.15 -0.85 -13.54
CA ARG DA 80 -10.85 -1.92 -14.25
C ARG DA 80 -11.88 -2.65 -13.37
N MET DA 81 -12.46 -3.70 -13.95
CA MET DA 81 -13.90 -3.79 -14.19
C MET DA 81 -14.17 -3.48 -15.70
N TYR DA 82 -13.17 -2.90 -16.39
CA TYR DA 82 -13.22 -2.68 -17.84
C TYR DA 82 -12.66 -3.89 -18.65
N ALA DA 83 -11.33 -4.01 -18.79
CA ALA DA 83 -10.68 -5.12 -19.52
C ALA DA 83 -11.02 -6.57 -19.06
N ALA DA 84 -11.99 -6.75 -18.17
CA ALA DA 84 -12.52 -8.07 -17.85
C ALA DA 84 -12.82 -8.83 -19.15
N LEU DA 85 -13.80 -8.33 -19.90
CA LEU DA 85 -13.97 -8.71 -21.30
C LEU DA 85 -13.16 -7.73 -22.15
N PRO DA 86 -12.84 -8.10 -23.40
CA PRO DA 86 -12.26 -7.13 -24.34
C PRO DA 86 -13.12 -5.88 -24.50
N GLN DA 87 -12.47 -4.72 -24.62
CA GLN DA 87 -13.14 -3.43 -24.42
C GLN DA 87 -13.36 -2.60 -25.67
N GLU DA 88 -14.58 -2.64 -26.18
CA GLU DA 88 -15.12 -1.55 -27.01
C GLU DA 88 -16.58 -1.22 -26.63
N GLU DA 89 -17.15 -1.96 -25.67
CA GLU DA 89 -18.46 -1.68 -25.10
C GLU DA 89 -18.33 -0.74 -23.91
N LYS DA 90 -17.15 -0.68 -23.33
CA LYS DA 90 -16.84 0.31 -22.29
C LYS DA 90 -16.29 1.59 -22.94
N ASN DA 91 -16.04 1.52 -24.26
CA ASN DA 91 -15.74 2.68 -25.11
C ASN DA 91 -16.94 3.63 -25.32
N LYS DA 92 -17.98 3.48 -24.50
CA LYS DA 92 -19.15 4.34 -24.56
C LYS DA 92 -18.95 5.52 -23.62
N ILE DA 93 -18.05 5.37 -22.67
CA ILE DA 93 -17.82 6.40 -21.67
C ILE DA 93 -17.33 7.68 -22.34
N THR DA 94 -16.52 7.53 -23.38
CA THR DA 94 -16.01 8.64 -24.17
C THR DA 94 -17.13 9.40 -24.92
N SER DA 95 -18.16 8.68 -25.35
CA SER DA 95 -19.24 9.25 -26.15
C SER DA 95 -20.23 10.10 -25.32
N PHE DA 96 -20.62 9.58 -24.16
CA PHE DA 96 -21.48 10.31 -23.23
C PHE DA 96 -20.81 11.56 -22.72
N ILE DA 97 -19.50 11.49 -22.53
CA ILE DA 97 -18.71 12.65 -22.19
C ILE DA 97 -18.75 13.61 -23.37
N ASN DA 98 -18.56 13.10 -24.57
CA ASN DA 98 -18.70 13.93 -25.77
C ASN DA 98 -20.11 14.50 -25.96
N PHE DA 99 -21.15 13.77 -25.52
CA PHE DA 99 -22.56 14.19 -25.72
C PHE DA 99 -22.89 15.58 -25.18
N VAL DA 100 -22.13 16.02 -24.19
CA VAL DA 100 -22.22 17.43 -23.80
C VAL DA 100 -21.78 18.34 -24.95
N VAL EA 1 -22.40 -30.28 9.37
CA VAL EA 1 -21.20 -31.10 8.97
C VAL EA 1 -21.33 -32.59 9.30
N GLU EA 2 -21.73 -32.88 10.53
CA GLU EA 2 -21.86 -34.25 11.00
C GLU EA 2 -23.31 -34.74 10.79
N LYS EA 3 -24.28 -33.89 11.13
CA LYS EA 3 -25.69 -34.14 10.81
C LYS EA 3 -25.76 -34.29 9.32
N GLN EA 4 -25.24 -33.27 8.66
CA GLN EA 4 -25.18 -33.17 7.21
C GLN EA 4 -25.00 -34.53 6.54
N ALA EA 5 -24.03 -35.32 7.01
CA ALA EA 5 -23.65 -36.62 6.41
C ALA EA 5 -24.77 -37.54 5.87
N ALA EA 6 -25.98 -37.43 6.41
CA ALA EA 6 -27.11 -38.28 6.02
C ALA EA 6 -27.51 -38.26 4.53
N ALA EA 7 -28.14 -37.17 4.09
CA ALA EA 7 -28.83 -37.07 2.76
C ALA EA 7 -28.12 -37.54 1.46
N THR EA 8 -26.83 -37.84 1.49
CA THR EA 8 -26.13 -38.30 0.29
C THR EA 8 -26.19 -39.82 0.33
N LEU EA 9 -26.14 -40.40 1.53
CA LEU EA 9 -26.56 -41.78 1.71
C LEU EA 9 -27.99 -41.92 1.21
N ASN EA 10 -28.89 -41.06 1.71
CA ASN EA 10 -30.27 -40.98 1.23
C ASN EA 10 -30.33 -40.95 -0.30
N ALA EA 11 -29.42 -40.20 -0.92
CA ALA EA 11 -29.29 -40.19 -2.38
C ALA EA 11 -28.69 -41.49 -2.93
N TRP EA 12 -27.70 -42.07 -2.23
CA TRP EA 12 -27.13 -43.38 -2.62
C TRP EA 12 -28.12 -44.51 -2.38
N MET EA 13 -29.08 -44.27 -1.50
CA MET EA 13 -30.22 -45.17 -1.35
C MET EA 13 -31.03 -45.18 -2.65
N ARG EA 14 -31.20 -44.00 -3.25
CA ARG EA 14 -31.96 -43.83 -4.50
C ARG EA 14 -31.24 -44.28 -5.78
N LYS EA 15 -30.00 -44.75 -5.67
CA LYS EA 15 -29.24 -45.23 -6.83
C LYS EA 15 -29.19 -46.76 -6.87
N ASP EA 16 -28.53 -47.32 -7.88
CA ASP EA 16 -28.61 -48.75 -8.20
C ASP EA 16 -27.82 -49.64 -7.21
N THR EA 17 -27.96 -50.96 -7.35
CA THR EA 17 -27.09 -51.96 -6.68
C THR EA 17 -27.51 -52.35 -5.25
N GLU EA 18 -28.83 -52.51 -5.02
CA GLU EA 18 -29.33 -53.00 -3.72
C GLU EA 18 -28.77 -52.22 -2.52
N MET EA 19 -28.61 -50.90 -2.67
CA MET EA 19 -28.13 -50.05 -1.56
C MET EA 19 -29.30 -49.88 -0.61
N THR EA 20 -30.49 -49.76 -1.20
CA THR EA 20 -31.75 -50.28 -0.64
C THR EA 20 -32.13 -49.88 0.77
N SER EA 21 -32.25 -50.86 1.68
CA SER EA 21 -32.55 -50.63 3.08
C SER EA 21 -31.32 -50.74 3.97
N GLU EA 22 -31.51 -50.38 5.24
CA GLU EA 22 -30.49 -50.50 6.28
C GLU EA 22 -31.16 -51.12 7.51
N LYS EA 23 -30.36 -51.43 8.53
CA LYS EA 23 -30.86 -51.86 9.85
C LYS EA 23 -31.15 -53.37 9.99
N LYS EA 24 -31.16 -54.10 8.87
CA LYS EA 24 -31.11 -55.57 8.93
C LYS EA 24 -30.28 -56.14 7.76
N VAL EA 25 -28.97 -56.15 7.97
CA VAL EA 25 -28.03 -56.70 7.00
C VAL EA 25 -27.67 -58.15 7.39
N ALA EA 26 -28.15 -58.63 8.53
CA ALA EA 26 -27.87 -59.97 9.04
C ALA EA 26 -26.36 -60.17 9.28
N VAL EA 27 -25.75 -61.21 8.70
CA VAL EA 27 -24.30 -61.45 8.78
C VAL EA 27 -23.62 -61.19 7.42
N ALA EA 28 -24.38 -60.63 6.47
CA ALA EA 28 -23.89 -60.40 5.10
C ALA EA 28 -22.67 -59.48 5.03
N ALA EA 29 -22.75 -58.33 5.69
CA ALA EA 29 -21.66 -57.35 5.67
C ALA EA 29 -20.56 -57.76 6.66
N GLY EA 30 -20.94 -57.95 7.93
CA GLY EA 30 -20.02 -58.47 8.96
C GLY EA 30 -19.34 -57.43 9.82
N ILE EA 31 -19.93 -56.23 9.91
CA ILE EA 31 -19.39 -55.11 10.70
C ILE EA 31 -20.18 -55.02 12.02
N GLY EA 32 -19.53 -54.42 13.03
CA GLY EA 32 -20.02 -54.42 14.41
C GLY EA 32 -21.54 -54.34 14.62
N PRO EA 33 -22.08 -55.27 15.44
CA PRO EA 33 -23.53 -55.34 15.69
C PRO EA 33 -24.05 -54.20 16.56
N ALA EA 34 -23.25 -53.78 17.54
CA ALA EA 34 -23.59 -52.62 18.36
C ALA EA 34 -23.55 -51.33 17.54
N THR EA 35 -22.83 -51.35 16.42
CA THR EA 35 -22.57 -50.15 15.60
C THR EA 35 -23.75 -49.64 14.76
N VAL EA 36 -24.37 -50.54 13.97
CA VAL EA 36 -25.18 -50.14 12.80
C VAL EA 36 -26.25 -49.08 13.07
N ASN EA 37 -27.14 -49.34 14.03
CA ASN EA 37 -28.26 -48.45 14.31
C ASN EA 37 -27.82 -47.05 14.75
N ARG EA 38 -28.57 -46.03 14.35
CA ARG EA 38 -28.42 -44.66 14.86
C ARG EA 38 -26.96 -44.16 14.78
N ILE EA 39 -26.45 -43.96 13.57
CA ILE EA 39 -25.03 -43.59 13.34
C ILE EA 39 -24.77 -42.15 12.84
N MET EA 40 -25.49 -41.73 11.81
CA MET EA 40 -25.08 -40.59 10.97
C MET EA 40 -25.70 -39.24 11.33
N LYS EA 41 -26.71 -39.27 12.18
CA LYS EA 41 -27.47 -38.10 12.58
C LYS EA 41 -26.57 -37.01 13.12
N ALA EA 42 -25.49 -37.39 13.81
CA ALA EA 42 -24.52 -36.45 14.40
C ALA EA 42 -24.77 -36.08 15.85
N GLU EA 43 -25.47 -36.96 16.55
CA GLU EA 43 -25.26 -37.08 17.97
C GLU EA 43 -24.01 -37.93 18.11
N VAL EA 44 -23.72 -38.74 17.09
CA VAL EA 44 -22.46 -39.50 16.96
C VAL EA 44 -21.58 -38.99 15.81
N SER EA 45 -20.29 -38.84 16.07
CA SER EA 45 -19.32 -38.36 15.08
C SER EA 45 -18.15 -39.36 14.93
N THR EA 46 -18.36 -40.35 14.08
CA THR EA 46 -17.40 -41.45 13.89
C THR EA 46 -16.11 -40.93 13.25
N THR EA 47 -14.98 -41.57 13.56
CA THR EA 47 -13.69 -41.15 13.02
C THR EA 47 -13.66 -41.40 11.51
N ILE EA 48 -12.97 -40.50 10.80
CA ILE EA 48 -13.01 -40.45 9.33
C ILE EA 48 -12.85 -41.83 8.68
N GLY EA 49 -12.03 -42.69 9.29
CA GLY EA 49 -11.68 -43.98 8.72
C GLY EA 49 -12.85 -44.91 8.50
N VAL EA 50 -13.69 -45.08 9.53
CA VAL EA 50 -14.76 -46.09 9.47
C VAL EA 50 -15.75 -45.78 8.35
N LEU EA 51 -16.17 -44.51 8.26
CA LEU EA 51 -17.06 -44.08 7.18
C LEU EA 51 -16.38 -44.09 5.80
N SER EA 52 -15.06 -43.95 5.80
CA SER EA 52 -14.27 -44.03 4.57
C SER EA 52 -14.21 -45.47 4.07
N SER EA 53 -13.80 -46.39 4.93
CA SER EA 53 -13.57 -47.78 4.52
C SER EA 53 -14.85 -48.53 4.11
N LEU EA 54 -16.01 -48.07 4.56
CA LEU EA 54 -17.29 -48.62 4.11
C LEU EA 54 -17.84 -47.89 2.87
N ALA EA 55 -17.03 -47.01 2.28
CA ALA EA 55 -17.43 -46.24 1.11
C ALA EA 55 -17.25 -47.02 -0.20
N ARG EA 56 -16.17 -47.81 -0.30
CA ARG EA 56 -15.91 -48.62 -1.50
C ARG EA 56 -16.82 -49.86 -1.54
N ALA EA 57 -17.39 -50.21 -0.39
CA ALA EA 57 -18.35 -51.32 -0.29
C ALA EA 57 -19.60 -51.08 -1.13
N PHE EA 58 -20.13 -49.85 -1.03
CA PHE EA 58 -21.18 -49.38 -1.94
C PHE EA 58 -20.56 -48.58 -3.09
N GLY EA 59 -19.27 -48.27 -2.95
CA GLY EA 59 -18.39 -47.90 -4.06
C GLY EA 59 -18.04 -46.45 -4.21
N HIS EA 60 -18.70 -45.58 -3.46
CA HIS EA 60 -18.45 -44.15 -3.59
C HIS EA 60 -17.19 -43.75 -2.82
N GLU EA 61 -16.34 -42.96 -3.47
CA GLU EA 61 -15.11 -42.40 -2.90
C GLU EA 61 -15.32 -41.57 -1.61
N ALA EA 62 -14.22 -41.03 -1.09
CA ALA EA 62 -14.17 -40.27 0.17
C ALA EA 62 -15.11 -39.05 0.35
N TYR EA 63 -15.78 -38.60 -0.71
CA TYR EA 63 -16.58 -37.38 -0.61
C TYR EA 63 -17.72 -37.50 0.40
N GLU EA 64 -18.21 -38.73 0.59
CA GLU EA 64 -19.33 -38.99 1.49
C GLU EA 64 -20.41 -37.95 1.24
N MET EA 65 -20.86 -37.27 2.29
CA MET EA 65 -21.59 -36.03 2.12
C MET EA 65 -20.80 -34.85 2.61
N ILE EA 66 -19.51 -35.00 2.87
CA ILE EA 66 -18.76 -33.85 3.36
C ILE EA 66 -18.76 -32.72 2.28
N ILE EA 67 -19.36 -33.00 1.13
CA ILE EA 67 -19.86 -31.95 0.22
C ILE EA 67 -21.21 -31.38 0.72
N PRO EA 68 -21.46 -30.08 0.54
CA PRO EA 68 -22.71 -29.42 0.97
C PRO EA 68 -24.03 -30.08 0.52
N VAL EA 69 -25.07 -29.93 1.36
CA VAL EA 69 -26.37 -30.61 1.15
C VAL EA 69 -27.18 -30.02 0.00
N GLY EA 70 -27.40 -28.71 0.02
CA GLY EA 70 -28.16 -28.05 -1.03
C GLY EA 70 -27.30 -28.02 -2.29
N ALA EA 71 -26.05 -27.57 -2.11
CA ALA EA 71 -25.02 -27.63 -3.13
C ALA EA 71 -25.34 -26.89 -4.44
N PRO EA 72 -25.98 -25.71 -4.35
CA PRO EA 72 -26.18 -24.96 -5.59
C PRO EA 72 -25.01 -24.04 -5.96
N GLY EA 73 -24.48 -23.29 -5.00
CA GLY EA 73 -23.37 -22.38 -5.23
C GLY EA 73 -22.15 -23.13 -5.73
N ILE EA 74 -21.88 -24.25 -5.07
CA ILE EA 74 -20.91 -25.25 -5.55
C ILE EA 74 -21.55 -26.05 -6.69
N ILE EA 75 -20.85 -27.06 -7.20
CA ILE EA 75 -21.37 -27.89 -8.28
C ILE EA 75 -21.88 -29.24 -7.75
N ASP EA 76 -23.19 -29.43 -7.76
CA ASP EA 76 -23.79 -30.70 -7.34
C ASP EA 76 -23.83 -31.69 -8.49
N TYR EA 77 -22.84 -32.57 -8.49
CA TYR EA 77 -22.89 -33.77 -9.27
C TYR EA 77 -22.25 -34.80 -8.37
N ASP EA 78 -22.77 -36.02 -8.41
CA ASP EA 78 -22.35 -37.06 -7.46
C ASP EA 78 -20.84 -37.05 -7.26
N HIS EA 79 -20.10 -36.77 -8.34
CA HIS EA 79 -18.64 -36.79 -8.37
C HIS EA 79 -18.13 -38.14 -8.87
N ARG EA 80 -18.86 -39.19 -8.48
CA ARG EA 80 -18.86 -40.43 -9.22
C ARG EA 80 -19.43 -40.15 -10.59
N MET EA 81 -20.29 -39.12 -10.66
CA MET EA 81 -20.87 -38.63 -11.92
C MET EA 81 -21.17 -39.86 -12.76
N TYR EA 82 -20.75 -39.84 -14.02
CA TYR EA 82 -20.36 -41.07 -14.67
C TYR EA 82 -18.84 -40.99 -14.73
N ALA EA 83 -18.16 -41.39 -13.66
CA ALA EA 83 -16.69 -41.38 -13.65
C ALA EA 83 -16.18 -42.21 -14.80
N ALA EA 84 -17.07 -43.01 -15.38
CA ALA EA 84 -16.87 -43.64 -16.69
C ALA EA 84 -16.49 -42.65 -17.80
N LEU EA 85 -16.66 -41.35 -17.54
CA LEU EA 85 -16.39 -40.31 -18.52
C LEU EA 85 -14.99 -40.37 -19.11
N PRO EA 86 -14.89 -40.54 -20.44
CA PRO EA 86 -13.61 -40.53 -21.18
C PRO EA 86 -12.71 -39.31 -20.93
N GLN EA 87 -11.55 -39.30 -21.56
CA GLN EA 87 -10.59 -38.21 -21.40
C GLN EA 87 -11.15 -36.89 -21.94
N GLU EA 88 -11.51 -36.89 -23.23
CA GLU EA 88 -11.96 -35.66 -23.90
C GLU EA 88 -13.38 -35.26 -23.49
N GLU EA 89 -14.15 -36.21 -22.96
CA GLU EA 89 -15.50 -35.92 -22.48
C GLU EA 89 -15.49 -35.19 -21.14
N LYS EA 90 -14.60 -35.60 -20.24
CA LYS EA 90 -14.43 -34.88 -18.97
C LYS EA 90 -13.61 -33.62 -19.17
N ASN EA 91 -12.71 -33.65 -20.16
CA ASN EA 91 -12.00 -32.44 -20.60
C ASN EA 91 -12.97 -31.46 -21.28
N LYS EA 92 -14.03 -31.99 -21.89
CA LYS EA 92 -15.08 -31.18 -22.53
C LYS EA 92 -15.83 -30.29 -21.53
N ILE EA 93 -16.14 -30.84 -20.36
CA ILE EA 93 -16.76 -30.07 -19.29
C ILE EA 93 -15.76 -29.07 -18.73
N THR EA 94 -14.57 -29.55 -18.37
CA THR EA 94 -13.53 -28.68 -17.81
C THR EA 94 -13.21 -27.52 -18.74
N SER EA 95 -12.88 -27.85 -20.01
CA SER EA 95 -12.52 -26.85 -21.01
C SER EA 95 -13.67 -25.88 -21.31
N PHE EA 96 -14.91 -26.34 -21.07
CA PHE EA 96 -16.08 -25.50 -21.18
C PHE EA 96 -16.15 -24.51 -20.03
N ILE EA 97 -15.94 -25.01 -18.81
CA ILE EA 97 -16.01 -24.16 -17.60
C ILE EA 97 -15.06 -22.97 -17.71
N ASN EA 98 -13.91 -23.19 -18.34
CA ASN EA 98 -12.96 -22.12 -18.61
C ASN EA 98 -13.51 -21.05 -19.59
N PHE EA 99 -14.32 -21.47 -20.57
CA PHE EA 99 -15.01 -20.51 -21.43
C PHE EA 99 -16.04 -19.72 -20.62
N VAL EA 100 -16.76 -20.42 -19.73
CA VAL EA 100 -17.83 -19.80 -18.93
C VAL EA 100 -17.26 -18.80 -17.91
N PHE EA 101 -16.01 -18.35 -18.08
CA PHE EA 101 -15.45 -17.24 -17.31
C PHE EA 101 -16.40 -16.03 -17.30
N VAL FA 1 -1.97 -46.07 4.63
CA VAL FA 1 -2.15 -44.94 3.65
C VAL FA 1 -3.66 -44.66 3.48
N GLU FA 2 -4.26 -44.08 4.51
CA GLU FA 2 -5.70 -43.80 4.51
C GLU FA 2 -6.04 -42.32 4.69
N LYS FA 3 -5.58 -41.74 5.80
CA LYS FA 3 -6.15 -40.51 6.35
C LYS FA 3 -6.06 -39.28 5.48
N GLN FA 4 -4.87 -38.98 4.95
CA GLN FA 4 -4.73 -37.96 3.90
C GLN FA 4 -4.87 -36.49 4.37
N ALA FA 5 -5.09 -36.29 5.67
CA ALA FA 5 -5.36 -34.94 6.21
C ALA FA 5 -4.09 -34.13 6.52
N ALA FA 6 -3.07 -34.80 7.03
CA ALA FA 6 -1.86 -34.12 7.52
C ALA FA 6 -1.13 -33.31 6.45
N ALA FA 7 -1.08 -33.81 5.22
CA ALA FA 7 -0.40 -33.10 4.14
C ALA FA 7 -1.06 -31.75 3.83
N THR FA 8 -2.38 -31.67 4.00
CA THR FA 8 -3.11 -30.41 3.86
C THR FA 8 -2.82 -29.52 5.06
N LEU FA 9 -2.79 -30.13 6.24
CA LEU FA 9 -2.41 -29.44 7.48
C LEU FA 9 -0.95 -28.96 7.40
N ASN FA 10 -0.06 -29.85 6.93
CA ASN FA 10 1.32 -29.50 6.58
C ASN FA 10 1.46 -28.20 5.78
N ALA FA 11 0.65 -28.08 4.73
CA ALA FA 11 0.68 -26.94 3.81
C ALA FA 11 -0.03 -25.71 4.40
N TRP FA 12 -1.01 -25.98 5.25
CA TRP FA 12 -1.82 -24.93 5.87
C TRP FA 12 -1.09 -24.20 7.02
N MET FA 13 -0.04 -24.83 7.56
CA MET FA 13 0.77 -24.22 8.61
C MET FA 13 1.79 -23.24 8.06
N ARG FA 14 2.44 -23.60 6.96
CA ARG FA 14 3.53 -22.80 6.40
C ARG FA 14 3.08 -21.52 5.67
N LYS FA 15 1.78 -21.34 5.42
CA LYS FA 15 1.32 -20.15 4.68
C LYS FA 15 0.06 -19.41 5.14
N ASP FA 16 -0.63 -19.85 6.19
CA ASP FA 16 -1.84 -19.12 6.59
C ASP FA 16 -1.53 -17.91 7.47
N THR FA 17 -2.54 -17.04 7.59
CA THR FA 17 -2.48 -15.81 8.39
C THR FA 17 -2.34 -16.01 9.92
N GLU FA 18 -2.51 -17.25 10.38
CA GLU FA 18 -2.44 -17.56 11.82
C GLU FA 18 -1.11 -18.16 12.27
N MET FA 19 -0.28 -18.59 11.33
CA MET FA 19 1.12 -19.00 11.58
C MET FA 19 1.28 -20.50 11.93
N THR FA 20 2.42 -20.88 12.53
CA THR FA 20 2.80 -22.30 12.69
C THR FA 20 2.25 -23.05 13.91
N SER FA 21 2.34 -22.47 15.12
CA SER FA 21 2.11 -23.22 16.38
C SER FA 21 0.76 -23.96 16.43
N GLU FA 22 0.69 -25.06 17.15
CA GLU FA 22 -0.47 -25.96 17.06
C GLU FA 22 -1.68 -25.53 17.88
N LYS FA 23 -1.42 -25.09 19.11
CA LYS FA 23 -2.49 -24.62 19.98
C LYS FA 23 -3.03 -23.25 19.53
N LYS FA 24 -2.41 -22.67 18.49
CA LYS FA 24 -2.98 -21.55 17.73
C LYS FA 24 -4.47 -21.68 17.64
N VAL FA 25 -4.90 -22.76 16.99
CA VAL FA 25 -6.30 -22.97 16.64
C VAL FA 25 -6.80 -24.29 17.22
N ALA FA 26 -6.07 -24.79 18.22
CA ALA FA 26 -6.69 -25.54 19.30
C ALA FA 26 -7.32 -24.54 20.28
N VAL FA 27 -7.26 -23.24 19.93
CA VAL FA 27 -8.18 -22.24 20.49
C VAL FA 27 -9.62 -22.59 20.17
N ALA FA 28 -9.84 -23.28 19.05
CA ALA FA 28 -11.14 -23.84 18.67
C ALA FA 28 -11.69 -24.81 19.73
N ALA FA 29 -10.83 -25.25 20.64
CA ALA FA 29 -11.24 -26.05 21.80
C ALA FA 29 -11.53 -25.21 23.05
N GLY FA 30 -10.66 -24.24 23.33
CA GLY FA 30 -10.77 -23.40 24.53
C GLY FA 30 -10.13 -24.06 25.74
N ILE FA 31 -8.89 -24.49 25.56
CA ILE FA 31 -8.14 -25.31 26.54
C ILE FA 31 -7.01 -24.48 27.18
N GLY FA 32 -6.87 -24.57 28.50
CA GLY FA 32 -5.74 -23.94 29.22
C GLY FA 32 -4.43 -24.48 28.68
N PRO FA 33 -3.30 -23.78 28.92
CA PRO FA 33 -2.10 -24.17 28.15
C PRO FA 33 -1.49 -25.53 28.56
N ALA FA 34 -2.28 -26.58 28.36
CA ALA FA 34 -1.82 -27.96 28.48
C ALA FA 34 -1.90 -28.54 27.07
N THR FA 35 -0.81 -29.13 26.61
CA THR FA 35 -0.66 -29.48 25.21
C THR FA 35 -0.93 -30.97 24.95
N VAL FA 36 -1.64 -31.26 23.85
CA VAL FA 36 -1.87 -32.63 23.38
C VAL FA 36 -0.64 -33.14 22.64
N ASN FA 37 -0.15 -32.31 21.70
CA ASN FA 37 1.27 -32.32 21.21
C ASN FA 37 1.60 -32.98 19.85
N ARG FA 38 0.74 -33.83 19.30
CA ARG FA 38 0.99 -34.37 17.95
C ARG FA 38 -0.27 -34.54 17.11
N ILE FA 39 -0.82 -33.40 16.71
CA ILE FA 39 -1.97 -33.33 15.81
C ILE FA 39 -1.52 -33.01 14.37
N MET FA 40 -0.32 -32.42 14.24
CA MET FA 40 0.38 -32.30 12.95
C MET FA 40 0.71 -33.66 12.33
N LYS FA 41 0.94 -34.66 13.17
CA LYS FA 41 1.55 -35.93 12.73
C LYS FA 41 0.62 -36.97 12.10
N ALA FA 42 -0.70 -36.79 12.23
CA ALA FA 42 -1.68 -37.72 11.68
C ALA FA 42 -1.54 -39.17 12.19
N GLU FA 43 -0.82 -39.34 13.30
CA GLU FA 43 -0.83 -40.62 14.01
C GLU FA 43 -2.10 -40.68 14.85
N VAL FA 44 -2.63 -39.49 15.17
CA VAL FA 44 -3.91 -39.36 15.85
C VAL FA 44 -4.90 -38.63 14.93
N SER FA 45 -6.01 -39.29 14.63
CA SER FA 45 -7.07 -38.71 13.81
C SER FA 45 -8.11 -38.02 14.68
N THR FA 46 -8.44 -36.78 14.35
CA THR FA 46 -9.42 -36.01 15.11
C THR FA 46 -10.83 -36.34 14.60
N THR FA 47 -11.80 -36.25 15.51
CA THR FA 47 -13.20 -36.60 15.21
C THR FA 47 -13.81 -35.72 14.11
N ILE FA 48 -14.79 -36.28 13.39
CA ILE FA 48 -15.54 -35.54 12.38
C ILE FA 48 -16.46 -34.48 12.99
N GLY FA 49 -16.65 -34.52 14.30
CA GLY FA 49 -17.44 -33.51 15.01
C GLY FA 49 -16.87 -32.11 14.98
N VAL FA 50 -15.55 -31.99 15.02
CA VAL FA 50 -14.87 -30.69 15.14
C VAL FA 50 -14.04 -30.33 13.90
N LEU FA 51 -14.74 -29.84 12.87
CA LEU FA 51 -14.11 -29.23 11.69
C LEU FA 51 -14.79 -27.91 11.24
N SER FA 52 -16.03 -27.69 11.68
CA SER FA 52 -16.73 -26.41 11.51
C SER FA 52 -16.22 -25.34 12.48
N SER FA 53 -16.00 -25.72 13.74
CA SER FA 53 -15.41 -24.81 14.73
C SER FA 53 -13.93 -24.54 14.45
N LEU FA 54 -13.30 -25.45 13.70
CA LEU FA 54 -11.97 -25.22 13.12
C LEU FA 54 -12.02 -24.08 12.10
N ALA FA 55 -13.14 -23.92 11.42
CA ALA FA 55 -13.36 -22.80 10.48
C ALA FA 55 -13.54 -21.43 11.18
N ARG FA 56 -13.86 -21.43 12.47
CA ARG FA 56 -13.92 -20.18 13.25
C ARG FA 56 -12.57 -19.81 13.85
N ALA FA 57 -11.71 -20.81 14.03
CA ALA FA 57 -10.35 -20.57 14.51
C ALA FA 57 -9.36 -20.59 13.34
N PHE FA 58 -9.25 -21.74 12.67
CA PHE FA 58 -8.34 -21.87 11.52
C PHE FA 58 -8.86 -21.15 10.27
N GLY FA 59 -10.17 -21.03 10.14
CA GLY FA 59 -10.77 -20.30 9.02
C GLY FA 59 -11.29 -21.18 7.88
N HIS FA 60 -11.16 -22.50 8.02
CA HIS FA 60 -11.42 -23.40 6.89
C HIS FA 60 -12.29 -24.63 7.17
N GLU FA 61 -12.86 -25.15 6.07
CA GLU FA 61 -13.91 -26.16 6.10
C GLU FA 61 -13.33 -27.58 6.11
N ALA FA 62 -14.15 -28.51 6.60
CA ALA FA 62 -13.77 -29.91 6.80
C ALA FA 62 -13.26 -30.62 5.55
N TYR FA 63 -14.13 -30.78 4.56
CA TYR FA 63 -13.92 -31.66 3.40
C TYR FA 63 -12.65 -31.46 2.60
N GLU FA 64 -12.05 -30.28 2.72
CA GLU FA 64 -10.93 -29.88 1.88
C GLU FA 64 -9.63 -30.63 2.19
N MET FA 65 -9.51 -31.18 3.40
CA MET FA 65 -8.29 -31.85 3.81
C MET FA 65 -8.37 -33.37 3.58
N ILE FA 66 -9.58 -33.89 3.34
CA ILE FA 66 -9.81 -35.35 3.21
C ILE FA 66 -9.69 -35.89 1.77
N ILE FA 67 -9.83 -35.02 0.77
CA ILE FA 67 -9.94 -35.49 -0.63
C ILE FA 67 -8.65 -36.16 -1.14
N PRO FA 68 -8.78 -37.40 -1.66
CA PRO FA 68 -7.65 -38.12 -2.27
C PRO FA 68 -6.95 -37.34 -3.37
N VAL FA 69 -5.62 -37.32 -3.32
CA VAL FA 69 -4.80 -36.87 -4.44
C VAL FA 69 -4.99 -37.86 -5.61
N GLY FA 70 -5.85 -37.48 -6.55
CA GLY FA 70 -6.26 -38.36 -7.65
C GLY FA 70 -7.70 -38.15 -8.04
N ALA FA 71 -8.01 -38.42 -9.30
CA ALA FA 71 -9.36 -38.27 -9.87
C ALA FA 71 -10.28 -39.37 -9.27
N PRO FA 72 -11.54 -39.51 -9.75
CA PRO FA 72 -12.32 -38.89 -10.83
C PRO FA 72 -13.00 -37.55 -10.53
N GLY FA 73 -13.76 -37.48 -9.46
CA GLY FA 73 -14.72 -36.39 -9.27
C GLY FA 73 -14.20 -34.99 -8.99
N ILE FA 74 -12.88 -34.81 -8.95
CA ILE FA 74 -12.33 -33.53 -8.51
C ILE FA 74 -11.81 -32.76 -9.73
N ILE FA 75 -12.07 -31.45 -9.77
CA ILE FA 75 -11.83 -30.61 -10.97
C ILE FA 75 -11.48 -29.15 -10.62
N ASP FA 76 -11.49 -28.25 -11.60
CA ASP FA 76 -10.98 -26.86 -11.45
C ASP FA 76 -11.94 -25.78 -10.91
N TYR FA 77 -12.97 -26.19 -10.16
CA TYR FA 77 -14.00 -25.29 -9.59
C TYR FA 77 -13.48 -24.04 -8.87
N ASP FA 78 -14.41 -23.14 -8.57
CA ASP FA 78 -14.21 -22.03 -7.63
C ASP FA 78 -15.56 -21.48 -7.18
N HIS FA 79 -15.58 -20.90 -5.98
CA HIS FA 79 -16.75 -20.21 -5.45
C HIS FA 79 -17.21 -19.07 -6.38
N ARG FA 80 -16.36 -18.05 -6.56
CA ARG FA 80 -16.65 -16.87 -7.41
C ARG FA 80 -17.75 -15.92 -6.86
N MET FA 81 -18.88 -15.78 -7.58
CA MET FA 81 -19.96 -14.88 -7.12
C MET FA 81 -21.14 -15.67 -6.55
N TYR FA 82 -21.89 -16.36 -7.42
CA TYR FA 82 -22.96 -17.31 -7.04
C TYR FA 82 -24.04 -16.80 -6.05
N ALA FA 83 -23.85 -15.60 -5.51
CA ALA FA 83 -24.83 -14.93 -4.67
C ALA FA 83 -25.70 -14.02 -5.53
N ALA FA 84 -25.07 -13.40 -6.52
CA ALA FA 84 -25.74 -12.46 -7.43
C ALA FA 84 -26.78 -13.14 -8.32
N LEU FA 85 -26.57 -14.42 -8.62
CA LEU FA 85 -27.43 -15.14 -9.56
C LEU FA 85 -28.82 -15.51 -8.99
N PRO FA 86 -29.87 -15.39 -9.82
CA PRO FA 86 -31.12 -16.11 -9.58
C PRO FA 86 -31.06 -17.49 -10.20
N GLN FA 87 -31.31 -18.54 -9.42
CA GLN FA 87 -31.02 -19.91 -9.86
C GLN FA 87 -32.23 -20.66 -10.40
N GLU FA 88 -33.39 -19.98 -10.45
CA GLU FA 88 -34.49 -20.44 -11.29
C GLU FA 88 -34.00 -20.50 -12.74
N GLU FA 89 -33.13 -19.55 -13.08
CA GLU FA 89 -32.65 -19.37 -14.44
C GLU FA 89 -31.81 -20.54 -14.95
N LYS FA 90 -30.91 -21.06 -14.11
CA LYS FA 90 -29.80 -21.90 -14.60
C LYS FA 90 -30.08 -23.41 -14.62
N ASN FA 91 -29.84 -24.00 -15.80
CA ASN FA 91 -29.90 -25.44 -16.04
C ASN FA 91 -28.64 -25.95 -16.76
N LYS FA 92 -27.71 -25.04 -17.09
CA LYS FA 92 -26.49 -25.36 -17.86
C LYS FA 92 -25.73 -26.55 -17.27
N ILE FA 93 -25.60 -26.54 -15.95
CA ILE FA 93 -24.91 -27.61 -15.22
C ILE FA 93 -25.76 -28.90 -15.23
N THR FA 94 -25.25 -29.97 -14.63
CA THR FA 94 -25.88 -31.31 -14.70
C THR FA 94 -25.73 -31.90 -16.12
N SER FA 95 -26.80 -32.48 -16.68
CA SER FA 95 -26.68 -33.42 -17.80
C SER FA 95 -26.12 -32.85 -19.10
N PHE FA 96 -25.80 -31.56 -19.11
CA PHE FA 96 -24.89 -31.02 -20.12
C PHE FA 96 -23.57 -31.80 -20.08
N ILE FA 97 -23.14 -32.12 -18.87
CA ILE FA 97 -21.95 -32.93 -18.64
C ILE FA 97 -21.97 -34.27 -19.43
N ASN FA 98 -23.15 -34.90 -19.46
CA ASN FA 98 -23.32 -36.26 -19.98
C ASN FA 98 -23.27 -36.44 -21.52
N PHE FA 99 -23.51 -35.37 -22.28
CA PHE FA 99 -23.93 -35.44 -23.72
C PHE FA 99 -23.28 -36.36 -24.75
N VAL FA 100 -21.95 -36.44 -24.81
CA VAL FA 100 -21.27 -37.10 -25.95
C VAL FA 100 -21.61 -38.59 -26.09
N PHE FA 101 -22.21 -38.94 -27.22
CA PHE FA 101 -22.64 -40.32 -27.52
C PHE FA 101 -23.48 -40.95 -26.38
N GLU FA 102 -24.59 -40.31 -26.02
CA GLU FA 102 -25.48 -40.81 -24.96
C GLU FA 102 -26.52 -41.81 -25.45
N GLN FA 103 -26.94 -41.67 -26.72
CA GLN FA 103 -28.06 -42.43 -27.28
C GLN FA 103 -28.14 -43.90 -26.83
N ASN FA 104 -26.99 -44.57 -26.79
CA ASN FA 104 -26.93 -46.00 -26.49
C ASN FA 104 -27.44 -46.37 -25.09
N LYS FA 105 -28.25 -47.42 -25.01
CA LYS FA 105 -28.75 -47.95 -23.73
C LYS FA 105 -28.68 -49.47 -23.70
#